data_7LCF
#
_entry.id   7LCF
#
_cell.length_a   232.020
_cell.length_b   85.890
_cell.length_c   200.220
_cell.angle_alpha   90.000
_cell.angle_beta   89.920
_cell.angle_gamma   90.000
#
_symmetry.space_group_name_H-M   'C 1 2 1'
#
loop_
_entity.id
_entity.type
_entity.pdbx_description
1 polymer '4-hydroxy-tetrahydrodipicolinate synthase'
2 non-polymer LYSINE
3 non-polymer 'MAGNESIUM ION'
4 water water
#
_entity_poly.entity_id   1
_entity_poly.type   'polypeptide(L)'
_entity_poly.pdbx_seq_one_letter_code
;MRGSHHHHHHGSMDKNIIIGAMTALITPFKNGKVDEQSYARLIKRQIENGIDAVVPVGTTGESATLTHEEHRTCIEIAVE
TCKGTKVKVLAGAGSNATHEAVGLAKFAKEHGADGILSVAPYYNKPTQQGLYEHYKAIAQSVDIPVLLYNVPGRTGCEIS
TDTIIKLFRDCENIYGV(KPI)EASGNIDKCVDLLAHEPRMMLISGEDAINYPILSNGGKGVISVTSNLLPDMISALTHF
ALDENYKEAKKINDELYNINKILFCESNPIPIKTAMYLAGLIESLEFRLPLCSPSKENFAKIEEVMKKYKIKGF
;
_entity_poly.pdbx_strand_id   A,B,C,D,E,F,G,H,I,J,K,L
#
loop_
_chem_comp.id
_chem_comp.type
_chem_comp.name
_chem_comp.formula
MG non-polymer 'MAGNESIUM ION' 'Mg 2'
#
# COMPACT_ATOMS: atom_id res chain seq x y z
N ASP A 14 -19.39 -43.64 -70.63
CA ASP A 14 -19.77 -42.91 -69.43
C ASP A 14 -19.14 -41.54 -69.33
N LYS A 15 -17.84 -41.44 -69.55
CA LYS A 15 -17.14 -40.11 -69.43
C LYS A 15 -16.72 -39.42 -70.71
N ASN A 16 -16.78 -38.10 -70.73
CA ASN A 16 -16.34 -37.32 -71.88
C ASN A 16 -14.93 -36.89 -71.60
N ILE A 17 -14.04 -37.08 -72.55
CA ILE A 17 -12.68 -36.76 -72.33
C ILE A 17 -12.10 -35.92 -73.44
N ILE A 18 -10.94 -35.31 -73.19
CA ILE A 18 -10.18 -34.59 -74.19
C ILE A 18 -8.77 -35.14 -74.07
N ILE A 19 -8.34 -35.90 -75.08
CA ILE A 19 -7.06 -36.59 -75.00
C ILE A 19 -6.27 -36.32 -76.27
N GLY A 20 -5.16 -37.03 -76.44
CA GLY A 20 -4.33 -36.85 -77.61
C GLY A 20 -3.18 -35.87 -77.39
N ALA A 21 -2.63 -35.41 -78.50
CA ALA A 21 -1.51 -34.47 -78.45
C ALA A 21 -2.04 -33.06 -78.24
N MET A 22 -1.68 -32.46 -77.10
CA MET A 22 -2.17 -31.14 -76.74
C MET A 22 -0.99 -30.22 -76.43
N THR A 23 -1.24 -28.92 -76.59
CA THR A 23 -0.21 -27.89 -76.44
C THR A 23 -0.63 -26.90 -75.37
N ALA A 24 0.25 -26.67 -74.40
CA ALA A 24 0.07 -25.60 -73.43
C ALA A 24 0.54 -24.30 -74.09
N LEU A 25 -0.41 -23.50 -74.55
CA LEU A 25 -0.09 -22.37 -75.42
C LEU A 25 0.65 -21.29 -74.65
N ILE A 26 1.71 -20.76 -75.28
CA ILE A 26 2.37 -19.57 -74.77
C ILE A 26 1.49 -18.35 -75.00
N THR A 27 1.66 -17.34 -74.17
CA THR A 27 0.92 -16.09 -74.33
C THR A 27 1.86 -15.01 -74.83
N PRO A 28 1.88 -14.71 -76.12
CA PRO A 28 2.79 -13.69 -76.64
C PRO A 28 2.33 -12.29 -76.22
N PHE A 29 3.30 -11.45 -75.89
CA PHE A 29 3.05 -10.07 -75.49
C PHE A 29 3.63 -9.11 -76.51
N LYS A 30 2.98 -7.96 -76.65
CA LYS A 30 3.49 -6.89 -77.50
C LYS A 30 3.26 -5.56 -76.78
N ASN A 31 4.34 -4.90 -76.41
CA ASN A 31 4.28 -3.64 -75.68
C ASN A 31 3.45 -3.77 -74.39
N GLY A 32 3.65 -4.87 -73.68
CA GLY A 32 3.00 -5.12 -72.41
C GLY A 32 1.55 -5.53 -72.47
N LYS A 33 1.02 -5.80 -73.65
CA LYS A 33 -0.34 -6.32 -73.79
C LYS A 33 -0.30 -7.59 -74.62
N VAL A 34 -1.43 -8.27 -74.65
CA VAL A 34 -1.53 -9.57 -75.34
C VAL A 34 -1.59 -9.32 -76.84
N ASP A 35 -0.61 -9.86 -77.57
CA ASP A 35 -0.66 -9.80 -79.03
C ASP A 35 -1.73 -10.79 -79.51
N GLU A 36 -2.95 -10.29 -79.68
CA GLU A 36 -4.08 -11.16 -79.98
C GLU A 36 -4.02 -11.74 -81.39
N GLN A 37 -3.32 -11.09 -82.32
CA GLN A 37 -3.28 -11.60 -83.68
C GLN A 37 -2.18 -12.63 -83.87
N SER A 38 -1.09 -12.51 -83.10
CA SER A 38 -0.11 -13.58 -83.08
C SER A 38 -0.61 -14.77 -82.26
N TYR A 39 -1.42 -14.53 -81.23
CA TYR A 39 -2.00 -15.64 -80.48
C TYR A 39 -2.85 -16.51 -81.39
N ALA A 40 -3.72 -15.91 -82.18
CA ALA A 40 -4.56 -16.69 -83.08
C ALA A 40 -3.73 -17.36 -84.17
N ARG A 41 -2.64 -16.71 -84.60
CA ARG A 41 -1.76 -17.29 -85.61
C ARG A 41 -0.85 -18.36 -85.04
N LEU A 42 -0.62 -18.36 -83.73
CA LEU A 42 0.14 -19.47 -83.14
C LEU A 42 -0.75 -20.69 -82.89
N ILE A 43 -2.05 -20.50 -82.63
CA ILE A 43 -2.95 -21.63 -82.49
C ILE A 43 -3.25 -22.23 -83.85
N LYS A 44 -3.20 -21.41 -84.91
CA LYS A 44 -3.44 -21.84 -86.28
C LYS A 44 -2.24 -22.56 -86.84
N ARG A 45 -1.07 -22.36 -86.26
CA ARG A 45 0.09 -23.20 -86.55
C ARG A 45 -0.02 -24.58 -85.92
N GLN A 46 -0.59 -24.67 -84.72
CA GLN A 46 -0.75 -25.95 -84.05
C GLN A 46 -1.77 -26.85 -84.75
N ILE A 47 -2.88 -26.25 -85.22
CA ILE A 47 -3.95 -27.03 -85.84
C ILE A 47 -3.44 -27.83 -87.03
N GLU A 48 -2.69 -27.18 -87.91
CA GLU A 48 -2.24 -27.83 -89.14
C GLU A 48 -1.02 -28.73 -88.93
N ASN A 49 -0.62 -28.98 -87.69
CA ASN A 49 0.54 -29.82 -87.41
C ASN A 49 0.17 -31.00 -86.53
N GLY A 50 -1.09 -31.44 -86.62
CA GLY A 50 -1.55 -32.66 -86.00
C GLY A 50 -1.94 -32.57 -84.54
N ILE A 51 -1.96 -31.37 -83.96
CA ILE A 51 -2.33 -31.24 -82.55
C ILE A 51 -3.83 -31.47 -82.38
N ASP A 52 -4.19 -32.20 -81.33
CA ASP A 52 -5.58 -32.58 -81.10
C ASP A 52 -6.34 -31.60 -80.22
N ALA A 53 -5.65 -30.84 -79.37
CA ALA A 53 -6.31 -29.88 -78.50
C ALA A 53 -5.29 -28.85 -78.05
N VAL A 54 -5.78 -27.68 -77.67
CA VAL A 54 -4.92 -26.59 -77.19
C VAL A 54 -5.36 -26.21 -75.79
N VAL A 55 -4.39 -25.88 -74.94
CA VAL A 55 -4.66 -25.49 -73.56
C VAL A 55 -4.28 -24.02 -73.42
N PRO A 56 -5.24 -23.10 -73.53
CA PRO A 56 -4.93 -21.68 -73.35
C PRO A 56 -4.75 -21.30 -71.89
N VAL A 57 -3.78 -20.41 -71.65
CA VAL A 57 -3.53 -19.81 -70.34
C VAL A 57 -3.34 -20.89 -69.27
N GLY A 58 -2.35 -21.75 -69.48
CA GLY A 58 -1.85 -22.63 -68.45
C GLY A 58 -0.67 -22.01 -67.72
N THR A 59 0.13 -22.87 -67.10
CA THR A 59 1.40 -22.40 -66.54
C THR A 59 2.31 -21.89 -67.65
N THR A 60 2.34 -22.57 -68.79
CA THR A 60 3.12 -22.10 -69.92
C THR A 60 2.55 -20.81 -70.50
N GLY A 61 1.25 -20.58 -70.33
CA GLY A 61 0.62 -19.35 -70.78
C GLY A 61 0.72 -18.18 -69.82
N GLU A 62 1.49 -18.32 -68.74
CA GLU A 62 1.67 -17.25 -67.76
C GLU A 62 0.32 -16.79 -67.19
N SER A 63 -0.49 -17.76 -66.77
CA SER A 63 -1.78 -17.47 -66.15
C SER A 63 -1.68 -16.56 -64.93
N ALA A 64 -0.48 -16.41 -64.35
CA ALA A 64 -0.35 -15.72 -63.07
C ALA A 64 -0.26 -14.22 -63.25
N THR A 65 0.27 -13.75 -64.38
CA THR A 65 0.52 -12.34 -64.61
C THR A 65 -0.53 -11.71 -65.51
N LEU A 66 -1.45 -12.52 -66.05
CA LEU A 66 -2.55 -12.00 -66.84
C LEU A 66 -3.70 -11.57 -65.94
N THR A 67 -4.34 -10.47 -66.29
CA THR A 67 -5.59 -10.12 -65.62
C THR A 67 -6.68 -11.14 -65.96
N HIS A 68 -7.74 -11.13 -65.13
CA HIS A 68 -8.84 -12.05 -65.32
C HIS A 68 -9.56 -11.76 -66.63
N GLU A 69 -9.50 -10.51 -67.07
CA GLU A 69 -10.10 -10.11 -68.33
C GLU A 69 -9.22 -10.52 -69.51
N GLU A 70 -7.90 -10.52 -69.33
CA GLU A 70 -7.01 -11.04 -70.37
C GLU A 70 -7.06 -12.56 -70.43
N HIS A 71 -7.06 -13.22 -69.26
CA HIS A 71 -7.27 -14.67 -69.20
C HIS A 71 -8.49 -15.08 -70.00
N ARG A 72 -9.58 -14.33 -69.86
CA ARG A 72 -10.81 -14.66 -70.56
C ARG A 72 -10.71 -14.36 -72.05
N THR A 73 -9.95 -13.33 -72.43
CA THR A 73 -9.82 -12.97 -73.84
C THR A 73 -9.07 -14.05 -74.63
N CYS A 74 -8.15 -14.77 -73.99
CA CYS A 74 -7.40 -15.79 -74.72
C CYS A 74 -8.08 -17.14 -74.72
N ILE A 75 -9.09 -17.33 -73.87
CA ILE A 75 -9.98 -18.47 -74.06
C ILE A 75 -10.91 -18.21 -75.23
N GLU A 76 -11.39 -16.97 -75.37
CA GLU A 76 -12.27 -16.63 -76.48
C GLU A 76 -11.56 -16.76 -77.82
N ILE A 77 -10.32 -16.25 -77.90
CA ILE A 77 -9.54 -16.41 -79.12
C ILE A 77 -9.31 -17.88 -79.42
N ALA A 78 -9.03 -18.68 -78.38
CA ALA A 78 -8.81 -20.11 -78.59
C ALA A 78 -10.06 -20.81 -79.11
N VAL A 79 -11.23 -20.49 -78.56
CA VAL A 79 -12.45 -21.15 -79.01
C VAL A 79 -12.76 -20.77 -80.46
N GLU A 80 -12.61 -19.49 -80.80
CA GLU A 80 -12.91 -19.05 -82.17
C GLU A 80 -11.93 -19.64 -83.17
N THR A 81 -10.65 -19.72 -82.81
CA THR A 81 -9.64 -20.20 -83.74
C THR A 81 -9.74 -21.69 -84.00
N CYS A 82 -10.40 -22.43 -83.11
CA CYS A 82 -10.57 -23.86 -83.29
C CYS A 82 -11.99 -24.21 -83.77
N LYS A 83 -12.74 -23.25 -84.31
CA LYS A 83 -14.02 -23.53 -84.93
C LYS A 83 -13.87 -24.11 -86.34
N GLY A 84 -14.60 -25.19 -86.60
CA GLY A 84 -14.48 -25.90 -87.84
C GLY A 84 -13.38 -26.94 -87.89
N THR A 85 -12.75 -27.21 -86.79
CA THR A 85 -11.68 -28.11 -86.83
C THR A 85 -11.94 -29.12 -85.80
N LYS A 86 -11.13 -30.14 -85.75
CA LYS A 86 -11.32 -31.22 -84.75
C LYS A 86 -10.64 -30.92 -83.41
N VAL A 87 -9.86 -29.85 -83.41
CA VAL A 87 -9.08 -29.36 -82.29
C VAL A 87 -9.93 -28.84 -81.17
N LYS A 88 -9.74 -29.41 -80.01
CA LYS A 88 -10.53 -29.05 -78.84
C LYS A 88 -9.82 -27.96 -78.05
N VAL A 89 -10.56 -27.34 -77.14
CA VAL A 89 -10.01 -26.31 -76.26
C VAL A 89 -10.17 -26.80 -74.83
N LEU A 90 -9.06 -27.13 -74.18
CA LEU A 90 -9.04 -27.45 -72.76
C LEU A 90 -8.50 -26.22 -72.06
N ALA A 91 -9.40 -25.33 -71.65
CA ALA A 91 -9.02 -24.01 -71.20
C ALA A 91 -8.44 -24.06 -69.80
N GLY A 92 -7.37 -23.31 -69.58
CA GLY A 92 -6.80 -23.17 -68.25
C GLY A 92 -7.75 -22.38 -67.36
N ALA A 93 -8.20 -23.00 -66.27
CA ALA A 93 -9.16 -22.35 -65.38
C ALA A 93 -8.79 -22.53 -63.91
N GLY A 94 -7.52 -22.77 -63.62
CA GLY A 94 -7.12 -23.00 -62.25
C GLY A 94 -6.85 -21.72 -61.48
N SER A 95 -6.96 -21.82 -60.17
CA SER A 95 -6.63 -20.75 -59.24
C SER A 95 -6.53 -21.35 -57.85
N ASN A 96 -5.80 -20.66 -56.97
CA ASN A 96 -5.67 -21.10 -55.59
C ASN A 96 -6.87 -20.69 -54.74
N ALA A 97 -7.81 -19.96 -55.30
CA ALA A 97 -9.06 -19.61 -54.64
C ALA A 97 -10.21 -20.31 -55.35
N THR A 98 -11.01 -21.07 -54.59
CA THR A 98 -12.06 -21.88 -55.21
C THR A 98 -13.09 -21.02 -55.90
N HIS A 99 -13.46 -19.88 -55.29
CA HIS A 99 -14.41 -18.98 -55.94
C HIS A 99 -13.83 -18.40 -57.22
N GLU A 100 -12.51 -18.27 -57.30
CA GLU A 100 -11.88 -17.81 -58.52
C GLU A 100 -11.84 -18.90 -59.57
N ALA A 101 -11.61 -20.16 -59.16
CA ALA A 101 -11.57 -21.26 -60.11
C ALA A 101 -12.95 -21.57 -60.66
N VAL A 102 -13.99 -21.47 -59.83
CA VAL A 102 -15.35 -21.67 -60.30
C VAL A 102 -15.75 -20.57 -61.28
N GLY A 103 -15.26 -19.35 -61.04
CA GLY A 103 -15.53 -18.27 -61.97
C GLY A 103 -14.93 -18.53 -63.35
N LEU A 104 -13.68 -18.98 -63.37
CA LEU A 104 -13.04 -19.30 -64.65
C LEU A 104 -13.68 -20.52 -65.29
N ALA A 105 -14.11 -21.49 -64.48
CA ALA A 105 -14.76 -22.68 -65.02
C ALA A 105 -16.08 -22.35 -65.69
N LYS A 106 -16.89 -21.51 -65.04
CA LYS A 106 -18.19 -21.15 -65.61
C LYS A 106 -18.05 -20.26 -66.83
N PHE A 107 -17.03 -19.40 -66.87
CA PHE A 107 -16.79 -18.62 -68.07
C PHE A 107 -16.43 -19.49 -69.26
N ALA A 108 -15.64 -20.54 -69.03
CA ALA A 108 -15.18 -21.38 -70.13
C ALA A 108 -16.32 -22.15 -70.77
N LYS A 109 -17.23 -22.71 -69.95
CA LYS A 109 -18.38 -23.42 -70.50
C LYS A 109 -19.28 -22.47 -71.28
N GLU A 110 -19.61 -21.32 -70.69
CA GLU A 110 -20.52 -20.37 -71.32
C GLU A 110 -19.93 -19.72 -72.58
N HIS A 111 -18.64 -19.92 -72.84
CA HIS A 111 -17.98 -19.29 -73.98
C HIS A 111 -17.42 -20.31 -74.98
N GLY A 112 -17.85 -21.56 -74.90
CA GLY A 112 -17.60 -22.53 -75.94
C GLY A 112 -16.41 -23.44 -75.76
N ALA A 113 -15.82 -23.50 -74.58
CA ALA A 113 -14.70 -24.42 -74.36
C ALA A 113 -15.18 -25.86 -74.29
N ASP A 114 -14.33 -26.77 -74.77
CA ASP A 114 -14.65 -28.19 -74.73
C ASP A 114 -14.37 -28.80 -73.37
N GLY A 115 -13.56 -28.13 -72.55
CA GLY A 115 -13.25 -28.59 -71.22
C GLY A 115 -12.35 -27.57 -70.56
N ILE A 116 -11.97 -27.86 -69.32
CA ILE A 116 -11.09 -26.98 -68.57
C ILE A 116 -9.99 -27.78 -67.90
N LEU A 117 -8.79 -27.21 -67.87
CA LEU A 117 -7.71 -27.65 -67.00
C LEU A 117 -7.68 -26.76 -65.77
N SER A 118 -7.51 -27.37 -64.59
CA SER A 118 -7.53 -26.64 -63.34
C SER A 118 -6.35 -27.11 -62.49
N VAL A 119 -5.39 -26.21 -62.29
CA VAL A 119 -4.18 -26.55 -61.54
C VAL A 119 -4.50 -26.67 -60.06
N ALA A 120 -3.76 -27.52 -59.37
CA ALA A 120 -3.89 -27.63 -57.93
C ALA A 120 -3.63 -26.27 -57.28
N PRO A 121 -4.42 -25.88 -56.27
CA PRO A 121 -4.21 -24.58 -55.62
C PRO A 121 -2.80 -24.40 -55.12
N TYR A 122 -2.20 -23.27 -55.50
CA TYR A 122 -0.82 -22.93 -55.16
C TYR A 122 -0.79 -22.03 -53.93
N TYR A 123 0.35 -22.03 -53.25
CA TYR A 123 0.66 -21.11 -52.16
C TYR A 123 -0.15 -21.41 -50.90
N ASN A 124 -1.44 -21.54 -50.98
CA ASN A 124 -2.15 -21.80 -49.75
C ASN A 124 -2.07 -23.22 -49.31
N LYS A 125 -1.52 -24.05 -50.16
CA LYS A 125 -1.29 -25.47 -49.90
C LYS A 125 -2.29 -26.13 -48.99
N PRO A 126 -3.49 -26.50 -49.57
CA PRO A 126 -4.43 -27.11 -48.65
C PRO A 126 -4.25 -28.56 -48.45
N THR A 127 -5.04 -29.10 -47.56
CA THR A 127 -5.02 -30.53 -47.26
C THR A 127 -5.77 -31.31 -48.33
N GLN A 128 -5.67 -32.64 -48.26
CA GLN A 128 -6.35 -33.52 -49.20
C GLN A 128 -7.86 -33.33 -49.15
N GLN A 129 -8.42 -33.12 -47.95
CA GLN A 129 -9.84 -32.85 -47.83
C GLN A 129 -10.20 -31.54 -48.53
N GLY A 130 -9.35 -30.54 -48.43
CA GLY A 130 -9.60 -29.29 -49.12
C GLY A 130 -9.57 -29.43 -50.63
N LEU A 131 -8.61 -30.21 -51.15
CA LEU A 131 -8.53 -30.44 -52.58
C LEU A 131 -9.76 -31.15 -53.11
N TYR A 132 -10.29 -32.10 -52.35
CA TYR A 132 -11.51 -32.80 -52.75
C TYR A 132 -12.67 -31.82 -52.89
N GLU A 133 -12.93 -31.03 -51.84
CA GLU A 133 -14.02 -30.06 -51.89
C GLU A 133 -13.74 -28.96 -52.91
N HIS A 134 -12.48 -28.57 -53.09
CA HIS A 134 -12.12 -27.58 -54.09
C HIS A 134 -12.53 -28.02 -55.48
N TYR A 135 -12.14 -29.25 -55.87
CA TYR A 135 -12.45 -29.74 -57.21
C TYR A 135 -13.90 -30.15 -57.36
N LYS A 136 -14.54 -30.62 -56.29
CA LYS A 136 -15.97 -30.95 -56.37
C LYS A 136 -16.81 -29.71 -56.66
N ALA A 137 -16.43 -28.56 -56.10
CA ALA A 137 -17.14 -27.32 -56.41
C ALA A 137 -16.93 -26.91 -57.86
N ILE A 138 -15.72 -27.14 -58.39
CA ILE A 138 -15.44 -26.83 -59.79
C ILE A 138 -16.24 -27.73 -60.70
N ALA A 139 -16.27 -29.03 -60.40
CA ALA A 139 -16.95 -29.99 -61.27
C ALA A 139 -18.45 -29.75 -61.31
N GLN A 140 -19.04 -29.37 -60.18
CA GLN A 140 -20.48 -29.14 -60.11
C GLN A 140 -20.89 -27.78 -60.67
N SER A 141 -19.94 -26.89 -60.94
CA SER A 141 -20.28 -25.59 -61.53
C SER A 141 -20.59 -25.71 -63.02
N VAL A 142 -20.00 -26.70 -63.69
CA VAL A 142 -20.10 -26.85 -65.13
C VAL A 142 -20.48 -28.29 -65.45
N ASP A 143 -20.82 -28.54 -66.72
CA ASP A 143 -21.10 -29.89 -67.19
C ASP A 143 -20.15 -30.32 -68.31
N ILE A 144 -18.98 -29.70 -68.40
CA ILE A 144 -17.99 -30.05 -69.41
C ILE A 144 -16.82 -30.75 -68.72
N PRO A 145 -16.02 -31.53 -69.45
CA PRO A 145 -14.92 -32.27 -68.79
C PRO A 145 -13.94 -31.34 -68.10
N VAL A 146 -13.41 -31.80 -66.97
CA VAL A 146 -12.42 -31.07 -66.18
C VAL A 146 -11.22 -31.98 -65.99
N LEU A 147 -10.04 -31.50 -66.35
CA LEU A 147 -8.81 -32.28 -66.21
C LEU A 147 -7.98 -31.69 -65.06
N LEU A 148 -7.72 -32.52 -64.05
CA LEU A 148 -6.87 -32.09 -62.95
C LEU A 148 -5.44 -31.86 -63.43
N TYR A 149 -4.68 -31.13 -62.61
CA TYR A 149 -3.32 -30.73 -62.98
C TYR A 149 -2.50 -30.74 -61.70
N ASN A 150 -1.55 -31.68 -61.61
CA ASN A 150 -0.73 -31.85 -60.43
C ASN A 150 0.72 -31.54 -60.79
N VAL A 151 1.25 -30.46 -60.23
CA VAL A 151 2.65 -30.09 -60.40
C VAL A 151 3.15 -29.60 -59.04
N PRO A 152 3.58 -30.51 -58.16
CA PRO A 152 3.91 -30.08 -56.79
C PRO A 152 5.13 -29.17 -56.70
N GLY A 153 6.05 -29.26 -57.66
CA GLY A 153 7.22 -28.39 -57.65
C GLY A 153 6.90 -26.91 -57.77
N ARG A 154 5.74 -26.56 -58.31
CA ARG A 154 5.34 -25.17 -58.45
C ARG A 154 4.23 -24.74 -57.51
N THR A 155 3.33 -25.65 -57.13
CA THR A 155 2.22 -25.29 -56.27
C THR A 155 2.52 -25.49 -54.79
N GLY A 156 3.44 -26.39 -54.46
CA GLY A 156 3.70 -26.72 -53.08
C GLY A 156 2.77 -27.75 -52.50
N CYS A 157 1.88 -28.33 -53.30
CA CYS A 157 0.94 -29.34 -52.82
C CYS A 157 0.88 -30.47 -53.84
N GLU A 158 0.47 -31.64 -53.36
CA GLU A 158 0.34 -32.82 -54.20
C GLU A 158 -1.06 -33.40 -54.04
N ILE A 159 -1.70 -33.69 -55.16
CA ILE A 159 -2.97 -34.41 -55.16
C ILE A 159 -2.65 -35.90 -55.03
N SER A 160 -2.92 -36.46 -53.85
CA SER A 160 -2.64 -37.87 -53.60
C SER A 160 -3.39 -38.75 -54.61
N THR A 161 -2.85 -39.96 -54.81
CA THR A 161 -3.51 -40.93 -55.68
C THR A 161 -4.95 -41.19 -55.24
N ASP A 162 -5.16 -41.28 -53.92
CA ASP A 162 -6.51 -41.55 -53.42
C ASP A 162 -7.46 -40.41 -53.72
N THR A 163 -6.99 -39.16 -53.59
CA THR A 163 -7.86 -38.02 -53.86
C THR A 163 -8.22 -37.93 -55.34
N ILE A 164 -7.25 -38.17 -56.23
CA ILE A 164 -7.54 -38.18 -57.66
C ILE A 164 -8.57 -39.24 -57.99
N ILE A 165 -8.37 -40.46 -57.48
CA ILE A 165 -9.28 -41.56 -57.76
C ILE A 165 -10.67 -41.28 -57.16
N LYS A 166 -10.70 -40.73 -55.95
CA LYS A 166 -11.99 -40.40 -55.33
C LYS A 166 -12.72 -39.33 -56.14
N LEU A 167 -12.00 -38.31 -56.60
CA LEU A 167 -12.61 -37.25 -57.41
C LEU A 167 -13.05 -37.79 -58.77
N PHE A 168 -12.28 -38.72 -59.33
CA PHE A 168 -12.67 -39.32 -60.61
C PHE A 168 -13.97 -40.12 -60.49
N ARG A 169 -14.15 -40.82 -59.37
CA ARG A 169 -15.30 -41.69 -59.20
C ARG A 169 -16.55 -40.97 -58.70
N ASP A 170 -16.40 -39.80 -58.09
CA ASP A 170 -17.54 -39.14 -57.46
C ASP A 170 -18.16 -38.03 -58.31
N CYS A 171 -17.43 -37.49 -59.29
CA CYS A 171 -17.93 -36.41 -60.14
C CYS A 171 -17.79 -36.74 -61.62
N GLU A 172 -18.91 -36.57 -62.39
CA GLU A 172 -18.93 -36.88 -63.84
C GLU A 172 -17.67 -36.40 -64.55
N ASN A 173 -17.45 -35.11 -64.51
CA ASN A 173 -16.69 -34.42 -65.55
C ASN A 173 -15.22 -34.37 -65.24
N ILE A 174 -14.83 -34.85 -64.06
CA ILE A 174 -13.44 -35.06 -63.72
C ILE A 174 -13.07 -36.42 -64.32
N TYR A 175 -12.20 -36.42 -65.33
CA TYR A 175 -11.94 -37.61 -66.12
C TYR A 175 -10.47 -38.01 -66.11
N GLY A 176 -9.60 -37.24 -65.47
CA GLY A 176 -8.20 -37.61 -65.41
C GLY A 176 -7.37 -36.54 -64.74
N VAL A 177 -6.06 -36.62 -64.96
CA VAL A 177 -5.12 -35.70 -64.35
C VAL A 177 -3.91 -35.54 -65.27
N KPI A 178 -3.46 -34.30 -65.44
CA KPI A 178 -2.22 -34.03 -66.13
CB KPI A 178 -2.21 -32.71 -66.92
CG KPI A 178 -0.90 -31.96 -66.83
CD KPI A 178 -0.87 -30.88 -67.90
CE KPI A 178 0.20 -29.84 -67.58
NZ KPI A 178 0.54 -28.94 -68.65
CX1 KPI A 178 1.32 -27.92 -68.49
C1 KPI A 178 2.82 -27.80 -68.55
CX2 KPI A 178 0.68 -26.57 -68.30
O1 KPI A 178 1.47 -25.53 -68.65
O2 KPI A 178 -0.44 -26.33 -67.89
C KPI A 178 -1.06 -34.01 -65.15
O KPI A 178 -1.37 -33.44 -63.95
N GLU A 179 -0.29 -35.09 -65.11
CA GLU A 179 0.77 -35.24 -64.12
C GLU A 179 2.08 -34.60 -64.59
N ALA A 180 2.67 -33.79 -63.71
CA ALA A 180 3.98 -33.18 -63.96
C ALA A 180 4.83 -33.34 -62.70
N SER A 181 4.97 -34.58 -62.25
CA SER A 181 5.64 -34.89 -61.00
C SER A 181 7.00 -35.55 -61.17
N GLY A 182 7.29 -36.09 -62.34
CA GLY A 182 8.48 -36.92 -62.48
C GLY A 182 8.45 -38.12 -61.56
N ASN A 183 7.26 -38.71 -61.40
CA ASN A 183 7.03 -39.81 -60.46
C ASN A 183 6.29 -40.90 -61.22
N ILE A 184 7.04 -41.76 -61.90
CA ILE A 184 6.43 -42.83 -62.68
C ILE A 184 5.75 -43.85 -61.78
N ASP A 185 6.20 -43.96 -60.52
CA ASP A 185 5.51 -44.82 -59.56
C ASP A 185 4.06 -44.39 -59.37
N LYS A 186 3.84 -43.08 -59.26
CA LYS A 186 2.47 -42.58 -59.09
C LYS A 186 1.59 -42.88 -60.28
N CYS A 187 2.17 -42.99 -61.48
CA CYS A 187 1.37 -43.26 -62.66
C CYS A 187 1.06 -44.73 -62.84
N VAL A 188 1.87 -45.61 -62.25
CA VAL A 188 1.47 -47.01 -62.11
C VAL A 188 0.41 -47.14 -61.03
N ASP A 189 0.59 -46.42 -59.92
CA ASP A 189 -0.40 -46.42 -58.85
C ASP A 189 -1.77 -46.00 -59.36
N LEU A 190 -1.82 -44.91 -60.14
CA LEU A 190 -3.09 -44.36 -60.59
C LEU A 190 -3.83 -45.34 -61.51
N LEU A 191 -3.15 -45.81 -62.56
CA LEU A 191 -3.83 -46.60 -63.59
C LEU A 191 -3.97 -48.08 -63.23
N ALA A 192 -3.23 -48.56 -62.23
CA ALA A 192 -3.45 -49.94 -61.77
C ALA A 192 -4.68 -50.03 -60.87
N HIS A 193 -4.96 -48.99 -60.10
CA HIS A 193 -6.10 -48.99 -59.20
C HIS A 193 -7.34 -48.35 -59.81
N GLU A 194 -7.18 -47.49 -60.81
CA GLU A 194 -8.30 -46.87 -61.52
C GLU A 194 -7.95 -46.77 -62.99
N PRO A 195 -8.11 -47.88 -63.74
CA PRO A 195 -7.67 -47.89 -65.15
C PRO A 195 -8.57 -47.13 -66.11
N ARG A 196 -9.74 -46.66 -65.67
CA ARG A 196 -10.65 -45.95 -66.56
C ARG A 196 -10.35 -44.45 -66.66
N MET A 197 -9.33 -43.96 -65.96
CA MET A 197 -9.00 -42.55 -65.98
C MET A 197 -8.01 -42.22 -67.10
N MET A 198 -8.06 -40.97 -67.57
CA MET A 198 -7.20 -40.49 -68.65
C MET A 198 -5.98 -39.81 -68.02
N LEU A 199 -4.86 -40.52 -67.99
CA LEU A 199 -3.61 -39.98 -67.48
C LEU A 199 -2.90 -39.20 -68.58
N ILE A 200 -2.64 -37.92 -68.32
CA ILE A 200 -2.05 -37.02 -69.30
C ILE A 200 -0.67 -36.61 -68.81
N SER A 201 0.33 -36.75 -69.67
CA SER A 201 1.69 -36.37 -69.32
C SER A 201 1.84 -34.85 -69.35
N GLY A 202 2.40 -34.29 -68.28
CA GLY A 202 2.68 -32.87 -68.23
C GLY A 202 4.17 -32.60 -68.15
N GLU A 203 4.96 -33.54 -68.65
CA GLU A 203 6.41 -33.46 -68.59
C GLU A 203 6.95 -34.09 -69.87
N ASP A 204 7.45 -33.26 -70.77
CA ASP A 204 7.73 -33.71 -72.13
C ASP A 204 8.82 -34.77 -72.18
N ALA A 205 9.78 -34.72 -71.25
CA ALA A 205 10.88 -35.67 -71.30
C ALA A 205 10.40 -37.10 -71.10
N ILE A 206 9.30 -37.29 -70.37
CA ILE A 206 8.82 -38.63 -70.05
C ILE A 206 7.46 -38.88 -70.69
N ASN A 207 7.23 -38.25 -71.85
CA ASN A 207 5.98 -38.45 -72.57
C ASN A 207 5.75 -39.92 -72.88
N TYR A 208 6.73 -40.57 -73.52
CA TYR A 208 6.57 -41.96 -73.92
C TYR A 208 6.41 -42.90 -72.72
N PRO A 209 7.22 -42.82 -71.66
CA PRO A 209 6.98 -43.73 -70.51
C PRO A 209 5.58 -43.62 -69.95
N ILE A 210 5.00 -42.41 -69.93
CA ILE A 210 3.63 -42.26 -69.43
C ILE A 210 2.64 -42.86 -70.42
N LEU A 211 2.86 -42.63 -71.72
CA LEU A 211 1.99 -43.22 -72.73
C LEU A 211 2.12 -44.74 -72.77
N SER A 212 3.34 -45.25 -72.62
CA SER A 212 3.56 -46.69 -72.67
C SER A 212 2.89 -47.42 -71.52
N ASN A 213 2.56 -46.72 -70.43
CA ASN A 213 1.91 -47.32 -69.27
C ASN A 213 0.40 -47.14 -69.29
N GLY A 214 -0.16 -46.64 -70.39
CA GLY A 214 -1.59 -46.46 -70.49
C GLY A 214 -2.06 -45.02 -70.56
N GLY A 215 -1.15 -44.05 -70.47
CA GLY A 215 -1.54 -42.67 -70.68
C GLY A 215 -2.13 -42.47 -72.06
N LYS A 216 -3.08 -41.52 -72.15
CA LYS A 216 -3.85 -41.33 -73.36
C LYS A 216 -3.66 -39.95 -73.97
N GLY A 217 -2.61 -39.24 -73.57
CA GLY A 217 -2.32 -37.96 -74.19
C GLY A 217 -1.28 -37.21 -73.40
N VAL A 218 -0.86 -36.09 -73.98
CA VAL A 218 0.12 -35.19 -73.37
C VAL A 218 -0.37 -33.76 -73.50
N ILE A 219 -0.04 -32.93 -72.52
CA ILE A 219 -0.18 -31.48 -72.61
C ILE A 219 1.24 -30.93 -72.59
N SER A 220 1.73 -30.54 -73.75
CA SER A 220 3.16 -30.42 -74.00
C SER A 220 3.60 -28.96 -74.03
N VAL A 221 4.86 -28.74 -73.64
CA VAL A 221 5.52 -27.45 -73.84
C VAL A 221 6.34 -27.47 -75.13
N THR A 222 7.03 -28.58 -75.39
CA THR A 222 7.82 -28.70 -76.61
C THR A 222 6.96 -28.55 -77.86
N SER A 223 5.69 -28.95 -77.79
CA SER A 223 4.80 -28.85 -78.95
C SER A 223 4.61 -27.42 -79.42
N ASN A 224 4.89 -26.44 -78.55
CA ASN A 224 4.90 -25.05 -79.00
C ASN A 224 5.89 -24.84 -80.15
N LEU A 225 7.06 -25.47 -80.05
CA LEU A 225 8.10 -25.32 -81.06
C LEU A 225 8.04 -26.40 -82.14
N LEU A 226 7.84 -27.66 -81.74
CA LEU A 226 7.83 -28.79 -82.66
C LEU A 226 6.50 -29.54 -82.51
N PRO A 227 5.39 -28.95 -82.97
CA PRO A 227 4.09 -29.61 -82.81
C PRO A 227 3.97 -30.89 -83.63
N ASP A 228 4.61 -30.94 -84.80
CA ASP A 228 4.51 -32.12 -85.64
C ASP A 228 5.18 -33.33 -84.98
N MET A 229 6.33 -33.11 -84.35
CA MET A 229 7.04 -34.22 -83.70
C MET A 229 6.27 -34.71 -82.48
N ILE A 230 5.73 -33.79 -81.68
CA ILE A 230 4.95 -34.18 -80.50
C ILE A 230 3.67 -34.89 -80.92
N SER A 231 3.04 -34.40 -81.99
CA SER A 231 1.82 -35.05 -82.48
C SER A 231 2.10 -36.43 -83.04
N ALA A 232 3.20 -36.59 -83.76
CA ALA A 232 3.57 -37.92 -84.26
C ALA A 232 3.87 -38.87 -83.12
N LEU A 233 4.57 -38.39 -82.09
CA LEU A 233 4.91 -39.22 -80.94
C LEU A 233 3.65 -39.77 -80.28
N THR A 234 2.69 -38.89 -79.99
CA THR A 234 1.49 -39.30 -79.27
C THR A 234 0.69 -40.32 -80.07
N HIS A 235 0.50 -40.07 -81.36
CA HIS A 235 -0.36 -40.94 -82.16
C HIS A 235 0.32 -42.28 -82.43
N PHE A 236 1.64 -42.27 -82.63
CA PHE A 236 2.39 -43.52 -82.69
C PHE A 236 2.16 -44.36 -81.43
N ALA A 237 2.23 -43.71 -80.27
CA ALA A 237 2.05 -44.42 -79.01
C ALA A 237 0.61 -44.92 -78.85
N LEU A 238 -0.37 -44.09 -79.22
CA LEU A 238 -1.76 -44.51 -79.08
C LEU A 238 -2.09 -45.64 -80.06
N ASP A 239 -1.41 -45.71 -81.19
CA ASP A 239 -1.54 -46.86 -82.10
C ASP A 239 -0.63 -48.00 -81.71
N GLU A 240 -0.08 -47.96 -80.49
CA GLU A 240 0.76 -49.03 -79.93
C GLU A 240 1.99 -49.31 -80.77
N ASN A 241 2.49 -48.31 -81.51
CA ASN A 241 3.78 -48.43 -82.19
C ASN A 241 4.80 -47.74 -81.29
N TYR A 242 5.25 -48.48 -80.28
CA TYR A 242 6.09 -47.92 -79.23
C TYR A 242 7.54 -47.77 -79.67
N LYS A 243 7.95 -48.42 -80.76
CA LYS A 243 9.32 -48.30 -81.22
C LYS A 243 9.55 -46.99 -81.97
N GLU A 244 8.54 -46.51 -82.69
CA GLU A 244 8.63 -45.19 -83.31
C GLU A 244 8.26 -44.08 -82.33
N ALA A 245 7.34 -44.34 -81.41
CA ALA A 245 7.02 -43.36 -80.38
C ALA A 245 8.22 -43.12 -79.47
N LYS A 246 8.88 -44.20 -79.03
CA LYS A 246 10.06 -44.06 -78.20
C LYS A 246 11.21 -43.43 -78.98
N LYS A 247 11.29 -43.70 -80.29
CA LYS A 247 12.36 -43.13 -81.10
C LYS A 247 12.25 -41.61 -81.16
N ILE A 248 11.02 -41.09 -81.25
CA ILE A 248 10.83 -39.65 -81.25
C ILE A 248 11.08 -39.07 -79.86
N ASN A 249 10.66 -39.80 -78.82
CA ASN A 249 10.89 -39.32 -77.46
C ASN A 249 12.38 -39.23 -77.14
N ASP A 250 13.17 -40.17 -77.68
CA ASP A 250 14.62 -40.10 -77.50
C ASP A 250 15.21 -38.94 -78.29
N GLU A 251 14.70 -38.71 -79.50
CA GLU A 251 15.19 -37.58 -80.29
C GLU A 251 14.86 -36.25 -79.64
N LEU A 252 13.74 -36.17 -78.93
CA LEU A 252 13.28 -34.92 -78.34
C LEU A 252 13.85 -34.65 -76.96
N TYR A 253 14.65 -35.56 -76.39
CA TYR A 253 15.07 -35.41 -75.01
C TYR A 253 15.89 -34.13 -74.80
N ASN A 254 16.82 -33.84 -75.71
CA ASN A 254 17.72 -32.71 -75.50
C ASN A 254 16.95 -31.39 -75.50
N ILE A 255 16.04 -31.22 -76.44
CA ILE A 255 15.22 -30.01 -76.41
C ILE A 255 14.24 -30.07 -75.24
N ASN A 256 13.79 -31.28 -74.87
CA ASN A 256 12.88 -31.41 -73.74
C ASN A 256 13.57 -30.97 -72.44
N LYS A 257 14.90 -31.17 -72.37
CA LYS A 257 15.66 -30.75 -71.19
C LYS A 257 16.06 -29.29 -71.22
N ILE A 258 16.45 -28.77 -72.39
CA ILE A 258 16.92 -27.40 -72.49
C ILE A 258 15.76 -26.43 -72.41
N LEU A 259 14.53 -26.89 -72.63
CA LEU A 259 13.36 -26.03 -72.42
C LEU A 259 13.04 -25.84 -70.93
N PHE A 260 13.87 -26.40 -70.04
CA PHE A 260 13.71 -26.21 -68.60
C PHE A 260 15.03 -25.87 -67.93
N CYS A 261 16.06 -25.47 -68.70
CA CYS A 261 17.28 -24.95 -68.10
C CYS A 261 16.98 -23.79 -67.17
N GLU A 262 15.94 -23.01 -67.49
CA GLU A 262 15.33 -22.07 -66.57
C GLU A 262 13.84 -22.41 -66.46
N SER A 263 13.14 -21.72 -65.58
CA SER A 263 11.77 -22.07 -65.29
C SER A 263 10.86 -21.79 -66.48
N ASN A 264 10.07 -22.79 -66.87
CA ASN A 264 9.06 -22.63 -67.89
C ASN A 264 8.10 -21.51 -67.50
N PRO A 265 7.70 -20.64 -68.43
CA PRO A 265 7.96 -20.68 -69.88
C PRO A 265 9.07 -19.76 -70.39
N ILE A 266 10.14 -19.56 -69.63
CA ILE A 266 11.23 -18.69 -70.07
C ILE A 266 11.97 -19.30 -71.25
N PRO A 267 12.39 -20.58 -71.19
CA PRO A 267 13.10 -21.15 -72.36
C PRO A 267 12.23 -21.32 -73.59
N ILE A 268 10.96 -21.72 -73.43
CA ILE A 268 10.14 -22.00 -74.61
C ILE A 268 9.83 -20.72 -75.37
N LYS A 269 9.57 -19.63 -74.66
CA LYS A 269 9.34 -18.35 -75.34
C LYS A 269 10.60 -17.85 -76.02
N THR A 270 11.77 -18.13 -75.44
CA THR A 270 13.03 -17.81 -76.10
C THR A 270 13.17 -18.59 -77.40
N ALA A 271 12.86 -19.89 -77.36
CA ALA A 271 12.95 -20.71 -78.57
C ALA A 271 12.01 -20.22 -79.65
N MET A 272 10.77 -19.86 -79.27
CA MET A 272 9.82 -19.34 -80.25
C MET A 272 10.32 -18.05 -80.87
N TYR A 273 10.98 -17.21 -80.06
CA TYR A 273 11.53 -15.96 -80.58
C TYR A 273 12.71 -16.21 -81.52
N LEU A 274 13.59 -17.14 -81.14
CA LEU A 274 14.74 -17.45 -82.00
C LEU A 274 14.32 -18.04 -83.33
N ALA A 275 13.21 -18.79 -83.35
CA ALA A 275 12.70 -19.38 -84.59
C ALA A 275 11.90 -18.39 -85.42
N GLY A 276 11.76 -17.15 -84.97
CA GLY A 276 10.99 -16.17 -85.71
C GLY A 276 9.50 -16.38 -85.67
N LEU A 277 9.00 -17.16 -84.71
CA LEU A 277 7.56 -17.37 -84.58
C LEU A 277 6.90 -16.34 -83.70
N ILE A 278 7.67 -15.63 -82.88
CA ILE A 278 7.16 -14.47 -82.16
C ILE A 278 8.14 -13.34 -82.35
N GLU A 279 7.61 -12.14 -82.19
CA GLU A 279 8.24 -10.92 -82.65
C GLU A 279 9.04 -10.25 -81.54
N SER A 280 8.58 -10.39 -80.30
CA SER A 280 9.21 -9.76 -79.15
C SER A 280 9.39 -10.82 -78.07
N LEU A 281 10.59 -10.88 -77.51
CA LEU A 281 10.88 -11.75 -76.36
C LEU A 281 10.47 -10.98 -75.10
N GLU A 282 9.16 -10.88 -74.91
CA GLU A 282 8.58 -10.10 -73.83
C GLU A 282 7.92 -11.03 -72.82
N PHE A 283 8.20 -10.80 -71.55
CA PHE A 283 7.49 -11.46 -70.46
C PHE A 283 6.80 -10.40 -69.61
N ARG A 284 6.03 -10.86 -68.63
CA ARG A 284 5.51 -10.01 -67.58
C ARG A 284 6.21 -10.40 -66.29
N LEU A 285 6.76 -9.41 -65.60
CA LEU A 285 7.50 -9.62 -64.37
C LEU A 285 6.65 -10.41 -63.37
N PRO A 286 7.26 -11.26 -62.53
CA PRO A 286 8.70 -11.46 -62.34
C PRO A 286 9.38 -12.35 -63.39
N LEU A 287 8.72 -12.67 -64.49
CA LEU A 287 9.36 -13.44 -65.54
C LEU A 287 10.23 -12.54 -66.41
N CYS A 288 11.41 -13.03 -66.77
CA CYS A 288 12.40 -12.21 -67.46
C CYS A 288 13.08 -13.03 -68.56
N SER A 289 13.88 -12.34 -69.36
CA SER A 289 14.68 -13.00 -70.38
C SER A 289 15.77 -13.83 -69.72
N PRO A 290 16.20 -14.92 -70.36
CA PRO A 290 17.18 -15.80 -69.73
C PRO A 290 18.57 -15.18 -69.72
N SER A 291 19.47 -15.83 -69.02
CA SER A 291 20.86 -15.43 -69.08
C SER A 291 21.38 -15.57 -70.51
N LYS A 292 22.43 -14.85 -70.81
CA LYS A 292 23.03 -14.95 -72.14
C LYS A 292 23.60 -16.31 -72.31
N GLU A 293 23.97 -16.94 -71.21
CA GLU A 293 24.56 -18.27 -71.23
C GLU A 293 23.52 -19.25 -71.58
N ASN A 294 22.40 -19.18 -70.90
CA ASN A 294 21.33 -20.10 -71.27
C ASN A 294 20.77 -19.80 -72.64
N PHE A 295 20.75 -18.53 -73.05
CA PHE A 295 20.34 -18.14 -74.39
C PHE A 295 21.12 -18.90 -75.45
N ALA A 296 22.44 -19.00 -75.26
CA ALA A 296 23.28 -19.71 -76.23
C ALA A 296 23.01 -21.21 -76.23
N LYS A 297 22.66 -21.79 -75.07
CA LYS A 297 22.43 -23.23 -75.03
C LYS A 297 21.10 -23.62 -75.64
N ILE A 298 20.10 -22.74 -75.58
CA ILE A 298 18.85 -22.97 -76.28
C ILE A 298 19.07 -22.89 -77.79
N GLU A 299 19.80 -21.86 -78.24
CA GLU A 299 20.05 -21.69 -79.66
C GLU A 299 20.78 -22.87 -80.28
N GLU A 300 21.68 -23.49 -79.52
CA GLU A 300 22.47 -24.59 -80.06
C GLU A 300 21.70 -25.91 -80.12
N VAL A 301 20.82 -26.16 -79.15
CA VAL A 301 20.06 -27.41 -79.21
C VAL A 301 19.01 -27.33 -80.30
N MET A 302 18.52 -26.13 -80.60
CA MET A 302 17.47 -25.99 -81.61
C MET A 302 17.95 -26.40 -83.01
N LYS A 303 19.21 -26.13 -83.33
CA LYS A 303 19.66 -26.37 -84.70
C LYS A 303 19.65 -27.85 -85.07
N LYS A 304 19.81 -28.74 -84.09
CA LYS A 304 19.71 -30.16 -84.45
C LYS A 304 18.28 -30.56 -84.78
N TYR A 305 17.32 -29.65 -84.67
CA TYR A 305 15.94 -29.89 -85.08
C TYR A 305 15.55 -28.88 -86.16
N LYS A 306 14.63 -29.30 -87.02
CA LYS A 306 14.13 -28.50 -88.12
C LYS A 306 12.74 -27.99 -87.74
N ILE A 307 12.60 -26.69 -87.50
CA ILE A 307 11.38 -26.12 -86.92
C ILE A 307 10.43 -25.69 -88.02
N LYS A 308 9.19 -26.18 -87.96
CA LYS A 308 8.18 -25.80 -88.94
C LYS A 308 7.66 -24.40 -88.65
N GLY A 309 7.46 -23.63 -89.72
CA GLY A 309 6.95 -22.28 -89.64
C GLY A 309 5.44 -22.23 -89.69
N PHE A 310 4.92 -21.12 -90.21
CA PHE A 310 3.48 -20.95 -90.37
C PHE A 310 3.02 -21.46 -91.73
N LYS B 15 26.09 -39.52 -14.89
CA LYS B 15 26.20 -39.47 -16.34
C LYS B 15 27.55 -38.89 -16.79
N ASN B 16 28.49 -39.77 -17.11
CA ASN B 16 29.82 -39.35 -17.51
C ASN B 16 29.75 -38.80 -18.92
N ILE B 17 30.37 -37.64 -19.15
CA ILE B 17 30.18 -36.90 -20.39
C ILE B 17 31.54 -36.49 -20.96
N ILE B 18 31.54 -36.26 -22.26
CA ILE B 18 32.68 -35.69 -22.97
C ILE B 18 32.14 -34.57 -23.84
N ILE B 19 32.46 -33.33 -23.47
CA ILE B 19 31.91 -32.17 -24.17
C ILE B 19 33.04 -31.19 -24.49
N GLY B 20 32.68 -30.00 -24.96
CA GLY B 20 33.64 -28.98 -25.30
C GLY B 20 33.99 -28.97 -26.78
N ALA B 21 35.10 -28.32 -27.08
CA ALA B 21 35.57 -28.20 -28.46
C ALA B 21 36.33 -29.46 -28.84
N MET B 22 35.81 -30.20 -29.82
CA MET B 22 36.41 -31.44 -30.27
C MET B 22 36.63 -31.40 -31.76
N THR B 23 37.59 -32.19 -32.23
CA THR B 23 38.03 -32.21 -33.62
C THR B 23 37.89 -33.60 -34.19
N ALA B 24 37.19 -33.71 -35.32
CA ALA B 24 37.18 -34.95 -36.10
C ALA B 24 38.45 -34.97 -36.94
N LEU B 25 39.48 -35.65 -36.44
CA LEU B 25 40.81 -35.56 -37.04
C LEU B 25 40.88 -36.30 -38.36
N ILE B 26 41.57 -35.69 -39.33
CA ILE B 26 41.89 -36.36 -40.57
C ILE B 26 42.94 -37.43 -40.33
N THR B 27 42.94 -38.46 -41.19
CA THR B 27 43.92 -39.53 -41.13
C THR B 27 44.90 -39.39 -42.29
N PRO B 28 46.09 -38.86 -42.08
CA PRO B 28 47.03 -38.67 -43.18
C PRO B 28 47.60 -39.99 -43.68
N PHE B 29 47.77 -40.08 -44.99
CA PHE B 29 48.35 -41.24 -45.65
C PHE B 29 49.68 -40.88 -46.29
N LYS B 30 50.59 -41.84 -46.30
CA LYS B 30 51.87 -41.70 -47.01
C LYS B 30 52.16 -43.02 -47.71
N ASN B 31 52.23 -42.97 -49.04
CA ASN B 31 52.44 -44.16 -49.87
C ASN B 31 51.34 -45.21 -49.67
N GLY B 32 50.14 -44.70 -49.39
CA GLY B 32 48.95 -45.49 -49.14
C GLY B 32 48.89 -46.27 -47.85
N LYS B 33 49.70 -45.89 -46.89
CA LYS B 33 49.73 -46.56 -45.62
C LYS B 33 49.55 -45.43 -44.67
N VAL B 34 49.01 -45.73 -43.51
CA VAL B 34 48.83 -44.71 -42.53
C VAL B 34 50.13 -44.17 -41.94
N ASP B 35 50.30 -42.90 -42.11
CA ASP B 35 51.39 -42.13 -41.52
C ASP B 35 51.13 -41.93 -40.03
N GLU B 36 51.68 -42.83 -39.22
CA GLU B 36 51.45 -42.82 -37.78
C GLU B 36 52.18 -41.69 -37.07
N GLN B 37 53.26 -41.16 -37.63
CA GLN B 37 54.05 -40.13 -36.94
C GLN B 37 53.55 -38.72 -37.21
N SER B 38 52.94 -38.47 -38.36
CA SER B 38 52.24 -37.21 -38.58
C SER B 38 50.90 -37.17 -37.86
N TYR B 39 50.28 -38.34 -37.65
CA TYR B 39 49.04 -38.42 -36.90
C TYR B 39 49.25 -37.90 -35.47
N ALA B 40 50.32 -38.34 -34.81
CA ALA B 40 50.61 -37.87 -33.46
C ALA B 40 50.98 -36.40 -33.44
N ARG B 41 51.61 -35.91 -34.52
CA ARG B 41 52.03 -34.50 -34.61
C ARG B 41 50.86 -33.57 -34.87
N LEU B 42 49.76 -34.10 -35.42
CA LEU B 42 48.55 -33.30 -35.51
C LEU B 42 47.81 -33.29 -34.19
N ILE B 43 48.02 -34.30 -33.33
CA ILE B 43 47.36 -34.31 -32.03
C ILE B 43 48.01 -33.31 -31.04
N LYS B 44 49.35 -33.06 -31.10
CA LYS B 44 49.90 -31.98 -30.27
C LYS B 44 49.57 -30.63 -30.89
N ARG B 45 49.21 -30.56 -32.18
CA ARG B 45 48.74 -29.27 -32.66
C ARG B 45 47.35 -28.95 -32.13
N GLN B 46 46.50 -29.98 -32.00
CA GLN B 46 45.17 -29.79 -31.46
C GLN B 46 45.20 -29.53 -29.96
N ILE B 47 45.98 -30.32 -29.21
CA ILE B 47 46.06 -30.14 -27.76
C ILE B 47 46.56 -28.73 -27.44
N GLU B 48 47.55 -28.27 -28.20
CA GLU B 48 48.25 -27.03 -27.94
C GLU B 48 47.49 -25.78 -28.39
N ASN B 49 46.26 -25.93 -28.86
CA ASN B 49 45.45 -24.80 -29.30
C ASN B 49 44.09 -24.81 -28.62
N GLY B 50 44.00 -25.37 -27.41
CA GLY B 50 42.79 -25.28 -26.61
C GLY B 50 41.73 -26.32 -26.88
N ILE B 51 42.01 -27.33 -27.72
CA ILE B 51 41.03 -28.36 -28.00
C ILE B 51 40.85 -29.25 -26.77
N ASP B 52 39.60 -29.59 -26.46
CA ASP B 52 39.28 -30.34 -25.26
C ASP B 52 39.21 -31.85 -25.48
N ALA B 53 38.95 -32.29 -26.72
CA ALA B 53 38.86 -33.72 -27.01
C ALA B 53 39.10 -33.93 -28.50
N VAL B 54 39.55 -35.14 -28.84
CA VAL B 54 39.82 -35.51 -30.22
C VAL B 54 38.97 -36.72 -30.59
N VAL B 55 38.50 -36.76 -31.82
CA VAL B 55 37.69 -37.87 -32.32
C VAL B 55 38.47 -38.58 -33.41
N PRO B 56 39.17 -39.68 -33.09
CA PRO B 56 39.88 -40.42 -34.13
C PRO B 56 38.94 -41.30 -34.94
N VAL B 57 39.22 -41.37 -36.24
CA VAL B 57 38.51 -42.25 -37.18
C VAL B 57 37.01 -41.99 -37.09
N GLY B 58 36.61 -40.76 -37.38
CA GLY B 58 35.24 -40.43 -37.67
C GLY B 58 34.99 -40.48 -39.17
N THR B 59 33.94 -39.79 -39.59
CA THR B 59 33.72 -39.62 -41.03
C THR B 59 34.86 -38.84 -41.66
N THR B 60 35.35 -37.80 -40.96
CA THR B 60 36.48 -37.03 -41.45
C THR B 60 37.76 -37.84 -41.46
N GLY B 61 37.86 -38.85 -40.60
CA GLY B 61 39.01 -39.72 -40.57
C GLY B 61 38.97 -40.88 -41.55
N GLU B 62 38.01 -40.87 -42.48
CA GLU B 62 37.87 -41.94 -43.48
C GLU B 62 37.69 -43.29 -42.79
N SER B 63 36.74 -43.33 -41.84
CA SER B 63 36.40 -44.57 -41.14
C SER B 63 36.02 -45.70 -42.06
N ALA B 64 35.62 -45.39 -43.30
CA ALA B 64 35.10 -46.41 -44.20
C ALA B 64 36.23 -47.09 -44.95
N THR B 65 37.35 -46.38 -45.10
CA THR B 65 38.44 -46.82 -45.95
C THR B 65 39.62 -47.42 -45.17
N LEU B 66 39.58 -47.36 -43.84
CA LEU B 66 40.60 -47.97 -43.02
C LEU B 66 40.29 -49.45 -42.79
N THR B 67 41.32 -50.27 -42.77
CA THR B 67 41.14 -51.64 -42.30
C THR B 67 40.86 -51.62 -40.80
N HIS B 68 40.40 -52.75 -40.28
CA HIS B 68 40.04 -52.80 -38.86
C HIS B 68 41.24 -52.58 -37.94
N GLU B 69 42.47 -52.90 -38.39
CA GLU B 69 43.64 -52.65 -37.57
C GLU B 69 44.05 -51.17 -37.60
N GLU B 70 43.87 -50.53 -38.75
CA GLU B 70 44.21 -49.12 -38.87
C GLU B 70 43.21 -48.26 -38.11
N HIS B 71 41.93 -48.61 -38.16
CA HIS B 71 40.95 -48.00 -37.27
C HIS B 71 41.41 -48.13 -35.82
N ARG B 72 41.89 -49.31 -35.44
CA ARG B 72 42.33 -49.56 -34.07
C ARG B 72 43.67 -48.90 -33.76
N THR B 73 44.59 -48.87 -34.73
CA THR B 73 45.89 -48.27 -34.49
C THR B 73 45.79 -46.76 -34.30
N CYS B 74 44.80 -46.13 -34.92
CA CYS B 74 44.65 -44.69 -34.82
C CYS B 74 43.86 -44.26 -33.59
N ILE B 75 43.15 -45.20 -32.96
CA ILE B 75 42.65 -44.96 -31.60
C ILE B 75 43.78 -45.05 -30.60
N GLU B 76 44.71 -45.98 -30.80
CA GLU B 76 45.83 -46.14 -29.88
C GLU B 76 46.73 -44.91 -29.87
N ILE B 77 47.03 -44.37 -31.06
CA ILE B 77 47.84 -43.16 -31.13
C ILE B 77 47.15 -42.00 -30.42
N ALA B 78 45.82 -41.89 -30.60
CA ALA B 78 45.09 -40.82 -29.95
C ALA B 78 45.16 -40.92 -28.43
N VAL B 79 44.99 -42.14 -27.90
CA VAL B 79 45.05 -42.33 -26.45
C VAL B 79 46.47 -42.09 -25.94
N GLU B 80 47.47 -42.60 -26.66
CA GLU B 80 48.86 -42.46 -26.21
C GLU B 80 49.31 -41.00 -26.28
N THR B 81 48.94 -40.28 -27.35
CA THR B 81 49.37 -38.90 -27.49
C THR B 81 48.63 -37.98 -26.52
N CYS B 82 47.48 -38.40 -26.02
CA CYS B 82 46.72 -37.63 -25.05
C CYS B 82 46.84 -38.16 -23.63
N LYS B 83 47.84 -39.01 -23.37
CA LYS B 83 48.16 -39.44 -22.01
C LYS B 83 49.00 -38.37 -21.33
N GLY B 84 48.62 -38.01 -20.11
CA GLY B 84 49.25 -36.91 -19.43
C GLY B 84 48.70 -35.54 -19.76
N THR B 85 47.55 -35.49 -20.43
CA THR B 85 46.93 -34.23 -20.73
C THR B 85 45.51 -34.20 -20.30
N LYS B 86 44.87 -33.09 -20.59
CA LYS B 86 43.47 -32.87 -20.25
C LYS B 86 42.58 -33.27 -21.38
N VAL B 87 43.19 -33.46 -22.54
CA VAL B 87 42.47 -33.80 -23.74
C VAL B 87 41.97 -35.23 -23.80
N LYS B 88 40.67 -35.35 -23.94
CA LYS B 88 40.06 -36.68 -23.93
C LYS B 88 40.05 -37.22 -25.35
N VAL B 89 39.84 -38.53 -25.45
CA VAL B 89 39.74 -39.21 -26.74
C VAL B 89 38.35 -39.81 -26.83
N LEU B 90 37.54 -39.27 -27.74
CA LEU B 90 36.22 -39.83 -28.05
C LEU B 90 36.38 -40.60 -29.36
N ALA B 91 36.63 -41.90 -29.24
CA ALA B 91 37.03 -42.70 -30.39
C ALA B 91 35.83 -43.02 -31.27
N GLY B 92 36.04 -42.90 -32.58
CA GLY B 92 35.02 -43.31 -33.52
C GLY B 92 34.88 -44.82 -33.53
N ALA B 93 33.69 -45.33 -33.22
CA ALA B 93 33.48 -46.77 -33.15
C ALA B 93 32.19 -47.21 -33.84
N GLY B 94 31.68 -46.41 -34.77
CA GLY B 94 30.43 -46.75 -35.43
C GLY B 94 30.60 -47.69 -36.60
N SER B 95 29.51 -48.39 -36.93
CA SER B 95 29.45 -49.26 -38.10
C SER B 95 27.98 -49.58 -38.36
N ASN B 96 27.70 -49.95 -39.60
CA ASN B 96 26.34 -50.34 -39.98
C ASN B 96 26.00 -51.77 -39.57
N ALA B 97 26.96 -52.51 -39.03
CA ALA B 97 26.74 -53.84 -38.49
C ALA B 97 26.94 -53.78 -36.99
N THR B 98 25.92 -54.22 -36.24
CA THR B 98 25.97 -54.08 -34.78
C THR B 98 27.10 -54.89 -34.17
N HIS B 99 27.34 -56.11 -34.69
CA HIS B 99 28.45 -56.90 -34.17
C HIS B 99 29.79 -56.24 -34.46
N GLU B 100 29.87 -55.45 -35.53
CA GLU B 100 31.07 -54.69 -35.83
C GLU B 100 31.21 -53.48 -34.91
N ALA B 101 30.08 -52.85 -34.57
CA ALA B 101 30.13 -51.67 -33.71
C ALA B 101 30.48 -52.06 -32.27
N VAL B 102 29.98 -53.20 -31.80
CA VAL B 102 30.32 -53.66 -30.45
C VAL B 102 31.81 -53.99 -30.35
N GLY B 103 32.37 -54.54 -31.42
CA GLY B 103 33.81 -54.85 -31.41
C GLY B 103 34.66 -53.61 -31.25
N LEU B 104 34.36 -52.56 -32.01
CA LEU B 104 35.13 -51.32 -31.91
C LEU B 104 34.90 -50.63 -30.56
N ALA B 105 33.67 -50.70 -30.04
CA ALA B 105 33.37 -50.06 -28.77
C ALA B 105 34.14 -50.69 -27.61
N LYS B 106 34.17 -52.03 -27.56
CA LYS B 106 34.89 -52.68 -26.47
C LYS B 106 36.40 -52.54 -26.63
N PHE B 107 36.89 -52.48 -27.87
CA PHE B 107 38.31 -52.22 -28.08
C PHE B 107 38.66 -50.82 -27.58
N ALA B 108 37.76 -49.86 -27.77
CA ALA B 108 38.07 -48.48 -27.40
C ALA B 108 38.24 -48.35 -25.89
N LYS B 109 37.39 -49.00 -25.13
CA LYS B 109 37.54 -48.98 -23.68
C LYS B 109 38.84 -49.68 -23.25
N GLU B 110 39.05 -50.90 -23.75
CA GLU B 110 40.16 -51.75 -23.34
C GLU B 110 41.50 -51.15 -23.72
N HIS B 111 41.50 -50.08 -24.52
CA HIS B 111 42.73 -49.44 -24.96
C HIS B 111 42.79 -47.97 -24.54
N GLY B 112 41.96 -47.57 -23.58
CA GLY B 112 42.12 -46.31 -22.90
C GLY B 112 41.31 -45.13 -23.41
N ALA B 113 40.32 -45.35 -24.26
CA ALA B 113 39.48 -44.25 -24.71
C ALA B 113 38.54 -43.79 -23.60
N ASP B 114 38.26 -42.49 -23.58
CA ASP B 114 37.35 -41.93 -22.59
C ASP B 114 35.90 -42.10 -22.98
N GLY B 115 35.63 -42.39 -24.25
CA GLY B 115 34.28 -42.60 -24.72
C GLY B 115 34.32 -42.95 -26.19
N ILE B 116 33.13 -43.17 -26.76
CA ILE B 116 33.02 -43.54 -28.16
C ILE B 116 31.97 -42.69 -28.85
N LEU B 117 32.25 -42.33 -30.09
CA LEU B 117 31.26 -41.81 -31.02
C LEU B 117 30.81 -42.96 -31.91
N SER B 118 29.50 -43.04 -32.15
CA SER B 118 28.92 -44.15 -32.92
C SER B 118 27.96 -43.59 -33.95
N VAL B 119 28.34 -43.69 -35.22
CA VAL B 119 27.50 -43.16 -36.30
C VAL B 119 26.31 -44.08 -36.51
N ALA B 120 25.19 -43.48 -36.91
CA ALA B 120 24.01 -44.27 -37.23
C ALA B 120 24.32 -45.25 -38.37
N PRO B 121 23.83 -46.48 -38.30
CA PRO B 121 24.09 -47.45 -39.37
C PRO B 121 23.71 -46.90 -40.73
N TYR B 122 24.67 -46.94 -41.65
CA TYR B 122 24.52 -46.44 -43.00
C TYR B 122 24.15 -47.58 -43.95
N TYR B 123 23.56 -47.20 -45.09
CA TYR B 123 23.30 -48.12 -46.21
C TYR B 123 22.18 -49.09 -45.84
N ASN B 124 22.24 -49.74 -44.67
CA ASN B 124 21.22 -50.74 -44.34
C ASN B 124 19.95 -50.16 -43.77
N LYS B 125 19.87 -48.85 -43.57
CA LYS B 125 18.65 -48.11 -43.22
C LYS B 125 17.80 -48.87 -42.19
N PRO B 126 18.21 -48.97 -40.94
CA PRO B 126 17.39 -49.70 -39.96
C PRO B 126 16.19 -48.88 -39.52
N THR B 127 15.18 -49.60 -39.02
CA THR B 127 14.02 -48.93 -38.46
C THR B 127 14.36 -48.30 -37.12
N GLN B 128 13.41 -47.49 -36.60
CA GLN B 128 13.62 -46.87 -35.30
C GLN B 128 13.80 -47.92 -34.19
N GLN B 129 13.05 -49.02 -34.28
CA GLN B 129 13.23 -50.11 -33.34
C GLN B 129 14.62 -50.74 -33.49
N GLY B 130 15.08 -50.86 -34.73
CA GLY B 130 16.42 -51.41 -34.95
C GLY B 130 17.51 -50.48 -34.43
N LEU B 131 17.33 -49.17 -34.64
CA LEU B 131 18.31 -48.21 -34.13
C LEU B 131 18.38 -48.25 -32.60
N TYR B 132 17.22 -48.41 -31.96
CA TYR B 132 17.18 -48.54 -30.51
C TYR B 132 17.98 -49.75 -30.05
N GLU B 133 17.68 -50.93 -30.63
CA GLU B 133 18.40 -52.14 -30.27
C GLU B 133 19.86 -52.08 -30.68
N HIS B 134 20.16 -51.43 -31.80
CA HIS B 134 21.55 -51.27 -32.24
C HIS B 134 22.37 -50.54 -31.19
N TYR B 135 21.88 -49.38 -30.73
CA TYR B 135 22.62 -48.60 -29.74
C TYR B 135 22.52 -49.22 -28.36
N LYS B 136 21.39 -49.87 -28.05
CA LYS B 136 21.27 -50.58 -26.77
C LYS B 136 22.26 -51.72 -26.68
N ALA B 137 22.73 -52.23 -27.79
CA ALA B 137 23.66 -53.30 -27.73
C ALA B 137 25.06 -52.85 -27.54
N ILE B 138 25.38 -51.66 -27.95
CA ILE B 138 26.72 -51.15 -27.85
C ILE B 138 27.01 -50.64 -26.45
N ALA B 139 26.09 -49.83 -25.97
CA ALA B 139 26.22 -49.23 -24.68
C ALA B 139 26.35 -50.25 -23.62
N GLN B 140 25.71 -51.40 -23.77
CA GLN B 140 25.80 -52.45 -22.76
C GLN B 140 27.07 -53.23 -22.80
N SER B 141 27.95 -52.86 -23.70
CA SER B 141 29.19 -53.55 -23.88
C SER B 141 30.28 -52.87 -23.17
N VAL B 142 30.08 -51.61 -22.92
CA VAL B 142 31.10 -50.85 -22.27
C VAL B 142 30.53 -50.02 -21.18
N ASP B 143 31.39 -49.52 -20.35
CA ASP B 143 30.94 -48.65 -19.26
C ASP B 143 31.47 -47.23 -19.40
N ILE B 144 31.83 -46.83 -20.62
CA ILE B 144 32.32 -45.48 -20.89
C ILE B 144 31.24 -44.72 -21.65
N PRO B 145 31.26 -43.39 -21.65
CA PRO B 145 30.20 -42.64 -22.35
C PRO B 145 30.12 -42.97 -23.83
N VAL B 146 28.89 -42.95 -24.35
CA VAL B 146 28.60 -43.23 -25.75
C VAL B 146 27.86 -42.02 -26.31
N LEU B 147 28.39 -41.43 -27.38
CA LEU B 147 27.79 -40.28 -28.03
C LEU B 147 27.24 -40.70 -29.39
N LEU B 148 25.93 -40.55 -29.57
CA LEU B 148 25.31 -40.84 -30.85
C LEU B 148 25.77 -39.84 -31.91
N TYR B 149 25.54 -40.21 -33.17
CA TYR B 149 25.99 -39.41 -34.30
C TYR B 149 24.95 -39.55 -35.40
N ASN B 150 24.26 -38.46 -35.71
CA ASN B 150 23.18 -38.44 -36.67
C ASN B 150 23.58 -37.57 -37.86
N VAL B 151 23.75 -38.20 -39.01
CA VAL B 151 24.05 -37.49 -40.26
C VAL B 151 23.26 -38.18 -41.36
N PRO B 152 21.98 -37.84 -41.55
CA PRO B 152 21.16 -38.59 -42.51
C PRO B 152 21.58 -38.40 -43.96
N GLY B 153 22.21 -37.27 -44.29
CA GLY B 153 22.67 -37.06 -45.65
C GLY B 153 23.71 -38.07 -46.11
N ARG B 154 24.40 -38.72 -45.18
CA ARG B 154 25.40 -39.72 -45.51
C ARG B 154 24.97 -41.15 -45.19
N THR B 155 24.11 -41.35 -44.20
CA THR B 155 23.69 -42.68 -43.80
C THR B 155 22.41 -43.13 -44.51
N GLY B 156 21.57 -42.19 -44.90
CA GLY B 156 20.28 -42.49 -45.49
C GLY B 156 19.18 -42.79 -44.48
N CYS B 157 19.47 -42.71 -43.19
CA CYS B 157 18.49 -42.90 -42.14
C CYS B 157 18.73 -41.86 -41.05
N GLU B 158 17.70 -41.59 -40.26
CA GLU B 158 17.78 -40.61 -39.19
C GLU B 158 17.35 -41.22 -37.86
N ILE B 159 18.13 -40.92 -36.82
CA ILE B 159 17.74 -41.27 -35.46
C ILE B 159 16.70 -40.26 -35.01
N SER B 160 15.45 -40.71 -34.88
CA SER B 160 14.34 -39.86 -34.49
C SER B 160 14.63 -39.14 -33.17
N THR B 161 14.00 -37.99 -33.00
CA THR B 161 14.09 -37.26 -31.74
C THR B 161 13.67 -38.14 -30.57
N ASP B 162 12.58 -38.90 -30.74
CA ASP B 162 12.12 -39.78 -29.69
C ASP B 162 13.13 -40.90 -29.41
N THR B 163 13.77 -41.43 -30.46
CA THR B 163 14.72 -42.51 -30.28
C THR B 163 15.96 -42.04 -29.54
N ILE B 164 16.45 -40.83 -29.86
CA ILE B 164 17.59 -40.28 -29.13
C ILE B 164 17.26 -40.13 -27.65
N ILE B 165 16.10 -39.54 -27.37
CA ILE B 165 15.70 -39.31 -25.98
C ILE B 165 15.49 -40.64 -25.26
N LYS B 166 14.90 -41.63 -25.94
CA LYS B 166 14.70 -42.94 -25.33
C LYS B 166 16.03 -43.60 -25.00
N LEU B 167 17.00 -43.50 -25.92
CA LEU B 167 18.32 -44.08 -25.67
C LEU B 167 19.05 -43.33 -24.55
N PHE B 168 18.86 -42.02 -24.48
CA PHE B 168 19.46 -41.23 -23.41
C PHE B 168 18.88 -41.61 -22.05
N ARG B 169 17.58 -41.89 -21.99
CA ARG B 169 16.90 -42.17 -20.74
C ARG B 169 17.00 -43.63 -20.32
N ASP B 170 17.26 -44.55 -21.26
CA ASP B 170 17.28 -45.97 -20.92
C ASP B 170 18.68 -46.53 -20.74
N CYS B 171 19.66 -45.97 -21.39
CA CYS B 171 21.01 -46.51 -21.32
C CYS B 171 21.92 -45.53 -20.70
N GLU B 172 22.20 -45.72 -19.45
CA GLU B 172 23.01 -44.81 -18.71
C GLU B 172 24.26 -44.21 -19.27
N ASN B 173 25.01 -44.90 -20.09
CA ASN B 173 26.24 -44.30 -20.60
C ASN B 173 26.03 -43.55 -21.86
N ILE B 174 24.84 -43.59 -22.39
CA ILE B 174 24.55 -42.83 -23.61
C ILE B 174 24.13 -41.44 -23.14
N TYR B 175 24.93 -40.43 -23.49
CA TYR B 175 24.78 -39.12 -22.87
C TYR B 175 24.44 -37.98 -23.83
N GLY B 176 24.37 -38.19 -25.12
CA GLY B 176 24.09 -37.09 -26.01
C GLY B 176 24.16 -37.47 -27.46
N VAL B 177 24.23 -36.51 -28.36
CA VAL B 177 24.26 -36.79 -29.79
C VAL B 177 24.98 -35.75 -30.58
N KPI B 178 25.69 -36.13 -31.63
CA KPI B 178 26.41 -35.21 -32.50
CB KPI B 178 27.72 -35.81 -32.97
CG KPI B 178 28.37 -35.12 -34.15
CD KPI B 178 29.53 -35.86 -34.80
CE KPI B 178 30.13 -35.05 -35.94
NZ KPI B 178 31.14 -35.83 -36.59
CX1 KPI B 178 31.81 -35.54 -37.60
C1 KPI B 178 31.60 -34.24 -38.29
CX2 KPI B 178 32.80 -36.47 -38.11
O1 KPI B 178 33.60 -36.14 -38.98
O2 KPI B 178 32.84 -37.61 -37.65
C KPI B 178 25.55 -35.02 -33.70
O KPI B 178 24.94 -35.99 -34.13
N GLU B 179 24.86 -33.91 -33.76
CA GLU B 179 23.96 -33.59 -34.86
C GLU B 179 24.59 -32.87 -36.01
N ALA B 180 24.35 -33.39 -37.21
CA ALA B 180 24.83 -32.85 -38.45
C ALA B 180 23.74 -33.06 -39.46
N SER B 181 22.54 -32.70 -39.06
CA SER B 181 21.38 -32.81 -39.85
C SER B 181 21.10 -31.50 -40.51
N GLY B 182 21.61 -30.42 -39.95
CA GLY B 182 21.36 -29.09 -40.47
C GLY B 182 19.94 -28.61 -40.20
N ASN B 183 19.32 -29.22 -39.21
CA ASN B 183 17.97 -28.95 -38.80
C ASN B 183 17.90 -28.35 -37.39
N ILE B 184 17.93 -27.05 -37.24
CA ILE B 184 17.91 -26.44 -35.91
C ILE B 184 16.60 -26.70 -35.19
N ASP B 185 15.51 -26.97 -35.92
CA ASP B 185 14.26 -27.35 -35.28
C ASP B 185 14.44 -28.63 -34.45
N LYS B 186 15.16 -29.61 -34.98
CA LYS B 186 15.38 -30.85 -34.25
C LYS B 186 16.19 -30.62 -32.98
N CYS B 187 17.04 -29.58 -32.96
CA CYS B 187 17.84 -29.32 -31.77
C CYS B 187 17.08 -28.52 -30.72
N VAL B 188 16.05 -27.80 -31.13
CA VAL B 188 15.08 -27.26 -30.17
C VAL B 188 14.21 -28.38 -29.64
N ASP B 189 13.78 -29.29 -30.53
CA ASP B 189 12.99 -30.45 -30.12
C ASP B 189 13.72 -31.26 -29.06
N LEU B 190 15.01 -31.54 -29.29
CA LEU B 190 15.77 -32.38 -28.37
C LEU B 190 15.92 -31.72 -27.00
N LEU B 191 16.38 -30.47 -26.97
CA LEU B 191 16.72 -29.83 -25.70
C LEU B 191 15.53 -29.26 -24.96
N ALA B 192 14.39 -29.08 -25.63
CA ALA B 192 13.18 -28.65 -24.91
C ALA B 192 12.52 -29.80 -24.18
N HIS B 193 12.58 -31.00 -24.73
CA HIS B 193 11.96 -32.17 -24.11
C HIS B 193 12.94 -32.98 -23.26
N GLU B 194 14.23 -32.87 -23.51
CA GLU B 194 15.27 -33.57 -22.73
C GLU B 194 16.45 -32.64 -22.54
N PRO B 195 16.36 -31.71 -21.59
CA PRO B 195 17.42 -30.70 -21.43
C PRO B 195 18.70 -31.21 -20.78
N ARG B 196 18.70 -32.44 -20.25
CA ARG B 196 19.88 -32.99 -19.60
C ARG B 196 20.86 -33.66 -20.57
N MET B 197 20.55 -33.68 -21.86
CA MET B 197 21.40 -34.32 -22.85
C MET B 197 22.44 -33.35 -23.39
N MET B 198 23.57 -33.91 -23.81
CA MET B 198 24.69 -33.14 -24.35
C MET B 198 24.56 -33.12 -25.87
N LEU B 199 24.03 -32.02 -26.40
CA LEU B 199 23.90 -31.84 -27.85
C LEU B 199 25.21 -31.30 -28.41
N ILE B 200 25.79 -32.03 -29.35
CA ILE B 200 27.08 -31.68 -29.95
C ILE B 200 26.84 -31.31 -31.40
N SER B 201 27.35 -30.16 -31.80
CA SER B 201 27.20 -29.72 -33.19
C SER B 201 28.16 -30.50 -34.08
N GLY B 202 27.63 -31.06 -35.17
CA GLY B 202 28.44 -31.76 -36.14
C GLY B 202 28.44 -31.03 -37.47
N GLU B 203 28.21 -29.72 -37.42
CA GLU B 203 28.10 -28.89 -38.61
C GLU B 203 28.72 -27.54 -38.29
N ASP B 204 29.91 -27.30 -38.84
CA ASP B 204 30.72 -26.16 -38.40
C ASP B 204 30.06 -24.83 -38.73
N ALA B 205 29.30 -24.77 -39.83
CA ALA B 205 28.70 -23.51 -40.24
C ALA B 205 27.70 -22.98 -39.21
N ILE B 206 27.05 -23.88 -38.47
CA ILE B 206 26.02 -23.49 -37.51
C ILE B 206 26.45 -23.86 -36.10
N ASN B 207 27.76 -23.80 -35.84
CA ASN B 207 28.27 -24.12 -34.51
C ASN B 207 27.64 -23.25 -33.44
N TYR B 208 27.69 -21.93 -33.61
CA TYR B 208 27.18 -21.03 -32.58
C TYR B 208 25.68 -21.16 -32.34
N PRO B 209 24.80 -21.19 -33.35
CA PRO B 209 23.37 -21.33 -33.06
C PRO B 209 23.03 -22.58 -32.25
N ILE B 210 23.75 -23.68 -32.48
CA ILE B 210 23.49 -24.90 -31.71
C ILE B 210 23.98 -24.73 -30.28
N LEU B 211 25.14 -24.09 -30.10
CA LEU B 211 25.63 -23.83 -28.75
C LEU B 211 24.75 -22.82 -28.03
N SER B 212 24.26 -21.80 -28.75
CA SER B 212 23.44 -20.77 -28.15
C SER B 212 22.11 -21.29 -27.62
N ASN B 213 21.65 -22.45 -28.09
CA ASN B 213 20.39 -23.04 -27.65
C ASN B 213 20.59 -24.10 -26.57
N GLY B 214 21.80 -24.20 -26.02
CA GLY B 214 22.07 -25.16 -24.96
C GLY B 214 23.00 -26.30 -25.34
N GLY B 215 23.46 -26.35 -26.59
CA GLY B 215 24.49 -27.31 -26.94
C GLY B 215 25.75 -27.09 -26.13
N LYS B 216 26.46 -28.19 -25.86
CA LYS B 216 27.59 -28.15 -24.95
C LYS B 216 28.91 -28.55 -25.62
N GLY B 217 28.99 -28.51 -26.94
CA GLY B 217 30.25 -28.79 -27.60
C GLY B 217 30.08 -28.98 -29.09
N VAL B 218 31.22 -29.12 -29.75
CA VAL B 218 31.29 -29.34 -31.20
C VAL B 218 32.28 -30.46 -31.47
N ILE B 219 31.99 -31.22 -32.53
CA ILE B 219 32.95 -32.15 -33.12
C ILE B 219 33.23 -31.61 -34.53
N SER B 220 34.37 -30.96 -34.69
CA SER B 220 34.57 -30.03 -35.79
C SER B 220 35.47 -30.61 -36.88
N VAL B 221 35.22 -30.15 -38.10
CA VAL B 221 36.12 -30.37 -39.23
C VAL B 221 37.05 -29.19 -39.42
N THR B 222 36.50 -27.96 -39.30
CA THR B 222 37.32 -26.76 -39.46
C THR B 222 38.45 -26.69 -38.44
N SER B 223 38.24 -27.25 -37.25
CA SER B 223 39.28 -27.20 -36.22
C SER B 223 40.54 -27.95 -36.62
N ASN B 224 40.45 -28.84 -37.62
CA ASN B 224 41.66 -29.46 -38.17
C ASN B 224 42.63 -28.39 -38.66
N LEU B 225 42.12 -27.35 -39.29
CA LEU B 225 42.95 -26.27 -39.82
C LEU B 225 43.11 -25.12 -38.84
N LEU B 226 42.02 -24.70 -38.20
CA LEU B 226 42.02 -23.58 -37.26
C LEU B 226 41.47 -24.04 -35.92
N PRO B 227 42.23 -24.85 -35.18
CA PRO B 227 41.72 -25.35 -33.89
C PRO B 227 41.52 -24.25 -32.87
N ASP B 228 42.36 -23.20 -32.88
CA ASP B 228 42.25 -22.14 -31.90
C ASP B 228 40.94 -21.37 -32.06
N MET B 229 40.53 -21.10 -33.30
CA MET B 229 39.29 -20.36 -33.51
C MET B 229 38.07 -21.19 -33.13
N ILE B 230 38.07 -22.48 -33.48
CA ILE B 230 36.95 -23.35 -33.13
C ILE B 230 36.90 -23.55 -31.62
N SER B 231 38.05 -23.70 -30.98
CA SER B 231 38.07 -23.82 -29.53
C SER B 231 37.62 -22.53 -28.86
N ALA B 232 38.03 -21.38 -29.40
CA ALA B 232 37.59 -20.11 -28.86
C ALA B 232 36.07 -19.94 -29.00
N LEU B 233 35.52 -20.36 -30.14
CA LEU B 233 34.08 -20.24 -30.37
C LEU B 233 33.30 -21.00 -29.30
N THR B 234 33.64 -22.27 -29.07
CA THR B 234 32.91 -23.09 -28.11
C THR B 234 33.03 -22.52 -26.70
N HIS B 235 34.24 -22.10 -26.31
CA HIS B 235 34.44 -21.64 -24.93
C HIS B 235 33.77 -20.29 -24.70
N PHE B 236 33.77 -19.42 -25.71
CA PHE B 236 32.98 -18.19 -25.64
C PHE B 236 31.52 -18.50 -25.34
N ALA B 237 30.95 -19.45 -26.10
CA ALA B 237 29.54 -19.79 -25.95
C ALA B 237 29.25 -20.46 -24.61
N LEU B 238 30.12 -21.39 -24.18
CA LEU B 238 29.88 -22.09 -22.93
C LEU B 238 29.98 -21.16 -21.73
N ASP B 239 30.78 -20.10 -21.84
CA ASP B 239 30.82 -19.05 -20.82
C ASP B 239 29.73 -18.01 -21.05
N GLU B 240 28.75 -18.32 -21.90
CA GLU B 240 27.60 -17.45 -22.17
C GLU B 240 28.00 -16.10 -22.73
N ASN B 241 29.13 -16.04 -23.43
CA ASN B 241 29.52 -14.85 -24.18
C ASN B 241 29.09 -15.07 -25.63
N TYR B 242 27.81 -14.82 -25.88
CA TYR B 242 27.21 -15.16 -27.17
C TYR B 242 27.58 -14.17 -28.26
N LYS B 243 28.07 -12.98 -27.88
CA LYS B 243 28.43 -11.97 -28.86
C LYS B 243 29.81 -12.22 -29.46
N GLU B 244 30.72 -12.79 -28.68
CA GLU B 244 32.03 -13.17 -29.21
C GLU B 244 31.99 -14.53 -29.89
N ALA B 245 31.16 -15.45 -29.41
CA ALA B 245 30.99 -16.74 -30.08
C ALA B 245 30.41 -16.55 -31.47
N LYS B 246 29.38 -15.71 -31.59
CA LYS B 246 28.79 -15.44 -32.89
C LYS B 246 29.75 -14.72 -33.82
N LYS B 247 30.61 -13.85 -33.27
CA LYS B 247 31.54 -13.10 -34.12
C LYS B 247 32.53 -14.02 -34.81
N ILE B 248 33.02 -15.04 -34.10
CA ILE B 248 33.92 -16.00 -34.72
C ILE B 248 33.16 -16.89 -35.70
N ASN B 249 31.92 -17.24 -35.35
CA ASN B 249 31.10 -18.04 -36.25
C ASN B 249 30.82 -17.32 -37.55
N ASP B 250 30.64 -16.00 -37.49
CA ASP B 250 30.43 -15.23 -38.71
C ASP B 250 31.72 -15.14 -39.53
N GLU B 251 32.86 -14.96 -38.85
CA GLU B 251 34.13 -14.93 -39.57
C GLU B 251 34.45 -16.26 -40.21
N LEU B 252 34.02 -17.37 -39.59
CA LEU B 252 34.34 -18.70 -40.05
C LEU B 252 33.38 -19.24 -41.10
N TYR B 253 32.35 -18.47 -41.48
CA TYR B 253 31.35 -19.02 -42.39
C TYR B 253 31.96 -19.41 -43.72
N ASN B 254 32.83 -18.54 -44.27
CA ASN B 254 33.40 -18.81 -45.59
C ASN B 254 34.25 -20.06 -45.58
N ILE B 255 35.07 -20.25 -44.54
CA ILE B 255 35.87 -21.46 -44.45
C ILE B 255 34.99 -22.67 -44.12
N ASN B 256 33.93 -22.48 -43.34
CA ASN B 256 33.07 -23.60 -42.97
C ASN B 256 32.34 -24.17 -44.19
N LYS B 257 31.95 -23.32 -45.14
CA LYS B 257 31.21 -23.78 -46.30
C LYS B 257 32.12 -24.22 -47.44
N ILE B 258 33.28 -23.58 -47.60
CA ILE B 258 34.19 -23.99 -48.66
C ILE B 258 34.84 -25.33 -48.33
N LEU B 259 34.84 -25.73 -47.06
CA LEU B 259 35.31 -27.05 -46.68
C LEU B 259 34.29 -28.15 -46.99
N PHE B 260 33.18 -27.80 -47.64
CA PHE B 260 32.19 -28.78 -48.08
C PHE B 260 31.77 -28.56 -49.53
N CYS B 261 32.52 -27.75 -50.28
CA CYS B 261 32.29 -27.63 -51.72
C CYS B 261 32.36 -28.99 -52.40
N GLU B 262 33.21 -29.88 -51.91
CA GLU B 262 33.24 -31.29 -52.24
C GLU B 262 33.09 -32.09 -50.95
N SER B 263 33.06 -33.41 -51.09
CA SER B 263 32.73 -34.27 -49.96
C SER B 263 33.82 -34.23 -48.89
N ASN B 264 33.42 -33.98 -47.66
CA ASN B 264 34.32 -34.11 -46.54
C ASN B 264 34.86 -35.54 -46.48
N PRO B 265 36.15 -35.74 -46.22
CA PRO B 265 37.19 -34.77 -45.87
C PRO B 265 38.11 -34.36 -47.02
N ILE B 266 37.59 -34.29 -48.24
CA ILE B 266 38.42 -33.91 -49.39
C ILE B 266 38.84 -32.44 -49.28
N PRO B 267 37.94 -31.50 -49.00
CA PRO B 267 38.41 -30.10 -48.90
C PRO B 267 39.33 -29.83 -47.72
N ILE B 268 39.07 -30.44 -46.57
CA ILE B 268 39.89 -30.15 -45.40
C ILE B 268 41.29 -30.74 -45.57
N LYS B 269 41.39 -31.93 -46.17
CA LYS B 269 42.70 -32.51 -46.42
C LYS B 269 43.48 -31.70 -47.45
N THR B 270 42.77 -31.10 -48.41
CA THR B 270 43.43 -30.19 -49.35
C THR B 270 43.98 -28.97 -48.60
N ALA B 271 43.19 -28.41 -47.70
CA ALA B 271 43.65 -27.25 -46.93
C ALA B 271 44.84 -27.62 -46.05
N MET B 272 44.79 -28.78 -45.40
CA MET B 272 45.92 -29.21 -44.57
C MET B 272 47.18 -29.39 -45.39
N TYR B 273 47.04 -29.88 -46.62
CA TYR B 273 48.21 -30.02 -47.49
C TYR B 273 48.73 -28.66 -47.93
N LEU B 274 47.83 -27.74 -48.28
CA LEU B 274 48.23 -26.40 -48.69
C LEU B 274 48.90 -25.65 -47.54
N ALA B 275 48.49 -25.91 -46.31
CA ALA B 275 49.09 -25.26 -45.15
C ALA B 275 50.39 -25.93 -44.71
N GLY B 276 50.82 -26.98 -45.40
CA GLY B 276 52.04 -27.66 -45.02
C GLY B 276 51.95 -28.47 -43.74
N LEU B 277 50.73 -28.81 -43.31
CA LEU B 277 50.53 -29.59 -42.10
C LEU B 277 50.51 -31.10 -42.33
N ILE B 278 50.33 -31.56 -43.58
CA ILE B 278 50.43 -32.97 -43.93
C ILE B 278 51.31 -33.10 -45.16
N GLU B 279 51.88 -34.29 -45.37
CA GLU B 279 52.86 -34.33 -46.44
C GLU B 279 52.23 -34.49 -47.81
N SER B 280 51.15 -35.24 -47.91
CA SER B 280 50.66 -35.59 -49.22
C SER B 280 49.17 -35.33 -49.31
N LEU B 281 48.73 -34.77 -50.42
CA LEU B 281 47.30 -34.68 -50.69
C LEU B 281 46.90 -36.06 -51.21
N GLU B 282 46.93 -37.01 -50.30
CA GLU B 282 46.69 -38.41 -50.60
C GLU B 282 45.40 -38.87 -49.95
N PHE B 283 44.55 -39.53 -50.73
CA PHE B 283 43.40 -40.23 -50.22
C PHE B 283 43.53 -41.69 -50.60
N ARG B 284 42.60 -42.49 -50.09
CA ARG B 284 42.41 -43.86 -50.55
C ARG B 284 41.05 -43.92 -51.23
N LEU B 285 41.02 -44.49 -52.43
CA LEU B 285 39.82 -44.58 -53.25
C LEU B 285 38.66 -45.17 -52.46
N PRO B 286 37.40 -44.77 -52.73
CA PRO B 286 36.95 -43.91 -53.83
C PRO B 286 37.13 -42.41 -53.61
N LEU B 287 37.84 -42.01 -52.56
CA LEU B 287 38.14 -40.60 -52.35
C LEU B 287 39.36 -40.19 -53.16
N CYS B 288 39.30 -38.99 -53.73
CA CYS B 288 40.32 -38.50 -54.63
C CYS B 288 40.58 -37.02 -54.36
N SER B 289 41.59 -36.49 -55.02
CA SER B 289 41.87 -35.07 -54.88
C SER B 289 40.73 -34.26 -55.50
N PRO B 290 40.50 -33.05 -55.01
CA PRO B 290 39.35 -32.28 -55.48
C PRO B 290 39.59 -31.79 -56.89
N SER B 291 38.55 -31.20 -57.45
CA SER B 291 38.66 -30.59 -58.76
C SER B 291 39.66 -29.45 -58.77
N LYS B 292 40.12 -29.14 -59.99
CA LYS B 292 41.05 -28.06 -60.28
C LYS B 292 40.52 -26.71 -59.88
N GLU B 293 39.23 -26.51 -60.10
CA GLU B 293 38.55 -25.29 -59.70
C GLU B 293 38.43 -25.19 -58.18
N ASN B 294 37.87 -26.22 -57.55
CA ASN B 294 37.69 -26.19 -56.10
C ASN B 294 39.01 -26.10 -55.36
N PHE B 295 40.07 -26.68 -55.92
CA PHE B 295 41.42 -26.49 -55.37
C PHE B 295 41.74 -25.01 -55.25
N ALA B 296 41.42 -24.22 -56.28
CA ALA B 296 41.67 -22.79 -56.24
C ALA B 296 40.79 -22.09 -55.22
N LYS B 297 39.57 -22.60 -54.99
CA LYS B 297 38.66 -21.97 -54.06
C LYS B 297 39.06 -22.18 -52.62
N ILE B 298 39.63 -23.35 -52.32
CA ILE B 298 40.15 -23.61 -50.99
C ILE B 298 41.36 -22.74 -50.72
N GLU B 299 42.29 -22.69 -51.68
CA GLU B 299 43.47 -21.85 -51.53
C GLU B 299 43.10 -20.38 -51.36
N GLU B 300 42.02 -19.93 -52.00
CA GLU B 300 41.65 -18.52 -51.94
C GLU B 300 40.97 -18.17 -50.62
N VAL B 301 40.14 -19.08 -50.09
CA VAL B 301 39.47 -18.78 -48.83
C VAL B 301 40.43 -18.89 -47.66
N MET B 302 41.44 -19.77 -47.76
CA MET B 302 42.38 -19.94 -46.66
C MET B 302 43.19 -18.67 -46.40
N LYS B 303 43.46 -17.90 -47.46
CA LYS B 303 44.34 -16.74 -47.34
C LYS B 303 43.78 -15.67 -46.43
N LYS B 304 42.46 -15.61 -46.25
CA LYS B 304 41.84 -14.65 -45.36
C LYS B 304 41.89 -15.07 -43.90
N TYR B 305 42.47 -16.23 -43.60
CA TYR B 305 42.60 -16.72 -42.24
C TYR B 305 44.06 -16.93 -41.90
N LYS B 306 44.36 -16.86 -40.61
CA LYS B 306 45.72 -17.04 -40.10
C LYS B 306 45.79 -18.46 -39.56
N ILE B 307 46.54 -19.31 -40.25
CA ILE B 307 46.57 -20.74 -39.97
C ILE B 307 47.70 -20.99 -38.98
N LYS B 308 47.35 -21.54 -37.80
CA LYS B 308 48.34 -21.80 -36.78
C LYS B 308 49.13 -23.05 -37.17
N GLY B 309 50.44 -23.00 -36.96
CA GLY B 309 51.33 -24.09 -37.28
C GLY B 309 51.55 -25.08 -36.16
N PHE B 310 52.74 -25.70 -36.17
CA PHE B 310 53.13 -26.68 -35.15
C PHE B 310 53.81 -26.01 -33.96
N LYS C 15 -30.06 57.33 13.61
CA LYS C 15 -29.74 56.55 12.41
C LYS C 15 -30.88 55.61 12.03
N ASN C 16 -31.69 56.04 11.07
CA ASN C 16 -32.86 55.28 10.65
C ASN C 16 -32.39 54.08 9.82
N ILE C 17 -32.96 52.92 10.09
CA ILE C 17 -32.45 51.66 9.56
C ILE C 17 -33.58 50.87 8.93
N ILE C 18 -33.21 49.96 8.03
CA ILE C 18 -34.10 48.99 7.43
C ILE C 18 -33.42 47.63 7.55
N ILE C 19 -33.95 46.77 8.42
CA ILE C 19 -33.34 45.47 8.68
C ILE C 19 -34.39 44.38 8.62
N GLY C 20 -34.02 43.17 9.02
CA GLY C 20 -34.92 42.04 9.02
C GLY C 20 -34.80 41.19 7.76
N ALA C 21 -35.83 40.37 7.56
CA ALA C 21 -35.88 39.47 6.41
C ALA C 21 -36.39 40.24 5.21
N MET C 22 -35.55 40.35 4.18
CA MET C 22 -35.88 41.10 2.98
C MET C 22 -35.71 40.23 1.74
N THR C 23 -36.42 40.60 0.69
CA THR C 23 -36.48 39.81 -0.54
C THR C 23 -35.98 40.65 -1.71
N ALA C 24 -34.99 40.12 -2.44
CA ALA C 24 -34.57 40.69 -3.71
C ALA C 24 -35.54 40.19 -4.76
N LEU C 25 -36.51 41.02 -5.12
CA LEU C 25 -37.65 40.58 -5.92
C LEU C 25 -37.23 40.22 -7.33
N ILE C 26 -37.73 39.08 -7.82
CA ILE C 26 -37.61 38.79 -9.24
C ILE C 26 -38.58 39.69 -10.00
N THR C 27 -38.24 39.99 -11.25
CA THR C 27 -39.11 40.80 -12.09
C THR C 27 -39.73 39.91 -13.16
N PRO C 28 -40.99 39.51 -13.01
CA PRO C 28 -41.59 38.62 -14.01
C PRO C 28 -41.84 39.38 -15.31
N PHE C 29 -41.63 38.69 -16.43
CA PHE C 29 -41.84 39.25 -17.75
C PHE C 29 -43.00 38.57 -18.45
N LYS C 30 -43.74 39.33 -19.25
CA LYS C 30 -44.83 38.80 -20.08
C LYS C 30 -44.83 39.48 -21.44
N ASN C 31 -44.61 38.66 -22.48
CA ASN C 31 -44.43 39.07 -23.88
C ASN C 31 -43.45 40.23 -23.96
N GLY C 32 -42.31 40.10 -23.32
CA GLY C 32 -41.30 41.14 -23.43
C GLY C 32 -41.41 42.36 -22.58
N LYS C 33 -42.57 42.63 -22.00
CA LYS C 33 -42.70 43.81 -21.16
C LYS C 33 -42.78 43.40 -19.72
N VAL C 34 -42.54 44.32 -18.82
CA VAL C 34 -42.64 44.03 -17.43
C VAL C 34 -44.07 43.69 -17.09
N ASP C 35 -44.30 42.55 -16.51
CA ASP C 35 -45.68 42.22 -16.13
C ASP C 35 -45.93 42.77 -14.74
N GLU C 36 -46.45 43.97 -14.68
CA GLU C 36 -46.67 44.66 -13.43
C GLU C 36 -47.73 44.15 -12.54
N GLN C 37 -48.62 43.32 -13.03
CA GLN C 37 -49.74 42.83 -12.24
C GLN C 37 -49.38 41.64 -11.43
N SER C 38 -48.60 40.77 -12.02
CA SER C 38 -48.15 39.63 -11.24
C SER C 38 -47.04 40.06 -10.30
N TYR C 39 -46.31 41.13 -10.66
CA TYR C 39 -45.33 41.71 -9.76
C TYR C 39 -46.00 42.13 -8.46
N ALA C 40 -47.17 42.79 -8.57
CA ALA C 40 -47.88 43.23 -7.37
C ALA C 40 -48.43 42.06 -6.57
N ARG C 41 -48.85 40.97 -7.24
CA ARG C 41 -49.37 39.83 -6.50
C ARG C 41 -48.27 38.97 -5.89
N LEU C 42 -47.04 39.06 -6.40
CA LEU C 42 -45.93 38.39 -5.74
C LEU C 42 -45.39 39.20 -4.58
N ILE C 43 -45.58 40.52 -4.61
CA ILE C 43 -45.23 41.33 -3.45
C ILE C 43 -46.23 41.09 -2.33
N LYS C 44 -47.48 40.75 -2.67
CA LYS C 44 -48.47 40.43 -1.65
C LYS C 44 -48.28 39.03 -1.09
N ARG C 45 -47.59 38.16 -1.84
CA ARG C 45 -47.21 36.86 -1.30
C ARG C 45 -46.09 37.00 -0.27
N GLN C 46 -45.17 37.95 -0.50
CA GLN C 46 -44.10 38.17 0.46
C GLN C 46 -44.60 38.80 1.74
N ILE C 47 -45.51 39.79 1.64
CA ILE C 47 -46.02 40.47 2.83
C ILE C 47 -46.70 39.48 3.77
N GLU C 48 -47.55 38.61 3.22
CA GLU C 48 -48.35 37.70 4.01
C GLU C 48 -47.59 36.47 4.47
N ASN C 49 -46.27 36.43 4.28
CA ASN C 49 -45.44 35.30 4.72
C ASN C 49 -44.29 35.76 5.62
N GLY C 50 -44.50 36.87 6.34
CA GLY C 50 -43.57 37.29 7.36
C GLY C 50 -42.37 38.10 6.90
N ILE C 51 -42.32 38.47 5.62
CA ILE C 51 -41.19 39.25 5.11
C ILE C 51 -41.27 40.68 5.64
N ASP C 52 -40.11 41.24 6.01
CA ASP C 52 -40.07 42.56 6.63
C ASP C 52 -39.87 43.69 5.62
N ALA C 53 -39.26 43.41 4.48
CA ALA C 53 -39.03 44.43 3.45
C ALA C 53 -38.80 43.74 2.12
N VAL C 54 -39.06 44.47 1.04
CA VAL C 54 -38.86 43.96 -0.31
C VAL C 54 -37.89 44.85 -1.04
N VAL C 55 -37.05 44.25 -1.87
CA VAL C 55 -36.02 44.96 -2.64
C VAL C 55 -36.37 44.90 -4.11
N PRO C 56 -37.02 45.92 -4.67
CA PRO C 56 -37.30 45.93 -6.11
C PRO C 56 -36.07 46.29 -6.93
N VAL C 57 -35.94 45.61 -8.07
CA VAL C 57 -34.92 45.89 -9.07
C VAL C 57 -33.52 45.88 -8.46
N GLY C 58 -33.15 44.76 -7.86
CA GLY C 58 -31.77 44.47 -7.52
C GLY C 58 -31.10 43.71 -8.63
N THR C 59 -30.04 42.99 -8.27
CA THR C 59 -29.44 42.06 -9.24
C THR C 59 -30.44 40.96 -9.60
N THR C 60 -31.20 40.48 -8.61
CA THR C 60 -32.23 39.47 -8.88
C THR C 60 -33.37 40.06 -9.71
N GLY C 61 -33.59 41.37 -9.63
CA GLY C 61 -34.61 42.01 -10.43
C GLY C 61 -34.18 42.40 -11.83
N GLU C 62 -33.00 41.96 -12.26
CA GLU C 62 -32.48 42.24 -13.61
C GLU C 62 -32.42 43.75 -13.86
N SER C 63 -31.82 44.47 -12.91
CA SER C 63 -31.63 45.92 -13.05
C SER C 63 -30.89 46.31 -14.33
N ALA C 64 -30.19 45.38 -14.96
CA ALA C 64 -29.31 45.75 -16.08
C ALA C 64 -30.09 45.80 -17.40
N THR C 65 -31.14 45.00 -17.52
CA THR C 65 -31.90 44.88 -18.76
C THR C 65 -33.21 45.65 -18.71
N LEU C 66 -33.55 46.23 -17.56
CA LEU C 66 -34.74 47.07 -17.48
C LEU C 66 -34.41 48.46 -17.95
N THR C 67 -35.35 49.07 -18.67
CA THR C 67 -35.20 50.47 -19.03
C THR C 67 -35.32 51.34 -17.79
N HIS C 68 -34.91 52.61 -17.93
CA HIS C 68 -35.02 53.53 -16.80
C HIS C 68 -36.47 53.75 -16.41
N GLU C 69 -37.41 53.56 -17.35
CA GLU C 69 -38.82 53.70 -17.02
C GLU C 69 -39.34 52.51 -16.22
N GLU C 70 -38.89 51.31 -16.57
CA GLU C 70 -39.31 50.13 -15.83
C GLU C 70 -38.66 50.09 -14.45
N HIS C 71 -37.39 50.50 -14.36
CA HIS C 71 -36.78 50.72 -13.06
C HIS C 71 -37.65 51.62 -12.18
N ARG C 72 -38.23 52.67 -12.75
CA ARG C 72 -39.06 53.56 -11.95
C ARG C 72 -40.42 52.93 -11.63
N THR C 73 -40.99 52.19 -12.58
CA THR C 73 -42.34 51.64 -12.39
C THR C 73 -42.39 50.54 -11.34
N CYS C 74 -41.32 49.76 -11.16
CA CYS C 74 -41.38 48.68 -10.19
C CYS C 74 -41.02 49.13 -8.78
N ILE C 75 -40.45 50.32 -8.63
CA ILE C 75 -40.41 50.95 -7.31
C ILE C 75 -41.79 51.48 -6.94
N GLU C 76 -42.50 52.03 -7.93
CA GLU C 76 -43.85 52.55 -7.67
C GLU C 76 -44.81 51.43 -7.29
N ILE C 77 -44.78 50.32 -8.04
CA ILE C 77 -45.66 49.18 -7.73
C ILE C 77 -45.33 48.63 -6.36
N ALA C 78 -44.04 48.56 -6.01
CA ALA C 78 -43.67 48.10 -4.69
C ALA C 78 -44.23 49.02 -3.62
N VAL C 79 -44.23 50.34 -3.88
CA VAL C 79 -44.75 51.28 -2.89
C VAL C 79 -46.26 51.11 -2.73
N GLU C 80 -47.00 50.87 -3.82
CA GLU C 80 -48.42 50.60 -3.61
C GLU C 80 -48.67 49.33 -2.82
N THR C 81 -47.96 48.25 -3.14
CA THR C 81 -48.30 46.98 -2.52
C THR C 81 -47.95 46.97 -1.03
N CYS C 82 -47.04 47.83 -0.58
CA CYS C 82 -46.71 47.95 0.84
C CYS C 82 -47.26 49.22 1.48
N LYS C 83 -48.22 49.89 0.84
CA LYS C 83 -48.87 51.02 1.50
C LYS C 83 -49.92 50.50 2.47
N GLY C 84 -49.86 50.98 3.71
CA GLY C 84 -50.73 50.49 4.75
C GLY C 84 -50.28 49.23 5.43
N THR C 85 -49.07 48.79 5.11
CA THR C 85 -48.53 47.59 5.70
C THR C 85 -47.21 47.88 6.40
N LYS C 86 -46.71 46.92 7.12
CA LYS C 86 -45.45 47.10 7.84
C LYS C 86 -44.18 46.89 6.98
N VAL C 87 -44.31 46.14 5.91
CA VAL C 87 -43.22 45.94 4.95
C VAL C 87 -42.77 47.27 4.35
N LYS C 88 -41.48 47.51 4.46
CA LYS C 88 -40.78 48.66 3.92
C LYS C 88 -40.29 48.32 2.52
N VAL C 89 -39.93 49.36 1.77
CA VAL C 89 -39.40 49.20 0.42
C VAL C 89 -37.98 49.74 0.40
N LEU C 90 -37.01 48.85 0.22
CA LEU C 90 -35.60 49.23 0.06
C LEU C 90 -35.31 49.14 -1.43
N ALA C 91 -35.43 50.27 -2.12
CA ALA C 91 -35.39 50.28 -3.57
C ALA C 91 -33.96 50.16 -4.08
N GLY C 92 -33.79 49.32 -5.11
CA GLY C 92 -32.50 49.23 -5.78
C GLY C 92 -32.22 50.48 -6.58
N ALA C 93 -31.12 51.17 -6.26
CA ALA C 93 -30.80 52.43 -6.93
C ALA C 93 -29.33 52.52 -7.33
N GLY C 94 -28.64 51.40 -7.49
CA GLY C 94 -27.24 51.43 -7.81
C GLY C 94 -26.98 51.61 -9.29
N SER C 95 -25.78 52.12 -9.60
CA SER C 95 -25.33 52.26 -10.97
C SER C 95 -23.83 52.49 -10.98
N ASN C 96 -23.21 52.18 -12.11
CA ASN C 96 -21.78 52.41 -12.28
C ASN C 96 -21.46 53.85 -12.66
N ALA C 97 -22.47 54.67 -12.88
CA ALA C 97 -22.31 56.10 -13.13
C ALA C 97 -22.95 56.86 -11.99
N THR C 98 -22.18 57.76 -11.36
CA THR C 98 -22.68 58.45 -10.17
C THR C 98 -23.89 59.32 -10.49
N HIS C 99 -23.87 60.01 -11.64
CA HIS C 99 -25.04 60.81 -12.03
C HIS C 99 -26.26 59.94 -12.26
N GLU C 100 -26.04 58.68 -12.67
CA GLU C 100 -27.15 57.74 -12.80
C GLU C 100 -27.62 57.24 -11.44
N ALA C 101 -26.68 57.03 -10.51
CA ALA C 101 -27.04 56.55 -9.19
C ALA C 101 -27.77 57.63 -8.38
N VAL C 102 -27.35 58.89 -8.53
CA VAL C 102 -28.03 59.99 -7.83
C VAL C 102 -29.44 60.16 -8.35
N GLY C 103 -29.63 59.97 -9.66
CA GLY C 103 -30.97 60.07 -10.22
C GLY C 103 -31.93 59.05 -9.63
N LEU C 104 -31.49 57.79 -9.56
CA LEU C 104 -32.34 56.74 -8.99
C LEU C 104 -32.57 56.98 -7.50
N ALA C 105 -31.57 57.50 -6.80
CA ALA C 105 -31.75 57.79 -5.38
C ALA C 105 -32.78 58.88 -5.16
N LYS C 106 -32.74 59.94 -5.98
CA LYS C 106 -33.70 61.04 -5.81
C LYS C 106 -35.11 60.62 -6.20
N PHE C 107 -35.25 59.74 -7.20
CA PHE C 107 -36.58 59.25 -7.55
C PHE C 107 -37.19 58.44 -6.42
N ALA C 108 -36.38 57.62 -5.75
CA ALA C 108 -36.90 56.74 -4.71
C ALA C 108 -37.40 57.55 -3.52
N LYS C 109 -36.67 58.60 -3.12
CA LYS C 109 -37.13 59.44 -2.02
C LYS C 109 -38.43 60.15 -2.39
N GLU C 110 -38.46 60.80 -3.56
CA GLU C 110 -39.61 61.57 -3.97
C GLU C 110 -40.84 60.72 -4.27
N HIS C 111 -40.69 59.38 -4.33
CA HIS C 111 -41.80 58.50 -4.68
C HIS C 111 -42.14 57.52 -3.57
N GLY C 112 -41.68 57.77 -2.35
CA GLY C 112 -42.17 57.06 -1.19
C GLY C 112 -41.35 55.87 -0.73
N ALA C 113 -40.13 55.68 -1.24
CA ALA C 113 -39.30 54.59 -0.76
C ALA C 113 -38.77 54.91 0.63
N ASP C 114 -38.63 53.85 1.44
CA ASP C 114 -38.10 54.01 2.80
C ASP C 114 -36.58 54.07 2.82
N GLY C 115 -35.94 53.62 1.75
CA GLY C 115 -34.48 53.66 1.66
C GLY C 115 -34.08 53.16 0.30
N ILE C 116 -32.76 53.13 0.07
CA ILE C 116 -32.22 52.69 -1.21
C ILE C 116 -31.08 51.72 -0.98
N LEU C 117 -31.00 50.71 -1.85
CA LEU C 117 -29.82 49.88 -2.00
C LEU C 117 -29.02 50.40 -3.19
N SER C 118 -27.70 50.43 -3.04
CA SER C 118 -26.81 50.98 -4.06
C SER C 118 -25.67 50.00 -4.28
N VAL C 119 -25.66 49.37 -5.47
CA VAL C 119 -24.63 48.39 -5.77
C VAL C 119 -23.31 49.10 -6.04
N ALA C 120 -22.23 48.42 -5.69
CA ALA C 120 -20.91 48.95 -6.02
C ALA C 120 -20.79 49.12 -7.53
N PRO C 121 -20.23 50.22 -8.01
CA PRO C 121 -20.08 50.43 -9.45
C PRO C 121 -19.40 49.24 -10.13
N TYR C 122 -20.05 48.73 -11.16
CA TYR C 122 -19.56 47.59 -11.92
C TYR C 122 -18.81 48.06 -13.16
N TYR C 123 -17.94 47.19 -13.67
CA TYR C 123 -17.27 47.34 -14.96
C TYR C 123 -16.17 48.40 -14.97
N ASN C 124 -16.49 49.59 -14.48
CA ASN C 124 -15.54 50.70 -14.48
C ASN C 124 -14.52 50.66 -13.39
N LYS C 125 -14.72 49.81 -12.41
CA LYS C 125 -13.76 49.65 -11.33
C LYS C 125 -13.19 50.94 -10.79
N PRO C 126 -13.93 51.62 -9.97
CA PRO C 126 -13.34 52.82 -9.38
C PRO C 126 -12.35 52.44 -8.31
N THR C 127 -11.43 53.36 -8.01
CA THR C 127 -10.61 53.11 -6.83
C THR C 127 -11.48 53.35 -5.60
N GLN C 128 -10.97 52.95 -4.44
CA GLN C 128 -11.73 53.15 -3.21
C GLN C 128 -11.98 54.64 -2.94
N GLN C 129 -11.05 55.50 -3.32
CA GLN C 129 -11.30 56.94 -3.24
C GLN C 129 -12.47 57.32 -4.13
N GLY C 130 -12.57 56.69 -5.30
CA GLY C 130 -13.72 56.92 -6.16
C GLY C 130 -15.01 56.39 -5.57
N LEU C 131 -14.95 55.21 -4.94
CA LEU C 131 -16.14 54.66 -4.29
C LEU C 131 -16.62 55.55 -3.15
N TYR C 132 -15.69 56.12 -2.39
CA TYR C 132 -16.06 57.05 -1.32
C TYR C 132 -16.82 58.25 -1.88
N GLU C 133 -16.25 58.90 -2.89
CA GLU C 133 -16.90 60.06 -3.49
C GLU C 133 -18.20 59.68 -4.19
N HIS C 134 -18.23 58.48 -4.79
CA HIS C 134 -19.45 57.99 -5.43
C HIS C 134 -20.59 57.90 -4.43
N TYR C 135 -20.33 57.25 -3.28
CA TYR C 135 -21.39 57.06 -2.30
C TYR C 135 -21.70 58.35 -1.53
N LYS C 136 -20.69 59.20 -1.31
CA LYS C 136 -20.95 60.47 -0.65
C LYS C 136 -21.86 61.36 -1.48
N ALA C 137 -21.72 61.32 -2.81
CA ALA C 137 -22.62 62.08 -3.67
C ALA C 137 -24.05 61.55 -3.57
N ILE C 138 -24.21 60.23 -3.48
CA ILE C 138 -25.53 59.64 -3.30
C ILE C 138 -26.07 59.94 -1.91
N ALA C 139 -25.24 59.82 -0.88
CA ALA C 139 -25.72 59.98 0.50
C ALA C 139 -26.17 61.40 0.78
N GLN C 140 -25.46 62.40 0.25
CA GLN C 140 -25.86 63.79 0.44
C GLN C 140 -27.00 64.18 -0.47
N SER C 141 -27.33 63.33 -1.45
CA SER C 141 -28.43 63.58 -2.36
C SER C 141 -29.79 63.37 -1.72
N VAL C 142 -29.88 62.51 -0.70
CA VAL C 142 -31.16 62.12 -0.12
C VAL C 142 -31.07 62.24 1.40
N ASP C 143 -32.23 62.09 2.05
CA ASP C 143 -32.32 62.06 3.50
C ASP C 143 -32.94 60.74 3.97
N ILE C 144 -32.89 59.71 3.14
CA ILE C 144 -33.41 58.38 3.49
C ILE C 144 -32.23 57.44 3.69
N PRO C 145 -32.39 56.35 4.42
CA PRO C 145 -31.26 55.44 4.65
C PRO C 145 -30.69 54.89 3.36
N VAL C 146 -29.37 54.69 3.35
CA VAL C 146 -28.64 54.16 2.20
C VAL C 146 -27.87 52.94 2.67
N LEU C 147 -28.09 51.81 2.01
CA LEU C 147 -27.41 50.56 2.31
C LEU C 147 -26.44 50.25 1.18
N LEU C 148 -25.15 50.18 1.50
CA LEU C 148 -24.16 49.84 0.50
C LEU C 148 -24.37 48.40 0.01
N TYR C 149 -23.77 48.10 -1.13
CA TYR C 149 -23.95 46.79 -1.76
C TYR C 149 -22.63 46.37 -2.39
N ASN C 150 -22.00 45.36 -1.81
CA ASN C 150 -20.69 44.88 -2.22
C ASN C 150 -20.83 43.44 -2.72
N VAL C 151 -20.61 43.24 -4.01
CA VAL C 151 -20.59 41.91 -4.62
C VAL C 151 -19.49 41.93 -5.68
N PRO C 152 -18.23 41.69 -5.28
CA PRO C 152 -17.12 41.86 -6.24
C PRO C 152 -17.15 40.84 -7.37
N GLY C 153 -17.75 39.67 -7.17
CA GLY C 153 -17.84 38.70 -8.24
C GLY C 153 -18.61 39.17 -9.45
N ARG C 154 -19.47 40.18 -9.28
CA ARG C 154 -20.25 40.73 -10.37
C ARG C 154 -19.78 42.11 -10.80
N THR C 155 -19.21 42.90 -9.90
CA THR C 155 -18.81 44.27 -10.22
C THR C 155 -17.36 44.37 -10.66
N GLY C 156 -16.50 43.45 -10.22
CA GLY C 156 -15.08 43.55 -10.49
C GLY C 156 -14.32 44.43 -9.52
N CYS C 157 -14.99 44.99 -8.53
CA CYS C 157 -14.35 45.83 -7.52
C CYS C 157 -14.90 45.45 -6.16
N GLU C 158 -14.13 45.79 -5.12
CA GLU C 158 -14.52 45.48 -3.75
C GLU C 158 -14.49 46.75 -2.92
N ILE C 159 -15.55 46.96 -2.14
CA ILE C 159 -15.58 48.05 -1.16
C ILE C 159 -14.84 47.56 0.08
N SER C 160 -13.62 48.05 0.28
CA SER C 160 -12.82 47.66 1.43
C SER C 160 -13.55 47.99 2.74
N THR C 161 -13.19 47.25 3.80
CA THR C 161 -13.74 47.53 5.11
C THR C 161 -13.50 48.97 5.54
N ASP C 162 -12.31 49.50 5.24
CA ASP C 162 -11.99 50.87 5.65
C ASP C 162 -12.90 51.89 4.96
N THR C 163 -13.18 51.68 3.68
CA THR C 163 -14.06 52.60 2.96
C THR C 163 -15.50 52.48 3.46
N ILE C 164 -15.95 51.26 3.71
CA ILE C 164 -17.30 51.05 4.26
C ILE C 164 -17.43 51.76 5.60
N ILE C 165 -16.44 51.56 6.48
CA ILE C 165 -16.48 52.19 7.80
C ILE C 165 -16.40 53.71 7.67
N LYS C 166 -15.57 54.21 6.75
CA LYS C 166 -15.46 55.64 6.55
C LYS C 166 -16.77 56.25 6.08
N LEU C 167 -17.47 55.58 5.16
CA LEU C 167 -18.75 56.10 4.68
C LEU C 167 -19.81 56.05 5.76
N PHE C 168 -19.78 55.02 6.61
CA PHE C 168 -20.77 54.91 7.69
C PHE C 168 -20.60 56.05 8.69
N ARG C 169 -19.36 56.44 9.00
CA ARG C 169 -19.11 57.43 10.03
C ARG C 169 -19.22 58.87 9.52
N ASP C 170 -19.06 59.09 8.22
CA ASP C 170 -19.01 60.45 7.68
C ASP C 170 -20.32 60.91 7.05
N CYS C 171 -21.20 60.00 6.69
CA CYS C 171 -22.50 60.32 6.09
C CYS C 171 -23.60 59.71 6.96
N GLU C 172 -24.61 60.52 7.27
CA GLU C 172 -25.54 60.17 8.35
C GLU C 172 -26.60 59.16 7.92
N ASN C 173 -26.89 59.05 6.63
CA ASN C 173 -27.87 58.09 6.16
C ASN C 173 -27.28 56.77 5.68
N ILE C 174 -25.97 56.64 5.62
CA ILE C 174 -25.34 55.35 5.29
C ILE C 174 -25.27 54.52 6.57
N TYR C 175 -26.00 53.42 6.61
CA TYR C 175 -26.19 52.67 7.85
C TYR C 175 -25.74 51.22 7.82
N GLY C 176 -25.28 50.70 6.68
CA GLY C 176 -24.82 49.32 6.68
C GLY C 176 -24.44 48.85 5.28
N VAL C 177 -24.33 47.52 5.15
CA VAL C 177 -23.89 46.90 3.90
C VAL C 177 -24.41 45.47 3.70
N KPI C 178 -24.66 45.12 2.43
CA KPI C 178 -24.88 43.76 1.97
CB KPI C 178 -26.35 43.34 1.65
CG KPI C 178 -26.80 43.42 0.19
CD KPI C 178 -27.38 42.12 -0.32
CE KPI C 178 -28.17 42.25 -1.62
NZ KPI C 178 -28.49 41.00 -2.28
CX1 KPI C 178 -28.57 40.74 -3.55
C1 KPI C 178 -28.39 39.42 -4.24
CX2 KPI C 178 -29.50 41.57 -4.39
O1 KPI C 178 -30.17 40.87 -5.34
O2 KPI C 178 -29.73 42.78 -4.32
C KPI C 178 -24.01 43.79 0.72
O KPI C 178 -24.29 44.65 -0.08
N GLU C 179 -22.93 43.03 0.50
CA GLU C 179 -22.23 41.97 1.25
C GLU C 179 -22.74 40.61 0.83
N ALA C 180 -22.25 40.24 -0.35
CA ALA C 180 -22.45 38.94 -1.00
C ALA C 180 -21.08 38.48 -1.49
N SER C 181 -20.15 38.37 -0.55
CA SER C 181 -18.75 38.12 -0.84
C SER C 181 -18.31 36.70 -0.52
N GLY C 182 -19.10 35.95 0.25
CA GLY C 182 -18.64 34.66 0.74
C GLY C 182 -17.37 34.77 1.56
N ASN C 183 -17.25 35.84 2.32
CA ASN C 183 -16.05 36.16 3.09
C ASN C 183 -16.50 36.52 4.50
N ILE C 184 -16.68 35.49 5.33
CA ILE C 184 -17.10 35.73 6.72
C ILE C 184 -16.02 36.45 7.49
N ASP C 185 -14.77 36.34 7.04
CA ASP C 185 -13.68 37.10 7.65
C ASP C 185 -13.94 38.59 7.54
N LYS C 186 -14.43 39.06 6.38
CA LYS C 186 -14.75 40.47 6.22
C LYS C 186 -15.91 40.87 7.12
N CYS C 187 -16.78 39.92 7.46
CA CYS C 187 -17.92 40.24 8.31
C CYS C 187 -17.55 40.26 9.78
N VAL C 188 -16.46 39.59 10.17
CA VAL C 188 -15.90 39.82 11.49
C VAL C 188 -15.17 41.16 11.52
N ASP C 189 -14.42 41.48 10.45
CA ASP C 189 -13.74 42.77 10.37
C ASP C 189 -14.70 43.94 10.53
N LEU C 190 -15.81 43.91 9.79
CA LEU C 190 -16.74 45.03 9.80
C LEU C 190 -17.30 45.28 11.20
N LEU C 191 -17.82 44.23 11.83
CA LEU C 191 -18.51 44.38 13.10
C LEU C 191 -17.57 44.42 14.31
N ALA C 192 -16.31 44.03 14.16
CA ALA C 192 -15.36 44.20 15.27
C ALA C 192 -14.87 45.63 15.38
N HIS C 193 -14.73 46.32 14.26
CA HIS C 193 -14.25 47.70 14.26
C HIS C 193 -15.38 48.72 14.22
N GLU C 194 -16.56 48.35 13.75
CA GLU C 194 -17.72 49.26 13.70
C GLU C 194 -18.98 48.48 14.06
N PRO C 195 -19.23 48.28 15.35
CA PRO C 195 -20.38 47.45 15.77
C PRO C 195 -21.73 48.14 15.61
N ARG C 196 -21.77 49.43 15.30
CA ARG C 196 -23.03 50.15 15.13
C ARG C 196 -23.59 50.02 13.73
N MET C 197 -22.91 49.27 12.84
CA MET C 197 -23.33 49.13 11.46
C MET C 197 -24.28 47.95 11.31
N MET C 198 -25.17 48.04 10.31
CA MET C 198 -26.15 47.00 10.02
C MET C 198 -25.60 46.12 8.90
N LEU C 199 -25.06 44.97 9.27
CA LEU C 199 -24.53 44.03 8.30
C LEU C 199 -25.66 43.15 7.75
N ILE C 200 -25.85 43.19 6.43
CA ILE C 200 -26.93 42.45 5.78
C ILE C 200 -26.30 41.37 4.90
N SER C 201 -26.77 40.14 5.05
CA SER C 201 -26.27 39.03 4.26
C SER C 201 -26.88 39.07 2.85
N GLY C 202 -26.03 38.93 1.83
CA GLY C 202 -26.50 38.86 0.47
C GLY C 202 -26.22 37.50 -0.14
N GLU C 203 -26.14 36.48 0.71
CA GLU C 203 -25.79 35.13 0.28
C GLU C 203 -26.58 34.16 1.15
N ASP C 204 -27.59 33.52 0.55
CA ASP C 204 -28.58 32.78 1.33
C ASP C 204 -27.97 31.60 2.08
N ALA C 205 -26.93 30.98 1.51
CA ALA C 205 -26.36 29.78 2.14
C ALA C 205 -25.76 30.09 3.50
N ILE C 206 -25.27 31.30 3.70
CA ILE C 206 -24.59 31.65 4.95
C ILE C 206 -25.38 32.72 5.69
N ASN C 207 -26.70 32.69 5.55
CA ASN C 207 -27.56 33.65 6.26
C ASN C 207 -27.33 33.58 7.76
N TYR C 208 -27.44 32.38 8.34
CA TYR C 208 -27.30 32.24 9.79
C TYR C 208 -25.90 32.63 10.30
N PRO C 209 -24.80 32.17 9.68
CA PRO C 209 -23.48 32.60 10.19
C PRO C 209 -23.28 34.10 10.21
N ILE C 210 -23.83 34.83 9.23
CA ILE C 210 -23.67 36.27 9.21
C ILE C 210 -24.50 36.93 10.31
N LEU C 211 -25.72 36.43 10.53
CA LEU C 211 -26.54 36.97 11.61
C LEU C 211 -25.94 36.65 12.96
N SER C 212 -25.35 35.46 13.11
CA SER C 212 -24.78 35.04 14.38
C SER C 212 -23.59 35.89 14.82
N ASN C 213 -22.95 36.61 13.91
CA ASN C 213 -21.83 37.47 14.24
C ASN C 213 -22.26 38.93 14.43
N GLY C 214 -23.56 39.20 14.43
CA GLY C 214 -24.06 40.55 14.62
C GLY C 214 -24.71 41.15 13.41
N GLY C 215 -24.89 40.39 12.36
CA GLY C 215 -25.59 40.87 11.20
C GLY C 215 -27.03 41.04 11.62
N LYS C 216 -27.70 42.01 11.05
CA LYS C 216 -29.07 42.29 11.45
C LYS C 216 -30.15 42.11 10.42
N GLY C 217 -29.91 41.42 9.32
CA GLY C 217 -30.92 41.19 8.31
C GLY C 217 -30.33 40.51 7.12
N VAL C 218 -31.21 40.10 6.21
CA VAL C 218 -30.81 39.46 4.97
C VAL C 218 -31.59 40.08 3.83
N ILE C 219 -30.94 40.16 2.67
CA ILE C 219 -31.61 40.47 1.42
C ILE C 219 -31.48 39.21 0.58
N SER C 220 -32.55 38.43 0.50
CA SER C 220 -32.46 37.04 0.12
C SER C 220 -32.93 36.81 -1.31
N VAL C 221 -32.37 35.79 -1.93
CA VAL C 221 -32.87 35.29 -3.21
C VAL C 221 -33.86 34.15 -3.00
N THR C 222 -33.54 33.23 -2.09
CA THR C 222 -34.41 32.09 -1.82
C THR C 222 -35.80 32.52 -1.35
N SER C 223 -35.89 33.68 -0.68
CA SER C 223 -37.17 34.12 -0.11
C SER C 223 -38.25 34.33 -1.17
N ASN C 224 -37.88 34.52 -2.44
CA ASN C 224 -38.89 34.56 -3.50
C ASN C 224 -39.71 33.27 -3.53
N LEU C 225 -39.05 32.13 -3.30
CA LEU C 225 -39.71 30.82 -3.36
C LEU C 225 -40.25 30.39 -2.00
N LEU C 226 -39.47 30.54 -0.94
CA LEU C 226 -39.84 30.12 0.41
C LEU C 226 -39.78 31.31 1.35
N PRO C 227 -40.73 32.26 1.23
CA PRO C 227 -40.66 33.46 2.08
C PRO C 227 -40.88 33.17 3.55
N ASP C 228 -41.72 32.18 3.90
CA ASP C 228 -41.97 31.88 5.30
C ASP C 228 -40.73 31.33 5.99
N MET C 229 -39.97 30.48 5.30
CA MET C 229 -38.80 29.87 5.90
C MET C 229 -37.69 30.88 6.15
N ILE C 230 -37.44 31.77 5.19
CA ILE C 230 -36.38 32.76 5.37
C ILE C 230 -36.73 33.76 6.47
N SER C 231 -38.00 34.18 6.52
CA SER C 231 -38.41 35.12 7.57
C SER C 231 -38.33 34.48 8.95
N ALA C 232 -38.71 33.20 9.06
CA ALA C 232 -38.58 32.50 10.33
C ALA C 232 -37.12 32.41 10.76
N LEU C 233 -36.22 32.14 9.80
CA LEU C 233 -34.80 32.06 10.10
C LEU C 233 -34.28 33.38 10.67
N THR C 234 -34.57 34.49 9.98
CA THR C 234 -34.05 35.79 10.40
C THR C 234 -34.57 36.18 11.78
N HIS C 235 -35.86 35.99 12.04
CA HIS C 235 -36.43 36.43 13.31
C HIS C 235 -35.96 35.55 14.45
N PHE C 236 -35.82 34.24 14.22
CA PHE C 236 -35.20 33.37 15.21
C PHE C 236 -33.81 33.87 15.58
N ALA C 237 -33.02 34.24 14.57
CA ALA C 237 -31.67 34.72 14.83
C ALA C 237 -31.70 36.08 15.54
N LEU C 238 -32.61 36.96 15.15
CA LEU C 238 -32.70 38.27 15.80
C LEU C 238 -33.17 38.14 17.24
N ASP C 239 -33.96 37.11 17.54
CA ASP C 239 -34.32 36.78 18.92
C ASP C 239 -33.27 35.92 19.60
N GLU C 240 -32.06 35.81 19.02
CA GLU C 240 -30.95 35.06 19.60
C GLU C 240 -31.31 33.60 19.84
N ASN C 241 -32.23 33.06 19.02
CA ASN C 241 -32.54 31.64 19.05
C ASN C 241 -31.74 30.98 17.92
N TYR C 242 -30.47 30.71 18.23
CA TYR C 242 -29.52 30.27 17.22
C TYR C 242 -29.65 28.79 16.89
N LYS C 243 -30.30 28.01 17.75
CA LYS C 243 -30.44 26.58 17.46
C LYS C 243 -31.58 26.31 16.49
N GLU C 244 -32.63 27.14 16.53
CA GLU C 244 -33.68 27.03 15.53
C GLU C 244 -33.33 27.78 14.25
N ALA C 245 -32.59 28.89 14.36
CA ALA C 245 -32.12 29.58 13.17
C ALA C 245 -31.18 28.71 12.36
N LYS C 246 -30.22 28.06 13.02
CA LYS C 246 -29.31 27.16 12.33
C LYS C 246 -30.04 25.94 11.79
N LYS C 247 -31.09 25.49 12.50
CA LYS C 247 -31.83 24.33 12.06
C LYS C 247 -32.53 24.61 10.73
N ILE C 248 -33.06 25.81 10.56
CA ILE C 248 -33.67 26.19 9.29
C ILE C 248 -32.59 26.43 8.24
N ASN C 249 -31.50 27.07 8.60
CA ASN C 249 -30.42 27.40 7.68
C ASN C 249 -29.76 26.20 7.04
N ASP C 250 -29.75 25.12 7.77
CA ASP C 250 -29.16 23.89 7.37
C ASP C 250 -30.11 23.18 6.45
N GLU C 251 -31.39 23.32 6.71
CA GLU C 251 -32.37 22.64 5.90
C GLU C 251 -32.53 23.30 4.55
N LEU C 252 -32.08 24.52 4.45
CA LEU C 252 -32.19 25.31 3.25
C LEU C 252 -30.94 25.35 2.44
N TYR C 253 -29.91 24.65 2.86
CA TYR C 253 -28.65 24.68 2.13
C TYR C 253 -28.79 24.12 0.72
N ASN C 254 -29.48 22.99 0.57
CA ASN C 254 -29.56 22.35 -0.75
C ASN C 254 -30.26 23.25 -1.76
N ILE C 255 -31.37 23.87 -1.36
CA ILE C 255 -32.06 24.79 -2.28
C ILE C 255 -31.27 26.09 -2.43
N ASN C 256 -30.57 26.53 -1.38
CA ASN C 256 -29.81 27.78 -1.47
C ASN C 256 -28.68 27.67 -2.49
N LYS C 257 -28.07 26.49 -2.60
CA LYS C 257 -26.94 26.32 -3.50
C LYS C 257 -27.36 25.97 -4.92
N ILE C 258 -28.46 25.23 -5.09
CA ILE C 258 -28.92 24.89 -6.43
C ILE C 258 -29.52 26.12 -7.11
N LEU C 259 -29.87 27.15 -6.34
CA LEU C 259 -30.34 28.41 -6.91
C LEU C 259 -29.19 29.23 -7.49
N PHE C 260 -27.97 28.70 -7.50
CA PHE C 260 -26.83 29.35 -8.12
C PHE C 260 -26.03 28.40 -9.00
N CYS C 261 -26.59 27.24 -9.35
CA CYS C 261 -25.96 26.37 -10.35
C CYS C 261 -25.68 27.12 -11.64
N GLU C 262 -26.53 28.08 -11.98
CA GLU C 262 -26.27 29.08 -12.99
C GLU C 262 -26.39 30.46 -12.35
N SER C 263 -26.08 31.49 -13.11
CA SER C 263 -26.01 32.83 -12.53
C SER C 263 -27.40 33.33 -12.13
N ASN C 264 -27.50 33.80 -10.90
CA ASN C 264 -28.72 34.45 -10.43
C ASN C 264 -29.05 35.63 -11.33
N PRO C 265 -30.33 35.84 -11.70
CA PRO C 265 -31.51 35.11 -11.24
C PRO C 265 -32.04 34.03 -12.20
N ILE C 266 -31.16 33.36 -12.95
CA ILE C 266 -31.60 32.35 -13.90
C ILE C 266 -32.18 31.13 -13.17
N PRO C 267 -31.50 30.57 -12.15
CA PRO C 267 -32.10 29.40 -11.48
C PRO C 267 -33.37 29.72 -10.71
N ILE C 268 -33.45 30.89 -10.05
CA ILE C 268 -34.61 31.16 -9.21
C ILE C 268 -35.86 31.36 -10.06
N LYS C 269 -35.73 32.02 -11.22
CA LYS C 269 -36.89 32.16 -12.09
C LYS C 269 -37.34 30.83 -12.64
N THR C 270 -36.39 29.90 -12.84
CA THR C 270 -36.75 28.53 -13.19
C THR C 270 -37.55 27.88 -12.06
N ALA C 271 -37.09 28.06 -10.81
CA ALA C 271 -37.81 27.49 -9.68
C ALA C 271 -39.19 28.11 -9.52
N MET C 272 -39.29 29.43 -9.68
CA MET C 272 -40.58 30.09 -9.58
C MET C 272 -41.53 29.62 -10.68
N TYR C 273 -40.99 29.37 -11.88
CA TYR C 273 -41.81 28.86 -12.96
C TYR C 273 -42.27 27.43 -12.70
N LEU C 274 -41.36 26.58 -12.21
CA LEU C 274 -41.70 25.20 -11.91
C LEU C 274 -42.75 25.10 -10.80
N ALA C 275 -42.73 26.04 -9.85
CA ALA C 275 -43.70 26.05 -8.76
C ALA C 275 -45.03 26.67 -9.15
N GLY C 276 -45.18 27.13 -10.39
CA GLY C 276 -46.43 27.76 -10.81
C GLY C 276 -46.69 29.11 -10.20
N LEU C 277 -45.66 29.78 -9.69
CA LEU C 277 -45.82 31.11 -9.12
C LEU C 277 -45.62 32.22 -10.14
N ILE C 278 -44.99 31.93 -11.28
CA ILE C 278 -44.93 32.85 -12.40
C ILE C 278 -45.35 32.08 -13.64
N GLU C 279 -45.87 32.83 -14.61
CA GLU C 279 -46.58 32.23 -15.73
C GLU C 279 -45.65 31.81 -16.87
N SER C 280 -44.56 32.55 -17.12
CA SER C 280 -43.67 32.29 -18.24
C SER C 280 -42.22 32.31 -17.78
N LEU C 281 -41.41 31.37 -18.27
CA LEU C 281 -39.97 31.38 -18.01
C LEU C 281 -39.32 32.34 -18.99
N GLU C 282 -39.54 33.63 -18.74
CA GLU C 282 -39.11 34.69 -19.62
C GLU C 282 -38.01 35.50 -18.96
N PHE C 283 -36.93 35.74 -19.70
CA PHE C 283 -35.87 36.64 -19.30
C PHE C 283 -35.73 37.75 -20.34
N ARG C 284 -34.86 38.70 -20.06
CA ARG C 284 -34.39 39.66 -21.04
C ARG C 284 -32.93 39.38 -21.31
N LEU C 285 -32.58 39.24 -22.58
CA LEU C 285 -31.22 38.93 -23.00
C LEU C 285 -30.25 39.94 -22.41
N PRO C 286 -29.01 39.53 -22.08
CA PRO C 286 -28.35 38.25 -22.35
C PRO C 286 -28.71 37.12 -21.38
N LEU C 287 -29.73 37.30 -20.54
CA LEU C 287 -30.16 36.22 -19.66
C LEU C 287 -31.05 35.25 -20.43
N CYS C 288 -30.86 33.96 -20.18
CA CYS C 288 -31.52 32.91 -20.94
C CYS C 288 -31.98 31.80 -20.01
N SER C 289 -32.73 30.86 -20.57
CA SER C 289 -33.15 29.69 -19.83
C SER C 289 -31.95 28.80 -19.54
N PRO C 290 -32.00 28.04 -18.44
CA PRO C 290 -30.85 27.21 -18.07
C PRO C 290 -30.73 25.98 -18.95
N SER C 291 -29.60 25.29 -18.79
CA SER C 291 -29.46 23.99 -19.42
C SER C 291 -30.55 23.07 -18.90
N LYS C 292 -30.80 22.04 -19.71
CA LYS C 292 -31.90 21.13 -19.47
C LYS C 292 -31.55 20.23 -18.27
N GLU C 293 -30.24 20.04 -18.02
CA GLU C 293 -29.74 19.36 -16.81
C GLU C 293 -30.04 20.18 -15.57
N ASN C 294 -29.61 21.45 -15.56
CA ASN C 294 -29.86 22.31 -14.40
C ASN C 294 -31.35 22.51 -14.18
N PHE C 295 -32.14 22.57 -15.27
CA PHE C 295 -33.60 22.57 -15.14
C PHE C 295 -34.07 21.35 -14.35
N ALA C 296 -33.54 20.17 -14.69
CA ALA C 296 -33.93 18.95 -13.97
C ALA C 296 -33.39 18.95 -12.55
N LYS C 297 -32.21 19.52 -12.32
CA LYS C 297 -31.64 19.51 -10.97
C LYS C 297 -32.30 20.54 -10.06
N ILE C 298 -32.76 21.66 -10.61
CA ILE C 298 -33.54 22.60 -9.82
C ILE C 298 -34.89 21.98 -9.46
N GLU C 299 -35.55 21.37 -10.44
CA GLU C 299 -36.83 20.71 -10.21
C GLU C 299 -36.71 19.59 -9.18
N GLU C 300 -35.56 18.91 -9.13
CA GLU C 300 -35.41 17.77 -8.23
C GLU C 300 -35.16 18.21 -6.79
N VAL C 301 -34.43 19.31 -6.58
CA VAL C 301 -34.15 19.76 -5.22
C VAL C 301 -35.39 20.39 -4.60
N MET C 302 -36.26 20.99 -5.43
CA MET C 302 -37.45 21.66 -4.93
C MET C 302 -38.41 20.70 -4.21
N LYS C 303 -38.42 19.43 -4.61
CA LYS C 303 -39.44 18.50 -4.14
C LYS C 303 -39.39 18.28 -2.62
N LYS C 304 -38.23 18.47 -2.00
CA LYS C 304 -38.11 18.27 -0.56
C LYS C 304 -38.56 19.50 0.24
N TYR C 305 -39.08 20.53 -0.43
CA TYR C 305 -39.54 21.73 0.22
C TYR C 305 -41.02 21.95 -0.07
N LYS C 306 -41.69 22.65 0.85
CA LYS C 306 -43.12 22.92 0.76
C LYS C 306 -43.31 24.35 0.27
N ILE C 307 -43.81 24.50 -0.94
CA ILE C 307 -43.90 25.80 -1.60
C ILE C 307 -45.26 26.40 -1.32
N LYS C 308 -45.28 27.57 -0.68
CA LYS C 308 -46.53 28.25 -0.39
C LYS C 308 -47.04 28.94 -1.66
N GLY C 309 -48.35 28.86 -1.87
CA GLY C 309 -48.99 29.49 -3.02
C GLY C 309 -49.41 30.91 -2.75
N PHE C 310 -50.43 31.35 -3.48
CA PHE C 310 -50.98 32.68 -3.30
C PHE C 310 -52.15 32.65 -2.30
N LYS D 15 -5.95 33.62 40.95
CA LYS D 15 -5.00 33.11 41.92
C LYS D 15 -5.19 33.81 43.26
N ASN D 16 -6.33 34.42 43.53
CA ASN D 16 -6.40 35.21 44.76
C ASN D 16 -6.63 34.19 45.89
N ILE D 17 -5.86 34.31 46.96
CA ILE D 17 -5.67 33.22 47.93
C ILE D 17 -5.82 33.67 49.38
N ILE D 18 -5.98 32.65 50.25
CA ILE D 18 -5.96 32.83 51.71
C ILE D 18 -5.01 31.80 52.32
N ILE D 19 -3.86 32.26 52.81
CA ILE D 19 -2.86 31.37 53.40
C ILE D 19 -2.35 31.96 54.72
N GLY D 20 -1.29 31.39 55.26
CA GLY D 20 -0.69 31.85 56.50
C GLY D 20 -1.15 31.08 57.72
N ALA D 21 -0.92 31.69 58.89
CA ALA D 21 -1.27 31.06 60.15
C ALA D 21 -2.75 31.28 60.44
N MET D 22 -3.51 30.19 60.49
CA MET D 22 -4.95 30.25 60.68
C MET D 22 -5.37 29.38 61.85
N THR D 23 -6.52 29.72 62.43
CA THR D 23 -7.01 29.09 63.66
C THR D 23 -8.38 28.49 63.43
N ALA D 24 -8.54 27.21 63.77
CA ALA D 24 -9.85 26.57 63.82
C ALA D 24 -10.50 26.95 65.13
N LEU D 25 -11.40 27.93 65.08
CA LEU D 25 -11.93 28.54 66.30
C LEU D 25 -12.85 27.57 67.03
N ILE D 26 -12.69 27.50 68.35
CA ILE D 26 -13.65 26.80 69.19
C ILE D 26 -14.92 27.63 69.28
N THR D 27 -16.05 26.94 69.50
CA THR D 27 -17.34 27.60 69.66
C THR D 27 -17.78 27.52 71.11
N PRO D 28 -17.62 28.58 71.89
CA PRO D 28 -17.99 28.51 73.31
C PRO D 28 -19.50 28.49 73.49
N PHE D 29 -19.94 27.70 74.47
CA PHE D 29 -21.35 27.61 74.83
C PHE D 29 -21.57 28.12 76.25
N LYS D 30 -22.74 28.73 76.47
CA LYS D 30 -23.17 29.13 77.80
C LYS D 30 -24.66 28.84 77.93
N ASN D 31 -25.00 27.97 78.88
CA ASN D 31 -26.39 27.54 79.09
C ASN D 31 -26.98 26.91 77.82
N GLY D 32 -26.16 26.11 77.14
CA GLY D 32 -26.61 25.39 75.97
C GLY D 32 -26.82 26.22 74.72
N LYS D 33 -26.40 27.48 74.73
CA LYS D 33 -26.46 28.33 73.53
C LYS D 33 -25.07 28.88 73.25
N VAL D 34 -24.92 29.47 72.06
CA VAL D 34 -23.64 29.98 71.61
C VAL D 34 -23.36 31.30 72.31
N ASP D 35 -22.26 31.35 73.07
CA ASP D 35 -21.85 32.60 73.69
C ASP D 35 -21.27 33.51 72.61
N GLU D 36 -22.11 34.38 72.06
CA GLU D 36 -21.72 35.18 70.90
C GLU D 36 -20.67 36.24 71.26
N GLN D 37 -20.63 36.68 72.52
CA GLN D 37 -19.66 37.69 72.92
C GLN D 37 -18.36 37.06 73.40
N SER D 38 -18.42 35.83 73.89
CA SER D 38 -17.19 35.07 74.13
C SER D 38 -16.57 34.62 72.82
N TYR D 39 -17.40 34.37 71.80
CA TYR D 39 -16.88 34.07 70.47
C TYR D 39 -16.14 35.27 69.89
N ALA D 40 -16.74 36.45 69.96
CA ALA D 40 -16.13 37.65 69.39
C ALA D 40 -14.88 38.06 70.16
N ARG D 41 -14.85 37.84 71.47
CA ARG D 41 -13.67 38.19 72.26
C ARG D 41 -12.56 37.16 72.11
N LEU D 42 -12.88 35.93 71.71
CA LEU D 42 -11.84 34.95 71.41
C LEU D 42 -11.26 35.16 70.02
N ILE D 43 -12.03 35.71 69.09
CA ILE D 43 -11.49 36.04 67.78
C ILE D 43 -10.58 37.27 67.86
N LYS D 44 -10.86 38.18 68.80
CA LYS D 44 -10.01 39.35 68.95
C LYS D 44 -8.72 39.02 69.68
N ARG D 45 -8.68 37.90 70.41
CA ARG D 45 -7.42 37.43 70.96
C ARG D 45 -6.54 36.83 69.87
N GLN D 46 -7.16 36.17 68.89
CA GLN D 46 -6.39 35.62 67.78
C GLN D 46 -5.83 36.74 66.89
N ILE D 47 -6.63 37.76 66.63
CA ILE D 47 -6.19 38.88 65.80
C ILE D 47 -4.94 39.54 66.41
N GLU D 48 -4.96 39.76 67.72
CA GLU D 48 -3.87 40.46 68.39
C GLU D 48 -2.66 39.59 68.67
N ASN D 49 -2.63 38.35 68.15
CA ASN D 49 -1.49 37.46 68.39
C ASN D 49 -0.90 36.94 67.10
N GLY D 50 -1.01 37.71 66.01
CA GLY D 50 -0.31 37.38 64.78
C GLY D 50 -1.02 36.39 63.86
N ILE D 51 -2.26 36.01 64.17
CA ILE D 51 -2.98 35.05 63.32
C ILE D 51 -3.38 35.72 62.01
N ASP D 52 -3.27 34.97 60.92
CA ASP D 52 -3.53 35.51 59.59
C ASP D 52 -4.98 35.35 59.15
N ALA D 53 -5.67 34.33 59.64
CA ALA D 53 -7.07 34.10 59.27
C ALA D 53 -7.70 33.20 60.32
N VAL D 54 -9.02 33.29 60.44
CA VAL D 54 -9.77 32.44 61.36
C VAL D 54 -10.84 31.71 60.56
N VAL D 55 -11.09 30.45 60.92
CA VAL D 55 -12.09 29.63 60.25
C VAL D 55 -13.21 29.33 61.24
N PRO D 56 -14.34 30.03 61.15
CA PRO D 56 -15.46 29.73 62.05
C PRO D 56 -16.17 28.45 61.64
N VAL D 57 -16.59 27.69 62.66
CA VAL D 57 -17.38 26.48 62.49
C VAL D 57 -16.68 25.48 61.57
N GLY D 58 -15.48 25.06 61.96
CA GLY D 58 -14.85 23.89 61.38
C GLY D 58 -15.21 22.68 62.21
N THR D 59 -14.39 21.63 62.08
CA THR D 59 -14.56 20.48 62.96
C THR D 59 -14.27 20.87 64.41
N THR D 60 -13.25 21.69 64.63
CA THR D 60 -12.96 22.18 65.97
C THR D 60 -14.06 23.09 66.49
N GLY D 61 -14.80 23.74 65.60
CA GLY D 61 -15.92 24.56 65.95
C GLY D 61 -17.22 23.82 66.16
N GLU D 62 -17.18 22.48 66.20
CA GLU D 62 -18.36 21.65 66.41
C GLU D 62 -19.42 21.89 65.33
N SER D 63 -18.98 21.81 64.08
CA SER D 63 -19.89 21.94 62.94
C SER D 63 -21.07 20.98 62.98
N ALA D 64 -20.99 19.90 63.77
CA ALA D 64 -22.02 18.85 63.68
C ALA D 64 -23.22 19.14 64.56
N THR D 65 -23.04 19.85 65.67
CA THR D 65 -24.09 20.05 66.64
C THR D 65 -24.71 21.44 66.58
N LEU D 66 -24.20 22.32 65.72
CA LEU D 66 -24.77 23.65 65.54
C LEU D 66 -25.93 23.59 64.56
N THR D 67 -26.98 24.36 64.85
CA THR D 67 -28.04 24.52 63.86
C THR D 67 -27.53 25.32 62.68
N HIS D 68 -28.29 25.28 61.58
CA HIS D 68 -27.86 25.99 60.39
C HIS D 68 -27.85 27.50 60.63
N GLU D 69 -28.72 27.99 61.51
CA GLU D 69 -28.76 29.40 61.83
C GLU D 69 -27.61 29.82 62.74
N GLU D 70 -27.20 28.93 63.65
CA GLU D 70 -26.03 29.23 64.47
C GLU D 70 -24.75 29.19 63.65
N HIS D 71 -24.65 28.23 62.71
CA HIS D 71 -23.55 28.22 61.75
C HIS D 71 -23.38 29.58 61.08
N ARG D 72 -24.49 30.20 60.64
CA ARG D 72 -24.38 31.51 60.00
C ARG D 72 -24.09 32.59 61.03
N THR D 73 -24.61 32.44 62.24
CA THR D 73 -24.42 33.47 63.26
C THR D 73 -22.96 33.61 63.66
N CYS D 74 -22.19 32.52 63.62
CA CYS D 74 -20.78 32.60 63.99
C CYS D 74 -19.87 32.91 62.81
N ILE D 75 -20.36 32.77 61.59
CA ILE D 75 -19.66 33.34 60.45
C ILE D 75 -19.86 34.86 60.41
N GLU D 76 -21.06 35.32 60.77
CA GLU D 76 -21.33 36.75 60.78
C GLU D 76 -20.48 37.46 61.83
N ILE D 77 -20.38 36.88 63.02
CA ILE D 77 -19.54 37.46 64.08
C ILE D 77 -18.09 37.50 63.65
N ALA D 78 -17.62 36.44 62.98
CA ALA D 78 -16.22 36.40 62.53
C ALA D 78 -15.94 37.49 61.51
N VAL D 79 -16.85 37.70 60.55
CA VAL D 79 -16.62 38.72 59.53
C VAL D 79 -16.59 40.12 60.14
N GLU D 80 -17.52 40.39 61.07
CA GLU D 80 -17.58 41.71 61.68
C GLU D 80 -16.36 42.00 62.55
N THR D 81 -15.88 41.01 63.30
CA THR D 81 -14.78 41.23 64.23
C THR D 81 -13.45 41.43 63.52
N CYS D 82 -13.36 40.94 62.31
CA CYS D 82 -12.16 41.02 61.54
C CYS D 82 -12.14 42.14 60.56
N LYS D 83 -13.08 43.04 60.67
CA LYS D 83 -13.11 44.19 59.74
C LYS D 83 -12.12 45.21 60.23
N GLY D 84 -11.30 45.77 59.36
CA GLY D 84 -10.31 46.73 59.75
C GLY D 84 -8.98 46.17 60.14
N THR D 85 -8.82 44.90 59.88
CA THR D 85 -7.64 44.19 60.22
C THR D 85 -7.15 43.54 58.99
N LYS D 86 -6.07 42.83 59.09
CA LYS D 86 -5.52 42.14 57.94
C LYS D 86 -6.02 40.70 57.94
N VAL D 87 -6.59 40.29 59.05
CA VAL D 87 -7.10 38.97 59.24
C VAL D 87 -8.31 38.64 58.39
N LYS D 88 -8.19 37.54 57.68
CA LYS D 88 -9.26 37.08 56.80
C LYS D 88 -10.11 36.05 57.54
N VAL D 89 -11.31 35.81 57.03
CA VAL D 89 -12.18 34.79 57.59
C VAL D 89 -12.42 33.77 56.49
N LEU D 90 -11.91 32.56 56.69
CA LEU D 90 -12.13 31.45 55.78
C LEU D 90 -13.25 30.62 56.40
N ALA D 91 -14.47 30.89 55.96
CA ALA D 91 -15.64 30.36 56.66
C ALA D 91 -15.82 28.87 56.42
N GLY D 92 -16.14 28.15 57.49
CA GLY D 92 -16.47 26.74 57.36
C GLY D 92 -17.81 26.57 56.69
N ALA D 93 -17.84 25.88 55.54
CA ALA D 93 -19.08 25.70 54.80
C ALA D 93 -19.25 24.28 54.28
N GLY D 94 -18.62 23.29 54.92
CA GLY D 94 -18.69 21.93 54.44
C GLY D 94 -19.93 21.21 54.92
N SER D 95 -20.31 20.18 54.16
CA SER D 95 -21.41 19.30 54.53
C SER D 95 -21.33 18.06 53.67
N ASN D 96 -21.93 16.97 54.16
CA ASN D 96 -21.96 15.73 53.41
C ASN D 96 -23.05 15.73 52.35
N ALA D 97 -23.87 16.76 52.28
CA ALA D 97 -24.86 16.94 51.23
C ALA D 97 -24.51 18.17 50.41
N THR D 98 -24.44 18.00 49.09
CA THR D 98 -23.97 19.08 48.22
C THR D 98 -24.90 20.29 48.29
N HIS D 99 -26.22 20.06 48.33
CA HIS D 99 -27.14 21.20 48.41
C HIS D 99 -26.99 21.96 49.72
N GLU D 100 -26.55 21.29 50.78
CA GLU D 100 -26.27 21.98 52.03
C GLU D 100 -24.95 22.74 51.96
N ALA D 101 -23.95 22.17 51.29
CA ALA D 101 -22.66 22.83 51.18
C ALA D 101 -22.72 24.04 50.27
N VAL D 102 -23.50 23.95 49.19
CA VAL D 102 -23.68 25.10 48.31
C VAL D 102 -24.43 26.20 49.03
N GLY D 103 -25.40 25.83 49.87
CA GLY D 103 -26.13 26.83 50.64
C GLY D 103 -25.24 27.59 51.60
N LEU D 104 -24.41 26.89 52.35
CA LEU D 104 -23.50 27.55 53.28
C LEU D 104 -22.44 28.36 52.54
N ALA D 105 -21.99 27.86 51.38
CA ALA D 105 -21.01 28.60 50.60
C ALA D 105 -21.58 29.91 50.08
N LYS D 106 -22.83 29.88 49.62
CA LYS D 106 -23.45 31.10 49.11
C LYS D 106 -23.76 32.08 50.25
N PHE D 107 -24.08 31.57 51.43
CA PHE D 107 -24.26 32.45 52.58
C PHE D 107 -22.96 33.14 52.98
N ALA D 108 -21.84 32.41 52.92
CA ALA D 108 -20.57 32.98 53.34
C ALA D 108 -20.12 34.08 52.40
N LYS D 109 -20.28 33.87 51.09
CA LYS D 109 -19.91 34.90 50.12
C LYS D 109 -20.76 36.15 50.30
N GLU D 110 -22.09 35.98 50.37
CA GLU D 110 -23.00 37.11 50.45
C GLU D 110 -22.88 37.89 51.75
N HIS D 111 -22.13 37.38 52.73
CA HIS D 111 -22.02 38.02 54.04
C HIS D 111 -20.60 38.43 54.37
N GLY D 112 -19.72 38.51 53.37
CA GLY D 112 -18.43 39.14 53.53
C GLY D 112 -17.26 38.24 53.85
N ALA D 113 -17.40 36.93 53.70
CA ALA D 113 -16.28 36.04 53.95
C ALA D 113 -15.26 36.16 52.82
N ASP D 114 -13.98 35.99 53.20
CA ASP D 114 -12.90 36.05 52.22
C ASP D 114 -12.73 34.74 51.48
N GLY D 115 -13.26 33.65 52.02
CA GLY D 115 -13.18 32.35 51.39
C GLY D 115 -13.96 31.34 52.21
N ILE D 116 -13.96 30.09 51.74
CA ILE D 116 -14.69 29.02 52.41
C ILE D 116 -13.80 27.79 52.56
N LEU D 117 -13.93 27.12 53.69
CA LEU D 117 -13.42 25.77 53.89
C LEU D 117 -14.54 24.77 53.70
N SER D 118 -14.25 23.68 53.00
CA SER D 118 -15.27 22.67 52.70
C SER D 118 -14.68 21.28 52.94
N VAL D 119 -15.17 20.60 53.98
CA VAL D 119 -14.69 19.26 54.33
C VAL D 119 -15.26 18.26 53.34
N ALA D 120 -14.50 17.18 53.10
CA ALA D 120 -15.00 16.10 52.27
C ALA D 120 -16.26 15.51 52.89
N PRO D 121 -17.27 15.18 52.09
CA PRO D 121 -18.51 14.61 52.64
C PRO D 121 -18.26 13.41 53.54
N TYR D 122 -18.83 13.46 54.73
CA TYR D 122 -18.69 12.44 55.75
C TYR D 122 -19.85 11.45 55.69
N TYR D 123 -19.62 10.27 56.26
CA TYR D 123 -20.64 9.23 56.45
C TYR D 123 -21.04 8.54 55.16
N ASN D 124 -21.41 9.30 54.14
CA ASN D 124 -21.92 8.68 52.92
C ASN D 124 -20.82 8.23 51.96
N LYS D 125 -19.55 8.51 52.25
CA LYS D 125 -18.41 8.01 51.49
C LYS D 125 -18.63 8.13 49.98
N PRO D 126 -18.56 9.34 49.42
CA PRO D 126 -18.74 9.47 47.97
C PRO D 126 -17.51 8.99 47.22
N THR D 127 -17.74 8.62 45.96
CA THR D 127 -16.64 8.22 45.10
C THR D 127 -15.85 9.45 44.65
N GLN D 128 -14.71 9.20 44.01
CA GLN D 128 -13.90 10.30 43.48
C GLN D 128 -14.67 11.11 42.46
N GLN D 129 -15.49 10.45 41.64
CA GLN D 129 -16.34 11.18 40.69
C GLN D 129 -17.35 12.04 41.43
N GLY D 130 -17.91 11.53 42.52
CA GLY D 130 -18.85 12.33 43.30
C GLY D 130 -18.17 13.49 43.99
N LEU D 131 -16.96 13.26 44.52
CA LEU D 131 -16.21 14.34 45.16
C LEU D 131 -15.88 15.45 44.17
N TYR D 132 -15.54 15.08 42.94
CA TYR D 132 -15.29 16.08 41.91
C TYR D 132 -16.52 16.95 41.68
N GLU D 133 -17.67 16.32 41.43
CA GLU D 133 -18.90 17.08 41.19
C GLU D 133 -19.36 17.82 42.45
N HIS D 134 -19.13 17.25 43.63
CA HIS D 134 -19.48 17.93 44.87
C HIS D 134 -18.77 19.27 44.98
N TYR D 135 -17.45 19.27 44.79
CA TYR D 135 -16.68 20.51 44.88
C TYR D 135 -16.90 21.38 43.65
N LYS D 136 -17.19 20.76 42.50
CA LYS D 136 -17.50 21.52 41.29
C LYS D 136 -18.76 22.36 41.48
N ALA D 137 -19.76 21.81 42.16
CA ALA D 137 -20.97 22.56 42.44
C ALA D 137 -20.72 23.68 43.43
N ILE D 138 -19.87 23.44 44.43
CA ILE D 138 -19.55 24.48 45.40
C ILE D 138 -18.76 25.60 44.74
N ALA D 139 -17.77 25.24 43.91
CA ALA D 139 -16.90 26.25 43.31
C ALA D 139 -17.66 27.14 42.33
N GLN D 140 -18.61 26.58 41.57
CA GLN D 140 -19.34 27.37 40.59
C GLN D 140 -20.42 28.25 41.19
N SER D 141 -20.80 28.03 42.46
CA SER D 141 -21.81 28.86 43.08
C SER D 141 -21.27 30.22 43.51
N VAL D 142 -19.97 30.33 43.80
CA VAL D 142 -19.39 31.53 44.37
C VAL D 142 -18.16 31.92 43.56
N ASP D 143 -17.66 33.13 43.84
CA ASP D 143 -16.44 33.64 43.21
C ASP D 143 -15.36 33.96 44.24
N ILE D 144 -15.43 33.34 45.42
CA ILE D 144 -14.43 33.55 46.46
C ILE D 144 -13.58 32.28 46.53
N PRO D 145 -12.36 32.35 47.08
CA PRO D 145 -11.52 31.15 47.12
C PRO D 145 -12.16 30.01 47.89
N VAL D 146 -11.88 28.79 47.42
CA VAL D 146 -12.41 27.57 48.02
C VAL D 146 -11.22 26.68 48.37
N LEU D 147 -11.14 26.29 49.63
CA LEU D 147 -10.06 25.42 50.11
C LEU D 147 -10.64 24.05 50.43
N LEU D 148 -10.15 23.02 49.74
CA LEU D 148 -10.58 21.68 50.06
C LEU D 148 -10.08 21.28 51.45
N TYR D 149 -10.69 20.24 52.00
CA TYR D 149 -10.37 19.81 53.36
C TYR D 149 -10.51 18.29 53.39
N ASN D 150 -9.39 17.61 53.59
CA ASN D 150 -9.33 16.15 53.56
C ASN D 150 -8.97 15.65 54.96
N VAL D 151 -9.90 14.95 55.58
CA VAL D 151 -9.63 14.34 56.88
C VAL D 151 -10.29 12.96 56.89
N PRO D 152 -9.62 11.94 56.33
CA PRO D 152 -10.28 10.64 56.17
C PRO D 152 -10.57 9.92 57.48
N GLY D 153 -9.79 10.21 58.53
CA GLY D 153 -10.05 9.59 59.83
C GLY D 153 -11.40 9.94 60.42
N ARG D 154 -12.00 11.06 60.02
CA ARG D 154 -13.32 11.46 60.51
C ARG D 154 -14.42 11.30 59.49
N THR D 155 -14.12 11.41 58.19
CA THR D 155 -15.15 11.37 57.15
C THR D 155 -15.40 9.97 56.60
N GLY D 156 -14.41 9.08 56.65
CA GLY D 156 -14.52 7.78 56.03
C GLY D 156 -14.20 7.74 54.56
N CYS D 157 -13.80 8.87 53.98
CA CYS D 157 -13.43 8.94 52.57
C CYS D 157 -12.17 9.78 52.44
N GLU D 158 -11.46 9.59 51.33
CA GLU D 158 -10.24 10.34 51.05
C GLU D 158 -10.34 11.00 49.68
N ILE D 159 -9.99 12.28 49.62
CA ILE D 159 -9.85 12.98 48.34
C ILE D 159 -8.48 12.61 47.78
N SER D 160 -8.47 11.77 46.75
CA SER D 160 -7.21 11.35 46.13
C SER D 160 -6.42 12.55 45.62
N THR D 161 -5.11 12.35 45.51
CA THR D 161 -4.24 13.38 44.95
C THR D 161 -4.71 13.83 43.58
N ASP D 162 -5.12 12.88 42.73
CA ASP D 162 -5.57 13.22 41.38
C ASP D 162 -6.85 14.05 41.42
N THR D 163 -7.77 13.72 42.33
CA THR D 163 -9.01 14.48 42.42
C THR D 163 -8.74 15.89 42.89
N ILE D 164 -7.85 16.06 43.86
CA ILE D 164 -7.45 17.38 44.33
C ILE D 164 -6.84 18.18 43.18
N ILE D 165 -5.92 17.57 42.45
CA ILE D 165 -5.25 18.26 41.34
C ILE D 165 -6.25 18.60 40.25
N LYS D 166 -7.20 17.70 39.98
CA LYS D 166 -8.21 17.99 38.96
C LYS D 166 -9.06 19.18 39.34
N LEU D 167 -9.48 19.27 40.60
CA LEU D 167 -10.29 20.39 41.03
C LEU D 167 -9.49 21.69 41.04
N PHE D 168 -8.20 21.62 41.40
CA PHE D 168 -7.37 22.81 41.39
C PHE D 168 -7.18 23.34 39.96
N ARG D 169 -7.02 22.44 38.99
CA ARG D 169 -6.73 22.86 37.61
C ARG D 169 -7.98 23.20 36.82
N ASP D 170 -9.14 22.67 37.22
CA ASP D 170 -10.37 22.84 36.45
C ASP D 170 -11.28 23.95 36.98
N CYS D 171 -11.09 24.38 38.24
CA CYS D 171 -11.94 25.38 38.88
C CYS D 171 -11.13 26.58 39.35
N GLU D 172 -11.68 27.79 39.10
CA GLU D 172 -11.01 29.09 39.20
C GLU D 172 -10.71 29.45 40.65
N ASN D 173 -11.66 29.14 41.53
CA ASN D 173 -11.59 29.51 42.92
C ASN D 173 -11.08 28.40 43.83
N ILE D 174 -10.87 27.19 43.34
CA ILE D 174 -10.26 26.15 44.16
C ILE D 174 -8.75 26.32 44.10
N TYR D 175 -8.14 26.65 45.24
CA TYR D 175 -6.75 27.06 45.28
C TYR D 175 -5.84 26.20 46.15
N GLY D 176 -6.37 25.21 46.84
CA GLY D 176 -5.51 24.37 47.68
C GLY D 176 -6.31 23.37 48.49
N VAL D 177 -5.66 22.83 49.51
CA VAL D 177 -6.27 21.80 50.35
C VAL D 177 -5.73 21.85 51.78
N KPI D 178 -6.64 21.67 52.73
CA KPI D 178 -6.29 21.48 54.12
CB KPI D 178 -7.32 22.05 55.11
CG KPI D 178 -7.19 21.52 56.53
CD KPI D 178 -8.02 22.32 57.51
CE KPI D 178 -8.19 21.50 58.80
NZ KPI D 178 -8.70 22.16 59.98
CX1 KPI D 178 -9.22 21.50 60.96
C1 KPI D 178 -8.54 20.85 62.13
CX2 KPI D 178 -10.62 21.88 61.39
O1 KPI D 178 -11.39 22.41 60.41
O2 KPI D 178 -11.11 21.75 62.51
C KPI D 178 -6.15 19.99 54.38
O KPI D 178 -7.10 19.21 54.46
N GLU D 179 -4.89 19.56 54.52
CA GLU D 179 -4.63 18.14 54.69
C GLU D 179 -4.47 17.80 56.16
N ALA D 180 -5.20 16.76 56.59
CA ALA D 180 -5.13 16.25 57.94
C ALA D 180 -5.09 14.72 57.88
N SER D 181 -4.12 14.19 57.13
CA SER D 181 -4.04 12.77 56.85
C SER D 181 -2.92 12.06 57.59
N GLY D 182 -1.95 12.78 58.12
CA GLY D 182 -0.75 12.15 58.65
C GLY D 182 -0.02 11.35 57.58
N ASN D 183 0.01 11.87 56.36
CA ASN D 183 0.59 11.18 55.20
C ASN D 183 1.49 12.18 54.49
N ILE D 184 2.75 12.27 54.94
CA ILE D 184 3.67 13.21 54.31
C ILE D 184 3.99 12.77 52.88
N ASP D 185 3.86 11.47 52.60
CA ASP D 185 3.99 11.01 51.21
C ASP D 185 2.96 11.68 50.32
N LYS D 186 1.72 11.81 50.80
CA LYS D 186 0.68 12.48 50.03
C LYS D 186 1.01 13.95 49.84
N CYS D 187 1.76 14.55 50.76
CA CYS D 187 2.10 15.96 50.61
C CYS D 187 3.30 16.17 49.69
N VAL D 188 4.14 15.16 49.52
CA VAL D 188 5.12 15.18 48.45
C VAL D 188 4.43 14.96 47.11
N ASP D 189 3.50 14.00 47.06
CA ASP D 189 2.74 13.73 45.85
C ASP D 189 2.03 14.99 45.35
N LEU D 190 1.35 15.70 46.25
CA LEU D 190 0.57 16.87 45.85
C LEU D 190 1.46 17.95 45.26
N LEU D 191 2.51 18.33 45.98
CA LEU D 191 3.33 19.47 45.57
C LEU D 191 4.38 19.11 44.53
N ALA D 192 4.66 17.82 44.30
CA ALA D 192 5.56 17.46 43.22
C ALA D 192 4.88 17.51 41.85
N HIS D 193 3.58 17.18 41.80
CA HIS D 193 2.83 17.19 40.55
C HIS D 193 2.05 18.48 40.33
N GLU D 194 1.75 19.22 41.39
CA GLU D 194 1.02 20.50 41.29
C GLU D 194 1.60 21.48 42.29
N PRO D 195 2.71 22.11 41.99
CA PRO D 195 3.40 22.97 42.96
C PRO D 195 2.73 24.32 43.20
N ARG D 196 1.75 24.71 42.39
CA ARG D 196 1.07 25.99 42.56
C ARG D 196 -0.11 25.90 43.51
N MET D 197 -0.36 24.74 44.09
CA MET D 197 -1.48 24.56 45.01
C MET D 197 -1.04 24.94 46.41
N MET D 198 -2.00 25.41 47.22
CA MET D 198 -1.72 25.87 48.58
C MET D 198 -1.97 24.74 49.55
N LEU D 199 -0.87 24.11 50.00
CA LEU D 199 -0.96 23.03 50.97
C LEU D 199 -1.02 23.61 52.37
N ILE D 200 -2.10 23.31 53.08
CA ILE D 200 -2.36 23.83 54.41
C ILE D 200 -2.32 22.67 55.40
N SER D 201 -1.57 22.84 56.48
CA SER D 201 -1.47 21.80 57.50
C SER D 201 -2.73 21.76 58.36
N GLY D 202 -3.28 20.56 58.53
CA GLY D 202 -4.41 20.36 59.41
C GLY D 202 -4.04 19.44 60.56
N GLU D 203 -2.75 19.40 60.88
CA GLU D 203 -2.23 18.50 61.91
C GLU D 203 -1.09 19.21 62.61
N ASP D 204 -1.32 19.65 63.84
CA ASP D 204 -0.39 20.56 64.50
C ASP D 204 0.97 19.93 64.76
N ALA D 205 1.01 18.62 65.03
CA ALA D 205 2.27 17.98 65.36
C ALA D 205 3.24 18.01 64.18
N ILE D 206 2.72 18.04 62.96
CA ILE D 206 3.56 17.99 61.77
C ILE D 206 3.44 19.28 60.98
N ASN D 207 3.21 20.39 61.69
CA ASN D 207 3.11 21.69 61.04
C ASN D 207 4.38 22.00 60.25
N TYR D 208 5.54 21.92 60.90
CA TYR D 208 6.79 22.25 60.23
C TYR D 208 7.13 21.32 59.06
N PRO D 209 7.02 20.00 59.17
CA PRO D 209 7.33 19.14 58.01
C PRO D 209 6.49 19.47 56.78
N ILE D 210 5.22 19.84 56.96
CA ILE D 210 4.38 20.16 55.81
C ILE D 210 4.79 21.51 55.22
N LEU D 211 5.09 22.50 56.07
CA LEU D 211 5.51 23.80 55.58
C LEU D 211 6.88 23.74 54.91
N SER D 212 7.79 22.94 55.47
CA SER D 212 9.15 22.85 54.95
C SER D 212 9.18 22.26 53.54
N ASN D 213 8.14 21.56 53.13
CA ASN D 213 8.06 20.97 51.79
C ASN D 213 7.32 21.85 50.80
N GLY D 214 7.01 23.09 51.16
CA GLY D 214 6.33 24.00 50.27
C GLY D 214 4.93 24.37 50.68
N GLY D 215 4.43 23.80 51.78
CA GLY D 215 3.15 24.24 52.32
C GLY D 215 3.18 25.72 52.67
N LYS D 216 2.01 26.35 52.53
CA LYS D 216 1.93 27.80 52.68
C LYS D 216 1.02 28.23 53.83
N GLY D 217 0.73 27.33 54.76
CA GLY D 217 -0.04 27.74 55.92
C GLY D 217 -0.52 26.55 56.72
N VAL D 218 -1.12 26.86 57.86
CA VAL D 218 -1.71 25.87 58.75
C VAL D 218 -3.10 26.36 59.16
N ILE D 219 -4.01 25.42 59.38
CA ILE D 219 -5.27 25.67 60.07
C ILE D 219 -5.20 24.88 61.36
N SER D 220 -4.93 25.56 62.46
CA SER D 220 -4.40 24.93 63.66
C SER D 220 -5.46 24.80 64.75
N VAL D 221 -5.28 23.78 65.58
CA VAL D 221 -6.06 23.64 66.81
C VAL D 221 -5.33 24.24 68.00
N THR D 222 -4.01 24.00 68.09
CA THR D 222 -3.22 24.54 69.20
C THR D 222 -3.26 26.05 69.25
N SER D 223 -3.39 26.70 68.08
CA SER D 223 -3.38 28.17 68.05
C SER D 223 -4.52 28.78 68.84
N ASN D 224 -5.58 28.00 69.13
CA ASN D 224 -6.61 28.47 70.04
C ASN D 224 -6.01 28.80 71.41
N LEU D 225 -5.06 28.00 71.87
CA LEU D 225 -4.43 28.17 73.18
C LEU D 225 -3.16 29.00 73.09
N LEU D 226 -2.30 28.73 72.11
CA LEU D 226 -1.02 29.42 71.94
C LEU D 226 -0.96 30.05 70.56
N PRO D 227 -1.73 31.11 70.31
CA PRO D 227 -1.76 31.69 68.96
C PRO D 227 -0.45 32.34 68.53
N ASP D 228 0.29 32.96 69.45
CA ASP D 228 1.53 33.62 69.05
C ASP D 228 2.58 32.61 68.62
N MET D 229 2.65 31.46 69.30
CA MET D 229 3.65 30.45 68.94
C MET D 229 3.33 29.85 67.59
N ILE D 230 2.06 29.56 67.31
CA ILE D 230 1.69 29.01 66.01
C ILE D 230 1.95 30.03 64.90
N SER D 231 1.68 31.31 65.17
CA SER D 231 1.95 32.34 64.18
C SER D 231 3.44 32.48 63.92
N ALA D 232 4.27 32.40 64.97
CA ALA D 232 5.71 32.45 64.79
C ALA D 232 6.22 31.26 63.98
N LEU D 233 5.68 30.07 64.25
CA LEU D 233 6.14 28.86 63.55
C LEU D 233 5.95 28.98 62.04
N THR D 234 4.74 29.34 61.61
CA THR D 234 4.46 29.40 60.18
C THR D 234 5.29 30.48 59.50
N HIS D 235 5.39 31.67 60.11
CA HIS D 235 6.09 32.77 59.47
C HIS D 235 7.59 32.53 59.45
N PHE D 236 8.14 31.91 60.51
CA PHE D 236 9.52 31.44 60.46
C PHE D 236 9.71 30.48 59.29
N ALA D 237 8.78 29.54 59.12
CA ALA D 237 8.88 28.55 58.05
C ALA D 237 8.68 29.20 56.69
N LEU D 238 7.73 30.14 56.58
CA LEU D 238 7.46 30.78 55.30
C LEU D 238 8.64 31.65 54.84
N ASP D 239 9.42 32.17 55.79
CA ASP D 239 10.65 32.89 55.47
C ASP D 239 11.85 31.98 55.27
N GLU D 240 11.63 30.69 55.07
CA GLU D 240 12.68 29.71 54.82
C GLU D 240 13.68 29.66 55.96
N ASN D 241 13.26 30.02 57.17
CA ASN D 241 14.10 29.88 58.37
C ASN D 241 13.67 28.63 59.13
N TYR D 242 14.25 27.49 58.75
CA TYR D 242 13.75 26.23 59.29
C TYR D 242 14.32 25.89 60.68
N LYS D 243 15.40 26.55 61.19
CA LYS D 243 15.79 26.18 62.56
C LYS D 243 14.78 26.69 63.56
N GLU D 244 14.29 27.87 63.37
CA GLU D 244 13.37 28.47 64.34
C GLU D 244 11.96 27.92 64.17
N ALA D 245 11.56 27.61 62.94
CA ALA D 245 10.29 26.92 62.73
C ALA D 245 10.30 25.53 63.35
N LYS D 246 11.39 24.77 63.12
CA LYS D 246 11.49 23.44 63.70
C LYS D 246 11.63 23.48 65.22
N LYS D 247 12.30 24.51 65.76
CA LYS D 247 12.46 24.60 67.21
C LYS D 247 11.12 24.83 67.91
N ILE D 248 10.25 25.65 67.32
CA ILE D 248 8.94 25.88 67.91
C ILE D 248 8.08 24.64 67.81
N ASN D 249 8.20 23.92 66.69
CA ASN D 249 7.43 22.69 66.51
C ASN D 249 7.81 21.64 67.55
N ASP D 250 9.08 21.56 67.89
CA ASP D 250 9.49 20.55 68.82
C ASP D 250 8.93 20.75 70.20
N GLU D 251 8.70 21.99 70.59
CA GLU D 251 8.14 22.30 71.90
C GLU D 251 6.66 22.17 71.93
N LEU D 252 6.05 22.23 70.77
CA LEU D 252 4.62 22.13 70.70
C LEU D 252 4.16 20.72 70.52
N TYR D 253 5.07 19.81 70.26
CA TYR D 253 4.75 18.40 70.10
C TYR D 253 4.00 17.86 71.31
N ASN D 254 4.48 18.17 72.52
CA ASN D 254 3.85 17.63 73.72
C ASN D 254 2.43 18.15 73.86
N ILE D 255 2.23 19.44 73.66
CA ILE D 255 0.88 20.00 73.74
C ILE D 255 0.08 19.64 72.48
N ASN D 256 0.73 19.55 71.31
CA ASN D 256 0.00 19.21 70.09
C ASN D 256 -0.60 17.81 70.17
N LYS D 257 0.08 16.88 70.84
CA LYS D 257 -0.40 15.51 70.90
C LYS D 257 -1.38 15.28 72.05
N ILE D 258 -1.20 15.99 73.17
CA ILE D 258 -2.14 15.86 74.28
C ILE D 258 -3.46 16.53 73.96
N LEU D 259 -3.50 17.42 72.96
CA LEU D 259 -4.76 17.99 72.50
C LEU D 259 -5.58 17.00 71.67
N PHE D 260 -5.10 15.76 71.54
CA PHE D 260 -5.85 14.71 70.86
C PHE D 260 -5.88 13.41 71.67
N CYS D 261 -5.53 13.47 72.96
CA CYS D 261 -5.73 12.31 73.83
C CYS D 261 -7.18 11.86 73.81
N GLU D 262 -8.10 12.80 73.65
CA GLU D 262 -9.49 12.55 73.32
C GLU D 262 -9.82 13.30 72.03
N SER D 263 -11.05 13.11 71.55
CA SER D 263 -11.42 13.63 70.25
C SER D 263 -11.48 15.16 70.26
N ASN D 264 -10.80 15.78 69.31
CA ASN D 264 -10.93 17.21 69.12
C ASN D 264 -12.38 17.57 68.85
N PRO D 265 -12.91 18.64 69.45
CA PRO D 265 -12.25 19.64 70.29
C PRO D 265 -12.42 19.47 71.80
N ILE D 266 -12.50 18.25 72.30
CA ILE D 266 -12.67 18.03 73.73
C ILE D 266 -11.42 18.47 74.48
N PRO D 267 -10.21 18.06 74.07
CA PRO D 267 -9.03 18.51 74.84
C PRO D 267 -8.76 20.01 74.73
N ILE D 268 -8.95 20.60 73.55
CA ILE D 268 -8.63 22.01 73.40
C ILE D 268 -9.61 22.88 74.18
N LYS D 269 -10.89 22.50 74.18
CA LYS D 269 -11.87 23.23 74.98
C LYS D 269 -11.59 23.06 76.47
N THR D 270 -11.07 21.90 76.86
CA THR D 270 -10.62 21.71 78.24
C THR D 270 -9.46 22.63 78.55
N ALA D 271 -8.48 22.72 77.65
CA ALA D 271 -7.33 23.59 77.87
C ALA D 271 -7.74 25.05 77.95
N MET D 272 -8.64 25.49 77.06
CA MET D 272 -9.10 26.87 77.09
C MET D 272 -9.83 27.17 78.40
N TYR D 273 -10.57 26.19 78.91
CA TYR D 273 -11.26 26.39 80.19
C TYR D 273 -10.26 26.47 81.34
N LEU D 274 -9.25 25.59 81.34
CA LEU D 274 -8.23 25.63 82.38
C LEU D 274 -7.45 26.94 82.35
N ALA D 275 -7.27 27.52 81.16
CA ALA D 275 -6.57 28.79 81.02
C ALA D 275 -7.46 29.99 81.31
N GLY D 276 -8.73 29.77 81.66
CA GLY D 276 -9.62 30.87 81.95
C GLY D 276 -10.05 31.69 80.75
N LEU D 277 -9.94 31.14 79.54
CA LEU D 277 -10.35 31.86 78.34
C LEU D 277 -11.82 31.67 78.01
N ILE D 278 -12.47 30.65 78.56
CA ILE D 278 -13.91 30.50 78.48
C ILE D 278 -14.43 30.20 79.87
N GLU D 279 -15.70 30.55 80.12
CA GLU D 279 -16.23 30.46 81.47
C GLU D 279 -16.67 29.05 81.83
N SER D 280 -17.20 28.29 80.88
CA SER D 280 -17.81 27.00 81.16
C SER D 280 -17.29 25.94 80.19
N LEU D 281 -16.98 24.76 80.74
CA LEU D 281 -16.59 23.59 79.95
C LEU D 281 -17.83 22.89 79.44
N GLU D 282 -18.47 23.51 78.44
CA GLU D 282 -19.72 23.03 77.88
C GLU D 282 -19.50 22.52 76.46
N PHE D 283 -20.03 21.34 76.18
CA PHE D 283 -20.11 20.79 74.84
C PHE D 283 -21.58 20.54 74.50
N ARG D 284 -21.83 20.14 73.25
CA ARG D 284 -23.12 19.61 72.85
C ARG D 284 -22.96 18.13 72.55
N LEU D 285 -23.83 17.31 73.12
CA LEU D 285 -23.77 15.86 72.95
C LEU D 285 -23.79 15.53 71.46
N PRO D 286 -23.10 14.46 71.02
CA PRO D 286 -22.42 13.46 71.85
C PRO D 286 -21.04 13.88 72.38
N LEU D 287 -20.67 15.15 72.26
CA LEU D 287 -19.43 15.61 72.86
C LEU D 287 -19.65 15.92 74.33
N CYS D 288 -18.69 15.50 75.16
CA CYS D 288 -18.81 15.59 76.62
C CYS D 288 -17.45 15.95 77.19
N SER D 289 -17.42 16.18 78.51
CA SER D 289 -16.15 16.46 79.18
C SER D 289 -15.27 15.22 79.18
N PRO D 290 -13.95 15.39 79.20
CA PRO D 290 -13.04 14.22 79.13
C PRO D 290 -13.01 13.49 80.48
N SER D 291 -12.33 12.34 80.49
CA SER D 291 -12.03 11.66 81.74
C SER D 291 -11.22 12.59 82.64
N LYS D 292 -11.23 12.34 83.94
CA LYS D 292 -10.52 13.28 84.79
C LYS D 292 -9.03 13.11 84.66
N GLU D 293 -8.62 11.93 84.22
CA GLU D 293 -7.22 11.67 83.96
C GLU D 293 -6.71 12.52 82.79
N ASN D 294 -7.40 12.46 81.65
CA ASN D 294 -7.02 13.33 80.54
C ASN D 294 -7.19 14.80 80.92
N PHE D 295 -8.21 15.10 81.73
CA PHE D 295 -8.31 16.43 82.34
C PHE D 295 -7.06 16.76 83.12
N ALA D 296 -6.59 15.83 83.94
CA ALA D 296 -5.36 16.05 84.70
C ALA D 296 -4.14 16.07 83.80
N LYS D 297 -4.14 15.26 82.73
CA LYS D 297 -2.98 15.20 81.86
C LYS D 297 -2.88 16.41 80.95
N ILE D 298 -4.02 16.99 80.56
CA ILE D 298 -4.00 18.25 79.82
C ILE D 298 -3.49 19.38 80.70
N GLU D 299 -4.00 19.46 81.94
CA GLU D 299 -3.57 20.50 82.86
C GLU D 299 -2.06 20.40 83.14
N GLU D 300 -1.52 19.18 83.13
CA GLU D 300 -0.10 19.00 83.46
C GLU D 300 0.79 19.39 82.29
N VAL D 301 0.36 19.13 81.06
CA VAL D 301 1.19 19.50 79.91
C VAL D 301 1.16 21.02 79.70
N MET D 302 0.05 21.67 80.07
CA MET D 302 -0.07 23.12 79.88
C MET D 302 0.94 23.89 80.72
N LYS D 303 1.34 23.34 81.87
CA LYS D 303 2.17 24.08 82.82
C LYS D 303 3.54 24.44 82.25
N LYS D 304 3.93 23.83 81.15
CA LYS D 304 5.19 24.09 80.52
C LYS D 304 5.14 25.02 79.33
N TYR D 305 4.01 25.66 79.14
CA TYR D 305 3.84 26.59 78.05
C TYR D 305 3.34 27.91 78.64
N LYS D 306 3.67 29.04 78.04
CA LYS D 306 3.20 30.33 78.55
C LYS D 306 1.97 30.78 77.73
N ILE D 307 0.83 30.89 78.38
CA ILE D 307 -0.43 31.16 77.68
C ILE D 307 -0.71 32.66 77.69
N LYS D 308 -0.94 33.21 76.49
CA LYS D 308 -1.25 34.61 76.34
C LYS D 308 -2.68 34.87 76.82
N GLY D 309 -2.89 35.99 77.50
CA GLY D 309 -4.20 36.34 78.02
C GLY D 309 -5.04 37.11 77.03
N PHE D 310 -5.97 37.90 77.55
CA PHE D 310 -6.83 38.73 76.71
C PHE D 310 -6.19 40.11 76.53
N LYS E 15 29.07 31.94 -18.57
CA LYS E 15 27.96 31.48 -17.74
C LYS E 15 27.16 30.31 -18.33
N ASN E 16 27.46 29.08 -17.89
CA ASN E 16 26.73 27.90 -18.38
C ASN E 16 25.22 27.99 -18.35
N ILE E 17 24.65 27.48 -19.45
CA ILE E 17 23.24 27.40 -19.71
C ILE E 17 22.98 25.97 -20.15
N ILE E 18 21.74 25.52 -19.95
CA ILE E 18 21.27 24.25 -20.47
C ILE E 18 19.93 24.56 -21.13
N ILE E 19 19.90 24.50 -22.47
CA ILE E 19 18.72 24.93 -23.20
C ILE E 19 18.32 23.87 -24.22
N GLY E 20 17.37 24.21 -25.07
CA GLY E 20 16.87 23.29 -26.08
C GLY E 20 15.63 22.54 -25.64
N ALA E 21 15.34 21.48 -26.38
CA ALA E 21 14.16 20.66 -26.10
C ALA E 21 14.48 19.67 -24.99
N MET E 22 13.77 19.79 -23.88
CA MET E 22 14.00 18.94 -22.72
C MET E 22 12.71 18.25 -22.29
N THR E 23 12.85 17.11 -21.64
CA THR E 23 11.72 16.27 -21.26
C THR E 23 11.72 16.06 -19.76
N ALA E 24 10.58 16.36 -19.13
CA ALA E 24 10.36 16.01 -17.73
C ALA E 24 9.94 14.55 -17.69
N LEU E 25 10.89 13.66 -17.40
CA LEU E 25 10.66 12.24 -17.54
C LEU E 25 9.69 11.71 -16.49
N ILE E 26 8.76 10.88 -16.94
CA ILE E 26 7.91 10.14 -16.01
C ILE E 26 8.74 9.04 -15.34
N THR E 27 8.33 8.66 -14.14
CA THR E 27 9.00 7.59 -13.40
C THR E 27 8.10 6.37 -13.37
N PRO E 28 8.35 5.36 -14.21
CA PRO E 28 7.48 4.18 -14.22
C PRO E 28 7.65 3.35 -12.96
N PHE E 29 6.53 2.83 -12.46
CA PHE E 29 6.55 1.96 -11.29
C PHE E 29 6.11 0.56 -11.68
N LYS E 30 6.71 -0.43 -11.02
CA LYS E 30 6.36 -1.83 -11.20
C LYS E 30 6.43 -2.52 -9.85
N ASN E 31 5.29 -3.04 -9.38
CA ASN E 31 5.19 -3.69 -8.06
C ASN E 31 5.62 -2.74 -6.95
N GLY E 32 5.25 -1.47 -7.08
CA GLY E 32 5.52 -0.47 -6.06
C GLY E 32 6.96 0.01 -5.97
N LYS E 33 7.82 -0.38 -6.91
CA LYS E 33 9.19 0.11 -6.96
C LYS E 33 9.49 0.68 -8.34
N VAL E 34 10.64 1.33 -8.45
CA VAL E 34 11.04 1.99 -9.69
C VAL E 34 11.53 0.94 -10.68
N ASP E 35 10.88 0.87 -11.85
CA ASP E 35 11.26 0.01 -12.97
C ASP E 35 12.49 0.62 -13.65
N GLU E 36 13.68 0.10 -13.30
CA GLU E 36 14.93 0.76 -13.69
C GLU E 36 15.27 0.65 -15.20
N GLN E 37 14.81 -0.39 -15.91
CA GLN E 37 14.97 -0.41 -17.37
C GLN E 37 13.81 0.19 -18.14
N SER E 38 12.61 0.25 -17.58
CA SER E 38 11.65 1.09 -18.29
C SER E 38 12.06 2.54 -18.19
N TYR E 39 12.72 2.91 -17.09
CA TYR E 39 13.30 4.24 -16.99
C TYR E 39 14.42 4.44 -18.01
N ALA E 40 15.37 3.51 -18.06
CA ALA E 40 16.50 3.65 -18.98
C ALA E 40 16.09 3.49 -20.44
N ARG E 41 15.10 2.64 -20.72
CA ARG E 41 14.65 2.46 -22.10
C ARG E 41 13.74 3.59 -22.57
N LEU E 42 13.09 4.31 -21.64
CA LEU E 42 12.35 5.50 -22.04
C LEU E 42 13.28 6.70 -22.18
N ILE E 43 14.38 6.72 -21.44
CA ILE E 43 15.39 7.75 -21.64
C ILE E 43 16.11 7.49 -22.96
N LYS E 44 16.20 6.21 -23.35
CA LYS E 44 16.82 5.84 -24.62
C LYS E 44 15.89 6.12 -25.79
N ARG E 45 14.58 6.16 -25.54
CA ARG E 45 13.65 6.59 -26.58
C ARG E 45 13.70 8.09 -26.80
N GLN E 46 13.93 8.87 -25.74
CA GLN E 46 14.01 10.32 -25.87
C GLN E 46 15.26 10.74 -26.62
N ILE E 47 16.40 10.11 -26.33
CA ILE E 47 17.66 10.48 -26.97
C ILE E 47 17.55 10.33 -28.49
N GLU E 48 16.95 9.24 -28.96
CA GLU E 48 16.90 8.93 -30.38
C GLU E 48 15.83 9.72 -31.13
N ASN E 49 15.19 10.70 -30.50
CA ASN E 49 14.16 11.50 -31.17
C ASN E 49 14.47 12.99 -31.09
N GLY E 50 15.75 13.35 -30.99
CA GLY E 50 16.18 14.73 -31.10
C GLY E 50 16.11 15.55 -29.82
N ILE E 51 15.79 14.94 -28.68
CA ILE E 51 15.71 15.68 -27.43
C ILE E 51 17.11 16.08 -26.98
N ASP E 52 17.24 17.30 -26.46
CA ASP E 52 18.56 17.85 -26.10
C ASP E 52 18.94 17.58 -24.64
N ALA E 53 17.96 17.40 -23.75
CA ALA E 53 18.26 17.14 -22.35
C ALA E 53 17.05 16.49 -21.71
N VAL E 54 17.30 15.76 -20.62
CA VAL E 54 16.25 15.07 -19.87
C VAL E 54 16.24 15.57 -18.43
N VAL E 55 15.04 15.66 -17.86
CA VAL E 55 14.88 16.13 -16.49
C VAL E 55 14.39 14.97 -15.63
N PRO E 56 15.28 14.27 -14.92
CA PRO E 56 14.84 13.19 -14.04
C PRO E 56 14.25 13.73 -12.74
N VAL E 57 13.18 13.06 -12.28
CA VAL E 57 12.56 13.32 -10.99
C VAL E 57 12.18 14.79 -10.85
N GLY E 58 11.36 15.29 -11.77
CA GLY E 58 10.67 16.56 -11.59
C GLY E 58 9.32 16.34 -10.98
N THR E 59 8.43 17.31 -11.18
CA THR E 59 7.04 17.11 -10.80
C THR E 59 6.40 16.00 -11.62
N THR E 60 6.73 15.95 -12.91
CA THR E 60 6.23 14.86 -13.76
C THR E 60 6.83 13.52 -13.37
N GLY E 61 8.01 13.53 -12.77
CA GLY E 61 8.64 12.32 -12.27
C GLY E 61 8.20 11.91 -10.89
N GLU E 62 7.19 12.57 -10.33
CA GLU E 62 6.67 12.27 -9.00
C GLU E 62 7.78 12.39 -7.95
N SER E 63 8.48 13.52 -7.98
CA SER E 63 9.52 13.83 -6.99
C SER E 63 9.00 13.78 -5.56
N ALA E 64 7.68 13.84 -5.36
CA ALA E 64 7.13 13.96 -4.02
C ALA E 64 6.97 12.60 -3.36
N THR E 65 6.78 11.55 -4.17
CA THR E 65 6.49 10.22 -3.67
C THR E 65 7.71 9.31 -3.71
N LEU E 66 8.82 9.76 -4.27
CA LEU E 66 10.06 9.00 -4.25
C LEU E 66 10.83 9.26 -2.98
N THR E 67 11.44 8.20 -2.44
CA THR E 67 12.36 8.38 -1.32
C THR E 67 13.63 9.09 -1.80
N HIS E 68 14.42 9.56 -0.84
CA HIS E 68 15.65 10.29 -1.21
C HIS E 68 16.64 9.40 -1.94
N GLU E 69 16.62 8.09 -1.68
CA GLU E 69 17.51 7.19 -2.40
C GLU E 69 17.00 6.87 -3.80
N GLU E 70 15.67 6.80 -3.96
CA GLU E 70 15.10 6.58 -5.29
C GLU E 70 15.28 7.81 -6.16
N HIS E 71 15.07 9.00 -5.60
CA HIS E 71 15.39 10.24 -6.30
C HIS E 71 16.82 10.19 -6.84
N ARG E 72 17.76 9.73 -6.00
CA ARG E 72 19.15 9.69 -6.41
C ARG E 72 19.43 8.58 -7.42
N THR E 73 18.71 7.45 -7.32
CA THR E 73 18.95 6.35 -8.24
C THR E 73 18.53 6.71 -9.67
N CYS E 74 17.51 7.56 -9.83
CA CYS E 74 17.05 7.93 -11.16
C CYS E 74 17.80 9.14 -11.71
N ILE E 75 18.54 9.84 -10.88
CA ILE E 75 19.55 10.77 -11.39
C ILE E 75 20.73 9.98 -11.93
N GLU E 76 21.11 8.90 -11.24
CA GLU E 76 22.23 8.08 -11.66
C GLU E 76 21.93 7.37 -12.98
N ILE E 77 20.73 6.80 -13.11
CA ILE E 77 20.35 6.10 -14.34
C ILE E 77 20.36 7.06 -15.53
N ALA E 78 19.90 8.30 -15.31
CA ALA E 78 19.87 9.28 -16.39
C ALA E 78 21.27 9.59 -16.92
N VAL E 79 22.24 9.73 -16.02
CA VAL E 79 23.60 10.03 -16.44
C VAL E 79 24.19 8.89 -17.26
N GLU E 80 23.88 7.64 -16.89
CA GLU E 80 24.42 6.50 -17.61
C GLU E 80 23.89 6.44 -19.04
N THR E 81 22.59 6.71 -19.23
CA THR E 81 21.99 6.55 -20.55
C THR E 81 22.38 7.67 -21.49
N CYS E 82 22.76 8.80 -20.93
CA CYS E 82 23.15 9.94 -21.71
C CYS E 82 24.63 10.11 -21.85
N LYS E 83 25.38 9.26 -21.18
CA LYS E 83 26.86 9.26 -21.21
C LYS E 83 27.26 8.80 -22.63
N GLY E 84 28.14 9.51 -23.27
CA GLY E 84 28.52 9.10 -24.58
C GLY E 84 27.71 9.86 -25.57
N THR E 85 26.50 10.25 -25.18
CA THR E 85 25.59 11.02 -26.04
C THR E 85 25.68 12.51 -25.82
N LYS E 86 25.17 13.30 -26.74
CA LYS E 86 25.20 14.78 -26.58
C LYS E 86 24.11 15.35 -25.67
N VAL E 87 23.22 14.48 -25.23
CA VAL E 87 22.10 14.78 -24.37
C VAL E 87 22.52 15.06 -22.94
N LYS E 88 22.15 16.22 -22.45
CA LYS E 88 22.52 16.58 -21.10
C LYS E 88 21.46 16.14 -20.10
N VAL E 89 21.82 16.15 -18.82
CA VAL E 89 20.91 15.78 -17.74
C VAL E 89 20.73 16.99 -16.84
N LEU E 90 19.52 17.54 -16.83
CA LEU E 90 19.14 18.63 -15.92
C LEU E 90 18.34 18.02 -14.77
N ALA E 91 19.04 17.70 -13.69
CA ALA E 91 18.46 16.91 -12.61
C ALA E 91 17.53 17.74 -11.73
N GLY E 92 16.39 17.15 -11.38
CA GLY E 92 15.48 17.77 -10.43
C GLY E 92 16.07 17.73 -9.03
N ALA E 93 16.26 18.90 -8.40
CA ALA E 93 16.85 18.95 -7.08
C ALA E 93 16.13 19.91 -6.14
N GLY E 94 14.87 20.21 -6.40
CA GLY E 94 14.14 21.15 -5.58
C GLY E 94 13.56 20.53 -4.33
N SER E 95 13.30 21.39 -3.34
CA SER E 95 12.66 20.97 -2.11
C SER E 95 12.17 22.21 -1.36
N ASN E 96 11.17 21.99 -0.50
CA ASN E 96 10.66 23.07 0.33
C ASN E 96 11.52 23.33 1.56
N ALA E 97 12.54 22.50 1.78
CA ALA E 97 13.52 22.71 2.84
C ALA E 97 14.88 22.96 2.20
N THR E 98 15.53 24.07 2.60
CA THR E 98 16.77 24.46 1.95
C THR E 98 17.87 23.42 2.15
N HIS E 99 17.96 22.83 3.35
CA HIS E 99 18.96 21.80 3.59
C HIS E 99 18.69 20.57 2.73
N GLU E 100 17.41 20.31 2.40
CA GLU E 100 17.09 19.20 1.50
C GLU E 100 17.44 19.54 0.06
N ALA E 101 17.24 20.79 -0.35
CA ALA E 101 17.56 21.20 -1.73
C ALA E 101 19.06 21.24 -1.95
N VAL E 102 19.83 21.67 -0.95
CA VAL E 102 21.27 21.69 -1.07
C VAL E 102 21.81 20.26 -1.17
N GLY E 103 21.21 19.32 -0.43
CA GLY E 103 21.63 17.94 -0.52
C GLY E 103 21.43 17.35 -1.90
N LEU E 104 20.25 17.55 -2.48
CA LEU E 104 19.99 17.03 -3.82
C LEU E 104 20.85 17.74 -4.86
N ALA E 105 21.09 19.04 -4.68
CA ALA E 105 21.95 19.78 -5.61
C ALA E 105 23.39 19.28 -5.51
N LYS E 106 23.87 19.05 -4.28
CA LYS E 106 25.24 18.59 -4.09
C LYS E 106 25.42 17.17 -4.58
N PHE E 107 24.40 16.32 -4.44
CA PHE E 107 24.48 14.97 -5.00
C PHE E 107 24.57 15.01 -6.51
N ALA E 108 23.86 15.95 -7.14
CA ALA E 108 23.83 15.99 -8.60
C ALA E 108 25.20 16.33 -9.19
N LYS E 109 25.93 17.27 -8.59
CA LYS E 109 27.26 17.58 -9.10
C LYS E 109 28.19 16.39 -8.94
N GLU E 110 28.24 15.82 -7.73
CA GLU E 110 29.18 14.74 -7.43
C GLU E 110 28.86 13.46 -8.20
N HIS E 111 27.72 13.38 -8.87
CA HIS E 111 27.33 12.17 -9.59
C HIS E 111 27.12 12.40 -11.08
N GLY E 112 27.63 13.52 -11.61
CA GLY E 112 27.75 13.70 -13.04
C GLY E 112 26.64 14.46 -13.74
N ALA E 113 25.75 15.12 -13.01
CA ALA E 113 24.70 15.90 -13.66
C ALA E 113 25.29 17.18 -14.28
N ASP E 114 24.71 17.59 -15.40
CA ASP E 114 25.14 18.81 -16.07
C ASP E 114 24.54 20.06 -15.44
N GLY E 115 23.48 19.91 -14.67
CA GLY E 115 22.84 21.04 -14.02
C GLY E 115 21.70 20.53 -13.15
N ILE E 116 21.02 21.48 -12.51
CA ILE E 116 19.90 21.14 -11.62
C ILE E 116 18.70 22.03 -11.92
N LEU E 117 17.52 21.44 -11.83
CA LEU E 117 16.26 22.17 -11.73
C LEU E 117 15.86 22.21 -10.26
N SER E 118 15.39 23.37 -9.81
CA SER E 118 15.05 23.58 -8.40
C SER E 118 13.68 24.25 -8.31
N VAL E 119 12.69 23.51 -7.82
CA VAL E 119 11.33 24.01 -7.71
C VAL E 119 11.24 24.98 -6.53
N ALA E 120 10.38 25.98 -6.66
CA ALA E 120 10.12 26.88 -5.55
C ALA E 120 9.56 26.10 -4.36
N PRO E 121 9.99 26.41 -3.14
CA PRO E 121 9.48 25.71 -1.96
C PRO E 121 7.96 25.73 -1.89
N TYR E 122 7.39 24.55 -1.74
CA TYR E 122 5.96 24.34 -1.68
C TYR E 122 5.49 24.27 -0.23
N TYR E 123 4.19 24.54 -0.04
CA TYR E 123 3.50 24.36 1.24
C TYR E 123 3.88 25.42 2.28
N ASN E 124 5.18 25.61 2.54
CA ASN E 124 5.59 26.50 3.61
C ASN E 124 5.59 27.97 3.23
N LYS E 125 5.34 28.29 1.95
CA LYS E 125 5.12 29.66 1.47
C LYS E 125 6.15 30.65 2.00
N PRO E 126 7.39 30.61 1.53
CA PRO E 126 8.38 31.58 1.99
C PRO E 126 8.18 32.95 1.35
N THR E 127 8.69 33.98 2.04
CA THR E 127 8.68 35.32 1.51
C THR E 127 9.73 35.48 0.42
N GLN E 128 9.69 36.64 -0.25
CA GLN E 128 10.66 36.93 -1.30
C GLN E 128 12.09 36.90 -0.77
N GLN E 129 12.30 37.42 0.44
CA GLN E 129 13.62 37.35 1.07
C GLN E 129 14.02 35.90 1.34
N GLY E 130 13.07 35.08 1.78
CA GLY E 130 13.37 33.68 2.02
C GLY E 130 13.69 32.93 0.74
N LEU E 131 12.95 33.21 -0.34
CA LEU E 131 13.22 32.56 -1.61
C LEU E 131 14.60 32.94 -2.13
N TYR E 132 15.00 34.21 -1.95
CA TYR E 132 16.33 34.65 -2.36
C TYR E 132 17.42 33.86 -1.64
N GLU E 133 17.36 33.81 -0.31
CA GLU E 133 18.37 33.08 0.45
C GLU E 133 18.30 31.58 0.19
N HIS E 134 17.09 31.06 -0.05
CA HIS E 134 16.95 29.65 -0.37
C HIS E 134 17.74 29.28 -1.63
N TYR E 135 17.53 30.02 -2.71
CA TYR E 135 18.16 29.65 -3.98
C TYR E 135 19.65 30.00 -3.99
N LYS E 136 19.98 31.10 -3.35
CA LYS E 136 21.37 31.52 -3.20
C LYS E 136 22.14 30.58 -2.27
N ALA E 137 21.50 29.98 -1.27
CA ALA E 137 22.19 28.94 -0.51
C ALA E 137 22.44 27.72 -1.39
N ILE E 138 21.49 27.39 -2.28
CA ILE E 138 21.67 26.28 -3.21
C ILE E 138 22.76 26.58 -4.21
N ALA E 139 22.80 27.80 -4.75
CA ALA E 139 23.75 28.11 -5.82
C ALA E 139 25.19 28.05 -5.35
N GLN E 140 25.46 28.48 -4.12
CA GLN E 140 26.81 28.46 -3.59
C GLN E 140 27.27 27.07 -3.17
N SER E 141 26.36 26.13 -3.01
CA SER E 141 26.74 24.76 -2.67
C SER E 141 27.32 24.03 -3.86
N VAL E 142 27.00 24.45 -5.09
CA VAL E 142 27.32 23.71 -6.30
C VAL E 142 27.99 24.64 -7.30
N ASP E 143 28.62 24.04 -8.33
CA ASP E 143 29.25 24.76 -9.43
C ASP E 143 28.67 24.38 -10.79
N ILE E 144 27.45 23.86 -10.81
CA ILE E 144 26.80 23.50 -12.07
C ILE E 144 25.66 24.49 -12.27
N PRO E 145 25.17 24.68 -13.50
CA PRO E 145 24.09 25.64 -13.73
C PRO E 145 22.87 25.30 -12.88
N VAL E 146 22.17 26.34 -12.44
CA VAL E 146 20.97 26.19 -11.61
C VAL E 146 19.83 26.88 -12.33
N LEU E 147 18.77 26.15 -12.58
CA LEU E 147 17.58 26.65 -13.27
C LEU E 147 16.44 26.78 -12.27
N LEU E 148 15.95 28.01 -12.09
CA LEU E 148 14.80 28.21 -11.23
C LEU E 148 13.56 27.56 -11.84
N TYR E 149 12.55 27.35 -11.01
CA TYR E 149 11.34 26.64 -11.43
C TYR E 149 10.18 27.27 -10.66
N ASN E 150 9.31 27.98 -11.38
CA ASN E 150 8.20 28.71 -10.78
C ASN E 150 6.90 28.08 -11.24
N VAL E 151 6.17 27.48 -10.30
CA VAL E 151 4.85 26.91 -10.57
C VAL E 151 3.97 27.23 -9.36
N PRO E 152 3.39 28.43 -9.31
CA PRO E 152 2.65 28.84 -8.10
C PRO E 152 1.37 28.05 -7.89
N GLY E 153 0.74 27.53 -8.94
CA GLY E 153 -0.48 26.75 -8.77
C GLY E 153 -0.32 25.51 -7.94
N ARG E 154 0.91 24.98 -7.83
CA ARG E 154 1.17 23.79 -7.03
C ARG E 154 1.96 24.09 -5.77
N THR E 155 2.78 25.12 -5.74
CA THR E 155 3.60 25.44 -4.58
C THR E 155 2.92 26.40 -3.63
N GLY E 156 2.00 27.23 -4.12
CA GLY E 156 1.37 28.28 -3.34
C GLY E 156 2.15 29.57 -3.21
N CYS E 157 3.30 29.68 -3.85
CA CYS E 157 4.10 30.89 -3.83
C CYS E 157 4.64 31.16 -5.23
N GLU E 158 5.00 32.41 -5.49
CA GLU E 158 5.53 32.81 -6.78
C GLU E 158 6.88 33.50 -6.59
N ILE E 159 7.86 33.10 -7.41
CA ILE E 159 9.14 33.80 -7.47
C ILE E 159 8.95 35.04 -8.35
N SER E 160 8.90 36.21 -7.71
CA SER E 160 8.72 37.47 -8.43
C SER E 160 9.82 37.67 -9.47
N THR E 161 9.49 38.47 -10.49
CA THR E 161 10.47 38.85 -11.50
C THR E 161 11.70 39.50 -10.86
N ASP E 162 11.48 40.35 -9.85
CA ASP E 162 12.62 41.01 -9.20
C ASP E 162 13.53 40.01 -8.53
N THR E 163 12.96 39.00 -7.86
CA THR E 163 13.77 37.99 -7.21
C THR E 163 14.51 37.12 -8.21
N ILE E 164 13.83 36.75 -9.31
CA ILE E 164 14.49 35.97 -10.37
C ILE E 164 15.67 36.76 -10.93
N ILE E 165 15.43 38.02 -11.28
CA ILE E 165 16.49 38.85 -11.84
C ILE E 165 17.60 39.07 -10.82
N LYS E 166 17.22 39.29 -9.55
CA LYS E 166 18.23 39.46 -8.50
C LYS E 166 19.07 38.21 -8.32
N LEU E 167 18.42 37.04 -8.34
CA LEU E 167 19.16 35.79 -8.22
C LEU E 167 20.02 35.54 -9.46
N PHE E 168 19.51 35.92 -10.63
CA PHE E 168 20.28 35.75 -11.86
C PHE E 168 21.54 36.60 -11.85
N ARG E 169 21.45 37.82 -11.32
CA ARG E 169 22.58 38.74 -11.36
C ARG E 169 23.56 38.54 -10.21
N ASP E 170 23.11 37.94 -9.10
CA ASP E 170 23.93 37.81 -7.90
C ASP E 170 24.58 36.45 -7.75
N CYS E 171 24.09 35.42 -8.44
CA CYS E 171 24.62 34.07 -8.33
C CYS E 171 25.05 33.60 -9.71
N GLU E 172 26.27 33.05 -9.80
CA GLU E 172 26.90 32.85 -11.09
C GLU E 172 26.40 31.62 -11.82
N ASN E 173 25.84 30.63 -11.10
CA ASN E 173 25.31 29.44 -11.74
C ASN E 173 23.80 29.49 -11.96
N ILE E 174 23.10 30.50 -11.46
CA ILE E 174 21.68 30.67 -11.75
C ILE E 174 21.56 31.38 -13.09
N TYR E 175 21.01 30.68 -14.09
CA TYR E 175 21.05 31.16 -15.46
C TYR E 175 19.68 31.36 -16.11
N GLY E 176 18.59 31.02 -15.44
CA GLY E 176 17.28 31.19 -16.02
C GLY E 176 16.19 30.63 -15.13
N VAL E 177 15.02 30.43 -15.72
CA VAL E 177 13.86 29.95 -14.98
C VAL E 177 12.91 29.12 -15.86
N KPI E 178 12.36 28.07 -15.29
CA KPI E 178 11.37 27.25 -15.94
CB KPI E 178 11.48 25.79 -15.49
CG KPI E 178 10.61 24.81 -16.29
CD KPI E 178 10.09 23.60 -15.52
CE KPI E 178 8.87 22.90 -16.12
NZ KPI E 178 8.84 21.61 -15.45
CX1 KPI E 178 7.97 20.72 -15.24
C1 KPI E 178 6.58 20.85 -15.70
CX2 KPI E 178 8.32 19.53 -14.52
O1 KPI E 178 7.72 18.48 -14.72
O2 KPI E 178 9.19 19.57 -13.68
C KPI E 178 10.07 27.84 -15.48
O KPI E 178 9.65 27.64 -14.36
N GLU E 179 9.34 28.54 -16.34
CA GLU E 179 8.08 29.15 -15.97
C GLU E 179 6.85 28.34 -16.27
N ALA E 180 6.06 28.10 -15.25
CA ALA E 180 4.84 27.36 -15.36
C ALA E 180 3.76 28.16 -14.65
N SER E 181 3.59 29.39 -15.11
CA SER E 181 2.65 30.29 -14.54
C SER E 181 1.47 30.68 -15.40
N GLY E 182 1.50 30.36 -16.68
CA GLY E 182 0.44 30.72 -17.59
C GLY E 182 0.29 32.21 -17.64
N ASN E 183 1.40 32.89 -17.49
CA ASN E 183 1.47 34.34 -17.39
C ASN E 183 2.47 34.84 -18.43
N ILE E 184 1.98 35.07 -19.66
CA ILE E 184 2.85 35.56 -20.72
C ILE E 184 3.31 36.98 -20.42
N ASP E 185 2.53 37.73 -19.64
CA ASP E 185 2.97 39.04 -19.19
C ASP E 185 4.26 38.93 -18.38
N LYS E 186 4.34 37.95 -17.49
CA LYS E 186 5.55 37.75 -16.70
C LYS E 186 6.73 37.36 -17.58
N CYS E 187 6.47 36.74 -18.74
CA CYS E 187 7.56 36.32 -19.61
C CYS E 187 8.06 37.47 -20.48
N VAL E 188 7.24 38.50 -20.71
CA VAL E 188 7.74 39.74 -21.28
C VAL E 188 8.52 40.53 -20.23
N ASP E 189 7.99 40.60 -19.01
CA ASP E 189 8.68 41.30 -17.93
C ASP E 189 10.10 40.79 -17.72
N LEU E 190 10.26 39.48 -17.67
CA LEU E 190 11.57 38.89 -17.41
C LEU E 190 12.58 39.26 -18.50
N LEU E 191 12.19 39.05 -19.75
CA LEU E 191 13.13 39.22 -20.86
C LEU E 191 13.28 40.67 -21.32
N ALA E 192 12.37 41.56 -20.91
CA ALA E 192 12.56 42.97 -21.23
C ALA E 192 13.54 43.64 -20.29
N HIS E 193 13.57 43.23 -19.02
CA HIS E 193 14.47 43.81 -18.04
C HIS E 193 15.75 43.01 -17.84
N GLU E 194 15.74 41.72 -18.18
CA GLU E 194 16.93 40.87 -18.08
C GLU E 194 16.97 39.94 -19.28
N PRO E 195 17.42 40.42 -20.44
CA PRO E 195 17.33 39.61 -21.66
C PRO E 195 18.37 38.52 -21.81
N ARG E 196 19.41 38.46 -20.99
CA ARG E 196 20.42 37.42 -21.13
C ARG E 196 20.09 36.16 -20.35
N MET E 197 18.93 36.11 -19.69
CA MET E 197 18.54 34.93 -18.93
C MET E 197 17.87 33.93 -19.85
N MET E 198 17.97 32.65 -19.49
CA MET E 198 17.42 31.56 -20.30
C MET E 198 16.03 31.23 -19.78
N LEU E 199 15.00 31.74 -20.45
CA LEU E 199 13.62 31.48 -20.10
C LEU E 199 13.18 30.17 -20.74
N ILE E 200 12.76 29.22 -19.90
CA ILE E 200 12.37 27.88 -20.35
C ILE E 200 10.88 27.71 -20.10
N SER E 201 10.15 27.31 -21.14
CA SER E 201 8.74 27.07 -20.99
C SER E 201 8.56 25.74 -20.29
N GLY E 202 7.78 25.74 -19.22
CA GLY E 202 7.46 24.50 -18.55
C GLY E 202 5.98 24.21 -18.67
N GLU E 203 5.38 24.67 -19.77
CA GLU E 203 3.94 24.61 -19.94
C GLU E 203 3.69 24.41 -21.45
N ASP E 204 3.36 23.17 -21.84
CA ASP E 204 3.42 22.71 -23.24
C ASP E 204 2.47 23.44 -24.19
N ALA E 205 1.30 23.86 -23.73
CA ALA E 205 0.33 24.46 -24.65
C ALA E 205 0.85 25.78 -25.23
N ILE E 206 1.71 26.48 -24.49
CA ILE E 206 2.19 27.80 -24.90
C ILE E 206 3.69 27.78 -25.15
N ASN E 207 4.21 26.64 -25.62
CA ASN E 207 5.63 26.52 -25.92
C ASN E 207 6.07 27.58 -26.93
N TYR E 208 5.39 27.67 -28.07
CA TYR E 208 5.80 28.61 -29.11
C TYR E 208 5.72 30.07 -28.69
N PRO E 209 4.64 30.56 -28.07
CA PRO E 209 4.63 31.97 -27.65
C PRO E 209 5.78 32.33 -26.74
N ILE E 210 6.19 31.40 -25.89
CA ILE E 210 7.32 31.67 -25.00
C ILE E 210 8.63 31.69 -25.78
N LEU E 211 8.79 30.78 -26.75
CA LEU E 211 10.05 30.70 -27.49
C LEU E 211 10.26 31.91 -28.36
N SER E 212 9.20 32.29 -29.08
CA SER E 212 9.22 33.41 -30.00
C SER E 212 9.32 34.76 -29.30
N ASN E 213 9.15 34.84 -27.97
CA ASN E 213 9.42 36.06 -27.20
C ASN E 213 10.83 36.05 -26.63
N GLY E 214 11.65 35.08 -27.03
CA GLY E 214 13.02 34.97 -26.58
C GLY E 214 13.34 33.78 -25.71
N GLY E 215 12.35 32.95 -25.39
CA GLY E 215 12.64 31.71 -24.68
C GLY E 215 13.58 30.82 -25.48
N LYS E 216 14.40 30.06 -24.74
CA LYS E 216 15.46 29.27 -25.36
C LYS E 216 15.30 27.77 -25.11
N GLY E 217 14.12 27.32 -24.70
CA GLY E 217 13.90 25.90 -24.54
C GLY E 217 12.62 25.62 -23.80
N VAL E 218 12.30 24.33 -23.74
CA VAL E 218 11.12 23.84 -23.03
C VAL E 218 11.54 22.65 -22.17
N ILE E 219 10.85 22.49 -21.04
CA ILE E 219 10.91 21.29 -20.22
C ILE E 219 9.51 20.68 -20.31
N SER E 220 9.38 19.63 -21.10
CA SER E 220 8.09 19.24 -21.66
C SER E 220 7.48 18.05 -20.95
N VAL E 221 6.15 18.03 -20.95
CA VAL E 221 5.36 16.86 -20.59
C VAL E 221 4.96 16.05 -21.80
N THR E 222 4.54 16.73 -22.87
CA THR E 222 4.13 16.06 -24.10
C THR E 222 5.26 15.25 -24.72
N SER E 223 6.51 15.71 -24.56
CA SER E 223 7.64 15.03 -25.19
C SER E 223 7.83 13.61 -24.68
N ASN E 224 7.28 13.27 -23.52
CA ASN E 224 7.29 11.88 -23.08
C ASN E 224 6.57 10.99 -24.09
N LEU E 225 5.47 11.47 -24.66
CA LEU E 225 4.69 10.71 -25.61
C LEU E 225 5.11 10.98 -27.06
N LEU E 226 5.32 12.25 -27.41
CA LEU E 226 5.68 12.67 -28.77
C LEU E 226 6.99 13.46 -28.73
N PRO E 227 8.11 12.78 -28.49
CA PRO E 227 9.38 13.51 -28.38
C PRO E 227 9.84 14.15 -29.69
N ASP E 228 9.55 13.51 -30.83
CA ASP E 228 9.99 14.06 -32.11
C ASP E 228 9.29 15.38 -32.43
N MET E 229 7.99 15.46 -32.12
CA MET E 229 7.24 16.69 -32.41
C MET E 229 7.72 17.84 -31.52
N ILE E 230 7.95 17.55 -30.24
CA ILE E 230 8.44 18.59 -29.33
C ILE E 230 9.85 19.03 -29.73
N SER E 231 10.68 18.08 -30.16
CA SER E 231 12.04 18.43 -30.59
C SER E 231 12.01 19.28 -31.86
N ALA E 232 11.12 18.95 -32.80
CA ALA E 232 11.01 19.75 -34.01
C ALA E 232 10.54 21.16 -33.71
N LEU E 233 9.58 21.30 -32.79
CA LEU E 233 9.05 22.62 -32.44
C LEU E 233 10.15 23.54 -31.91
N THR E 234 10.91 23.06 -30.92
CA THR E 234 11.94 23.90 -30.31
C THR E 234 13.03 24.28 -31.31
N HIS E 235 13.49 23.32 -32.12
CA HIS E 235 14.59 23.59 -33.02
C HIS E 235 14.17 24.50 -34.17
N PHE E 236 12.95 24.33 -34.67
CA PHE E 236 12.41 25.27 -35.65
C PHE E 236 12.38 26.68 -35.07
N ALA E 237 11.91 26.82 -33.83
CA ALA E 237 11.81 28.14 -33.20
C ALA E 237 13.18 28.74 -32.94
N LEU E 238 14.15 27.92 -32.50
CA LEU E 238 15.48 28.44 -32.22
C LEU E 238 16.19 28.90 -33.48
N ASP E 239 15.88 28.28 -34.63
CA ASP E 239 16.38 28.74 -35.92
C ASP E 239 15.52 29.84 -36.53
N GLU E 240 14.65 30.46 -35.73
CA GLU E 240 13.80 31.58 -36.15
C GLU E 240 12.87 31.20 -37.30
N ASN E 241 12.47 29.92 -37.35
CA ASN E 241 11.45 29.47 -38.29
C ASN E 241 10.13 29.46 -37.53
N TYR E 242 9.51 30.64 -37.44
CA TYR E 242 8.35 30.82 -36.59
C TYR E 242 7.06 30.28 -37.21
N LYS E 243 7.05 30.08 -38.53
CA LYS E 243 5.84 29.58 -39.17
C LYS E 243 5.72 28.07 -39.05
N GLU E 244 6.85 27.36 -39.01
CA GLU E 244 6.82 25.92 -38.74
C GLU E 244 6.73 25.60 -37.26
N ALA E 245 7.33 26.44 -36.40
CA ALA E 245 7.22 26.25 -34.95
C ALA E 245 5.79 26.46 -34.48
N LYS E 246 5.16 27.55 -34.90
CA LYS E 246 3.76 27.79 -34.54
C LYS E 246 2.90 26.71 -35.15
N LYS E 247 3.33 26.16 -36.30
CA LYS E 247 2.54 25.16 -36.98
C LYS E 247 2.39 23.89 -36.16
N ILE E 248 3.49 23.42 -35.57
CA ILE E 248 3.48 22.23 -34.74
C ILE E 248 2.80 22.52 -33.41
N ASN E 249 3.00 23.72 -32.89
CA ASN E 249 2.37 24.11 -31.63
C ASN E 249 0.84 24.14 -31.77
N ASP E 250 0.34 24.56 -32.94
CA ASP E 250 -1.10 24.56 -33.16
C ASP E 250 -1.63 23.14 -33.30
N GLU E 251 -0.91 22.26 -34.00
CA GLU E 251 -1.34 20.87 -34.13
C GLU E 251 -1.31 20.14 -32.79
N LEU E 252 -0.39 20.53 -31.90
CA LEU E 252 -0.20 19.86 -30.63
C LEU E 252 -1.13 20.35 -29.52
N TYR E 253 -1.98 21.33 -29.79
CA TYR E 253 -2.76 21.95 -28.71
C TYR E 253 -3.68 20.95 -28.03
N ASN E 254 -4.40 20.14 -28.82
CA ASN E 254 -5.39 19.24 -28.22
C ASN E 254 -4.74 18.21 -27.31
N ILE E 255 -3.61 17.63 -27.73
CA ILE E 255 -2.92 16.70 -26.85
C ILE E 255 -2.25 17.44 -25.70
N ASN E 256 -1.81 18.68 -25.93
CA ASN E 256 -1.18 19.45 -24.86
C ASN E 256 -2.16 19.75 -23.73
N LYS E 257 -3.43 19.98 -24.07
CA LYS E 257 -4.43 20.33 -23.07
C LYS E 257 -5.12 19.11 -22.46
N ILE E 258 -5.29 18.03 -23.23
CA ILE E 258 -5.90 16.83 -22.68
C ILE E 258 -4.97 16.14 -21.69
N LEU E 259 -3.68 16.43 -21.74
CA LEU E 259 -2.73 15.92 -20.76
C LEU E 259 -2.82 16.63 -19.43
N PHE E 260 -3.78 17.55 -19.26
CA PHE E 260 -4.00 18.21 -17.98
C PHE E 260 -5.47 18.25 -17.58
N CYS E 261 -6.34 17.46 -18.23
CA CYS E 261 -7.70 17.28 -17.74
C CYS E 261 -7.69 16.80 -16.30
N GLU E 262 -6.68 16.02 -15.94
CA GLU E 262 -6.32 15.72 -14.58
C GLU E 262 -4.87 16.14 -14.38
N SER E 263 -4.43 16.01 -13.13
CA SER E 263 -3.13 16.52 -12.72
C SER E 263 -1.97 15.81 -13.36
N ASN E 264 -1.05 16.55 -13.96
CA ASN E 264 0.21 15.93 -14.36
C ASN E 264 0.88 15.35 -13.11
N PRO E 265 1.41 14.11 -13.18
CA PRO E 265 1.52 13.27 -14.37
C PRO E 265 0.44 12.17 -14.50
N ILE E 266 -0.79 12.41 -14.05
CA ILE E 266 -1.83 11.38 -14.16
C ILE E 266 -2.23 11.18 -15.63
N PRO E 267 -2.51 12.22 -16.41
CA PRO E 267 -2.88 11.97 -17.82
C PRO E 267 -1.73 11.46 -18.66
N ILE E 268 -0.50 11.95 -18.46
CA ILE E 268 0.60 11.55 -19.34
C ILE E 268 0.96 10.09 -19.11
N LYS E 269 0.93 9.62 -17.86
CA LYS E 269 1.18 8.20 -17.62
C LYS E 269 0.06 7.35 -18.19
N THR E 270 -1.17 7.87 -18.21
CA THR E 270 -2.26 7.18 -18.90
C THR E 270 -1.97 7.11 -20.40
N ALA E 271 -1.54 8.22 -21.00
CA ALA E 271 -1.23 8.23 -22.42
C ALA E 271 -0.08 7.28 -22.74
N MET E 272 0.97 7.28 -21.91
CA MET E 272 2.09 6.38 -22.14
C MET E 272 1.66 4.92 -22.02
N TYR E 273 0.74 4.63 -21.09
CA TYR E 273 0.22 3.28 -20.94
C TYR E 273 -0.67 2.89 -22.12
N LEU E 274 -1.53 3.80 -22.57
CA LEU E 274 -2.40 3.51 -23.70
C LEU E 274 -1.61 3.27 -24.99
N ALA E 275 -0.47 3.94 -25.14
CA ALA E 275 0.37 3.74 -26.31
C ALA E 275 1.28 2.52 -26.19
N GLY E 276 1.22 1.79 -25.09
CA GLY E 276 2.08 0.65 -24.91
C GLY E 276 3.53 1.01 -24.67
N LEU E 277 3.81 2.24 -24.24
CA LEU E 277 5.17 2.67 -23.96
C LEU E 277 5.58 2.42 -22.52
N ILE E 278 4.63 2.17 -21.62
CA ILE E 278 4.92 1.72 -20.27
C ILE E 278 4.05 0.51 -19.99
N GLU E 279 4.52 -0.34 -19.07
CA GLU E 279 3.93 -1.66 -18.89
C GLU E 279 2.68 -1.63 -18.02
N SER E 280 2.66 -0.79 -16.99
CA SER E 280 1.58 -0.79 -16.00
C SER E 280 1.15 0.63 -15.70
N LEU E 281 -0.15 0.85 -15.60
CA LEU E 281 -0.69 2.14 -15.18
C LEU E 281 -0.60 2.22 -13.65
N GLU E 282 0.63 2.38 -13.17
CA GLU E 282 0.93 2.38 -11.75
C GLU E 282 1.39 3.77 -11.33
N PHE E 283 0.82 4.27 -10.23
CA PHE E 283 1.28 5.47 -9.57
C PHE E 283 1.68 5.16 -8.14
N ARG E 284 2.22 6.16 -7.45
CA ARG E 284 2.40 6.12 -6.01
C ARG E 284 1.46 7.14 -5.39
N LEU E 285 0.70 6.70 -4.40
CA LEU E 285 -0.30 7.51 -3.73
C LEU E 285 0.31 8.80 -3.21
N PRO E 286 -0.45 9.92 -3.17
CA PRO E 286 -1.89 10.02 -3.45
C PRO E 286 -2.26 10.08 -4.93
N LEU E 287 -1.33 9.80 -5.83
CA LEU E 287 -1.66 9.76 -7.25
C LEU E 287 -2.27 8.42 -7.62
N CYS E 288 -3.32 8.48 -8.44
CA CYS E 288 -4.09 7.30 -8.81
C CYS E 288 -4.49 7.41 -10.28
N SER E 289 -5.11 6.36 -10.78
CA SER E 289 -5.58 6.37 -12.17
C SER E 289 -6.72 7.37 -12.35
N PRO E 290 -6.88 7.93 -13.54
CA PRO E 290 -7.88 8.97 -13.76
C PRO E 290 -9.31 8.41 -13.81
N SER E 291 -10.27 9.34 -13.85
CA SER E 291 -11.68 9.02 -14.08
C SER E 291 -11.85 8.30 -15.43
N LYS E 292 -13.00 7.62 -15.58
CA LYS E 292 -13.15 6.76 -16.75
C LYS E 292 -13.39 7.52 -18.05
N GLU E 293 -14.06 8.68 -18.06
CA GLU E 293 -14.12 9.40 -19.34
C GLU E 293 -12.76 10.04 -19.63
N ASN E 294 -12.10 10.60 -18.62
CA ASN E 294 -10.77 11.17 -18.87
C ASN E 294 -9.83 10.10 -19.40
N PHE E 295 -9.94 8.86 -18.90
CA PHE E 295 -9.28 7.75 -19.54
C PHE E 295 -9.75 7.62 -20.98
N ALA E 296 -11.07 7.68 -21.18
CA ALA E 296 -11.58 7.60 -22.54
C ALA E 296 -11.21 8.84 -23.34
N LYS E 297 -11.18 10.01 -22.70
CA LYS E 297 -10.92 11.24 -23.45
C LYS E 297 -9.45 11.37 -23.82
N ILE E 298 -8.54 10.83 -23.00
CA ILE E 298 -7.13 10.82 -23.38
C ILE E 298 -6.89 9.86 -24.55
N GLU E 299 -7.44 8.65 -24.44
CA GLU E 299 -7.30 7.64 -25.49
C GLU E 299 -7.84 8.16 -26.81
N GLU E 300 -8.84 9.02 -26.73
CA GLU E 300 -9.60 9.38 -27.92
C GLU E 300 -8.86 10.48 -28.69
N VAL E 301 -8.16 11.36 -27.97
CA VAL E 301 -7.37 12.45 -28.56
C VAL E 301 -6.06 11.95 -29.16
N MET E 302 -5.50 10.86 -28.58
CA MET E 302 -4.20 10.37 -29.03
C MET E 302 -4.22 9.91 -30.49
N LYS E 303 -5.37 9.44 -30.97
CA LYS E 303 -5.44 8.80 -32.28
C LYS E 303 -5.07 9.73 -33.44
N LYS E 304 -5.16 11.04 -33.27
CA LYS E 304 -4.78 11.93 -34.37
C LYS E 304 -3.29 12.28 -34.37
N TYR E 305 -2.49 11.61 -33.55
CA TYR E 305 -1.05 11.79 -33.51
C TYR E 305 -0.37 10.46 -33.77
N LYS E 306 0.85 10.52 -34.31
CA LYS E 306 1.62 9.34 -34.67
C LYS E 306 2.66 9.10 -33.59
N ILE E 307 2.47 8.05 -32.81
CA ILE E 307 3.30 7.77 -31.64
C ILE E 307 4.40 6.80 -32.02
N LYS E 308 5.64 7.25 -31.79
CA LYS E 308 6.83 6.47 -32.09
C LYS E 308 7.10 5.43 -31.00
N GLY E 309 7.54 4.25 -31.40
CA GLY E 309 7.85 3.18 -30.48
C GLY E 309 9.29 3.23 -30.02
N PHE E 310 9.82 2.07 -29.64
CA PHE E 310 11.20 1.96 -29.21
C PHE E 310 12.12 1.60 -30.37
N LYS F 15 30.64 -57.04 -76.08
CA LYS F 15 30.21 -56.69 -74.74
C LYS F 15 29.32 -57.78 -74.13
N ASN F 16 29.94 -58.63 -73.31
CA ASN F 16 29.26 -59.76 -72.71
C ASN F 16 28.36 -59.27 -71.58
N ILE F 17 27.12 -59.77 -71.52
CA ILE F 17 26.08 -59.18 -70.70
C ILE F 17 25.39 -60.25 -69.86
N ILE F 18 24.76 -59.79 -68.78
CA ILE F 18 23.88 -60.61 -67.95
C ILE F 18 22.59 -59.80 -67.75
N ILE F 19 21.52 -60.23 -68.38
CA ILE F 19 20.25 -59.50 -68.31
C ILE F 19 19.10 -60.48 -68.04
N GLY F 20 17.88 -59.99 -68.16
CA GLY F 20 16.70 -60.80 -67.93
C GLY F 20 16.13 -60.66 -66.53
N ALA F 21 15.29 -61.63 -66.16
CA ALA F 21 14.65 -61.63 -64.85
C ALA F 21 15.61 -62.17 -63.81
N MET F 22 16.00 -61.32 -62.87
CA MET F 22 16.97 -61.69 -61.84
C MET F 22 16.40 -61.38 -60.46
N THR F 23 16.92 -62.09 -59.46
CA THR F 23 16.42 -62.01 -58.09
C THR F 23 17.54 -61.60 -57.15
N ALA F 24 17.29 -60.56 -56.36
CA ALA F 24 18.19 -60.19 -55.25
C ALA F 24 17.85 -61.10 -54.07
N LEU F 25 18.67 -62.14 -53.89
CA LEU F 25 18.33 -63.20 -52.95
C LEU F 25 18.42 -62.74 -51.50
N ILE F 26 17.42 -63.13 -50.70
CA ILE F 26 17.50 -62.97 -49.26
C ILE F 26 18.48 -63.97 -48.69
N THR F 27 19.09 -63.61 -47.55
CA THR F 27 20.04 -64.49 -46.86
C THR F 27 19.43 -65.03 -45.58
N PRO F 28 18.97 -66.28 -45.55
CA PRO F 28 18.34 -66.80 -44.32
C PRO F 28 19.37 -67.07 -43.23
N PHE F 29 18.98 -66.76 -42.00
CA PHE F 29 19.80 -67.01 -40.82
C PHE F 29 19.13 -68.04 -39.90
N LYS F 30 19.97 -68.83 -39.23
CA LYS F 30 19.52 -69.77 -38.20
C LYS F 30 20.54 -69.75 -37.08
N ASN F 31 20.09 -69.42 -35.86
CA ASN F 31 20.95 -69.33 -34.69
C ASN F 31 22.08 -68.32 -34.92
N GLY F 32 21.77 -67.23 -35.61
CA GLY F 32 22.80 -66.24 -35.84
C GLY F 32 23.84 -66.66 -36.84
N LYS F 33 23.60 -67.76 -37.57
CA LYS F 33 24.50 -68.20 -38.62
C LYS F 33 23.74 -68.24 -39.93
N VAL F 34 24.50 -68.35 -41.02
CA VAL F 34 23.90 -68.42 -42.34
C VAL F 34 23.42 -69.85 -42.57
N ASP F 35 22.11 -70.00 -42.80
CA ASP F 35 21.57 -71.31 -43.13
C ASP F 35 21.95 -71.69 -44.55
N GLU F 36 23.06 -72.42 -44.70
CA GLU F 36 23.61 -72.69 -46.03
C GLU F 36 22.76 -73.67 -46.83
N GLN F 37 22.02 -74.55 -46.17
CA GLN F 37 21.23 -75.52 -46.92
C GLN F 37 19.84 -75.01 -47.26
N SER F 38 19.31 -74.09 -46.46
CA SER F 38 18.10 -73.38 -46.84
C SER F 38 18.39 -72.35 -47.92
N TYR F 39 19.62 -71.83 -47.96
CA TYR F 39 20.04 -70.94 -49.03
C TYR F 39 20.02 -71.63 -50.39
N ALA F 40 20.63 -72.82 -50.47
CA ALA F 40 20.73 -73.52 -51.75
C ALA F 40 19.36 -73.98 -52.23
N ARG F 41 18.48 -74.32 -51.31
CA ARG F 41 17.14 -74.77 -51.69
C ARG F 41 16.27 -73.60 -52.09
N LEU F 42 16.60 -72.39 -51.65
CA LEU F 42 15.90 -71.20 -52.08
C LEU F 42 16.36 -70.69 -53.44
N ILE F 43 17.62 -70.92 -53.80
CA ILE F 43 18.10 -70.55 -55.12
C ILE F 43 17.55 -71.50 -56.17
N LYS F 44 17.33 -72.76 -55.79
CA LYS F 44 16.75 -73.75 -56.68
C LYS F 44 15.25 -73.56 -56.83
N ARG F 45 14.63 -72.88 -55.88
CA ARG F 45 13.25 -72.47 -56.10
C ARG F 45 13.20 -71.38 -57.17
N GLN F 46 14.23 -70.54 -57.21
CA GLN F 46 14.31 -69.50 -58.22
C GLN F 46 14.60 -70.09 -59.60
N ILE F 47 15.52 -71.07 -59.67
CA ILE F 47 15.87 -71.67 -60.95
C ILE F 47 14.65 -72.28 -61.63
N GLU F 48 13.83 -73.00 -60.86
CA GLU F 48 12.70 -73.73 -61.41
C GLU F 48 11.48 -72.84 -61.69
N ASN F 49 11.62 -71.52 -61.58
CA ASN F 49 10.49 -70.61 -61.82
C ASN F 49 10.85 -69.55 -62.85
N GLY F 50 11.77 -69.85 -63.77
CA GLY F 50 12.05 -68.99 -64.89
C GLY F 50 13.01 -67.86 -64.65
N ILE F 51 13.66 -67.80 -63.48
CA ILE F 51 14.61 -66.73 -63.21
C ILE F 51 15.87 -66.95 -64.03
N ASP F 52 16.40 -65.87 -64.59
CA ASP F 52 17.54 -65.97 -65.50
C ASP F 52 18.89 -65.81 -64.79
N ALA F 53 18.92 -65.14 -63.64
CA ALA F 53 20.14 -64.95 -62.89
C ALA F 53 19.80 -64.65 -61.45
N VAL F 54 20.73 -64.97 -60.54
CA VAL F 54 20.53 -64.73 -59.12
C VAL F 54 21.64 -63.81 -58.63
N VAL F 55 21.28 -62.92 -57.70
CA VAL F 55 22.23 -61.96 -57.15
C VAL F 55 22.47 -62.29 -55.69
N PRO F 56 23.55 -63.00 -55.36
CA PRO F 56 23.85 -63.28 -53.95
C PRO F 56 24.45 -62.06 -53.28
N VAL F 57 24.05 -61.84 -52.03
CA VAL F 57 24.59 -60.80 -51.16
C VAL F 57 24.49 -59.44 -51.85
N GLY F 58 23.27 -59.04 -52.18
CA GLY F 58 22.98 -57.66 -52.54
C GLY F 58 22.54 -56.89 -51.32
N THR F 59 21.84 -55.78 -51.55
CA THR F 59 21.21 -55.08 -50.44
C THR F 59 20.13 -55.93 -49.81
N THR F 60 19.37 -56.66 -50.64
CA THR F 60 18.35 -57.57 -50.11
C THR F 60 18.99 -58.73 -49.37
N GLY F 61 20.23 -59.07 -49.70
CA GLY F 61 20.97 -60.12 -49.02
C GLY F 61 21.69 -59.69 -47.76
N GLU F 62 21.44 -58.48 -47.27
CA GLU F 62 22.06 -57.96 -46.05
C GLU F 62 23.59 -57.99 -46.15
N SER F 63 24.10 -57.42 -47.25
CA SER F 63 25.54 -57.32 -47.47
C SER F 63 26.30 -56.60 -46.35
N ALA F 64 25.60 -55.84 -45.50
CA ALA F 64 26.28 -54.98 -44.54
C ALA F 64 26.66 -55.72 -43.27
N THR F 65 25.89 -56.74 -42.88
CA THR F 65 26.08 -57.43 -41.62
C THR F 65 26.76 -58.78 -41.77
N LEU F 66 27.04 -59.20 -43.00
CA LEU F 66 27.78 -60.43 -43.23
C LEU F 66 29.27 -60.16 -43.15
N THR F 67 30.00 -61.11 -42.58
CA THR F 67 31.45 -61.04 -42.60
C THR F 67 31.95 -61.24 -44.03
N HIS F 68 33.22 -60.89 -44.25
CA HIS F 68 33.78 -61.01 -45.60
C HIS F 68 33.85 -62.48 -46.05
N GLU F 69 34.00 -63.41 -45.11
CA GLU F 69 33.99 -64.82 -45.47
C GLU F 69 32.57 -65.34 -45.67
N GLU F 70 31.59 -64.81 -44.95
CA GLU F 70 30.20 -65.18 -45.18
C GLU F 70 29.70 -64.64 -46.51
N HIS F 71 30.07 -63.40 -46.84
CA HIS F 71 29.84 -62.87 -48.17
C HIS F 71 30.35 -63.81 -49.24
N ARG F 72 31.55 -64.35 -49.04
CA ARG F 72 32.15 -65.25 -50.02
C ARG F 72 31.48 -66.62 -50.03
N THR F 73 31.02 -67.10 -48.87
CA THR F 73 30.40 -68.41 -48.80
C THR F 73 29.08 -68.45 -49.55
N CYS F 74 28.37 -67.32 -49.62
CA CYS F 74 27.07 -67.32 -50.27
C CYS F 74 27.15 -67.07 -51.77
N ILE F 75 28.29 -66.59 -52.27
CA ILE F 75 28.56 -66.63 -53.70
C ILE F 75 28.94 -68.05 -54.12
N GLU F 76 29.66 -68.77 -53.27
CA GLU F 76 30.04 -70.14 -53.59
C GLU F 76 28.81 -71.03 -53.71
N ILE F 77 27.87 -70.88 -52.77
CA ILE F 77 26.62 -71.64 -52.84
C ILE F 77 25.84 -71.26 -54.10
N ALA F 78 25.81 -69.97 -54.43
CA ALA F 78 25.08 -69.52 -55.62
C ALA F 78 25.70 -70.08 -56.89
N VAL F 79 27.03 -70.05 -57.01
CA VAL F 79 27.69 -70.55 -58.21
C VAL F 79 27.50 -72.06 -58.32
N GLU F 80 27.61 -72.78 -57.21
CA GLU F 80 27.47 -74.24 -57.23
C GLU F 80 26.05 -74.67 -57.57
N THR F 81 25.08 -73.98 -57.04
CA THR F 81 23.75 -74.39 -57.32
C THR F 81 23.31 -74.17 -58.73
N CYS F 82 23.92 -73.22 -59.40
CA CYS F 82 23.54 -72.90 -60.75
C CYS F 82 24.24 -73.64 -61.82
N LYS F 83 25.26 -74.40 -61.46
CA LYS F 83 26.01 -75.17 -62.40
C LYS F 83 25.14 -76.25 -63.00
N GLY F 84 25.08 -76.31 -64.32
CA GLY F 84 24.26 -77.26 -65.02
C GLY F 84 22.95 -76.67 -65.44
N THR F 85 22.84 -75.38 -65.23
CA THR F 85 21.69 -74.58 -65.52
C THR F 85 22.04 -73.53 -66.52
N LYS F 86 21.07 -72.74 -66.88
CA LYS F 86 21.27 -71.67 -67.80
C LYS F 86 21.23 -70.38 -67.01
N VAL F 87 21.04 -70.51 -65.73
CA VAL F 87 20.93 -69.36 -64.82
C VAL F 87 22.32 -68.88 -64.45
N LYS F 88 22.55 -67.58 -64.65
CA LYS F 88 23.83 -66.97 -64.33
C LYS F 88 23.86 -66.50 -62.87
N VAL F 89 25.06 -66.24 -62.39
CA VAL F 89 25.27 -65.73 -61.05
C VAL F 89 25.94 -64.37 -61.17
N LEU F 90 25.21 -63.31 -60.82
CA LEU F 90 25.75 -61.96 -60.78
C LEU F 90 26.05 -61.65 -59.31
N ALA F 91 27.29 -61.90 -58.90
CA ALA F 91 27.64 -61.87 -57.49
C ALA F 91 27.73 -60.44 -56.99
N GLY F 92 27.16 -60.20 -55.80
CA GLY F 92 27.29 -58.91 -55.16
C GLY F 92 28.71 -58.70 -54.68
N ALA F 93 29.37 -57.65 -55.18
CA ALA F 93 30.75 -57.39 -54.82
C ALA F 93 31.00 -55.91 -54.54
N GLY F 94 29.97 -55.15 -54.19
CA GLY F 94 30.15 -53.74 -53.94
C GLY F 94 30.61 -53.43 -52.53
N SER F 95 31.24 -52.28 -52.39
CA SER F 95 31.67 -51.79 -51.09
C SER F 95 32.02 -50.30 -51.22
N ASN F 96 31.97 -49.60 -50.09
CA ASN F 96 32.34 -48.19 -50.07
C ASN F 96 33.85 -47.97 -50.06
N ALA F 97 34.62 -49.04 -49.95
CA ALA F 97 36.08 -48.98 -50.03
C ALA F 97 36.53 -49.72 -51.28
N THR F 98 37.31 -49.06 -52.11
CA THR F 98 37.69 -49.64 -53.40
C THR F 98 38.51 -50.91 -53.21
N HIS F 99 39.41 -50.93 -52.23
CA HIS F 99 40.19 -52.13 -51.97
C HIS F 99 39.29 -53.29 -51.51
N GLU F 100 38.18 -52.98 -50.85
CA GLU F 100 37.23 -54.03 -50.47
C GLU F 100 36.42 -54.51 -51.66
N ALA F 101 36.02 -53.60 -52.54
CA ALA F 101 35.22 -53.99 -53.71
C ALA F 101 36.06 -54.78 -54.71
N VAL F 102 37.32 -54.38 -54.91
CA VAL F 102 38.19 -55.12 -55.80
C VAL F 102 38.48 -56.50 -55.24
N GLY F 103 38.61 -56.60 -53.91
CA GLY F 103 38.82 -57.90 -53.30
C GLY F 103 37.66 -58.85 -53.55
N LEU F 104 36.43 -58.35 -53.37
CA LEU F 104 35.25 -59.16 -53.66
C LEU F 104 35.13 -59.43 -55.15
N ALA F 105 35.51 -58.46 -55.98
CA ALA F 105 35.42 -58.65 -57.42
C ALA F 105 36.36 -59.76 -57.90
N LYS F 106 37.59 -59.78 -57.36
CA LYS F 106 38.53 -60.82 -57.77
C LYS F 106 38.12 -62.19 -57.25
N PHE F 107 37.49 -62.25 -56.07
CA PHE F 107 37.00 -63.52 -55.56
C PHE F 107 35.89 -64.07 -56.46
N ALA F 108 35.02 -63.20 -56.96
CA ALA F 108 33.91 -63.67 -57.78
C ALA F 108 34.40 -64.26 -59.10
N LYS F 109 35.37 -63.61 -59.73
CA LYS F 109 35.93 -64.15 -60.96
C LYS F 109 36.63 -65.48 -60.72
N GLU F 110 37.51 -65.53 -59.71
CA GLU F 110 38.29 -66.72 -59.43
C GLU F 110 37.45 -67.89 -58.92
N HIS F 111 36.19 -67.67 -58.58
CA HIS F 111 35.36 -68.72 -58.00
C HIS F 111 34.11 -69.02 -58.84
N GLY F 112 34.09 -68.58 -60.10
CA GLY F 112 33.09 -69.03 -61.05
C GLY F 112 31.87 -68.16 -61.25
N ALA F 113 31.87 -66.93 -60.76
CA ALA F 113 30.73 -66.06 -60.99
C ALA F 113 30.71 -65.59 -62.44
N ASP F 114 29.51 -65.41 -62.98
CA ASP F 114 29.35 -64.94 -64.35
C ASP F 114 29.50 -63.43 -64.47
N GLY F 115 29.38 -62.72 -63.36
CA GLY F 115 29.53 -61.27 -63.35
C GLY F 115 29.40 -60.77 -61.92
N ILE F 116 29.50 -59.45 -61.76
CA ILE F 116 29.40 -58.84 -60.44
C ILE F 116 28.47 -57.64 -60.50
N LEU F 117 27.69 -57.48 -59.44
CA LEU F 117 27.00 -56.25 -59.12
C LEU F 117 27.81 -55.51 -58.08
N SER F 118 27.96 -54.19 -58.26
CA SER F 118 28.78 -53.37 -57.36
C SER F 118 28.00 -52.10 -57.02
N VAL F 119 27.58 -51.98 -55.76
CA VAL F 119 26.80 -50.83 -55.34
C VAL F 119 27.68 -49.60 -55.24
N ALA F 120 27.08 -48.44 -55.50
CA ALA F 120 27.80 -47.18 -55.34
C ALA F 120 28.30 -47.03 -53.90
N PRO F 121 29.52 -46.52 -53.72
CA PRO F 121 30.05 -46.36 -52.36
C PRO F 121 29.12 -45.54 -51.47
N TYR F 122 28.82 -46.10 -50.30
CA TYR F 122 27.92 -45.49 -49.33
C TYR F 122 28.71 -44.76 -48.24
N TYR F 123 28.03 -43.83 -47.58
CA TYR F 123 28.51 -43.11 -46.40
C TYR F 123 29.60 -42.09 -46.71
N ASN F 124 30.67 -42.51 -47.40
CA ASN F 124 31.78 -41.60 -47.62
C ASN F 124 31.56 -40.68 -48.81
N LYS F 125 30.48 -40.85 -49.56
CA LYS F 125 30.01 -39.96 -50.62
C LYS F 125 31.13 -39.48 -51.53
N PRO F 126 31.66 -40.32 -52.42
CA PRO F 126 32.71 -39.85 -53.32
C PRO F 126 32.14 -38.97 -54.41
N THR F 127 33.01 -38.13 -54.97
CA THR F 127 32.61 -37.28 -56.09
C THR F 127 32.47 -38.11 -57.36
N GLN F 128 31.95 -37.47 -58.40
CA GLN F 128 31.80 -38.16 -59.68
C GLN F 128 33.14 -38.64 -60.20
N GLN F 129 34.20 -37.86 -59.98
CA GLN F 129 35.54 -38.30 -60.35
C GLN F 129 35.94 -39.53 -59.53
N GLY F 130 35.58 -39.56 -58.25
CA GLY F 130 35.89 -40.72 -57.43
C GLY F 130 35.14 -41.96 -57.87
N LEU F 131 33.86 -41.82 -58.23
CA LEU F 131 33.08 -42.95 -58.70
C LEU F 131 33.67 -43.54 -59.98
N TYR F 132 34.17 -42.67 -60.87
CA TYR F 132 34.81 -43.14 -62.10
C TYR F 132 36.02 -44.01 -61.78
N GLU F 133 36.94 -43.48 -60.96
CA GLU F 133 38.15 -44.24 -60.61
C GLU F 133 37.81 -45.46 -59.77
N HIS F 134 36.78 -45.37 -58.92
CA HIS F 134 36.36 -46.51 -58.12
C HIS F 134 35.93 -47.67 -59.02
N TYR F 135 35.04 -47.41 -59.97
CA TYR F 135 34.54 -48.48 -60.83
C TYR F 135 35.56 -48.90 -61.88
N LYS F 136 36.40 -47.98 -62.36
CA LYS F 136 37.44 -48.36 -63.32
C LYS F 136 38.47 -49.27 -62.66
N ALA F 137 38.79 -49.04 -61.39
CA ALA F 137 39.69 -49.93 -60.68
C ALA F 137 39.05 -51.30 -60.51
N ILE F 138 37.75 -51.34 -60.24
CA ILE F 138 37.04 -52.61 -60.17
C ILE F 138 36.97 -53.29 -61.54
N ALA F 139 36.73 -52.50 -62.59
CA ALA F 139 36.55 -53.09 -63.93
C ALA F 139 37.84 -53.69 -64.48
N GLN F 140 38.97 -53.03 -64.24
CA GLN F 140 40.26 -53.55 -64.68
C GLN F 140 40.74 -54.68 -63.79
N SER F 141 40.03 -54.92 -62.68
CA SER F 141 40.31 -55.99 -61.73
C SER F 141 39.97 -57.37 -62.27
N VAL F 142 38.94 -57.47 -63.11
CA VAL F 142 38.43 -58.75 -63.58
C VAL F 142 38.21 -58.67 -65.08
N ASP F 143 37.88 -59.82 -65.67
CA ASP F 143 37.52 -59.87 -67.09
C ASP F 143 36.09 -60.38 -67.28
N ILE F 144 35.25 -60.25 -66.25
CA ILE F 144 33.84 -60.66 -66.32
C ILE F 144 32.98 -59.41 -66.32
N PRO F 145 31.74 -59.47 -66.80
CA PRO F 145 30.89 -58.27 -66.85
C PRO F 145 30.67 -57.67 -65.47
N VAL F 146 30.58 -56.35 -65.43
CA VAL F 146 30.35 -55.59 -64.20
C VAL F 146 29.12 -54.72 -64.41
N LEU F 147 28.14 -54.87 -63.51
CA LEU F 147 26.90 -54.10 -63.57
C LEU F 147 26.88 -53.10 -62.42
N LEU F 148 26.80 -51.82 -62.75
CA LEU F 148 26.70 -50.78 -61.73
C LEU F 148 25.38 -50.88 -60.99
N TYR F 149 25.33 -50.22 -59.83
CA TYR F 149 24.17 -50.26 -58.93
C TYR F 149 24.05 -48.88 -58.30
N ASN F 150 22.97 -48.17 -58.63
CA ASN F 150 22.73 -46.80 -58.19
C ASN F 150 21.52 -46.79 -57.28
N VAL F 151 21.73 -46.49 -56.00
CA VAL F 151 20.65 -46.33 -55.04
C VAL F 151 20.98 -45.15 -54.14
N PRO F 152 20.59 -43.96 -54.51
CA PRO F 152 20.90 -42.79 -53.70
C PRO F 152 20.22 -42.63 -52.36
N GLY F 153 19.11 -43.29 -52.15
CA GLY F 153 18.42 -43.20 -50.91
C GLY F 153 19.19 -43.83 -49.79
N ARG F 154 20.05 -44.76 -50.16
CA ARG F 154 20.84 -45.44 -49.18
C ARG F 154 22.30 -45.12 -49.20
N THR F 155 22.84 -44.65 -50.30
CA THR F 155 24.28 -44.44 -50.33
C THR F 155 24.62 -43.00 -50.00
N GLY F 156 23.71 -42.07 -50.26
CA GLY F 156 23.96 -40.66 -50.10
C GLY F 156 24.67 -40.02 -51.25
N CYS F 157 24.99 -40.78 -52.30
CA CYS F 157 25.62 -40.26 -53.49
C CYS F 157 24.95 -40.92 -54.70
N GLU F 158 25.04 -40.27 -55.86
CA GLU F 158 24.43 -40.80 -57.06
C GLU F 158 25.43 -40.85 -58.20
N ILE F 159 25.44 -41.95 -58.93
CA ILE F 159 26.23 -42.04 -60.16
C ILE F 159 25.45 -41.30 -61.25
N SER F 160 25.93 -40.11 -61.60
CA SER F 160 25.29 -39.30 -62.63
C SER F 160 25.22 -40.04 -63.96
N THR F 161 24.28 -39.61 -64.80
CA THR F 161 24.17 -40.17 -66.14
C THR F 161 25.48 -40.08 -66.90
N ASP F 162 26.18 -38.94 -66.77
CA ASP F 162 27.46 -38.77 -67.47
C ASP F 162 28.50 -39.76 -66.98
N THR F 163 28.54 -40.01 -65.67
CA THR F 163 29.52 -40.95 -65.13
C THR F 163 29.22 -42.38 -65.57
N ILE F 164 27.93 -42.75 -65.57
CA ILE F 164 27.55 -44.09 -66.03
C ILE F 164 27.96 -44.30 -67.48
N ILE F 165 27.63 -43.33 -68.34
CA ILE F 165 27.93 -43.47 -69.77
C ILE F 165 29.44 -43.51 -70.00
N LYS F 166 30.21 -42.69 -69.28
CA LYS F 166 31.67 -42.78 -69.43
C LYS F 166 32.22 -44.12 -69.01
N LEU F 167 31.72 -44.67 -67.90
CA LEU F 167 32.22 -45.95 -67.47
C LEU F 167 31.84 -47.05 -68.46
N PHE F 168 30.65 -46.92 -69.07
CA PHE F 168 30.25 -47.88 -70.09
C PHE F 168 31.13 -47.79 -71.32
N ARG F 169 31.52 -46.57 -71.71
CA ARG F 169 32.31 -46.37 -72.93
C ARG F 169 33.81 -46.54 -72.72
N ASP F 170 34.30 -46.36 -71.49
CA ASP F 170 35.73 -46.42 -71.23
C ASP F 170 36.18 -47.74 -70.64
N CYS F 171 35.24 -48.52 -70.15
CA CYS F 171 35.53 -49.82 -69.58
C CYS F 171 34.81 -50.99 -70.19
N GLU F 172 35.57 -51.82 -70.87
CA GLU F 172 35.13 -53.03 -71.56
C GLU F 172 34.10 -53.89 -70.89
N ASN F 173 34.33 -54.29 -69.66
CA ASN F 173 33.42 -55.17 -68.95
C ASN F 173 32.24 -54.49 -68.28
N ILE F 174 32.24 -53.17 -68.22
CA ILE F 174 31.13 -52.44 -67.63
C ILE F 174 30.05 -52.30 -68.68
N TYR F 175 28.89 -52.92 -68.45
CA TYR F 175 27.89 -53.06 -69.49
C TYR F 175 26.52 -52.44 -69.18
N GLY F 176 26.30 -51.88 -68.00
CA GLY F 176 25.02 -51.29 -67.70
C GLY F 176 24.94 -50.82 -66.27
N VAL F 177 23.70 -50.61 -65.81
CA VAL F 177 23.43 -50.11 -64.47
C VAL F 177 22.09 -50.61 -63.94
N KPI F 178 22.11 -51.02 -62.68
CA KPI F 178 20.90 -51.33 -61.93
CB KPI F 178 21.09 -52.40 -60.84
CG KPI F 178 20.06 -52.39 -59.72
CD KPI F 178 20.15 -53.66 -58.88
CE KPI F 178 19.46 -53.46 -57.53
NZ KPI F 178 19.18 -54.60 -56.68
CX1 KPI F 178 18.71 -54.50 -55.48
C1 KPI F 178 17.29 -54.39 -55.03
CX2 KPI F 178 19.47 -55.20 -54.37
O1 KPI F 178 20.80 -55.30 -54.56
O2 KPI F 178 19.00 -55.66 -53.33
C KPI F 178 20.43 -50.04 -61.30
O KPI F 178 21.10 -49.39 -60.50
N GLU F 179 19.24 -49.60 -61.69
CA GLU F 179 18.73 -48.34 -61.21
C GLU F 179 17.62 -48.58 -60.18
N ALA F 180 17.76 -47.94 -59.02
CA ALA F 180 16.75 -48.00 -57.97
C ALA F 180 16.52 -46.62 -57.40
N SER F 181 16.24 -45.66 -58.29
CA SER F 181 16.11 -44.26 -57.92
C SER F 181 14.68 -43.76 -58.03
N GLY F 182 13.79 -44.47 -58.70
CA GLY F 182 12.48 -43.94 -59.01
C GLY F 182 12.54 -42.70 -59.87
N ASN F 183 13.45 -42.68 -60.86
CA ASN F 183 13.70 -41.51 -61.70
C ASN F 183 13.65 -41.98 -63.16
N ILE F 184 12.43 -42.02 -63.71
CA ILE F 184 12.26 -42.47 -65.09
C ILE F 184 12.87 -41.47 -66.07
N ASP F 185 12.99 -40.20 -65.67
CA ASP F 185 13.68 -39.21 -66.50
C ASP F 185 15.13 -39.62 -66.73
N LYS F 186 15.81 -40.08 -65.68
CA LYS F 186 17.20 -40.49 -65.81
C LYS F 186 17.36 -41.70 -66.73
N CYS F 187 16.35 -42.56 -66.82
CA CYS F 187 16.46 -43.74 -67.66
C CYS F 187 16.14 -43.43 -69.12
N VAL F 188 15.39 -42.37 -69.37
CA VAL F 188 15.29 -41.83 -70.72
C VAL F 188 16.60 -41.14 -71.09
N ASP F 189 17.17 -40.38 -70.16
CA ASP F 189 18.46 -39.75 -70.37
C ASP F 189 19.53 -40.78 -70.73
N LEU F 190 19.58 -41.87 -69.96
CA LEU F 190 20.62 -42.88 -70.16
C LEU F 190 20.48 -43.56 -71.52
N LEU F 191 19.29 -44.06 -71.83
CA LEU F 191 19.11 -44.87 -73.03
C LEU F 191 18.93 -44.05 -74.31
N ALA F 192 18.66 -42.75 -74.19
CA ALA F 192 18.62 -41.91 -75.38
C ALA F 192 20.02 -41.52 -75.85
N HIS F 193 20.96 -41.35 -74.92
CA HIS F 193 22.32 -40.97 -75.25
C HIS F 193 23.27 -42.15 -75.38
N GLU F 194 22.95 -43.29 -74.77
CA GLU F 194 23.78 -44.50 -74.87
C GLU F 194 22.86 -45.71 -74.95
N PRO F 195 22.33 -46.00 -76.15
CA PRO F 195 21.33 -47.07 -76.27
C PRO F 195 21.92 -48.48 -76.21
N ARG F 196 23.23 -48.64 -76.22
CA ARG F 196 23.84 -49.97 -76.17
C ARG F 196 24.03 -50.51 -74.76
N MET F 197 23.64 -49.75 -73.73
CA MET F 197 23.79 -50.18 -72.36
C MET F 197 22.57 -50.97 -71.90
N MET F 198 22.79 -51.87 -70.94
CA MET F 198 21.74 -52.72 -70.38
C MET F 198 21.22 -52.06 -69.10
N LEU F 199 20.07 -51.40 -69.21
CA LEU F 199 19.43 -50.77 -68.06
C LEU F 199 18.60 -51.80 -67.32
N ILE F 200 18.90 -51.99 -66.03
CA ILE F 200 18.27 -53.00 -65.20
C ILE F 200 17.43 -52.31 -64.14
N SER F 201 16.17 -52.74 -64.00
CA SER F 201 15.28 -52.18 -63.00
C SER F 201 15.64 -52.71 -61.62
N GLY F 202 15.79 -51.80 -60.66
CA GLY F 202 16.01 -52.17 -59.28
C GLY F 202 14.87 -51.71 -58.40
N GLU F 203 13.68 -51.56 -58.99
CA GLU F 203 12.51 -51.03 -58.30
C GLU F 203 11.30 -51.75 -58.84
N ASP F 204 10.73 -52.66 -58.04
CA ASP F 204 9.74 -53.61 -58.56
C ASP F 204 8.46 -52.91 -59.01
N ALA F 205 8.08 -51.82 -58.35
CA ALA F 205 6.81 -51.16 -58.68
C ALA F 205 6.82 -50.61 -60.10
N ILE F 206 8.00 -50.25 -60.61
CA ILE F 206 8.11 -49.63 -61.93
C ILE F 206 8.89 -50.53 -62.87
N ASN F 207 8.76 -51.85 -62.68
CA ASN F 207 9.44 -52.81 -63.55
C ASN F 207 9.06 -52.59 -65.01
N TYR F 208 7.76 -52.58 -65.31
CA TYR F 208 7.33 -52.45 -66.70
C TYR F 208 7.71 -51.11 -67.33
N PRO F 209 7.48 -49.96 -66.68
CA PRO F 209 7.88 -48.69 -67.33
C PRO F 209 9.35 -48.62 -67.70
N ILE F 210 10.23 -49.20 -66.88
CA ILE F 210 11.65 -49.18 -67.21
C ILE F 210 11.95 -50.14 -68.36
N LEU F 211 11.32 -51.31 -68.35
CA LEU F 211 11.52 -52.25 -69.46
C LEU F 211 10.91 -51.73 -70.75
N SER F 212 9.75 -51.06 -70.66
CA SER F 212 9.08 -50.55 -71.83
C SER F 212 9.88 -49.46 -72.56
N ASN F 213 10.85 -48.85 -71.87
CA ASN F 213 11.69 -47.82 -72.47
C ASN F 213 13.03 -48.37 -72.97
N GLY F 214 13.19 -49.69 -72.99
CA GLY F 214 14.41 -50.31 -73.48
C GLY F 214 15.23 -51.02 -72.44
N GLY F 215 14.80 -51.01 -71.17
CA GLY F 215 15.47 -51.84 -70.19
C GLY F 215 15.42 -53.30 -70.57
N LYS F 216 16.46 -54.04 -70.17
CA LYS F 216 16.63 -55.42 -70.60
C LYS F 216 16.60 -56.40 -69.43
N GLY F 217 16.12 -55.99 -68.27
CA GLY F 217 15.99 -56.91 -67.16
C GLY F 217 15.69 -56.18 -65.89
N VAL F 218 15.45 -56.98 -64.84
CA VAL F 218 15.18 -56.48 -63.51
C VAL F 218 16.02 -57.28 -62.50
N ILE F 219 16.43 -56.61 -61.43
CA ILE F 219 16.98 -57.27 -60.26
C ILE F 219 15.99 -57.01 -59.14
N SER F 220 15.17 -58.01 -58.83
CA SER F 220 13.91 -57.82 -58.14
C SER F 220 13.98 -58.29 -56.69
N VAL F 221 13.16 -57.65 -55.86
CA VAL F 221 12.91 -58.12 -54.50
C VAL F 221 11.67 -59.00 -54.46
N THR F 222 10.62 -58.60 -55.19
CA THR F 222 9.38 -59.37 -55.23
C THR F 222 9.61 -60.78 -55.76
N SER F 223 10.58 -60.96 -56.67
CA SER F 223 10.83 -62.27 -57.25
C SER F 223 11.26 -63.28 -56.21
N ASN F 224 11.75 -62.83 -55.04
CA ASN F 224 12.01 -63.74 -53.94
C ASN F 224 10.75 -64.49 -53.53
N LEU F 225 9.60 -63.79 -53.52
CA LEU F 225 8.34 -64.39 -53.14
C LEU F 225 7.56 -64.92 -54.33
N LEU F 226 7.49 -64.15 -55.42
CA LEU F 226 6.73 -64.51 -56.61
C LEU F 226 7.67 -64.53 -57.82
N PRO F 227 8.54 -65.53 -57.91
CA PRO F 227 9.49 -65.57 -59.04
C PRO F 227 8.81 -65.76 -60.38
N ASP F 228 7.69 -66.48 -60.43
CA ASP F 228 7.00 -66.73 -61.70
C ASP F 228 6.44 -65.46 -62.30
N MET F 229 5.84 -64.60 -61.47
CA MET F 229 5.24 -63.37 -61.99
C MET F 229 6.32 -62.41 -62.49
N ILE F 230 7.41 -62.26 -61.74
CA ILE F 230 8.49 -61.39 -62.18
C ILE F 230 9.15 -61.95 -63.44
N SER F 231 9.30 -63.29 -63.50
CA SER F 231 9.87 -63.90 -64.69
C SER F 231 8.94 -63.74 -65.89
N ALA F 232 7.63 -63.91 -65.69
CA ALA F 232 6.68 -63.70 -66.77
C ALA F 232 6.68 -62.25 -67.22
N LEU F 233 6.74 -61.32 -66.27
CA LEU F 233 6.72 -59.89 -66.60
C LEU F 233 7.89 -59.52 -67.50
N THR F 234 9.10 -59.93 -67.12
CA THR F 234 10.29 -59.52 -67.86
C THR F 234 10.27 -60.02 -69.30
N HIS F 235 9.94 -61.30 -69.49
CA HIS F 235 10.00 -61.87 -70.83
C HIS F 235 8.85 -61.39 -71.72
N PHE F 236 7.68 -61.18 -71.13
CA PHE F 236 6.59 -60.54 -71.87
C PHE F 236 7.03 -59.20 -72.43
N ALA F 237 7.68 -58.38 -71.59
CA ALA F 237 8.13 -57.07 -72.02
C ALA F 237 9.28 -57.17 -73.02
N LEU F 238 10.21 -58.11 -72.80
CA LEU F 238 11.35 -58.22 -73.70
C LEU F 238 10.94 -58.68 -75.10
N ASP F 239 9.85 -59.45 -75.22
CA ASP F 239 9.29 -59.80 -76.50
C ASP F 239 8.32 -58.75 -77.02
N GLU F 240 8.34 -57.54 -76.45
CA GLU F 240 7.50 -56.42 -76.88
C GLU F 240 6.00 -56.75 -76.78
N ASN F 241 5.62 -57.63 -75.85
CA ASN F 241 4.22 -57.88 -75.55
C ASN F 241 3.88 -57.00 -74.35
N TYR F 242 3.58 -55.73 -74.63
CA TYR F 242 3.54 -54.73 -73.58
C TYR F 242 2.25 -54.70 -72.77
N LYS F 243 1.15 -55.28 -73.29
CA LYS F 243 -0.09 -55.19 -72.52
C LYS F 243 -0.11 -56.29 -71.45
N GLU F 244 0.52 -57.42 -71.74
CA GLU F 244 0.65 -58.51 -70.77
C GLU F 244 1.75 -58.23 -69.77
N ALA F 245 2.82 -57.55 -70.20
CA ALA F 245 3.82 -57.09 -69.25
C ALA F 245 3.23 -56.05 -68.31
N LYS F 246 2.47 -55.11 -68.86
CA LYS F 246 1.85 -54.07 -68.04
C LYS F 246 0.79 -54.65 -67.12
N LYS F 247 0.06 -55.68 -67.55
CA LYS F 247 -0.98 -56.23 -66.69
C LYS F 247 -0.37 -56.89 -65.46
N ILE F 248 0.76 -57.58 -65.63
CA ILE F 248 1.42 -58.22 -64.49
C ILE F 248 2.01 -57.16 -63.56
N ASN F 249 2.54 -56.08 -64.14
CA ASN F 249 3.08 -55.00 -63.33
C ASN F 249 1.97 -54.34 -62.51
N ASP F 250 0.77 -54.23 -63.08
CA ASP F 250 -0.35 -53.65 -62.36
C ASP F 250 -0.86 -54.56 -61.24
N GLU F 251 -0.92 -55.88 -61.48
CA GLU F 251 -1.35 -56.79 -60.42
C GLU F 251 -0.36 -56.80 -59.26
N LEU F 252 0.92 -56.60 -59.54
CA LEU F 252 1.96 -56.69 -58.52
C LEU F 252 2.16 -55.40 -57.75
N TYR F 253 1.43 -54.33 -58.07
CA TYR F 253 1.71 -53.04 -57.44
C TYR F 253 1.50 -53.10 -55.93
N ASN F 254 0.41 -53.73 -55.49
CA ASN F 254 0.10 -53.73 -54.06
C ASN F 254 1.18 -54.46 -53.27
N ILE F 255 1.62 -55.62 -53.76
CA ILE F 255 2.70 -56.33 -53.08
C ILE F 255 4.03 -55.63 -53.29
N ASN F 256 4.24 -54.99 -54.44
CA ASN F 256 5.51 -54.32 -54.71
C ASN F 256 5.77 -53.17 -53.76
N LYS F 257 4.71 -52.44 -53.36
CA LYS F 257 4.90 -51.29 -52.51
C LYS F 257 4.87 -51.63 -51.03
N ILE F 258 4.06 -52.61 -50.63
CA ILE F 258 4.02 -52.99 -49.23
C ILE F 258 5.27 -53.77 -48.83
N LEU F 259 6.00 -54.31 -49.81
CA LEU F 259 7.27 -54.95 -49.48
C LEU F 259 8.36 -53.94 -49.16
N PHE F 260 7.96 -52.66 -49.12
CA PHE F 260 8.84 -51.58 -48.70
C PHE F 260 8.18 -50.67 -47.68
N CYS F 261 7.08 -51.11 -47.06
CA CYS F 261 6.50 -50.38 -45.94
C CYS F 261 7.52 -50.17 -44.83
N GLU F 262 8.44 -51.12 -44.68
CA GLU F 262 9.64 -50.98 -43.87
C GLU F 262 10.85 -51.23 -44.77
N SER F 263 12.03 -51.07 -44.20
CA SER F 263 13.25 -51.13 -45.02
C SER F 263 13.47 -52.53 -45.55
N ASN F 264 13.66 -52.63 -46.86
CA ASN F 264 14.07 -53.89 -47.45
C ASN F 264 15.40 -54.32 -46.82
N PRO F 265 15.56 -55.61 -46.47
CA PRO F 265 14.67 -56.74 -46.71
C PRO F 265 13.78 -57.16 -45.53
N ILE F 266 13.33 -56.22 -44.70
CA ILE F 266 12.50 -56.59 -43.55
C ILE F 266 11.14 -57.08 -44.02
N PRO F 267 10.42 -56.39 -44.91
CA PRO F 267 9.12 -56.94 -45.34
C PRO F 267 9.22 -58.21 -46.15
N ILE F 268 10.22 -58.33 -47.04
CA ILE F 268 10.29 -59.50 -47.89
C ILE F 268 10.64 -60.75 -47.08
N LYS F 269 11.52 -60.61 -46.09
CA LYS F 269 11.81 -61.74 -45.22
C LYS F 269 10.61 -62.12 -44.37
N THR F 270 9.78 -61.13 -44.01
CA THR F 270 8.53 -61.41 -43.35
C THR F 270 7.60 -62.22 -44.25
N ALA F 271 7.50 -61.82 -45.52
CA ALA F 271 6.67 -62.56 -46.47
C ALA F 271 7.19 -63.96 -46.70
N MET F 272 8.52 -64.11 -46.84
CA MET F 272 9.09 -65.44 -47.04
C MET F 272 8.85 -66.33 -45.82
N TYR F 273 8.90 -65.74 -44.63
CA TYR F 273 8.62 -66.51 -43.42
C TYR F 273 7.15 -66.90 -43.34
N LEU F 274 6.25 -65.97 -43.67
CA LEU F 274 4.82 -66.26 -43.63
C LEU F 274 4.44 -67.33 -44.65
N ALA F 275 5.14 -67.39 -45.78
CA ALA F 275 4.89 -68.41 -46.79
C ALA F 275 5.54 -69.75 -46.46
N GLY F 276 6.24 -69.85 -45.33
CA GLY F 276 6.89 -71.09 -44.96
C GLY F 276 8.10 -71.43 -45.80
N LEU F 277 8.69 -70.45 -46.48
CA LEU F 277 9.86 -70.67 -47.31
C LEU F 277 11.17 -70.54 -46.54
N ILE F 278 11.15 -69.91 -45.37
CA ILE F 278 12.27 -69.93 -44.45
C ILE F 278 11.72 -70.31 -43.09
N GLU F 279 12.58 -70.91 -42.27
CA GLU F 279 12.11 -71.52 -41.04
C GLU F 279 11.97 -70.49 -39.91
N SER F 280 12.85 -69.48 -39.89
CA SER F 280 12.89 -68.50 -38.82
C SER F 280 12.95 -67.10 -39.41
N LEU F 281 12.15 -66.19 -38.85
CA LEU F 281 12.19 -64.77 -39.21
C LEU F 281 13.32 -64.10 -38.44
N GLU F 282 14.54 -64.36 -38.89
CA GLU F 282 15.76 -63.88 -38.23
C GLU F 282 16.45 -62.82 -39.08
N PHE F 283 16.84 -61.73 -38.45
CA PHE F 283 17.70 -60.72 -39.05
C PHE F 283 18.98 -60.60 -38.24
N ARG F 284 19.91 -59.80 -38.74
CA ARG F 284 21.07 -59.37 -37.98
C ARG F 284 20.97 -57.88 -37.72
N LEU F 285 21.14 -57.49 -36.46
CA LEU F 285 21.05 -56.09 -36.04
C LEU F 285 22.00 -55.25 -36.88
N PRO F 286 21.66 -53.98 -37.17
CA PRO F 286 20.53 -53.21 -36.67
C PRO F 286 19.21 -53.49 -37.36
N LEU F 287 19.15 -54.52 -38.19
CA LEU F 287 17.90 -54.94 -38.80
C LEU F 287 17.12 -55.81 -37.83
N CYS F 288 15.81 -55.62 -37.78
CA CYS F 288 14.95 -56.29 -36.83
C CYS F 288 13.66 -56.70 -37.49
N SER F 289 12.84 -57.45 -36.77
CA SER F 289 11.54 -57.84 -37.27
C SER F 289 10.64 -56.61 -37.37
N PRO F 290 9.68 -56.60 -38.28
CA PRO F 290 8.89 -55.38 -38.53
C PRO F 290 7.92 -55.08 -37.39
N SER F 291 7.27 -53.91 -37.48
CA SER F 291 6.20 -53.53 -36.55
C SER F 291 5.10 -54.58 -36.58
N LYS F 292 4.29 -54.64 -35.52
CA LYS F 292 3.32 -55.73 -35.50
C LYS F 292 2.20 -55.43 -36.49
N GLU F 293 1.97 -54.13 -36.72
CA GLU F 293 1.01 -53.67 -37.71
C GLU F 293 1.46 -54.05 -39.10
N ASN F 294 2.69 -53.70 -39.46
CA ASN F 294 3.21 -54.05 -40.78
C ASN F 294 3.25 -55.57 -40.97
N PHE F 295 3.52 -56.31 -39.90
CA PHE F 295 3.38 -57.77 -39.95
C PHE F 295 1.98 -58.18 -40.38
N ALA F 296 0.96 -57.57 -39.77
CA ALA F 296 -0.41 -57.91 -40.12
C ALA F 296 -0.76 -57.44 -41.52
N LYS F 297 -0.21 -56.30 -41.96
CA LYS F 297 -0.56 -55.79 -43.28
C LYS F 297 0.15 -56.56 -44.39
N ILE F 298 1.36 -57.08 -44.11
CA ILE F 298 2.02 -57.95 -45.08
C ILE F 298 1.23 -59.25 -45.25
N GLU F 299 0.83 -59.85 -44.16
CA GLU F 299 0.09 -61.08 -44.24
C GLU F 299 -1.21 -60.81 -44.94
N GLU F 300 -1.68 -59.58 -44.89
CA GLU F 300 -2.95 -59.23 -45.52
C GLU F 300 -2.85 -59.09 -46.98
N VAL F 301 -1.79 -58.49 -47.46
CA VAL F 301 -1.66 -58.32 -48.87
C VAL F 301 -1.31 -59.62 -49.47
N MET F 302 -0.64 -60.49 -48.75
CA MET F 302 -0.13 -61.70 -49.40
C MET F 302 -1.24 -62.60 -49.91
N LYS F 303 -2.40 -62.61 -49.25
CA LYS F 303 -3.46 -63.56 -49.61
C LYS F 303 -4.00 -63.34 -51.02
N LYS F 304 -3.73 -62.18 -51.62
CA LYS F 304 -4.22 -61.90 -52.96
C LYS F 304 -3.37 -62.53 -54.06
N TYR F 305 -2.24 -63.14 -53.71
CA TYR F 305 -1.35 -63.79 -54.66
C TYR F 305 -1.17 -65.26 -54.30
N LYS F 306 -0.81 -66.04 -55.32
CA LYS F 306 -0.62 -67.48 -55.19
C LYS F 306 0.88 -67.72 -55.05
N ILE F 307 1.31 -68.14 -53.87
CA ILE F 307 2.73 -68.22 -53.55
C ILE F 307 3.23 -69.61 -53.89
N LYS F 308 4.23 -69.68 -54.77
CA LYS F 308 4.77 -70.94 -55.22
C LYS F 308 5.67 -71.53 -54.12
N GLY F 309 5.57 -72.84 -53.92
CA GLY F 309 6.33 -73.55 -52.90
C GLY F 309 7.69 -74.00 -53.38
N PHE F 310 8.21 -75.06 -52.79
CA PHE F 310 9.49 -75.62 -53.21
C PHE F 310 9.29 -76.70 -54.25
N LYS G 15 16.92 4.70 -43.16
CA LYS G 15 17.15 3.28 -42.86
C LYS G 15 16.04 2.79 -41.95
N ASN G 16 14.80 2.96 -42.43
CA ASN G 16 13.61 2.68 -41.63
C ASN G 16 13.32 1.18 -41.59
N ILE G 17 13.03 0.68 -40.39
CA ILE G 17 12.86 -0.74 -40.12
C ILE G 17 11.60 -0.90 -39.29
N ILE G 18 11.04 -2.10 -39.34
CA ILE G 18 9.92 -2.49 -38.48
C ILE G 18 10.31 -3.82 -37.88
N ILE G 19 10.60 -3.84 -36.58
CA ILE G 19 11.12 -5.03 -35.93
C ILE G 19 10.34 -5.30 -34.65
N GLY G 20 10.79 -6.27 -33.87
CA GLY G 20 10.10 -6.63 -32.64
C GLY G 20 9.14 -7.78 -32.85
N ALA G 21 8.23 -7.93 -31.89
CA ALA G 21 7.25 -9.01 -31.94
C ALA G 21 6.09 -8.60 -32.84
N MET G 22 5.89 -9.34 -33.93
CA MET G 22 4.84 -9.05 -34.90
C MET G 22 3.98 -10.28 -35.10
N THR G 23 2.73 -10.04 -35.51
CA THR G 23 1.73 -11.10 -35.64
C THR G 23 1.19 -11.14 -37.06
N ALA G 24 1.22 -12.33 -37.67
CA ALA G 24 0.54 -12.57 -38.93
C ALA G 24 -0.93 -12.85 -38.60
N LEU G 25 -1.76 -11.83 -38.75
CA LEU G 25 -3.13 -11.90 -38.25
C LEU G 25 -3.97 -12.88 -39.08
N ILE G 26 -4.76 -13.69 -38.38
CA ILE G 26 -5.78 -14.47 -39.05
C ILE G 26 -6.92 -13.56 -39.49
N THR G 27 -7.61 -13.95 -40.55
CA THR G 27 -8.74 -13.19 -41.06
C THR G 27 -10.04 -13.92 -40.75
N PRO G 28 -10.78 -13.51 -39.73
CA PRO G 28 -12.01 -14.24 -39.37
C PRO G 28 -13.11 -14.04 -40.41
N PHE G 29 -13.84 -15.11 -40.69
CA PHE G 29 -14.96 -15.07 -41.60
C PHE G 29 -16.24 -15.32 -40.83
N LYS G 30 -17.30 -14.64 -41.29
CA LYS G 30 -18.64 -14.70 -40.73
C LYS G 30 -19.62 -14.69 -41.90
N ASN G 31 -20.32 -15.81 -42.12
CA ASN G 31 -21.28 -15.93 -43.23
C ASN G 31 -20.65 -15.65 -44.60
N GLY G 32 -19.40 -16.10 -44.81
CA GLY G 32 -18.76 -15.96 -46.11
C GLY G 32 -18.28 -14.57 -46.50
N LYS G 33 -18.33 -13.61 -45.57
CA LYS G 33 -17.82 -12.24 -45.66
C LYS G 33 -16.80 -12.03 -44.54
N VAL G 34 -16.02 -10.95 -44.63
CA VAL G 34 -14.96 -10.69 -43.66
C VAL G 34 -15.60 -10.11 -42.40
N ASP G 35 -15.39 -10.75 -41.26
CA ASP G 35 -15.90 -10.18 -40.02
C ASP G 35 -15.07 -8.96 -39.62
N GLU G 36 -15.52 -7.78 -40.05
CA GLU G 36 -14.74 -6.56 -39.80
C GLU G 36 -14.77 -6.15 -38.32
N GLN G 37 -15.86 -6.51 -37.59
CA GLN G 37 -16.04 -6.30 -36.15
C GLN G 37 -14.99 -7.05 -35.35
N SER G 38 -14.91 -8.34 -35.63
CA SER G 38 -14.03 -9.25 -34.95
C SER G 38 -12.58 -9.06 -35.39
N TYR G 39 -12.35 -8.63 -36.62
CA TYR G 39 -10.97 -8.34 -37.04
C TYR G 39 -10.36 -7.26 -36.16
N ALA G 40 -11.09 -6.17 -35.95
CA ALA G 40 -10.58 -5.08 -35.12
C ALA G 40 -10.48 -5.50 -33.65
N ARG G 41 -11.35 -6.42 -33.22
CA ARG G 41 -11.32 -6.88 -31.84
C ARG G 41 -10.18 -7.87 -31.58
N LEU G 42 -9.63 -8.50 -32.63
CA LEU G 42 -8.43 -9.30 -32.47
C LEU G 42 -7.17 -8.45 -32.51
N ILE G 43 -7.23 -7.30 -33.19
CA ILE G 43 -6.07 -6.41 -33.22
C ILE G 43 -5.86 -5.72 -31.88
N LYS G 44 -6.94 -5.46 -31.12
CA LYS G 44 -6.76 -4.85 -29.81
C LYS G 44 -6.31 -5.87 -28.76
N ARG G 45 -6.52 -7.16 -29.01
CA ARG G 45 -5.94 -8.18 -28.15
C ARG G 45 -4.44 -8.26 -28.35
N GLN G 46 -3.97 -8.05 -29.58
CA GLN G 46 -2.53 -8.06 -29.83
C GLN G 46 -1.86 -6.82 -29.25
N ILE G 47 -2.48 -5.64 -29.42
CA ILE G 47 -1.89 -4.41 -28.92
C ILE G 47 -1.69 -4.46 -27.41
N GLU G 48 -2.69 -4.97 -26.68
CA GLU G 48 -2.65 -4.96 -25.22
C GLU G 48 -1.80 -6.09 -24.64
N ASN G 49 -1.08 -6.84 -25.47
CA ASN G 49 -0.24 -7.93 -24.99
C ASN G 49 1.21 -7.80 -25.46
N GLY G 50 1.66 -6.57 -25.67
CA GLY G 50 3.05 -6.30 -25.96
C GLY G 50 3.49 -6.44 -27.40
N ILE G 51 2.56 -6.65 -28.33
CA ILE G 51 2.92 -6.79 -29.73
C ILE G 51 3.37 -5.44 -30.28
N ASP G 52 4.45 -5.46 -31.08
CA ASP G 52 5.03 -4.23 -31.60
C ASP G 52 4.48 -3.84 -32.97
N ALA G 53 3.99 -4.81 -33.75
CA ALA G 53 3.45 -4.55 -35.06
C ALA G 53 2.56 -5.72 -35.45
N VAL G 54 1.60 -5.45 -36.34
CA VAL G 54 0.69 -6.47 -36.83
C VAL G 54 0.81 -6.55 -38.34
N VAL G 55 0.68 -7.78 -38.87
CA VAL G 55 0.80 -8.01 -40.30
C VAL G 55 -0.55 -8.44 -40.86
N PRO G 56 -1.32 -7.51 -41.44
CA PRO G 56 -2.59 -7.90 -42.06
C PRO G 56 -2.37 -8.57 -43.41
N VAL G 57 -3.20 -9.57 -43.69
CA VAL G 57 -3.24 -10.27 -44.98
C VAL G 57 -1.87 -10.81 -45.35
N GLY G 58 -1.32 -11.68 -44.50
CA GLY G 58 -0.19 -12.50 -44.87
C GLY G 58 -0.64 -13.85 -45.38
N THR G 59 0.28 -14.83 -45.32
CA THR G 59 -0.11 -16.21 -45.61
C THR G 59 -1.11 -16.71 -44.57
N THR G 60 -0.89 -16.37 -43.31
CA THR G 60 -1.80 -16.73 -42.23
C THR G 60 -3.14 -15.99 -42.35
N GLY G 61 -3.15 -14.83 -43.01
CA GLY G 61 -4.39 -14.10 -43.22
C GLY G 61 -5.19 -14.54 -44.43
N GLU G 62 -4.79 -15.65 -45.06
CA GLU G 62 -5.47 -16.19 -46.23
C GLU G 62 -5.53 -15.16 -47.36
N SER G 63 -4.36 -14.58 -47.65
CA SER G 63 -4.22 -13.62 -48.75
C SER G 63 -4.66 -14.19 -50.10
N ALA G 64 -4.75 -15.51 -50.23
CA ALA G 64 -4.95 -16.11 -51.54
C ALA G 64 -6.43 -16.15 -51.92
N THR G 65 -7.32 -16.23 -50.94
CA THR G 65 -8.75 -16.37 -51.18
C THR G 65 -9.51 -15.06 -50.98
N LEU G 66 -8.82 -14.00 -50.56
CA LEU G 66 -9.43 -12.69 -50.41
C LEU G 66 -9.42 -11.96 -51.73
N THR G 67 -10.51 -11.25 -52.01
CA THR G 67 -10.56 -10.35 -53.15
C THR G 67 -9.65 -9.14 -52.87
N HIS G 68 -9.37 -8.38 -53.93
CA HIS G 68 -8.51 -7.22 -53.79
C HIS G 68 -9.13 -6.17 -52.86
N GLU G 69 -10.46 -6.12 -52.78
CA GLU G 69 -11.09 -5.17 -51.86
C GLU G 69 -11.03 -5.65 -50.42
N GLU G 70 -11.13 -6.97 -50.22
CA GLU G 70 -11.01 -7.50 -48.86
C GLU G 70 -9.57 -7.40 -48.38
N HIS G 71 -8.60 -7.72 -49.24
CA HIS G 71 -7.20 -7.45 -48.93
C HIS G 71 -7.01 -5.99 -48.54
N ARG G 72 -7.62 -5.08 -49.29
CA ARG G 72 -7.45 -3.65 -49.02
C ARG G 72 -8.25 -3.21 -47.79
N THR G 73 -9.42 -3.79 -47.58
CA THR G 73 -10.25 -3.38 -46.44
C THR G 73 -9.61 -3.74 -45.11
N CYS G 74 -8.84 -4.84 -45.06
CA CYS G 74 -8.23 -5.27 -43.81
C CYS G 74 -6.88 -4.62 -43.54
N ILE G 75 -6.28 -3.97 -44.54
CA ILE G 75 -5.17 -3.06 -44.26
C ILE G 75 -5.69 -1.79 -43.62
N GLU G 76 -6.84 -1.29 -44.11
CA GLU G 76 -7.42 -0.07 -43.54
C GLU G 76 -7.88 -0.30 -42.10
N ILE G 77 -8.55 -1.43 -41.85
CA ILE G 77 -8.98 -1.74 -40.48
C ILE G 77 -7.76 -1.85 -39.57
N ALA G 78 -6.69 -2.46 -40.07
CA ALA G 78 -5.48 -2.57 -39.27
C ALA G 78 -4.89 -1.19 -38.99
N VAL G 79 -4.90 -0.30 -39.98
CA VAL G 79 -4.26 1.01 -39.79
C VAL G 79 -4.98 1.83 -38.72
N GLU G 80 -6.31 1.93 -38.76
CA GLU G 80 -7.00 2.64 -37.68
C GLU G 80 -7.08 1.88 -36.36
N THR G 81 -7.06 0.56 -36.38
CA THR G 81 -7.13 -0.06 -35.05
C THR G 81 -5.87 0.22 -34.24
N CYS G 82 -4.76 0.56 -34.89
CA CYS G 82 -3.52 0.92 -34.21
C CYS G 82 -3.23 2.42 -34.23
N LYS G 83 -4.23 3.26 -34.53
CA LYS G 83 -4.06 4.70 -34.42
C LYS G 83 -4.13 5.11 -32.95
N GLY G 84 -3.16 5.90 -32.51
CA GLY G 84 -3.03 6.26 -31.11
C GLY G 84 -2.23 5.30 -30.27
N THR G 85 -1.58 4.31 -30.87
CA THR G 85 -0.69 3.39 -30.18
C THR G 85 0.69 3.40 -30.82
N LYS G 86 1.63 2.72 -30.18
CA LYS G 86 2.96 2.49 -30.75
C LYS G 86 2.98 1.40 -31.81
N VAL G 87 1.92 0.60 -31.92
CA VAL G 87 1.92 -0.57 -32.77
C VAL G 87 1.89 -0.16 -34.23
N LYS G 88 2.85 -0.69 -35.00
CA LYS G 88 2.94 -0.42 -36.43
C LYS G 88 2.12 -1.44 -37.23
N VAL G 89 1.86 -1.11 -38.48
CA VAL G 89 1.14 -1.98 -39.40
C VAL G 89 2.07 -2.31 -40.56
N LEU G 90 2.50 -3.56 -40.64
CA LEU G 90 3.29 -4.07 -41.77
C LEU G 90 2.35 -4.87 -42.66
N ALA G 91 1.77 -4.19 -43.66
CA ALA G 91 0.69 -4.76 -44.44
C ALA G 91 1.22 -5.77 -45.46
N GLY G 92 0.52 -6.89 -45.59
CA GLY G 92 0.86 -7.86 -46.61
C GLY G 92 0.52 -7.32 -47.99
N ALA G 93 1.52 -7.21 -48.87
CA ALA G 93 1.29 -6.65 -50.19
C ALA G 93 1.97 -7.47 -51.29
N GLY G 94 2.26 -8.75 -51.04
CA GLY G 94 2.93 -9.58 -52.01
C GLY G 94 1.98 -10.22 -53.00
N SER G 95 2.53 -10.57 -54.17
CA SER G 95 1.79 -11.29 -55.19
C SER G 95 2.78 -11.87 -56.19
N ASN G 96 2.34 -12.89 -56.92
CA ASN G 96 3.16 -13.50 -57.94
C ASN G 96 3.16 -12.71 -59.24
N ALA G 97 2.38 -11.63 -59.34
CA ALA G 97 2.40 -10.72 -60.46
C ALA G 97 2.89 -9.36 -59.99
N THR G 98 3.92 -8.84 -60.67
CA THR G 98 4.55 -7.61 -60.22
C THR G 98 3.59 -6.43 -60.28
N HIS G 99 2.76 -6.37 -61.32
CA HIS G 99 1.78 -5.30 -61.40
C HIS G 99 0.75 -5.42 -60.28
N GLU G 100 0.50 -6.64 -59.79
CA GLU G 100 -0.39 -6.82 -58.65
C GLU G 100 0.29 -6.45 -57.33
N ALA G 101 1.58 -6.75 -57.20
CA ALA G 101 2.29 -6.45 -55.97
C ALA G 101 2.52 -4.95 -55.82
N VAL G 102 2.80 -4.26 -56.92
CA VAL G 102 2.96 -2.81 -56.87
C VAL G 102 1.63 -2.14 -56.52
N GLY G 103 0.52 -2.70 -57.01
CA GLY G 103 -0.79 -2.15 -56.68
C GLY G 103 -1.08 -2.21 -55.19
N LEU G 104 -0.81 -3.35 -54.56
CA LEU G 104 -1.04 -3.47 -53.13
C LEU G 104 -0.07 -2.60 -52.34
N ALA G 105 1.16 -2.44 -52.83
CA ALA G 105 2.12 -1.58 -52.17
C ALA G 105 1.69 -0.12 -52.22
N LYS G 106 1.18 0.32 -53.37
CA LYS G 106 0.75 1.72 -53.49
C LYS G 106 -0.51 1.99 -52.68
N PHE G 107 -1.40 1.01 -52.56
CA PHE G 107 -2.56 1.18 -51.70
C PHE G 107 -2.14 1.31 -50.24
N ALA G 108 -1.14 0.54 -49.82
CA ALA G 108 -0.73 0.55 -48.42
C ALA G 108 -0.12 1.89 -48.02
N LYS G 109 0.72 2.46 -48.88
CA LYS G 109 1.31 3.76 -48.56
C LYS G 109 0.25 4.85 -48.48
N GLU G 110 -0.61 4.93 -49.49
CA GLU G 110 -1.62 5.98 -49.55
C GLU G 110 -2.69 5.87 -48.47
N HIS G 111 -2.73 4.77 -47.72
CA HIS G 111 -3.77 4.57 -46.72
C HIS G 111 -3.21 4.42 -45.30
N GLY G 112 -1.96 4.81 -45.09
CA GLY G 112 -1.43 4.96 -43.75
C GLY G 112 -0.65 3.78 -43.20
N ALA G 113 -0.29 2.80 -44.03
CA ALA G 113 0.51 1.68 -43.55
C ALA G 113 1.94 2.13 -43.28
N ASP G 114 2.55 1.52 -42.25
CA ASP G 114 3.93 1.83 -41.90
C ASP G 114 4.94 1.08 -42.75
N GLY G 115 4.54 0.00 -43.41
CA GLY G 115 5.43 -0.76 -44.27
C GLY G 115 4.66 -1.87 -44.92
N ILE G 116 5.37 -2.67 -45.72
CA ILE G 116 4.75 -3.77 -46.44
C ILE G 116 5.61 -5.02 -46.29
N LEU G 117 4.93 -6.17 -46.15
CA LEU G 117 5.53 -7.47 -46.35
C LEU G 117 5.19 -7.93 -47.76
N SER G 118 6.17 -8.50 -48.45
CA SER G 118 5.99 -8.90 -49.84
C SER G 118 6.54 -10.31 -50.03
N VAL G 119 5.64 -11.27 -50.25
CA VAL G 119 6.05 -12.66 -50.40
C VAL G 119 6.70 -12.86 -51.76
N ALA G 120 7.65 -13.79 -51.82
CA ALA G 120 8.25 -14.16 -53.09
C ALA G 120 7.16 -14.68 -54.03
N PRO G 121 7.20 -14.31 -55.32
CA PRO G 121 6.20 -14.81 -56.25
C PRO G 121 6.10 -16.33 -56.26
N TYR G 122 4.88 -16.82 -56.08
CA TYR G 122 4.58 -18.24 -56.00
C TYR G 122 4.10 -18.77 -57.35
N TYR G 123 4.22 -20.09 -57.51
CA TYR G 123 3.67 -20.83 -58.65
C TYR G 123 4.47 -20.59 -59.93
N ASN G 124 4.69 -19.33 -60.30
CA ASN G 124 5.34 -19.05 -61.57
C ASN G 124 6.86 -19.15 -61.50
N LYS G 125 7.42 -19.38 -60.31
CA LYS G 125 8.83 -19.70 -60.08
C LYS G 125 9.77 -18.79 -60.88
N PRO G 126 9.93 -17.53 -60.50
CA PRO G 126 10.84 -16.65 -61.24
C PRO G 126 12.29 -16.96 -60.90
N THR G 127 13.17 -16.60 -61.84
CA THR G 127 14.60 -16.74 -61.62
C THR G 127 15.09 -15.65 -60.65
N GLN G 128 16.36 -15.78 -60.25
CA GLN G 128 16.95 -14.78 -59.36
C GLN G 128 16.92 -13.41 -59.99
N GLN G 129 17.13 -13.33 -61.31
CA GLN G 129 17.02 -12.06 -62.00
C GLN G 129 15.58 -11.53 -61.95
N GLY G 130 14.60 -12.44 -62.06
CA GLY G 130 13.22 -12.01 -61.96
C GLY G 130 12.85 -11.52 -60.58
N LEU G 131 13.35 -12.20 -59.54
CA LEU G 131 13.08 -11.77 -58.17
C LEU G 131 13.68 -10.40 -57.90
N TYR G 132 14.86 -10.13 -58.44
CA TYR G 132 15.49 -8.82 -58.28
C TYR G 132 14.62 -7.72 -58.88
N GLU G 133 14.24 -7.87 -60.15
CA GLU G 133 13.43 -6.85 -60.80
C GLU G 133 12.04 -6.75 -60.18
N HIS G 134 11.48 -7.88 -59.74
CA HIS G 134 10.19 -7.87 -59.07
C HIS G 134 10.23 -7.01 -57.82
N TYR G 135 11.23 -7.24 -56.95
CA TYR G 135 11.31 -6.50 -55.71
C TYR G 135 11.80 -5.07 -55.92
N LYS G 136 12.66 -4.85 -56.92
CA LYS G 136 13.10 -3.49 -57.21
C LYS G 136 11.96 -2.61 -57.70
N ALA G 137 11.03 -3.17 -58.48
CA ALA G 137 9.87 -2.41 -58.92
C ALA G 137 8.94 -2.09 -57.75
N ILE G 138 8.78 -3.02 -56.81
CA ILE G 138 7.94 -2.76 -55.65
C ILE G 138 8.57 -1.70 -54.75
N ALA G 139 9.88 -1.80 -54.52
CA ALA G 139 10.53 -0.90 -53.58
C ALA G 139 10.50 0.54 -54.08
N GLN G 140 10.65 0.75 -55.39
CA GLN G 140 10.61 2.08 -55.97
C GLN G 140 9.19 2.61 -56.12
N SER G 141 8.17 1.77 -55.93
CA SER G 141 6.80 2.24 -56.01
C SER G 141 6.41 3.05 -54.78
N VAL G 142 7.05 2.80 -53.64
CA VAL G 142 6.69 3.41 -52.37
C VAL G 142 7.94 4.00 -51.73
N ASP G 143 7.73 4.76 -50.65
CA ASP G 143 8.81 5.29 -49.84
C ASP G 143 8.72 4.80 -48.40
N ILE G 144 8.05 3.68 -48.17
CA ILE G 144 7.90 3.07 -46.85
C ILE G 144 8.72 1.79 -46.82
N PRO G 145 9.07 1.28 -45.63
CA PRO G 145 9.91 0.08 -45.57
C PRO G 145 9.27 -1.13 -46.25
N VAL G 146 10.13 -1.97 -46.83
CA VAL G 146 9.72 -3.18 -47.53
C VAL G 146 10.48 -4.36 -46.92
N LEU G 147 9.75 -5.35 -46.43
CA LEU G 147 10.34 -6.55 -45.85
C LEU G 147 10.10 -7.73 -46.79
N LEU G 148 11.19 -8.34 -47.27
CA LEU G 148 11.07 -9.53 -48.11
C LEU G 148 10.51 -10.69 -47.31
N TYR G 149 10.02 -11.70 -48.03
CA TYR G 149 9.36 -12.84 -47.42
C TYR G 149 9.72 -14.08 -48.25
N ASN G 150 10.49 -14.98 -47.65
CA ASN G 150 10.97 -16.19 -48.32
C ASN G 150 10.35 -17.40 -47.63
N VAL G 151 9.50 -18.11 -48.35
CA VAL G 151 8.93 -19.37 -47.85
C VAL G 151 8.89 -20.33 -49.04
N PRO G 152 10.00 -21.00 -49.33
CA PRO G 152 10.06 -21.83 -50.56
C PRO G 152 9.14 -23.03 -50.50
N GLY G 153 8.83 -23.53 -49.31
CA GLY G 153 7.89 -24.63 -49.19
C GLY G 153 6.50 -24.29 -49.68
N ARG G 154 6.19 -23.00 -49.78
CA ARG G 154 4.90 -22.52 -50.23
C ARG G 154 4.92 -21.93 -51.64
N THR G 155 6.04 -21.34 -52.04
CA THR G 155 6.15 -20.66 -53.33
C THR G 155 6.75 -21.51 -54.44
N GLY G 156 7.58 -22.49 -54.11
CA GLY G 156 8.31 -23.22 -55.12
C GLY G 156 9.58 -22.55 -55.60
N CYS G 157 9.96 -21.42 -54.99
CA CYS G 157 11.17 -20.69 -55.36
C CYS G 157 11.88 -20.22 -54.11
N GLU G 158 13.17 -19.89 -54.27
CA GLU G 158 14.07 -19.47 -53.20
C GLU G 158 14.56 -18.07 -53.51
N ILE G 159 14.49 -17.16 -52.53
CA ILE G 159 15.23 -15.90 -52.66
C ILE G 159 16.64 -16.19 -52.14
N SER G 160 17.59 -16.32 -53.05
CA SER G 160 18.98 -16.61 -52.67
C SER G 160 19.53 -15.53 -51.75
N THR G 161 20.53 -15.92 -50.95
CA THR G 161 21.21 -14.98 -50.07
C THR G 161 21.79 -13.81 -50.85
N ASP G 162 22.37 -14.08 -52.02
CA ASP G 162 22.96 -13.00 -52.82
C ASP G 162 21.89 -12.02 -53.29
N THR G 163 20.72 -12.53 -53.68
CA THR G 163 19.65 -11.65 -54.16
C THR G 163 19.09 -10.79 -53.04
N ILE G 164 18.92 -11.37 -51.85
CA ILE G 164 18.44 -10.60 -50.71
C ILE G 164 19.40 -9.46 -50.38
N ILE G 165 20.69 -9.77 -50.30
CA ILE G 165 21.69 -8.77 -49.97
C ILE G 165 21.77 -7.69 -51.05
N LYS G 166 21.67 -8.09 -52.32
CA LYS G 166 21.73 -7.12 -53.40
C LYS G 166 20.54 -6.17 -53.34
N LEU G 167 19.34 -6.70 -53.06
CA LEU G 167 18.18 -5.83 -52.94
C LEU G 167 18.27 -4.93 -51.72
N PHE G 168 18.87 -5.41 -50.63
CA PHE G 168 19.06 -4.59 -49.44
C PHE G 168 20.00 -3.42 -49.74
N ARG G 169 21.05 -3.67 -50.51
CA ARG G 169 22.06 -2.66 -50.80
C ARG G 169 21.70 -1.74 -51.96
N ASP G 170 20.81 -2.17 -52.86
CA ASP G 170 20.51 -1.40 -54.06
C ASP G 170 19.22 -0.58 -53.96
N CYS G 171 18.31 -0.93 -53.04
CA CYS G 171 17.05 -0.25 -52.88
C CYS G 171 16.95 0.25 -51.44
N GLU G 172 16.57 1.52 -51.27
CA GLU G 172 16.78 2.19 -49.99
C GLU G 172 15.73 1.83 -48.95
N ASN G 173 14.54 1.38 -49.34
CA ASN G 173 13.52 0.97 -48.39
C ASN G 173 13.48 -0.53 -48.14
N ILE G 174 14.27 -1.33 -48.86
CA ILE G 174 14.36 -2.76 -48.60
C ILE G 174 15.34 -2.95 -47.45
N TYR G 175 14.83 -3.43 -46.31
CA TYR G 175 15.61 -3.45 -45.07
C TYR G 175 15.78 -4.83 -44.44
N GLY G 176 15.19 -5.88 -45.00
CA GLY G 176 15.36 -7.20 -44.41
C GLY G 176 14.52 -8.24 -45.10
N VAL G 177 14.35 -9.38 -44.43
CA VAL G 177 13.62 -10.51 -44.97
C VAL G 177 12.94 -11.34 -43.88
N KPI G 178 11.68 -11.69 -44.13
CA KPI G 178 10.94 -12.62 -43.30
CB KPI G 178 9.42 -12.46 -43.40
CG KPI G 178 8.66 -13.61 -42.77
CD KPI G 178 7.19 -13.27 -42.62
CE KPI G 178 6.38 -14.54 -42.40
NZ KPI G 178 5.01 -14.38 -41.98
CX1 KPI G 178 4.10 -15.28 -42.13
C1 KPI G 178 3.75 -16.43 -41.24
CX2 KPI G 178 2.88 -14.90 -42.91
O1 KPI G 178 3.05 -13.88 -43.78
O2 KPI G 178 1.76 -15.41 -42.84
C KPI G 178 11.24 -14.05 -43.66
O KPI G 178 11.07 -14.35 -44.98
N GLU G 179 12.17 -14.69 -42.93
CA GLU G 179 12.59 -16.04 -43.31
C GLU G 179 11.68 -17.10 -42.69
N ALA G 180 11.22 -18.01 -43.54
CA ALA G 180 10.42 -19.16 -43.14
C ALA G 180 10.96 -20.39 -43.88
N SER G 181 12.26 -20.62 -43.71
CA SER G 181 12.97 -21.64 -44.46
C SER G 181 13.35 -22.86 -43.66
N GLY G 182 13.37 -22.78 -42.33
CA GLY G 182 13.93 -23.87 -41.54
C GLY G 182 15.37 -24.13 -41.91
N ASN G 183 16.11 -23.08 -42.23
CA ASN G 183 17.48 -23.17 -42.73
C ASN G 183 18.31 -22.20 -41.91
N ILE G 184 18.79 -22.66 -40.75
CA ILE G 184 19.58 -21.80 -39.88
C ILE G 184 20.93 -21.47 -40.54
N ASP G 185 21.39 -22.33 -41.44
CA ASP G 185 22.60 -22.01 -42.20
C ASP G 185 22.43 -20.74 -43.01
N LYS G 186 21.26 -20.59 -43.66
CA LYS G 186 21.03 -19.37 -44.44
C LYS G 186 20.97 -18.13 -43.57
N CYS G 187 20.57 -18.27 -42.31
CA CYS G 187 20.49 -17.09 -41.46
C CYS G 187 21.84 -16.73 -40.87
N VAL G 188 22.76 -17.70 -40.78
CA VAL G 188 24.16 -17.38 -40.54
C VAL G 188 24.77 -16.75 -41.78
N ASP G 189 24.46 -17.32 -42.95
CA ASP G 189 24.94 -16.78 -44.21
C ASP G 189 24.51 -15.32 -44.38
N LEU G 190 23.24 -15.03 -44.12
CA LEU G 190 22.71 -13.69 -44.36
C LEU G 190 23.39 -12.66 -43.46
N LEU G 191 23.43 -12.92 -42.15
CA LEU G 191 23.91 -11.92 -41.20
C LEU G 191 25.43 -11.89 -41.09
N ALA G 192 26.14 -12.90 -41.59
CA ALA G 192 27.60 -12.83 -41.61
C ALA G 192 28.11 -11.97 -42.75
N HIS G 193 27.42 -11.96 -43.89
CA HIS G 193 27.82 -11.17 -45.04
C HIS G 193 27.14 -9.82 -45.13
N GLU G 194 25.99 -9.65 -44.48
CA GLU G 194 25.27 -8.38 -44.44
C GLU G 194 24.69 -8.20 -43.05
N PRO G 195 25.51 -7.75 -42.10
CA PRO G 195 25.03 -7.66 -40.70
C PRO G 195 24.09 -6.50 -40.43
N ARG G 196 23.90 -5.58 -41.37
CA ARG G 196 23.03 -4.44 -41.16
C ARG G 196 21.56 -4.72 -41.53
N MET G 197 21.25 -5.92 -41.98
CA MET G 197 19.88 -6.25 -42.37
C MET G 197 19.09 -6.77 -41.18
N MET G 198 17.76 -6.57 -41.25
CA MET G 198 16.84 -7.00 -40.20
C MET G 198 16.26 -8.36 -40.60
N LEU G 199 16.79 -9.42 -40.01
CA LEU G 199 16.31 -10.77 -40.24
C LEU G 199 15.13 -11.05 -39.31
N ILE G 200 13.98 -11.38 -39.88
CA ILE G 200 12.75 -11.62 -39.13
C ILE G 200 12.39 -13.09 -39.25
N SER G 201 12.15 -13.74 -38.11
CA SER G 201 11.77 -15.14 -38.11
C SER G 201 10.31 -15.29 -38.53
N GLY G 202 10.07 -16.19 -39.48
CA GLY G 202 8.72 -16.50 -39.91
C GLY G 202 8.37 -17.94 -39.59
N GLU G 203 9.02 -18.47 -38.56
CA GLU G 203 8.87 -19.87 -38.18
C GLU G 203 8.95 -19.94 -36.66
N ASP G 204 7.80 -20.17 -36.02
CA ASP G 204 7.68 -19.98 -34.58
C ASP G 204 8.56 -20.95 -33.79
N ALA G 205 8.79 -22.15 -34.31
CA ALA G 205 9.54 -23.15 -33.55
C ALA G 205 10.97 -22.71 -33.31
N ILE G 206 11.55 -21.90 -34.21
CA ILE G 206 12.94 -21.51 -34.10
C ILE G 206 13.06 -20.00 -33.90
N ASN G 207 12.09 -19.41 -33.21
CA ASN G 207 12.13 -17.97 -32.94
C ASN G 207 13.41 -17.58 -32.22
N TYR G 208 13.71 -18.25 -31.10
CA TYR G 208 14.89 -17.89 -30.33
C TYR G 208 16.20 -18.11 -31.07
N PRO G 209 16.44 -19.25 -31.73
CA PRO G 209 17.73 -19.39 -32.46
C PRO G 209 17.96 -18.32 -33.50
N ILE G 210 16.91 -17.86 -34.19
CA ILE G 210 17.08 -16.81 -35.18
C ILE G 210 17.39 -15.48 -34.49
N LEU G 211 16.71 -15.19 -33.38
CA LEU G 211 17.01 -13.97 -32.63
C LEU G 211 18.39 -14.05 -31.99
N SER G 212 18.77 -15.22 -31.49
CA SER G 212 20.05 -15.38 -30.82
C SER G 212 21.24 -15.15 -31.75
N ASN G 213 21.04 -15.25 -33.07
CA ASN G 213 22.09 -15.02 -34.05
C ASN G 213 22.05 -13.60 -34.62
N GLY G 214 21.24 -12.72 -34.05
CA GLY G 214 21.15 -11.36 -34.53
C GLY G 214 19.83 -10.98 -35.17
N GLY G 215 18.88 -11.90 -35.27
CA GLY G 215 17.56 -11.53 -35.72
C GLY G 215 16.93 -10.48 -34.82
N LYS G 216 16.11 -9.62 -35.43
CA LYS G 216 15.59 -8.46 -34.73
C LYS G 216 14.07 -8.49 -34.61
N GLY G 217 13.44 -9.64 -34.83
CA GLY G 217 12.01 -9.73 -34.65
C GLY G 217 11.47 -11.02 -35.21
N VAL G 218 10.17 -11.22 -34.98
CA VAL G 218 9.44 -12.37 -35.47
C VAL G 218 8.12 -11.90 -36.07
N ILE G 219 7.67 -12.61 -37.09
CA ILE G 219 6.30 -12.47 -37.60
C ILE G 219 5.63 -13.80 -37.33
N SER G 220 4.80 -13.83 -36.30
CA SER G 220 4.42 -15.06 -35.62
C SER G 220 3.00 -15.48 -35.98
N VAL G 221 2.78 -16.80 -35.95
CA VAL G 221 1.45 -17.38 -36.01
C VAL G 221 0.91 -17.67 -34.61
N THR G 222 1.76 -18.19 -33.74
CA THR G 222 1.36 -18.49 -32.36
C THR G 222 0.90 -17.23 -31.63
N SER G 223 1.47 -16.07 -31.99
CA SER G 223 1.10 -14.82 -31.32
C SER G 223 -0.36 -14.48 -31.51
N ASN G 224 -1.02 -15.05 -32.52
CA ASN G 224 -2.46 -14.93 -32.63
C ASN G 224 -3.15 -15.47 -31.39
N LEU G 225 -2.64 -16.58 -30.85
CA LEU G 225 -3.20 -17.23 -29.68
C LEU G 225 -2.54 -16.77 -28.38
N LEU G 226 -1.21 -16.69 -28.36
CA LEU G 226 -0.44 -16.34 -27.17
C LEU G 226 0.42 -15.11 -27.44
N PRO G 227 -0.20 -13.93 -27.58
CA PRO G 227 0.60 -12.74 -27.89
C PRO G 227 1.54 -12.32 -26.76
N ASP G 228 1.14 -12.54 -25.50
CA ASP G 228 1.99 -12.16 -24.38
C ASP G 228 3.27 -13.00 -24.35
N MET G 229 3.16 -14.30 -24.62
CA MET G 229 4.32 -15.17 -24.58
C MET G 229 5.29 -14.86 -25.72
N ILE G 230 4.76 -14.66 -26.94
CA ILE G 230 5.63 -14.36 -28.07
C ILE G 230 6.29 -12.99 -27.90
N SER G 231 5.53 -12.02 -27.39
CA SER G 231 6.11 -10.69 -27.17
C SER G 231 7.19 -10.72 -26.10
N ALA G 232 6.98 -11.51 -25.05
CA ALA G 232 8.00 -11.64 -24.01
C ALA G 232 9.27 -12.28 -24.56
N LEU G 233 9.13 -13.30 -25.41
CA LEU G 233 10.29 -13.98 -25.99
C LEU G 233 11.15 -13.00 -26.79
N THR G 234 10.52 -12.24 -27.69
CA THR G 234 11.26 -11.33 -28.56
C THR G 234 11.98 -10.26 -27.75
N HIS G 235 11.30 -9.67 -26.76
CA HIS G 235 11.89 -8.57 -26.03
C HIS G 235 13.01 -9.04 -25.10
N PHE G 236 12.86 -10.21 -24.50
CA PHE G 236 13.96 -10.81 -23.74
C PHE G 236 15.19 -10.99 -24.62
N ALA G 237 15.00 -11.51 -25.83
CA ALA G 237 16.13 -11.73 -26.73
C ALA G 237 16.74 -10.41 -27.18
N LEU G 238 15.91 -9.41 -27.49
CA LEU G 238 16.43 -8.13 -27.96
C LEU G 238 17.18 -7.40 -26.85
N ASP G 239 16.82 -7.64 -25.58
CA ASP G 239 17.57 -7.13 -24.45
C ASP G 239 18.73 -8.04 -24.07
N GLU G 240 19.10 -8.97 -24.94
CA GLU G 240 20.23 -9.88 -24.72
C GLU G 240 20.05 -10.72 -23.46
N ASN G 241 18.80 -10.98 -23.08
CA ASN G 241 18.48 -11.91 -21.99
C ASN G 241 18.13 -13.25 -22.62
N TYR G 242 19.18 -14.02 -22.95
CA TYR G 242 19.01 -15.22 -23.75
C TYR G 242 18.57 -16.45 -22.95
N LYS G 243 18.73 -16.46 -21.62
CA LYS G 243 18.33 -17.64 -20.88
C LYS G 243 16.83 -17.63 -20.64
N GLU G 244 16.22 -16.45 -20.54
CA GLU G 244 14.77 -16.36 -20.46
C GLU G 244 14.12 -16.45 -21.83
N ALA G 245 14.79 -15.95 -22.88
CA ALA G 245 14.26 -16.10 -24.23
C ALA G 245 14.17 -17.58 -24.62
N LYS G 246 15.22 -18.34 -24.33
CA LYS G 246 15.20 -19.77 -24.63
C LYS G 246 14.17 -20.49 -23.77
N LYS G 247 13.94 -20.01 -22.54
CA LYS G 247 12.98 -20.66 -21.65
C LYS G 247 11.56 -20.58 -22.21
N ILE G 248 11.20 -19.44 -22.80
CA ILE G 248 9.88 -19.31 -23.41
C ILE G 248 9.81 -20.10 -24.71
N ASN G 249 10.90 -20.10 -25.48
CA ASN G 249 10.92 -20.85 -26.74
C ASN G 249 10.78 -22.34 -26.49
N ASP G 250 11.36 -22.84 -25.39
CA ASP G 250 11.21 -24.25 -25.06
C ASP G 250 9.78 -24.58 -24.63
N GLU G 251 9.15 -23.67 -23.88
CA GLU G 251 7.77 -23.89 -23.47
C GLU G 251 6.83 -23.90 -24.66
N LEU G 252 7.12 -23.11 -25.69
CA LEU G 252 6.22 -22.94 -26.82
C LEU G 252 6.42 -23.98 -27.91
N TYR G 253 7.38 -24.90 -27.76
CA TYR G 253 7.67 -25.83 -28.85
C TYR G 253 6.46 -26.70 -29.19
N ASN G 254 5.78 -27.22 -28.15
CA ASN G 254 4.68 -28.14 -28.39
C ASN G 254 3.54 -27.45 -29.15
N ILE G 255 3.19 -26.23 -28.75
CA ILE G 255 2.15 -25.50 -29.47
C ILE G 255 2.67 -25.01 -30.81
N ASN G 256 3.95 -24.65 -30.91
CA ASN G 256 4.50 -24.16 -32.17
C ASN G 256 4.45 -25.22 -33.26
N LYS G 257 4.65 -26.49 -32.89
CA LYS G 257 4.67 -27.56 -33.89
C LYS G 257 3.28 -28.09 -34.18
N ILE G 258 2.39 -28.13 -33.19
CA ILE G 258 1.03 -28.59 -33.43
C ILE G 258 0.23 -27.54 -34.20
N LEU G 259 0.69 -26.28 -34.21
CA LEU G 259 0.06 -25.27 -35.04
C LEU G 259 0.41 -25.44 -36.51
N PHE G 260 1.13 -26.50 -36.85
CA PHE G 260 1.44 -26.87 -38.22
C PHE G 260 1.17 -28.34 -38.47
N CYS G 261 0.41 -28.99 -37.58
CA CYS G 261 -0.06 -30.35 -37.82
C CYS G 261 -0.80 -30.47 -39.14
N GLU G 262 -1.52 -29.41 -39.52
CA GLU G 262 -2.07 -29.23 -40.86
C GLU G 262 -1.57 -27.89 -41.37
N SER G 263 -1.94 -27.57 -42.61
CA SER G 263 -1.40 -26.39 -43.25
C SER G 263 -1.89 -25.13 -42.55
N ASN G 264 -0.95 -24.27 -42.17
CA ASN G 264 -1.30 -22.96 -41.65
C ASN G 264 -2.11 -22.20 -42.69
N PRO G 265 -3.18 -21.49 -42.29
CA PRO G 265 -3.66 -21.22 -40.93
C PRO G 265 -4.83 -22.08 -40.44
N ILE G 266 -4.89 -23.34 -40.85
CA ILE G 266 -5.98 -24.23 -40.41
C ILE G 266 -5.86 -24.54 -38.92
N PRO G 267 -4.67 -24.92 -38.40
CA PRO G 267 -4.62 -25.21 -36.95
C PRO G 267 -4.80 -23.98 -36.08
N ILE G 268 -4.26 -22.82 -36.48
CA ILE G 268 -4.35 -21.64 -35.62
C ILE G 268 -5.80 -21.15 -35.52
N LYS G 269 -6.54 -21.21 -36.62
CA LYS G 269 -7.95 -20.82 -36.57
C LYS G 269 -8.75 -21.80 -35.72
N THR G 270 -8.37 -23.09 -35.72
CA THR G 270 -8.97 -24.05 -34.82
C THR G 270 -8.69 -23.67 -33.37
N ALA G 271 -7.45 -23.29 -33.07
CA ALA G 271 -7.10 -22.89 -31.71
C ALA G 271 -7.87 -21.64 -31.29
N MET G 272 -8.00 -20.66 -32.19
CA MET G 272 -8.75 -19.45 -31.86
C MET G 272 -10.22 -19.76 -31.60
N TYR G 273 -10.78 -20.71 -32.35
CA TYR G 273 -12.17 -21.11 -32.15
C TYR G 273 -12.35 -21.86 -30.84
N LEU G 274 -11.43 -22.79 -30.53
CA LEU G 274 -11.53 -23.54 -29.29
C LEU G 274 -11.36 -22.64 -28.06
N ALA G 275 -10.55 -21.60 -28.17
CA ALA G 275 -10.36 -20.65 -27.08
C ALA G 275 -11.46 -19.60 -27.02
N GLY G 276 -12.42 -19.64 -27.93
CA GLY G 276 -13.47 -18.65 -27.93
C GLY G 276 -13.05 -17.28 -28.40
N LEU G 277 -11.94 -17.18 -29.13
CA LEU G 277 -11.46 -15.90 -29.64
C LEU G 277 -12.07 -15.53 -30.99
N ILE G 278 -12.65 -16.50 -31.69
CA ILE G 278 -13.45 -16.22 -32.88
C ILE G 278 -14.76 -16.98 -32.73
N GLU G 279 -15.80 -16.45 -33.38
CA GLU G 279 -17.14 -16.99 -33.15
C GLU G 279 -17.40 -18.25 -33.96
N SER G 280 -16.89 -18.31 -35.20
CA SER G 280 -17.20 -19.42 -36.10
C SER G 280 -15.91 -19.91 -36.73
N LEU G 281 -15.76 -21.24 -36.80
CA LEU G 281 -14.63 -21.89 -37.46
C LEU G 281 -14.88 -21.94 -38.97
N GLU G 282 -14.73 -20.77 -39.61
CA GLU G 282 -15.00 -20.61 -41.03
C GLU G 282 -13.69 -20.37 -41.78
N PHE G 283 -13.52 -21.10 -42.89
CA PHE G 283 -12.45 -20.85 -43.83
C PHE G 283 -13.05 -20.51 -45.18
N ARG G 284 -12.19 -20.13 -46.12
CA ARG G 284 -12.56 -20.03 -47.51
C ARG G 284 -11.83 -21.11 -48.30
N LEU G 285 -12.57 -21.87 -49.10
CA LEU G 285 -12.03 -22.96 -49.89
C LEU G 285 -10.88 -22.46 -50.75
N PRO G 286 -9.87 -23.29 -51.02
CA PRO G 286 -9.76 -24.72 -50.70
C PRO G 286 -9.33 -25.03 -49.27
N LEU G 287 -9.33 -24.03 -48.39
CA LEU G 287 -9.03 -24.26 -46.99
C LEU G 287 -10.27 -24.75 -46.26
N CYS G 288 -10.07 -25.73 -45.36
CA CYS G 288 -11.17 -26.37 -44.66
C CYS G 288 -10.78 -26.62 -43.21
N SER G 289 -11.75 -27.04 -42.41
CA SER G 289 -11.47 -27.38 -41.03
C SER G 289 -10.64 -28.66 -40.95
N PRO G 290 -9.85 -28.83 -39.89
CA PRO G 290 -8.92 -29.96 -39.84
C PRO G 290 -9.64 -31.28 -39.60
N SER G 291 -8.86 -32.36 -39.69
CA SER G 291 -9.35 -33.68 -39.35
C SER G 291 -9.81 -33.72 -37.89
N LYS G 292 -10.67 -34.70 -37.59
CA LYS G 292 -11.19 -34.82 -36.24
C LYS G 292 -10.12 -35.32 -35.28
N GLU G 293 -9.15 -36.08 -35.78
CA GLU G 293 -8.00 -36.48 -34.96
C GLU G 293 -7.14 -35.28 -34.62
N ASN G 294 -6.71 -34.53 -35.65
CA ASN G 294 -5.88 -33.35 -35.41
C ASN G 294 -6.63 -32.30 -34.60
N PHE G 295 -7.94 -32.20 -34.78
CA PHE G 295 -8.76 -31.34 -33.92
C PHE G 295 -8.56 -31.69 -32.46
N ALA G 296 -8.57 -33.00 -32.14
CA ALA G 296 -8.35 -33.42 -30.77
C ALA G 296 -6.92 -33.12 -30.32
N LYS G 297 -5.96 -33.16 -31.24
CA LYS G 297 -4.58 -32.90 -30.88
C LYS G 297 -4.33 -31.42 -30.66
N ILE G 298 -5.08 -30.56 -31.36
CA ILE G 298 -5.02 -29.12 -31.09
C ILE G 298 -5.58 -28.81 -29.71
N GLU G 299 -6.75 -29.36 -29.41
CA GLU G 299 -7.39 -29.12 -28.11
C GLU G 299 -6.52 -29.59 -26.95
N GLU G 300 -5.74 -30.67 -27.16
CA GLU G 300 -4.95 -31.22 -26.07
C GLU G 300 -3.70 -30.39 -25.79
N VAL G 301 -3.07 -29.84 -26.83
CA VAL G 301 -1.87 -29.04 -26.63
C VAL G 301 -2.21 -27.68 -26.03
N MET G 302 -3.40 -27.15 -26.32
CA MET G 302 -3.78 -25.85 -25.80
C MET G 302 -3.85 -25.85 -24.28
N LYS G 303 -4.18 -27.00 -23.68
CA LYS G 303 -4.43 -27.07 -22.25
C LYS G 303 -3.17 -26.75 -21.44
N LYS G 304 -1.98 -27.06 -21.97
CA LYS G 304 -0.75 -26.79 -21.24
C LYS G 304 -0.38 -25.32 -21.23
N TYR G 305 -1.13 -24.47 -21.93
CA TYR G 305 -0.86 -23.04 -21.96
C TYR G 305 -2.04 -22.24 -21.44
N LYS G 306 -1.75 -21.04 -20.93
CA LYS G 306 -2.76 -20.14 -20.39
C LYS G 306 -3.05 -19.09 -21.46
N ILE G 307 -4.24 -19.15 -22.05
CA ILE G 307 -4.59 -18.34 -23.21
C ILE G 307 -5.29 -17.09 -22.73
N LYS G 308 -4.77 -15.93 -23.13
CA LYS G 308 -5.38 -14.67 -22.74
C LYS G 308 -6.65 -14.40 -23.53
N GLY G 309 -7.66 -13.88 -22.85
CA GLY G 309 -8.92 -13.53 -23.46
C GLY G 309 -8.92 -12.10 -23.99
N PHE G 310 -10.10 -11.51 -24.02
CA PHE G 310 -10.25 -10.13 -24.45
C PHE G 310 -10.16 -9.18 -23.25
N LYS H 15 29.83 8.88 70.62
CA LYS H 15 28.91 8.09 69.79
C LYS H 15 29.32 8.09 68.33
N ASN H 16 30.01 7.03 67.90
CA ASN H 16 30.49 6.93 66.54
C ASN H 16 29.31 6.62 65.63
N ILE H 17 29.26 7.31 64.49
CA ILE H 17 28.06 7.32 63.66
C ILE H 17 28.45 7.00 62.21
N ILE H 18 27.45 6.52 61.47
CA ILE H 18 27.54 6.31 60.03
C ILE H 18 26.30 6.94 59.42
N ILE H 19 26.49 8.06 58.72
CA ILE H 19 25.36 8.81 58.17
C ILE H 19 25.63 9.15 56.71
N GLY H 20 24.79 10.00 56.13
CA GLY H 20 24.93 10.40 54.75
C GLY H 20 24.07 9.59 53.80
N ALA H 21 24.42 9.69 52.52
CA ALA H 21 23.69 8.99 51.48
C ALA H 21 24.16 7.54 51.39
N MET H 22 23.28 6.60 51.68
CA MET H 22 23.60 5.19 51.69
C MET H 22 22.65 4.42 50.80
N THR H 23 23.11 3.26 50.32
CA THR H 23 22.39 2.46 49.34
C THR H 23 22.13 1.06 49.90
N ALA H 24 20.87 0.64 49.88
CA ALA H 24 20.51 -0.74 50.19
C ALA H 24 20.78 -1.58 48.95
N LEU H 25 21.91 -2.27 48.95
CA LEU H 25 22.39 -2.92 47.73
C LEU H 25 21.54 -4.11 47.35
N ILE H 26 21.24 -4.21 46.05
CA ILE H 26 20.63 -5.42 45.52
C ILE H 26 21.67 -6.53 45.49
N THR H 27 21.20 -7.77 45.58
CA THR H 27 22.09 -8.92 45.50
C THR H 27 21.85 -9.61 44.16
N PRO H 28 22.69 -9.39 43.15
CA PRO H 28 22.45 -10.01 41.84
C PRO H 28 22.69 -11.51 41.90
N PHE H 29 21.83 -12.24 41.19
CA PHE H 29 21.93 -13.69 41.11
C PHE H 29 22.30 -14.11 39.69
N LYS H 30 23.06 -15.19 39.60
CA LYS H 30 23.42 -15.79 38.33
C LYS H 30 23.38 -17.30 38.49
N ASN H 31 22.47 -17.95 37.74
CA ASN H 31 22.27 -19.40 37.82
C ASN H 31 21.96 -19.84 39.24
N GLY H 32 21.15 -19.04 39.94
CA GLY H 32 20.72 -19.38 41.28
C GLY H 32 21.77 -19.24 42.36
N LYS H 33 22.93 -18.66 42.04
CA LYS H 33 23.96 -18.39 43.03
C LYS H 33 24.33 -16.92 42.97
N VAL H 34 25.11 -16.49 43.96
CA VAL H 34 25.47 -15.08 44.09
C VAL H 34 26.51 -14.71 43.04
N ASP H 35 26.16 -13.76 42.18
CA ASP H 35 27.15 -13.25 41.24
C ASP H 35 28.11 -12.37 42.03
N GLU H 36 29.20 -12.97 42.52
CA GLU H 36 30.09 -12.25 43.42
C GLU H 36 30.87 -11.17 42.70
N GLN H 37 31.02 -11.30 41.40
CA GLN H 37 31.81 -10.34 40.65
C GLN H 37 30.96 -9.17 40.17
N SER H 38 29.67 -9.40 39.93
CA SER H 38 28.77 -8.30 39.65
C SER H 38 28.46 -7.53 40.91
N TYR H 39 28.49 -8.19 42.07
CA TYR H 39 28.31 -7.48 43.33
C TYR H 39 29.41 -6.46 43.57
N ALA H 40 30.67 -6.87 43.39
CA ALA H 40 31.81 -6.00 43.68
C ALA H 40 31.89 -4.80 42.74
N ARG H 41 31.57 -5.01 41.47
CA ARG H 41 31.40 -3.92 40.50
C ARG H 41 30.11 -3.16 40.61
N LEU H 42 29.11 -3.68 41.32
CA LEU H 42 27.97 -2.82 41.60
C LEU H 42 28.27 -1.91 42.79
N ILE H 43 29.16 -2.32 43.69
CA ILE H 43 29.54 -1.46 44.81
C ILE H 43 30.42 -0.31 44.33
N LYS H 44 31.23 -0.53 43.29
CA LYS H 44 32.11 0.52 42.81
C LYS H 44 31.37 1.53 41.95
N ARG H 45 30.20 1.17 41.43
CA ARG H 45 29.36 2.18 40.79
C ARG H 45 28.76 3.12 41.82
N GLN H 46 28.44 2.60 43.01
CA GLN H 46 27.94 3.46 44.07
C GLN H 46 29.04 4.36 44.60
N ILE H 47 30.26 3.81 44.76
CA ILE H 47 31.39 4.58 45.27
C ILE H 47 31.66 5.79 44.40
N GLU H 48 31.65 5.60 43.08
CA GLU H 48 32.01 6.68 42.16
C GLU H 48 30.88 7.68 41.93
N ASN H 49 29.78 7.58 42.68
CA ASN H 49 28.65 8.50 42.49
C ASN H 49 28.25 9.19 43.80
N GLY H 50 29.21 9.39 44.70
CA GLY H 50 28.97 10.18 45.89
C GLY H 50 28.33 9.46 47.06
N ILE H 51 28.17 8.14 46.98
CA ILE H 51 27.57 7.39 48.07
C ILE H 51 28.51 7.34 49.27
N ASP H 52 27.97 7.51 50.46
CA ASP H 52 28.77 7.58 51.67
C ASP H 52 28.92 6.23 52.36
N ALA H 53 27.97 5.31 52.17
CA ALA H 53 28.02 4.01 52.79
C ALA H 53 27.13 3.06 52.00
N VAL H 54 27.42 1.77 52.10
CA VAL H 54 26.65 0.74 51.43
C VAL H 54 26.08 -0.21 52.47
N VAL H 55 24.86 -0.69 52.24
CA VAL H 55 24.20 -1.61 53.15
C VAL H 55 24.05 -2.95 52.44
N PRO H 56 24.97 -3.89 52.66
CA PRO H 56 24.83 -5.21 52.05
C PRO H 56 23.80 -6.05 52.79
N VAL H 57 23.04 -6.83 52.01
CA VAL H 57 22.07 -7.83 52.46
C VAL H 57 21.11 -7.22 53.48
N GLY H 58 20.40 -6.18 53.05
CA GLY H 58 19.23 -5.69 53.76
C GLY H 58 17.97 -6.33 53.22
N THR H 59 16.85 -5.66 53.41
CA THR H 59 15.61 -6.11 52.77
C THR H 59 15.74 -6.03 51.25
N THR H 60 16.34 -4.96 50.75
CA THR H 60 16.58 -4.82 49.31
C THR H 60 17.59 -5.85 48.81
N GLY H 61 18.47 -6.34 49.67
CA GLY H 61 19.42 -7.38 49.32
C GLY H 61 18.88 -8.79 49.43
N GLU H 62 17.58 -8.96 49.65
CA GLU H 62 16.96 -10.28 49.78
C GLU H 62 17.60 -11.08 50.90
N SER H 63 17.69 -10.45 52.08
CA SER H 63 18.22 -11.09 53.28
C SER H 63 17.52 -12.40 53.64
N ALA H 64 16.33 -12.66 53.10
CA ALA H 64 15.56 -13.80 53.58
C ALA H 64 15.93 -15.08 52.85
N THR H 65 16.38 -14.98 51.60
CA THR H 65 16.62 -16.15 50.78
C THR H 65 18.10 -16.53 50.65
N LEU H 66 19.01 -15.73 51.21
CA LEU H 66 20.42 -16.07 51.21
C LEU H 66 20.77 -16.96 52.39
N THR H 67 21.64 -17.93 52.13
CA THR H 67 22.18 -18.76 53.19
C THR H 67 23.12 -17.96 54.09
N HIS H 68 23.33 -18.44 55.29
CA HIS H 68 24.10 -17.71 56.23
C HIS H 68 25.49 -17.52 55.76
N GLU H 69 25.87 -18.31 54.80
CA GLU H 69 27.17 -18.29 54.22
C GLU H 69 27.25 -17.20 53.17
N GLU H 70 26.16 -17.01 52.47
CA GLU H 70 26.05 -16.00 51.45
C GLU H 70 25.85 -14.68 52.11
N HIS H 71 24.94 -14.61 53.05
CA HIS H 71 24.74 -13.39 53.84
C HIS H 71 26.09 -12.78 54.24
N ARG H 72 27.01 -13.62 54.71
CA ARG H 72 28.32 -13.15 55.11
C ARG H 72 29.29 -12.98 53.97
N THR H 73 29.12 -13.74 52.92
CA THR H 73 29.97 -13.62 51.77
C THR H 73 29.79 -12.23 51.17
N CYS H 74 28.59 -11.72 51.25
CA CYS H 74 28.28 -10.42 50.69
C CYS H 74 28.85 -9.29 51.52
N ILE H 75 28.88 -9.50 52.79
CA ILE H 75 29.50 -8.53 53.71
C ILE H 75 30.99 -8.43 53.44
N GLU H 76 31.63 -9.57 53.15
CA GLU H 76 33.06 -9.56 52.85
C GLU H 76 33.34 -8.83 51.54
N ILE H 77 32.52 -9.09 50.50
CA ILE H 77 32.69 -8.41 49.23
C ILE H 77 32.48 -6.91 49.39
N ALA H 78 31.47 -6.52 50.18
CA ALA H 78 31.22 -5.10 50.39
C ALA H 78 32.38 -4.44 51.14
N VAL H 79 32.90 -5.12 52.17
CA VAL H 79 34.01 -4.57 52.94
C VAL H 79 35.28 -4.47 52.08
N GLU H 80 35.54 -5.49 51.26
CA GLU H 80 36.79 -5.52 50.50
C GLU H 80 36.85 -4.42 49.43
N THR H 81 35.76 -4.22 48.68
CA THR H 81 35.78 -3.27 47.57
C THR H 81 35.73 -1.82 48.03
N CYS H 82 35.32 -1.55 49.26
CA CYS H 82 35.30 -0.19 49.80
C CYS H 82 36.48 0.08 50.69
N LYS H 83 37.50 -0.77 50.64
CA LYS H 83 38.76 -0.52 51.34
C LYS H 83 39.63 0.45 50.54
N GLY H 84 40.17 1.46 51.21
CA GLY H 84 40.91 2.50 50.54
C GLY H 84 40.05 3.63 50.00
N THR H 85 38.77 3.63 50.32
CA THR H 85 37.84 4.68 49.95
C THR H 85 37.25 5.25 51.22
N LYS H 86 36.48 6.34 51.08
CA LYS H 86 35.71 6.89 52.19
C LYS H 86 34.44 6.11 52.48
N VAL H 87 34.03 5.21 51.59
CA VAL H 87 32.71 4.60 51.72
C VAL H 87 32.68 3.66 52.92
N LYS H 88 31.69 3.83 53.77
CA LYS H 88 31.52 2.99 54.94
C LYS H 88 30.72 1.75 54.56
N VAL H 89 30.79 0.73 55.42
CA VAL H 89 30.02 -0.49 55.24
C VAL H 89 29.11 -0.64 56.45
N LEU H 90 27.81 -0.47 56.24
CA LEU H 90 26.82 -0.72 57.28
C LEU H 90 26.18 -2.06 56.96
N ALA H 91 26.73 -3.11 57.56
CA ALA H 91 26.35 -4.47 57.18
C ALA H 91 24.99 -4.83 57.75
N GLY H 92 24.16 -5.47 56.91
CA GLY H 92 22.89 -5.97 57.39
C GLY H 92 23.11 -7.16 58.32
N ALA H 93 22.63 -7.05 59.56
CA ALA H 93 22.83 -8.12 60.53
C ALA H 93 21.56 -8.42 61.32
N GLY H 94 20.39 -8.06 60.81
CA GLY H 94 19.16 -8.30 61.53
C GLY H 94 18.60 -9.69 61.32
N SER H 95 17.81 -10.15 62.29
CA SER H 95 17.11 -11.42 62.19
C SER H 95 16.05 -11.44 63.29
N ASN H 96 15.04 -12.28 63.09
CA ASN H 96 13.99 -12.43 64.09
C ASN H 96 14.39 -13.34 65.25
N ALA H 97 15.57 -13.93 65.20
CA ALA H 97 16.12 -14.71 66.30
C ALA H 97 17.35 -13.96 66.83
N THR H 98 17.34 -13.68 68.13
CA THR H 98 18.39 -12.86 68.71
C THR H 98 19.75 -13.55 68.63
N HIS H 99 19.79 -14.86 68.85
CA HIS H 99 21.06 -15.58 68.74
C HIS H 99 21.57 -15.55 67.30
N GLU H 100 20.68 -15.45 66.32
CA GLU H 100 21.09 -15.31 64.93
C GLU H 100 21.58 -13.89 64.65
N ALA H 101 20.96 -12.89 65.28
CA ALA H 101 21.36 -11.50 65.05
C ALA H 101 22.70 -11.20 65.69
N VAL H 102 22.96 -11.74 66.89
CA VAL H 102 24.26 -11.51 67.52
C VAL H 102 25.35 -12.23 66.73
N GLY H 103 25.04 -13.40 66.17
CA GLY H 103 26.01 -14.08 65.33
C GLY H 103 26.38 -13.27 64.10
N LEU H 104 25.36 -12.72 63.42
CA LEU H 104 25.62 -11.87 62.26
C LEU H 104 26.31 -10.58 62.66
N ALA H 105 25.96 -10.04 63.84
CA ALA H 105 26.61 -8.81 64.31
C ALA H 105 28.08 -9.05 64.61
N LYS H 106 28.41 -10.18 65.23
CA LYS H 106 29.80 -10.47 65.56
C LYS H 106 30.63 -10.77 64.32
N PHE H 107 30.03 -11.39 63.30
CA PHE H 107 30.76 -11.61 62.06
C PHE H 107 31.11 -10.28 61.40
N ALA H 108 30.20 -9.31 61.44
CA ALA H 108 30.42 -8.05 60.75
C ALA H 108 31.58 -7.27 61.37
N LYS H 109 31.66 -7.25 62.70
CA LYS H 109 32.78 -6.56 63.35
C LYS H 109 34.10 -7.25 63.03
N GLU H 110 34.14 -8.58 63.17
CA GLU H 110 35.38 -9.33 62.97
C GLU H 110 35.86 -9.32 61.52
N HIS H 111 35.04 -8.85 60.57
CA HIS H 111 35.41 -8.88 59.16
C HIS H 111 35.46 -7.50 58.52
N GLY H 112 35.54 -6.44 59.32
CA GLY H 112 35.87 -5.12 58.82
C GLY H 112 34.71 -4.19 58.52
N ALA H 113 33.50 -4.52 58.94
CA ALA H 113 32.38 -3.61 58.72
C ALA H 113 32.49 -2.41 59.65
N ASP H 114 32.06 -1.25 59.17
CA ASP H 114 32.10 -0.05 59.99
C ASP H 114 30.94 0.04 60.96
N GLY H 115 29.88 -0.74 60.72
CA GLY H 115 28.73 -0.76 61.59
C GLY H 115 27.75 -1.79 61.05
N ILE H 116 26.62 -1.92 61.74
CA ILE H 116 25.61 -2.89 61.35
C ILE H 116 24.23 -2.24 61.35
N LEU H 117 23.42 -2.61 60.36
CA LEU H 117 21.99 -2.38 60.39
C LEU H 117 21.31 -3.68 60.81
N SER H 118 20.32 -3.56 61.70
CA SER H 118 19.64 -4.73 62.24
C SER H 118 18.14 -4.47 62.23
N VAL H 119 17.40 -5.20 61.40
CA VAL H 119 15.97 -5.00 61.28
C VAL H 119 15.27 -5.54 62.52
N ALA H 120 14.15 -4.92 62.87
CA ALA H 120 13.33 -5.41 63.96
C ALA H 120 12.88 -6.84 63.68
N PRO H 121 12.88 -7.71 64.69
CA PRO H 121 12.44 -9.10 64.47
C PRO H 121 11.06 -9.18 63.83
N TYR H 122 10.99 -9.94 62.74
CA TYR H 122 9.79 -10.12 61.96
C TYR H 122 9.09 -11.41 62.37
N TYR H 123 7.78 -11.47 62.08
CA TYR H 123 6.96 -12.68 62.22
C TYR H 123 6.71 -13.04 63.68
N ASN H 124 7.76 -13.12 64.50
CA ASN H 124 7.57 -13.57 65.87
C ASN H 124 7.05 -12.48 66.79
N LYS H 125 7.00 -11.24 66.29
CA LYS H 125 6.30 -10.12 66.91
C LYS H 125 6.53 -10.01 68.41
N PRO H 126 7.72 -9.57 68.81
CA PRO H 126 8.05 -9.38 70.22
C PRO H 126 7.44 -8.12 70.81
N THR H 127 7.34 -8.13 72.14
CA THR H 127 6.90 -6.94 72.87
C THR H 127 8.02 -5.89 72.92
N GLN H 128 7.68 -4.71 73.44
CA GLN H 128 8.68 -3.66 73.58
C GLN H 128 9.82 -4.10 74.49
N GLN H 129 9.49 -4.85 75.55
CA GLN H 129 10.52 -5.40 76.42
C GLN H 129 11.42 -6.38 75.67
N GLY H 130 10.83 -7.19 74.80
CA GLY H 130 11.64 -8.11 74.02
C GLY H 130 12.53 -7.40 73.01
N LEU H 131 12.01 -6.36 72.37
CA LEU H 131 12.81 -5.59 71.43
C LEU H 131 13.98 -4.91 72.13
N TYR H 132 13.76 -4.40 73.34
CA TYR H 132 14.84 -3.79 74.11
C TYR H 132 15.95 -4.81 74.40
N GLU H 133 15.58 -5.97 74.95
CA GLU H 133 16.57 -6.99 75.27
C GLU H 133 17.21 -7.57 74.01
N HIS H 134 16.44 -7.67 72.92
CA HIS H 134 16.99 -8.14 71.66
C HIS H 134 18.12 -7.23 71.19
N TYR H 135 17.87 -5.92 71.17
CA TYR H 135 18.89 -4.99 70.70
C TYR H 135 19.99 -4.79 71.75
N LYS H 136 19.66 -4.89 73.03
CA LYS H 136 20.69 -4.81 74.06
C LYS H 136 21.65 -5.99 73.97
N ALA H 137 21.16 -7.18 73.62
CA ALA H 137 22.03 -8.32 73.41
C ALA H 137 22.91 -8.13 72.19
N ILE H 138 22.34 -7.54 71.12
CA ILE H 138 23.12 -7.27 69.92
C ILE H 138 24.19 -6.22 70.18
N ALA H 139 23.81 -5.14 70.88
CA ALA H 139 24.74 -4.03 71.08
C ALA H 139 25.91 -4.41 71.96
N GLN H 140 25.68 -5.24 72.97
CA GLN H 140 26.75 -5.63 73.89
C GLN H 140 27.70 -6.67 73.33
N SER H 141 27.33 -7.34 72.23
CA SER H 141 28.21 -8.31 71.60
C SER H 141 29.33 -7.64 70.80
N VAL H 142 29.13 -6.40 70.35
CA VAL H 142 30.03 -5.72 69.44
C VAL H 142 30.41 -4.37 70.03
N ASP H 143 31.42 -3.74 69.42
CA ASP H 143 31.85 -2.40 69.78
C ASP H 143 31.79 -1.44 68.60
N ILE H 144 31.02 -1.76 67.56
CA ILE H 144 30.87 -0.89 66.39
C ILE H 144 29.46 -0.31 66.39
N PRO H 145 29.20 0.81 65.72
CA PRO H 145 27.87 1.41 65.75
C PRO H 145 26.79 0.47 65.24
N VAL H 146 25.61 0.59 65.85
CA VAL H 146 24.44 -0.22 65.49
C VAL H 146 23.30 0.73 65.18
N LEU H 147 22.73 0.60 63.98
CA LEU H 147 21.60 1.41 63.57
C LEU H 147 20.36 0.53 63.52
N LEU H 148 19.36 0.85 64.33
CA LEU H 148 18.12 0.11 64.30
C LEU H 148 17.39 0.36 62.97
N TYR H 149 16.43 -0.51 62.68
CA TYR H 149 15.71 -0.49 61.41
C TYR H 149 14.27 -0.87 61.69
N ASN H 150 13.37 0.09 61.49
CA ASN H 150 11.96 -0.08 61.80
C ASN H 150 11.15 -0.03 60.50
N VAL H 151 10.54 -1.15 60.14
CA VAL H 151 9.65 -1.24 58.98
C VAL H 151 8.47 -2.13 59.36
N PRO H 152 7.45 -1.58 59.99
CA PRO H 152 6.37 -2.45 60.51
C PRO H 152 5.55 -3.12 59.43
N GLY H 153 5.46 -2.56 58.23
CA GLY H 153 4.70 -3.20 57.16
C GLY H 153 5.25 -4.55 56.76
N ARG H 154 6.52 -4.81 57.03
CA ARG H 154 7.16 -6.09 56.72
C ARG H 154 7.47 -6.94 57.93
N THR H 155 7.68 -6.33 59.10
CA THR H 155 8.05 -7.09 60.29
C THR H 155 6.83 -7.51 61.12
N GLY H 156 5.73 -6.76 61.05
CA GLY H 156 4.57 -7.03 61.86
C GLY H 156 4.64 -6.50 63.28
N CYS H 157 5.73 -5.84 63.65
CA CYS H 157 5.89 -5.24 64.96
C CYS H 157 6.55 -3.89 64.79
N GLU H 158 6.38 -3.01 65.77
CA GLU H 158 7.03 -1.71 65.71
C GLU H 158 7.80 -1.40 66.98
N ILE H 159 9.00 -0.86 66.81
CA ILE H 159 9.80 -0.34 67.90
C ILE H 159 9.25 1.04 68.26
N SER H 160 8.57 1.12 69.42
CA SER H 160 8.00 2.38 69.88
C SER H 160 9.07 3.46 69.99
N THR H 161 8.62 4.72 69.91
CA THR H 161 9.52 5.85 70.09
C THR H 161 10.24 5.77 71.45
N ASP H 162 9.52 5.36 72.50
CA ASP H 162 10.13 5.27 73.81
C ASP H 162 11.23 4.21 73.83
N THR H 163 10.99 3.07 73.16
CA THR H 163 12.00 2.00 73.14
C THR H 163 13.24 2.41 72.38
N ILE H 164 13.07 3.11 71.25
CA ILE H 164 14.22 3.61 70.50
C ILE H 164 15.05 4.54 71.36
N ILE H 165 14.38 5.50 72.01
CA ILE H 165 15.09 6.47 72.85
C ILE H 165 15.75 5.78 74.02
N LYS H 166 15.07 4.79 74.62
CA LYS H 166 15.67 4.07 75.74
C LYS H 166 16.92 3.32 75.30
N LEU H 167 16.87 2.69 74.13
CA LEU H 167 18.04 1.98 73.62
C LEU H 167 19.16 2.95 73.26
N PHE H 168 18.81 4.14 72.76
CA PHE H 168 19.81 5.14 72.41
C PHE H 168 20.56 5.61 73.65
N ARG H 169 19.85 5.77 74.77
CA ARG H 169 20.44 6.30 75.99
C ARG H 169 21.14 5.24 76.83
N ASP H 170 20.81 3.95 76.65
CA ASP H 170 21.33 2.90 77.51
C ASP H 170 22.50 2.11 76.91
N CYS H 171 22.60 2.14 75.61
CA CYS H 171 23.53 1.35 74.87
C CYS H 171 24.36 2.20 74.00
N GLU H 172 25.66 2.11 74.23
CA GLU H 172 26.62 2.93 73.53
C GLU H 172 26.73 2.87 72.04
N ASN H 173 26.57 1.73 71.45
CA ASN H 173 26.69 1.62 70.00
C ASN H 173 25.43 1.92 69.22
N ILE H 174 24.28 1.91 69.86
CA ILE H 174 23.00 2.23 69.23
C ILE H 174 22.94 3.74 69.07
N TYR H 175 22.96 4.21 67.82
CA TYR H 175 23.11 5.62 67.53
C TYR H 175 21.96 6.19 66.71
N GLY H 176 20.99 5.38 66.30
CA GLY H 176 19.88 5.90 65.53
C GLY H 176 18.95 4.79 65.07
N VAL H 177 18.13 5.14 64.07
CA VAL H 177 17.14 4.23 63.52
C VAL H 177 16.90 4.54 62.04
N KPI H 178 16.81 3.48 61.25
CA KPI H 178 16.41 3.61 59.86
CB KPI H 178 17.03 2.53 58.95
CG KPI H 178 16.23 2.31 57.68
CD KPI H 178 17.00 1.48 56.67
CE KPI H 178 16.02 0.94 55.63
NZ KPI H 178 16.55 0.37 54.42
CX1 KPI H 178 15.89 -0.46 53.69
C1 KPI H 178 14.88 -0.15 52.62
CX2 KPI H 178 16.56 -1.76 53.33
O1 KPI H 178 16.39 -2.42 52.31
O2 KPI H 178 17.44 -2.22 54.25
C KPI H 178 14.90 3.50 59.70
O KPI H 178 14.36 2.40 60.29
N GLU H 179 14.21 4.63 59.67
CA GLU H 179 12.76 4.59 59.66
C GLU H 179 12.19 4.34 58.26
N ALA H 180 11.30 3.35 58.18
CA ALA H 180 10.57 3.02 56.97
C ALA H 180 9.11 2.77 57.32
N SER H 181 8.51 3.74 57.99
CA SER H 181 7.15 3.62 58.50
C SER H 181 6.15 4.49 57.78
N GLY H 182 6.60 5.48 57.02
CA GLY H 182 5.69 6.48 56.47
C GLY H 182 4.92 7.27 57.51
N ASN H 183 5.56 7.61 58.61
CA ASN H 183 4.93 8.27 59.76
C ASN H 183 5.81 9.46 60.16
N ILE H 184 5.57 10.61 59.51
CA ILE H 184 6.36 11.80 59.81
C ILE H 184 6.11 12.28 61.24
N ASP H 185 4.94 11.96 61.81
CA ASP H 185 4.70 12.27 63.22
C ASP H 185 5.73 11.57 64.10
N LYS H 186 6.05 10.32 63.78
CA LYS H 186 7.04 9.58 64.56
C LYS H 186 8.42 10.21 64.45
N CYS H 187 8.72 10.90 63.34
CA CYS H 187 10.03 11.51 63.20
C CYS H 187 10.12 12.87 63.86
N VAL H 188 8.99 13.54 64.07
CA VAL H 188 8.97 14.70 64.96
C VAL H 188 9.09 14.24 66.41
N ASP H 189 8.36 13.18 66.76
CA ASP H 189 8.44 12.61 68.10
C ASP H 189 9.88 12.24 68.46
N LEU H 190 10.57 11.55 67.54
CA LEU H 190 11.91 11.04 67.83
C LEU H 190 12.89 12.17 68.11
N LEU H 191 12.99 13.13 67.20
CA LEU H 191 14.03 14.16 67.31
C LEU H 191 13.65 15.32 68.21
N ALA H 192 12.37 15.45 68.58
CA ALA H 192 12.00 16.47 69.57
C ALA H 192 12.33 16.03 70.98
N HIS H 193 12.23 14.73 71.27
CA HIS H 193 12.53 14.21 72.59
C HIS H 193 13.94 13.70 72.76
N GLU H 194 14.61 13.33 71.66
CA GLU H 194 16.01 12.87 71.69
C GLU H 194 16.71 13.42 70.47
N PRO H 195 17.15 14.68 70.51
CA PRO H 195 17.72 15.30 69.30
C PRO H 195 19.13 14.85 68.96
N ARG H 196 19.79 14.07 69.82
CA ARG H 196 21.16 13.62 69.53
C ARG H 196 21.21 12.33 68.71
N MET H 197 20.06 11.78 68.33
CA MET H 197 20.03 10.53 67.57
C MET H 197 20.09 10.80 66.07
N MET H 198 20.63 9.83 65.33
CA MET H 198 20.75 9.92 63.88
C MET H 198 19.56 9.21 63.25
N LEU H 199 18.57 9.98 62.83
CA LEU H 199 17.39 9.43 62.15
C LEU H 199 17.69 9.30 60.67
N ILE H 200 17.57 8.08 60.15
CA ILE H 200 17.89 7.78 58.76
C ILE H 200 16.61 7.39 58.05
N SER H 201 16.35 8.01 56.91
CA SER H 201 15.17 7.69 56.13
C SER H 201 15.40 6.37 55.41
N GLY H 202 14.43 5.48 55.54
CA GLY H 202 14.48 4.25 54.80
C GLY H 202 13.34 4.21 53.81
N GLU H 203 12.89 5.36 53.34
CA GLU H 203 11.78 5.41 52.43
C GLU H 203 11.93 6.53 51.48
N ASP H 204 12.49 6.26 50.33
CA ASP H 204 12.81 7.24 49.31
C ASP H 204 11.87 8.33 48.93
N ALA H 205 10.59 8.07 48.96
CA ALA H 205 9.66 9.11 48.56
C ALA H 205 9.67 10.31 49.50
N ILE H 206 10.01 10.09 50.77
CA ILE H 206 9.94 11.17 51.77
C ILE H 206 11.34 11.46 52.30
N ASN H 207 12.36 11.29 51.46
CA ASN H 207 13.72 11.56 51.86
C ASN H 207 13.89 13.01 52.33
N TYR H 208 13.47 13.98 51.51
CA TYR H 208 13.65 15.38 51.89
C TYR H 208 12.86 15.76 53.14
N PRO H 209 11.57 15.41 53.27
CA PRO H 209 10.87 15.79 54.53
C PRO H 209 11.55 15.25 55.78
N ILE H 210 12.13 14.05 55.71
CA ILE H 210 12.81 13.50 56.87
C ILE H 210 14.12 14.24 57.13
N LEU H 211 14.85 14.58 56.07
CA LEU H 211 16.10 15.33 56.25
C LEU H 211 15.83 16.75 56.76
N SER H 212 14.76 17.38 56.26
CA SER H 212 14.46 18.75 56.66
C SER H 212 14.10 18.88 58.14
N ASN H 213 13.72 17.79 58.79
CA ASN H 213 13.38 17.80 60.21
C ASN H 213 14.53 17.36 61.10
N GLY H 214 15.73 17.20 60.55
CA GLY H 214 16.88 16.81 61.32
C GLY H 214 17.44 15.44 61.00
N GLY H 215 16.85 14.71 60.06
CA GLY H 215 17.45 13.47 59.61
C GLY H 215 18.84 13.70 59.06
N LYS H 216 19.71 12.70 59.24
CA LYS H 216 21.12 12.85 58.92
C LYS H 216 21.58 11.86 57.85
N GLY H 217 20.65 11.26 57.12
CA GLY H 217 21.05 10.38 56.04
C GLY H 217 19.87 9.57 55.55
N VAL H 218 20.13 8.83 54.46
CA VAL H 218 19.14 7.94 53.87
C VAL H 218 19.79 6.60 53.61
N ILE H 219 18.99 5.54 53.72
CA ILE H 219 19.35 4.21 53.25
C ILE H 219 18.37 3.90 52.12
N SER H 220 18.84 4.04 50.89
CA SER H 220 17.98 4.24 49.74
C SER H 220 17.87 2.99 48.88
N VAL H 221 16.72 2.86 48.23
CA VAL H 221 16.52 1.88 47.17
C VAL H 221 16.76 2.49 45.79
N THR H 222 16.27 3.72 45.58
CA THR H 222 16.44 4.39 44.30
C THR H 222 17.91 4.59 43.93
N SER H 223 18.78 4.78 44.93
CA SER H 223 20.19 5.03 44.65
C SER H 223 20.86 3.84 43.97
N ASN H 224 20.26 2.64 44.05
CA ASN H 224 20.76 1.53 43.26
C ASN H 224 20.78 1.88 41.78
N LEU H 225 19.75 2.59 41.32
CA LEU H 225 19.61 2.98 39.93
C LEU H 225 20.18 4.37 39.67
N LEU H 226 19.88 5.33 40.54
CA LEU H 226 20.31 6.72 40.38
C LEU H 226 21.11 7.15 41.61
N PRO H 227 22.32 6.64 41.77
CA PRO H 227 23.11 6.98 42.97
C PRO H 227 23.53 8.45 43.00
N ASP H 228 23.78 9.06 41.84
CA ASP H 228 24.20 10.46 41.81
C ASP H 228 23.08 11.37 42.30
N MET H 229 21.85 11.08 41.90
CA MET H 229 20.73 11.92 42.30
C MET H 229 20.43 11.80 43.80
N ILE H 230 20.45 10.57 44.32
CA ILE H 230 20.15 10.38 45.74
C ILE H 230 21.24 11.00 46.62
N SER H 231 22.51 10.82 46.24
CA SER H 231 23.60 11.41 47.01
C SER H 231 23.57 12.93 46.93
N ALA H 232 23.25 13.49 45.75
CA ALA H 232 23.15 14.93 45.62
C ALA H 232 22.04 15.48 46.52
N LEU H 233 20.92 14.76 46.59
CA LEU H 233 19.82 15.18 47.46
C LEU H 233 20.27 15.27 48.92
N THR H 234 20.94 14.22 49.41
CA THR H 234 21.34 14.18 50.81
C THR H 234 22.32 15.28 51.16
N HIS H 235 23.32 15.50 50.31
CA HIS H 235 24.36 16.48 50.63
C HIS H 235 23.84 17.91 50.53
N PHE H 236 22.96 18.18 49.56
CA PHE H 236 22.28 19.46 49.51
C PHE H 236 21.55 19.75 50.82
N ALA H 237 20.81 18.75 51.34
CA ALA H 237 20.03 18.95 52.55
C ALA H 237 20.91 19.16 53.76
N LEU H 238 21.99 18.38 53.90
CA LEU H 238 22.86 18.53 55.06
C LEU H 238 23.62 19.85 55.03
N ASP H 239 23.86 20.41 53.84
CA ASP H 239 24.42 21.74 53.71
C ASP H 239 23.35 22.83 53.80
N GLU H 240 22.16 22.47 54.27
CA GLU H 240 21.06 23.41 54.50
C GLU H 240 20.63 24.13 53.22
N ASN H 241 20.77 23.50 52.08
CA ASN H 241 20.29 24.08 50.87
C ASN H 241 19.05 23.28 50.62
N TYR H 242 18.00 23.62 51.33
CA TYR H 242 16.78 22.87 51.24
C TYR H 242 16.02 22.95 49.97
N LYS H 243 16.22 24.01 49.21
CA LYS H 243 15.49 24.12 47.95
C LYS H 243 16.00 23.21 46.88
N GLU H 244 17.29 23.00 46.75
CA GLU H 244 17.80 22.12 45.71
C GLU H 244 17.59 20.67 46.12
N ALA H 245 17.63 20.39 47.44
CA ALA H 245 17.28 19.07 47.95
C ALA H 245 15.81 18.74 47.68
N LYS H 246 14.90 19.68 47.95
CA LYS H 246 13.48 19.42 47.70
C LYS H 246 13.19 19.27 46.21
N LYS H 247 13.91 20.01 45.35
CA LYS H 247 13.68 19.91 43.92
C LYS H 247 14.06 18.53 43.39
N ILE H 248 15.13 17.96 43.92
CA ILE H 248 15.52 16.61 43.51
C ILE H 248 14.52 15.59 44.04
N ASN H 249 14.03 15.80 45.27
CA ASN H 249 13.02 14.89 45.82
C ASN H 249 11.73 14.95 45.02
N ASP H 250 11.38 16.14 44.50
CA ASP H 250 10.19 16.26 43.68
C ASP H 250 10.36 15.57 42.33
N GLU H 251 11.55 15.70 41.72
CA GLU H 251 11.81 15.04 40.45
C GLU H 251 11.83 13.52 40.59
N LEU H 252 12.28 13.01 41.73
CA LEU H 252 12.44 11.58 41.93
C LEU H 252 11.18 10.88 42.42
N TYR H 253 10.09 11.62 42.65
CA TYR H 253 8.90 11.01 43.25
C TYR H 253 8.35 9.89 42.38
N ASN H 254 8.26 10.11 41.07
CA ASN H 254 7.65 9.12 40.20
C ASN H 254 8.45 7.82 40.19
N ILE H 255 9.78 7.91 40.10
CA ILE H 255 10.58 6.69 40.16
C ILE H 255 10.59 6.12 41.57
N ASN H 256 10.53 6.98 42.59
CA ASN H 256 10.51 6.49 43.96
C ASN H 256 9.27 5.67 44.24
N LYS H 257 8.14 6.05 43.63
CA LYS H 257 6.88 5.34 43.86
C LYS H 257 6.69 4.17 42.90
N ILE H 258 7.20 4.28 41.67
CA ILE H 258 7.09 3.18 40.73
C ILE H 258 8.03 2.04 41.10
N LEU H 259 9.05 2.31 41.92
CA LEU H 259 9.92 1.26 42.44
C LEU H 259 9.26 0.44 43.54
N PHE H 260 7.99 0.70 43.83
CA PHE H 260 7.22 -0.08 44.81
C PHE H 260 5.87 -0.50 44.26
N CYS H 261 5.68 -0.43 42.94
CA CYS H 261 4.49 -1.00 42.32
C CYS H 261 4.30 -2.46 42.70
N GLU H 262 5.40 -3.18 42.87
CA GLU H 262 5.43 -4.48 43.51
C GLU H 262 6.41 -4.43 44.67
N SER H 263 6.52 -5.54 45.40
CA SER H 263 7.30 -5.54 46.63
C SER H 263 8.78 -5.37 46.33
N ASN H 264 9.40 -4.41 47.01
CA ASN H 264 10.84 -4.26 46.94
C ASN H 264 11.51 -5.56 47.39
N PRO H 265 12.58 -6.01 46.70
CA PRO H 265 13.27 -5.34 45.60
C PRO H 265 12.92 -5.84 44.21
N ILE H 266 11.67 -6.23 43.97
CA ILE H 266 11.27 -6.73 42.65
C ILE H 266 11.31 -5.61 41.62
N PRO H 267 10.74 -4.42 41.87
CA PRO H 267 10.83 -3.38 40.84
C PRO H 267 12.23 -2.83 40.61
N ILE H 268 13.02 -2.66 41.67
CA ILE H 268 14.34 -2.05 41.51
C ILE H 268 15.28 -2.99 40.75
N LYS H 269 15.17 -4.29 41.01
CA LYS H 269 15.99 -5.25 40.25
C LYS H 269 15.58 -5.28 38.79
N THR H 270 14.30 -5.07 38.49
CA THR H 270 13.86 -4.94 37.11
C THR H 270 14.49 -3.71 36.45
N ALA H 271 14.51 -2.58 37.15
CA ALA H 271 15.08 -1.36 36.61
C ALA H 271 16.57 -1.53 36.31
N MET H 272 17.31 -2.17 37.20
CA MET H 272 18.72 -2.40 36.96
C MET H 272 18.94 -3.28 35.74
N TYR H 273 18.05 -4.26 35.54
CA TYR H 273 18.14 -5.11 34.36
C TYR H 273 17.83 -4.34 33.09
N LEU H 274 16.78 -3.50 33.12
CA LEU H 274 16.43 -2.70 31.95
C LEU H 274 17.51 -1.69 31.61
N ALA H 275 18.22 -1.18 32.62
CA ALA H 275 19.32 -0.25 32.38
C ALA H 275 20.62 -0.94 32.01
N GLY H 276 20.63 -2.27 31.94
CA GLY H 276 21.84 -2.98 31.61
C GLY H 276 22.89 -3.00 32.69
N LEU H 277 22.52 -2.73 33.93
CA LEU H 277 23.47 -2.74 35.03
C LEU H 277 23.61 -4.11 35.67
N ILE H 278 22.66 -5.02 35.41
CA ILE H 278 22.77 -6.43 35.81
C ILE H 278 22.43 -7.32 34.62
N GLU H 279 22.93 -8.56 34.68
CA GLU H 279 22.82 -9.58 33.65
C GLU H 279 21.46 -10.17 33.47
N SER H 280 20.91 -10.64 34.57
CA SER H 280 19.78 -11.54 34.53
C SER H 280 18.78 -11.03 35.53
N LEU H 281 17.52 -11.02 35.14
CA LEU H 281 16.43 -10.68 36.03
C LEU H 281 16.09 -11.92 36.84
N GLU H 282 16.99 -12.24 37.77
CA GLU H 282 16.88 -13.44 38.59
C GLU H 282 16.58 -13.04 40.03
N PHE H 283 15.58 -13.70 40.61
CA PHE H 283 15.28 -13.61 42.03
C PHE H 283 15.39 -15.01 42.63
N ARG H 284 15.23 -15.08 43.94
CA ARG H 284 15.05 -16.35 44.63
C ARG H 284 13.63 -16.41 45.17
N LEU H 285 12.95 -17.52 44.90
CA LEU H 285 11.57 -17.72 45.32
C LEU H 285 11.47 -17.49 46.83
N PRO H 286 10.34 -16.96 47.35
CA PRO H 286 9.09 -16.67 46.65
C PRO H 286 9.08 -15.37 45.85
N LEU H 287 10.24 -14.74 45.68
CA LEU H 287 10.32 -13.56 44.84
C LEU H 287 10.44 -13.96 43.38
N CYS H 288 9.73 -13.27 42.50
CA CYS H 288 9.67 -13.61 41.09
C CYS H 288 9.67 -12.33 40.27
N SER H 289 9.73 -12.49 38.95
CA SER H 289 9.71 -11.35 38.06
C SER H 289 8.33 -10.67 38.11
N PRO H 290 8.28 -9.35 37.83
CA PRO H 290 7.03 -8.60 37.99
C PRO H 290 5.98 -8.90 36.93
N SER H 291 4.81 -8.29 37.11
CA SER H 291 3.76 -8.31 36.11
C SER H 291 4.25 -7.73 34.80
N LYS H 292 3.57 -8.09 33.71
CA LYS H 292 3.97 -7.55 32.41
C LYS H 292 3.60 -6.07 32.30
N GLU H 293 2.56 -5.65 33.00
CA GLU H 293 2.24 -4.23 33.08
C GLU H 293 3.32 -3.49 33.86
N ASN H 294 3.60 -3.94 35.09
CA ASN H 294 4.58 -3.26 35.92
C ASN H 294 5.96 -3.28 35.29
N PHE H 295 6.31 -4.35 34.57
CA PHE H 295 7.53 -4.34 33.77
C PHE H 295 7.52 -3.17 32.80
N ALA H 296 6.41 -2.98 32.09
CA ALA H 296 6.29 -1.87 31.16
C ALA H 296 6.22 -0.53 31.89
N LYS H 297 5.59 -0.50 33.06
CA LYS H 297 5.46 0.76 33.79
C LYS H 297 6.76 1.16 34.45
N ILE H 298 7.57 0.19 34.86
CA ILE H 298 8.92 0.50 35.32
C ILE H 298 9.76 1.03 34.17
N GLU H 299 9.70 0.36 33.03
CA GLU H 299 10.48 0.75 31.86
C GLU H 299 10.12 2.16 31.39
N GLU H 300 8.87 2.57 31.52
CA GLU H 300 8.46 3.88 31.00
C GLU H 300 8.85 5.02 31.93
N VAL H 301 8.81 4.79 33.25
CA VAL H 301 9.14 5.87 34.18
C VAL H 301 10.64 6.17 34.15
N MET H 302 11.47 5.17 33.87
CA MET H 302 12.92 5.37 33.81
C MET H 302 13.32 6.32 32.69
N LYS H 303 12.47 6.48 31.67
CA LYS H 303 12.85 7.25 30.48
C LYS H 303 13.26 8.68 30.83
N LYS H 304 12.50 9.33 31.71
CA LYS H 304 12.82 10.69 32.08
C LYS H 304 14.04 10.79 33.01
N TYR H 305 14.70 9.67 33.33
CA TYR H 305 15.83 9.73 34.23
C TYR H 305 17.10 9.31 33.51
N LYS H 306 18.21 9.87 33.99
CA LYS H 306 19.52 9.74 33.38
C LYS H 306 20.29 8.69 34.17
N ILE H 307 20.49 7.52 33.59
CA ILE H 307 21.06 6.38 34.32
C ILE H 307 22.57 6.38 34.10
N LYS H 308 23.31 6.48 35.19
CA LYS H 308 24.76 6.41 35.11
C LYS H 308 25.20 4.97 34.94
N GLY H 309 26.20 4.76 34.09
CA GLY H 309 26.74 3.45 33.85
C GLY H 309 27.87 3.10 34.79
N PHE H 310 28.75 2.23 34.32
CA PHE H 310 29.93 1.83 35.08
C PHE H 310 31.12 2.72 34.75
N LYS I 15 -38.32 -7.01 77.34
CA LYS I 15 -37.62 -6.26 76.31
C LYS I 15 -38.28 -6.45 74.95
N ASN I 16 -38.94 -5.39 74.51
CA ASN I 16 -39.76 -5.47 73.31
C ASN I 16 -38.84 -5.28 72.09
N ILE I 17 -38.99 -6.11 71.06
CA ILE I 17 -37.97 -6.25 70.03
C ILE I 17 -38.52 -6.14 68.61
N ILE I 18 -37.62 -5.85 67.67
CA ILE I 18 -37.89 -5.87 66.23
C ILE I 18 -36.77 -6.66 65.57
N ILE I 19 -37.08 -7.86 65.09
CA ILE I 19 -36.07 -8.76 64.53
C ILE I 19 -36.54 -9.33 63.21
N GLY I 20 -35.79 -10.29 62.67
CA GLY I 20 -36.10 -10.93 61.42
C GLY I 20 -35.37 -10.31 60.25
N ALA I 21 -35.87 -10.62 59.06
CA ALA I 21 -35.28 -10.11 57.83
C ALA I 21 -35.81 -8.69 57.58
N MET I 22 -34.91 -7.72 57.56
CA MET I 22 -35.27 -6.33 57.39
C MET I 22 -34.52 -5.74 56.20
N THR I 23 -35.09 -4.70 55.61
CA THR I 23 -34.58 -4.11 54.39
C THR I 23 -34.27 -2.64 54.62
N ALA I 24 -33.04 -2.24 54.31
CA ALA I 24 -32.68 -0.83 54.27
C ALA I 24 -33.14 -0.30 52.92
N LEU I 25 -34.30 0.34 52.90
CA LEU I 25 -34.95 0.70 51.64
C LEU I 25 -34.19 1.80 50.94
N ILE I 26 -34.01 1.65 49.63
CA ILE I 26 -33.49 2.75 48.82
C ILE I 26 -34.56 3.83 48.68
N THR I 27 -34.12 5.07 48.47
CA THR I 27 -35.04 6.19 48.28
C THR I 27 -35.01 6.61 46.82
N PRO I 28 -35.99 6.21 46.00
CA PRO I 28 -35.96 6.59 44.59
C PRO I 28 -36.28 8.07 44.41
N PHE I 29 -35.58 8.69 43.47
CA PHE I 29 -35.79 10.10 43.16
C PHE I 29 -36.35 10.26 41.75
N LYS I 30 -37.15 11.31 41.58
CA LYS I 30 -37.64 11.71 40.27
C LYS I 30 -37.58 13.23 40.19
N ASN I 31 -36.75 13.73 39.27
CA ASN I 31 -36.53 15.17 39.07
C ASN I 31 -36.04 15.83 40.35
N GLY I 32 -35.16 15.14 41.07
CA GLY I 32 -34.63 15.75 42.27
C GLY I 32 -35.62 15.81 43.41
N LYS I 33 -36.77 15.19 43.28
CA LYS I 33 -37.72 15.20 44.38
C LYS I 33 -38.05 13.75 44.70
N VAL I 34 -38.66 13.51 45.86
CA VAL I 34 -38.89 12.15 46.33
C VAL I 34 -40.09 11.54 45.62
N ASP I 35 -39.85 10.45 44.91
CA ASP I 35 -40.91 9.68 44.27
C ASP I 35 -41.66 8.89 45.32
N GLU I 36 -42.75 9.48 45.83
CA GLU I 36 -43.51 8.89 46.92
C GLU I 36 -44.33 7.67 46.46
N GLN I 37 -44.63 7.57 45.18
CA GLN I 37 -45.46 6.50 44.62
C GLN I 37 -44.67 5.23 44.30
N SER I 38 -43.40 5.37 43.88
CA SER I 38 -42.53 4.23 43.72
C SER I 38 -41.95 3.77 45.06
N TYR I 39 -41.80 4.69 46.01
CA TYR I 39 -41.36 4.31 47.35
C TYR I 39 -42.36 3.36 48.00
N ALA I 40 -43.65 3.71 47.95
CA ALA I 40 -44.67 2.85 48.54
C ALA I 40 -44.83 1.57 47.73
N ARG I 41 -44.58 1.63 46.42
CA ARG I 41 -44.70 0.45 45.57
C ARG I 41 -43.51 -0.49 45.72
N LEU I 42 -42.38 0.00 46.21
CA LEU I 42 -41.26 -0.87 46.53
C LEU I 42 -41.40 -1.48 47.92
N ILE I 43 -42.10 -0.81 48.83
CA ILE I 43 -42.34 -1.37 50.15
C ILE I 43 -43.36 -2.49 50.09
N LYS I 44 -44.33 -2.41 49.17
CA LYS I 44 -45.30 -3.50 49.05
C LYS I 44 -44.72 -4.68 48.30
N ARG I 45 -43.65 -4.46 47.54
CA ARG I 45 -42.89 -5.59 46.98
C ARG I 45 -42.09 -6.28 48.07
N GLN I 46 -41.58 -5.53 49.04
CA GLN I 46 -40.84 -6.12 50.14
C GLN I 46 -41.77 -6.91 51.06
N ILE I 47 -42.96 -6.38 51.34
CA ILE I 47 -43.90 -7.05 52.22
C ILE I 47 -44.23 -8.44 51.68
N GLU I 48 -44.47 -8.52 50.37
CA GLU I 48 -44.95 -9.71 49.70
C GLU I 48 -43.86 -10.76 49.44
N ASN I 49 -42.65 -10.57 49.97
CA ASN I 49 -41.56 -11.51 49.76
C ASN I 49 -40.98 -12.00 51.09
N GLY I 50 -41.81 -12.03 52.13
CA GLY I 50 -41.40 -12.61 53.38
C GLY I 50 -40.63 -11.68 54.29
N ILE I 51 -40.51 -10.41 53.93
CA ILE I 51 -39.78 -9.47 54.77
C ILE I 51 -40.58 -9.18 56.03
N ASP I 52 -39.88 -9.14 57.17
CA ASP I 52 -40.53 -8.98 58.46
C ASP I 52 -40.59 -7.52 58.91
N ALA I 53 -39.69 -6.68 58.42
CA ALA I 53 -39.68 -5.27 58.79
C ALA I 53 -38.92 -4.50 57.73
N VAL I 54 -39.22 -3.21 57.62
CA VAL I 54 -38.57 -2.33 56.67
C VAL I 54 -37.91 -1.20 57.45
N VAL I 55 -36.74 -0.77 56.98
CA VAL I 55 -35.99 0.30 57.62
C VAL I 55 -36.00 1.50 56.68
N PRO I 56 -36.90 2.46 56.87
CA PRO I 56 -36.90 3.63 56.00
C PRO I 56 -35.77 4.56 56.37
N VAL I 57 -35.13 5.11 55.33
CA VAL I 57 -34.10 6.13 55.47
C VAL I 57 -32.98 5.64 56.38
N GLY I 58 -32.34 4.54 55.99
CA GLY I 58 -31.07 4.14 56.55
C GLY I 58 -29.95 4.66 55.69
N THR I 59 -28.77 4.05 55.83
CA THR I 59 -27.68 4.41 54.93
C THR I 59 -28.03 4.09 53.48
N THR I 60 -28.68 2.95 53.24
CA THR I 60 -29.13 2.57 51.90
C THR I 60 -30.25 3.48 51.41
N GLY I 61 -30.92 4.19 52.27
CA GLY I 61 -31.93 5.12 51.82
C GLY I 61 -31.40 6.55 51.73
N GLU I 62 -30.15 6.67 51.32
CA GLU I 62 -29.46 7.92 51.21
C GLU I 62 -29.85 8.99 52.20
N SER I 63 -29.96 8.62 53.45
CA SER I 63 -30.28 9.57 54.48
C SER I 63 -29.10 10.47 54.61
N ALA I 64 -29.27 11.74 54.33
CA ALA I 64 -28.16 12.64 54.46
C ALA I 64 -28.41 13.70 53.50
N THR I 65 -28.75 13.31 52.29
CA THR I 65 -29.03 14.28 51.31
C THR I 65 -30.50 14.64 51.33
N LEU I 66 -31.28 13.93 52.13
CA LEU I 66 -32.68 14.19 52.31
C LEU I 66 -32.80 15.25 53.35
N THR I 67 -33.80 16.10 53.23
CA THR I 67 -34.03 17.12 54.20
C THR I 67 -34.74 16.46 55.34
N HIS I 68 -34.79 17.14 56.47
CA HIS I 68 -35.48 16.63 57.61
C HIS I 68 -36.92 16.55 57.27
N GLU I 69 -37.35 17.22 56.24
CA GLU I 69 -38.73 17.21 55.84
C GLU I 69 -38.98 15.98 55.00
N GLU I 70 -38.01 15.62 54.17
CA GLU I 70 -38.14 14.44 53.34
C GLU I 70 -37.89 13.22 54.17
N HIS I 71 -37.01 13.32 55.14
CA HIS I 71 -36.77 12.19 56.04
C HIS I 71 -38.04 11.79 56.77
N ARG I 72 -38.78 12.77 57.28
CA ARG I 72 -39.99 12.47 58.03
C ARG I 72 -41.11 11.97 57.12
N THR I 73 -41.16 12.47 55.88
CA THR I 73 -42.21 12.06 54.96
C THR I 73 -42.08 10.59 54.56
N CYS I 74 -40.86 10.03 54.55
CA CYS I 74 -40.68 8.64 54.16
C CYS I 74 -40.80 7.68 55.34
N ILE I 75 -40.80 8.19 56.57
CA ILE I 75 -41.26 7.40 57.70
C ILE I 75 -42.77 7.28 57.67
N GLU I 76 -43.46 8.36 57.28
CA GLU I 76 -44.90 8.33 57.20
C GLU I 76 -45.39 7.36 56.13
N ILE I 77 -44.75 7.37 54.96
CA ILE I 77 -45.13 6.44 53.90
C ILE I 77 -44.90 4.99 54.34
N ALA I 78 -43.78 4.74 55.04
CA ALA I 78 -43.47 3.39 55.48
C ALA I 78 -44.49 2.85 56.48
N VAL I 79 -44.85 3.69 57.47
CA VAL I 79 -45.84 3.27 58.47
C VAL I 79 -47.19 3.04 57.79
N GLU I 80 -47.56 3.92 56.88
CA GLU I 80 -48.89 3.85 56.30
C GLU I 80 -49.03 2.60 55.44
N THR I 81 -47.98 2.26 54.66
CA THR I 81 -48.02 1.16 53.71
C THR I 81 -47.97 -0.21 54.39
N CYS I 82 -47.47 -0.29 55.63
CA CYS I 82 -47.46 -1.54 56.38
C CYS I 82 -48.54 -1.56 57.45
N LYS I 83 -49.54 -0.69 57.35
CA LYS I 83 -50.68 -0.74 58.25
C LYS I 83 -51.61 -1.85 57.78
N GLY I 84 -52.00 -2.72 58.72
CA GLY I 84 -52.77 -3.89 58.37
C GLY I 84 -51.97 -5.10 57.94
N THR I 85 -50.64 -5.07 58.09
CA THR I 85 -49.77 -6.17 57.74
C THR I 85 -48.97 -6.60 58.96
N LYS I 86 -48.27 -7.72 58.81
CA LYS I 86 -47.32 -8.14 59.83
C LYS I 86 -45.98 -7.40 59.78
N VAL I 87 -45.70 -6.67 58.69
CA VAL I 87 -44.39 -6.02 58.52
C VAL I 87 -44.29 -4.80 59.43
N LYS I 88 -43.22 -4.74 60.23
CA LYS I 88 -42.96 -3.62 61.12
C LYS I 88 -42.12 -2.54 60.42
N VAL I 89 -42.09 -1.36 61.02
CA VAL I 89 -41.29 -0.24 60.52
C VAL I 89 -40.27 0.15 61.58
N LEU I 90 -39.00 -0.09 61.29
CA LEU I 90 -37.89 0.35 62.15
C LEU I 90 -37.29 1.60 61.50
N ALA I 91 -37.76 2.77 61.93
CA ALA I 91 -37.43 4.01 61.25
C ALA I 91 -36.02 4.46 61.56
N GLY I 92 -35.32 4.91 60.52
CA GLY I 92 -33.99 5.49 60.70
C GLY I 92 -34.08 6.82 61.41
N ALA I 93 -33.41 6.95 62.56
CA ALA I 93 -33.49 8.19 63.33
C ALA I 93 -32.13 8.65 63.84
N GLY I 94 -31.03 8.25 63.18
CA GLY I 94 -29.71 8.61 63.65
C GLY I 94 -29.26 9.97 63.14
N SER I 95 -28.32 10.56 63.89
CA SER I 95 -27.68 11.81 63.51
C SER I 95 -26.45 11.99 64.39
N ASN I 96 -25.51 12.79 63.90
CA ASN I 96 -24.30 13.09 64.67
C ASN I 96 -24.52 14.17 65.72
N ALA I 97 -25.69 14.77 65.77
CA ALA I 97 -26.07 15.73 66.80
C ALA I 97 -27.20 15.12 67.62
N THR I 98 -27.01 15.07 68.95
CA THR I 98 -27.96 14.38 69.81
C THR I 98 -29.33 15.05 69.78
N HIS I 99 -29.37 16.38 69.74
CA HIS I 99 -30.66 17.06 69.66
C HIS I 99 -31.36 16.75 68.33
N GLU I 100 -30.59 16.45 67.29
CA GLU I 100 -31.18 16.05 66.02
C GLU I 100 -31.71 14.63 66.08
N ALA I 101 -31.00 13.74 66.78
CA ALA I 101 -31.43 12.34 66.86
C ALA I 101 -32.67 12.19 67.72
N VAL I 102 -32.76 12.95 68.82
CA VAL I 102 -33.95 12.90 69.67
C VAL I 102 -35.17 13.42 68.92
N GLY I 103 -34.98 14.44 68.08
CA GLY I 103 -36.09 14.95 67.29
C GLY I 103 -36.65 13.92 66.34
N LEU I 104 -35.77 13.22 65.61
CA LEU I 104 -36.22 12.18 64.70
C LEU I 104 -36.83 11.00 65.45
N ALA I 105 -36.28 10.67 66.62
CA ALA I 105 -36.83 9.57 67.40
C ALA I 105 -38.24 9.89 67.90
N LYS I 106 -38.47 11.13 68.37
CA LYS I 106 -39.78 11.49 68.86
C LYS I 106 -40.79 11.58 67.72
N PHE I 107 -40.36 12.00 66.54
CA PHE I 107 -41.25 11.98 65.38
C PHE I 107 -41.65 10.55 65.05
N ALA I 108 -40.74 9.63 65.23
CA ALA I 108 -41.02 8.26 64.94
C ALA I 108 -42.08 7.68 65.82
N LYS I 109 -41.96 7.87 67.11
CA LYS I 109 -42.98 7.34 68.01
C LYS I 109 -44.27 8.01 67.68
N GLU I 110 -44.26 9.31 67.54
CA GLU I 110 -45.46 10.04 67.26
C GLU I 110 -46.10 9.76 65.92
N HIS I 111 -45.46 9.00 65.07
CA HIS I 111 -46.05 8.70 63.77
C HIS I 111 -46.32 7.26 63.49
N GLY I 112 -46.28 6.43 64.50
CA GLY I 112 -46.68 5.06 64.36
C GLY I 112 -45.59 4.06 64.04
N ALA I 113 -44.32 4.45 64.16
CA ALA I 113 -43.24 3.51 63.93
C ALA I 113 -43.14 2.53 65.10
N ASP I 114 -42.74 1.30 64.78
CA ASP I 114 -42.59 0.27 65.81
C ASP I 114 -41.26 0.38 66.55
N GLY I 115 -40.30 1.09 65.98
CA GLY I 115 -39.00 1.26 66.61
C GLY I 115 -38.14 2.17 65.76
N ILE I 116 -36.92 2.39 66.23
CA ILE I 116 -35.99 3.27 65.53
C ILE I 116 -34.62 2.60 65.42
N LEU I 117 -33.97 2.81 64.27
CA LEU I 117 -32.55 2.56 64.10
C LEU I 117 -31.82 3.89 64.25
N SER I 118 -30.70 3.88 64.99
CA SER I 118 -29.93 5.10 65.25
C SER I 118 -28.46 4.80 65.05
N VAL I 119 -27.86 5.38 64.01
CA VAL I 119 -26.47 5.17 63.68
C VAL I 119 -25.58 5.92 64.66
N ALA I 120 -24.39 5.36 64.91
CA ALA I 120 -23.43 6.05 65.76
C ALA I 120 -23.07 7.41 65.14
N PRO I 121 -22.94 8.45 65.95
CA PRO I 121 -22.60 9.77 65.42
C PRO I 121 -21.33 9.74 64.57
N TYR I 122 -21.44 10.29 63.37
CA TYR I 122 -20.37 10.34 62.40
C TYR I 122 -19.65 11.68 62.47
N TYR I 123 -18.41 11.71 61.97
CA TYR I 123 -17.61 12.91 61.77
C TYR I 123 -17.09 13.53 63.07
N ASN I 124 -17.97 13.79 64.03
CA ASN I 124 -17.53 14.45 65.25
C ASN I 124 -16.84 13.46 66.20
N LYS I 125 -16.80 12.16 65.88
CA LYS I 125 -16.03 11.16 66.61
C LYS I 125 -16.22 11.24 68.13
N PRO I 126 -17.36 10.90 68.70
CA PRO I 126 -17.51 11.02 70.15
C PRO I 126 -16.77 9.92 70.91
N THR I 127 -16.49 10.21 72.19
CA THR I 127 -15.89 9.23 73.09
C THR I 127 -16.93 8.19 73.51
N GLN I 128 -16.44 7.14 74.17
CA GLN I 128 -17.34 6.11 74.68
C GLN I 128 -18.32 6.68 75.70
N GLN I 129 -17.84 7.60 76.54
CA GLN I 129 -18.74 8.28 77.48
C GLN I 129 -19.77 9.12 76.73
N GLY I 130 -19.35 9.78 75.65
CA GLY I 130 -20.29 10.57 74.87
C GLY I 130 -21.32 9.72 74.17
N LEU I 131 -20.91 8.56 73.63
CA LEU I 131 -21.85 7.67 72.96
C LEU I 131 -22.90 7.16 73.94
N TYR I 132 -22.50 6.87 75.18
CA TYR I 132 -23.45 6.45 76.20
C TYR I 132 -24.50 7.53 76.44
N GLU I 133 -24.05 8.76 76.70
CA GLU I 133 -24.99 9.86 76.93
C GLU I 133 -25.79 10.18 75.68
N HIS I 134 -25.19 10.04 74.50
CA HIS I 134 -25.90 10.26 73.25
C HIS I 134 -27.11 9.33 73.13
N TYR I 135 -26.89 8.03 73.31
CA TYR I 135 -27.97 7.06 73.17
C TYR I 135 -28.91 7.06 74.37
N LYS I 136 -28.39 7.36 75.57
CA LYS I 136 -29.26 7.43 76.74
C LYS I 136 -30.28 8.57 76.60
N ALA I 137 -29.88 9.68 75.99
CA ALA I 137 -30.83 10.76 75.74
C ALA I 137 -31.86 10.37 74.68
N ILE I 138 -31.44 9.62 73.67
CA ILE I 138 -32.38 9.18 72.63
C ILE I 138 -33.39 8.18 73.20
N ALA I 139 -32.90 7.23 74.01
CA ALA I 139 -33.77 6.18 74.51
C ALA I 139 -34.85 6.73 75.43
N GLN I 140 -34.53 7.76 76.21
CA GLN I 140 -35.48 8.34 77.15
C GLN I 140 -36.51 9.24 76.48
N SER I 141 -36.32 9.61 75.21
CA SER I 141 -37.30 10.46 74.55
C SER I 141 -38.57 9.71 74.17
N VAL I 142 -38.45 8.41 73.90
CA VAL I 142 -39.58 7.60 73.44
C VAL I 142 -39.59 6.32 74.27
N ASP I 143 -40.66 5.54 74.12
CA ASP I 143 -40.78 4.25 74.81
C ASP I 143 -40.92 3.09 73.84
N ILE I 144 -40.46 3.25 72.61
CA ILE I 144 -40.51 2.18 71.61
C ILE I 144 -39.10 1.65 71.46
N PRO I 145 -38.90 0.43 70.95
CA PRO I 145 -37.55 -0.14 70.88
C PRO I 145 -36.58 0.71 70.07
N VAL I 146 -35.32 0.71 70.52
CA VAL I 146 -34.24 1.46 69.89
C VAL I 146 -33.13 0.47 69.57
N LEU I 147 -32.73 0.41 68.31
CA LEU I 147 -31.65 -0.46 67.86
C LEU I 147 -30.44 0.38 67.49
N LEU I 148 -29.33 0.16 68.22
CA LEU I 148 -28.10 0.85 67.88
C LEU I 148 -27.56 0.35 66.54
N TYR I 149 -26.65 1.13 65.96
CA TYR I 149 -26.15 0.86 64.62
C TYR I 149 -24.68 1.28 64.57
N ASN I 150 -23.80 0.31 64.39
CA ASN I 150 -22.36 0.51 64.41
C ASN I 150 -21.80 0.26 63.01
N VAL I 151 -21.26 1.31 62.39
CA VAL I 151 -20.59 1.19 61.10
C VAL I 151 -19.36 2.09 61.14
N PRO I 152 -18.25 1.61 61.72
CA PRO I 152 -17.09 2.49 61.93
C PRO I 152 -16.42 2.92 60.64
N GLY I 153 -16.51 2.12 59.57
CA GLY I 153 -15.93 2.51 58.30
C GLY I 153 -16.55 3.75 57.71
N ARG I 154 -17.78 4.10 58.11
CA ARG I 154 -18.47 5.28 57.60
C ARG I 154 -18.57 6.40 58.62
N THR I 155 -18.62 6.07 59.91
CA THR I 155 -18.79 7.09 60.95
C THR I 155 -17.46 7.58 61.50
N GLY I 156 -16.42 6.77 61.45
CA GLY I 156 -15.14 7.10 62.05
C GLY I 156 -15.04 6.81 63.53
N CYS I 157 -16.06 6.22 64.13
CA CYS I 157 -16.06 5.88 65.55
C CYS I 157 -16.64 4.48 65.70
N GLU I 158 -16.35 3.87 66.84
CA GLU I 158 -16.82 2.52 67.15
C GLU I 158 -17.56 2.53 68.49
N ILE I 159 -18.74 1.90 68.49
CA ILE I 159 -19.46 1.63 69.73
C ILE I 159 -18.84 0.41 70.37
N SER I 160 -18.10 0.60 71.47
CA SER I 160 -17.46 -0.50 72.16
C SER I 160 -18.46 -1.56 72.58
N THR I 161 -17.98 -2.80 72.70
CA THR I 161 -18.81 -3.88 73.23
C THR I 161 -19.33 -3.53 74.61
N ASP I 162 -18.48 -2.92 75.45
CA ASP I 162 -18.90 -2.54 76.79
C ASP I 162 -20.01 -1.49 76.74
N THR I 163 -19.90 -0.54 75.80
CA THR I 163 -20.91 0.50 75.69
C THR I 163 -22.25 -0.06 75.23
N ILE I 164 -22.22 -0.98 74.26
CA ILE I 164 -23.44 -1.61 73.78
C ILE I 164 -24.12 -2.36 74.93
N ILE I 165 -23.35 -3.19 75.64
CA ILE I 165 -23.92 -3.98 76.73
C ILE I 165 -24.40 -3.07 77.86
N LYS I 166 -23.65 -2.01 78.17
CA LYS I 166 -24.08 -1.08 79.22
C LYS I 166 -25.38 -0.38 78.83
N LEU I 167 -25.51 0.03 77.57
CA LEU I 167 -26.74 0.67 77.12
C LEU I 167 -27.89 -0.34 77.11
N PHE I 168 -27.60 -1.59 76.76
CA PHE I 168 -28.62 -2.64 76.77
C PHE I 168 -29.13 -2.89 78.18
N ARG I 169 -28.24 -2.85 79.18
CA ARG I 169 -28.61 -3.19 80.54
C ARG I 169 -29.23 -2.01 81.29
N ASP I 170 -28.96 -0.78 80.86
CA ASP I 170 -29.41 0.40 81.59
C ASP I 170 -30.65 1.07 80.99
N CYS I 171 -30.95 0.82 79.72
CA CYS I 171 -32.09 1.45 79.04
C CYS I 171 -33.01 0.37 78.48
N GLU I 172 -34.31 0.52 78.73
CA GLU I 172 -35.25 -0.57 78.49
C GLU I 172 -35.64 -0.72 77.02
N ASN I 173 -35.54 0.35 76.23
CA ASN I 173 -35.88 0.26 74.81
C ASN I 173 -34.67 0.00 73.92
N ILE I 174 -33.47 0.02 74.46
CA ILE I 174 -32.29 -0.40 73.69
C ILE I 174 -32.20 -1.91 73.81
N TYR I 175 -32.40 -2.62 72.70
CA TYR I 175 -32.56 -4.06 72.72
C TYR I 175 -31.52 -4.80 71.88
N GLY I 176 -30.65 -4.09 71.17
CA GLY I 176 -29.64 -4.77 70.38
C GLY I 176 -28.82 -3.78 69.56
N VAL I 177 -28.12 -4.30 68.56
CA VAL I 177 -27.25 -3.49 67.73
C VAL I 177 -27.12 -4.05 66.31
N KPI I 178 -27.18 -3.16 65.34
CA KPI I 178 -26.91 -3.48 63.94
CB KPI I 178 -27.61 -2.50 62.96
CG KPI I 178 -27.18 -2.71 61.52
CD KPI I 178 -28.08 -1.94 60.58
CE KPI I 178 -27.38 -1.82 59.22
NZ KPI I 178 -28.15 -1.37 58.10
CX1 KPI I 178 -27.63 -0.78 57.07
C1 KPI I 178 -27.04 -1.42 55.85
CX2 KPI I 178 -28.24 0.52 56.64
O1 KPI I 178 -28.28 0.98 55.50
O2 KPI I 178 -28.80 1.26 57.65
C KPI I 178 -25.43 -3.42 63.62
O KPI I 178 -24.90 -2.17 63.53
N GLU I 179 -24.75 -4.56 63.59
CA GLU I 179 -23.30 -4.51 63.39
C GLU I 179 -22.95 -4.55 61.90
N ALA I 180 -22.11 -3.59 61.49
CA ALA I 180 -21.59 -3.52 60.13
C ALA I 180 -20.10 -3.20 60.16
N SER I 181 -19.36 -4.01 60.91
CA SER I 181 -17.94 -3.79 61.14
C SER I 181 -17.05 -4.80 60.44
N GLY I 182 -17.62 -5.90 59.95
CA GLY I 182 -16.81 -7.01 59.45
C GLY I 182 -15.92 -7.62 60.50
N ASN I 183 -16.41 -7.72 61.73
CA ASN I 183 -15.63 -8.20 62.88
C ASN I 183 -16.49 -9.24 63.60
N ILE I 184 -16.40 -10.51 63.14
CA ILE I 184 -17.18 -11.56 63.77
C ILE I 184 -16.70 -11.81 65.19
N ASP I 185 -15.45 -11.47 65.49
CA ASP I 185 -14.95 -11.55 66.86
C ASP I 185 -15.78 -10.68 67.80
N LYS I 186 -16.14 -9.46 67.36
CA LYS I 186 -16.97 -8.60 68.19
C LYS I 186 -18.36 -9.18 68.40
N CYS I 187 -18.86 -9.98 67.46
CA CYS I 187 -20.19 -10.55 67.62
C CYS I 187 -20.18 -11.81 68.47
N VAL I 188 -19.04 -12.49 68.56
CA VAL I 188 -18.87 -13.51 69.60
C VAL I 188 -18.71 -12.84 70.95
N ASP I 189 -17.93 -11.75 70.99
CA ASP I 189 -17.76 -10.96 72.21
C ASP I 189 -19.10 -10.49 72.75
N LEU I 190 -19.95 -9.94 71.87
CA LEU I 190 -21.21 -9.36 72.30
C LEU I 190 -22.15 -10.41 72.90
N LEU I 191 -22.38 -11.50 72.17
CA LEU I 191 -23.39 -12.48 72.57
C LEU I 191 -22.89 -13.48 73.61
N ALA I 192 -21.58 -13.57 73.84
CA ALA I 192 -21.08 -14.43 74.90
C ALA I 192 -21.26 -13.80 76.27
N HIS I 193 -21.16 -12.48 76.36
CA HIS I 193 -21.30 -11.77 77.63
C HIS I 193 -22.71 -11.23 77.85
N GLU I 194 -23.48 -11.04 76.78
CA GLU I 194 -24.87 -10.56 76.88
C GLU I 194 -25.70 -11.30 75.84
N PRO I 195 -26.11 -12.53 76.16
CA PRO I 195 -26.80 -13.35 75.16
C PRO I 195 -28.25 -12.97 74.91
N ARG I 196 -28.84 -12.10 75.73
CA ARG I 196 -30.22 -11.69 75.54
C ARG I 196 -30.37 -10.50 74.59
N MET I 197 -29.28 -10.01 74.02
CA MET I 197 -29.33 -8.87 73.12
C MET I 197 -29.62 -9.35 71.70
N MET I 198 -30.28 -8.51 70.93
CA MET I 198 -30.67 -8.84 69.56
C MET I 198 -29.61 -8.28 68.61
N LEU I 199 -28.70 -9.15 68.19
CA LEU I 199 -27.66 -8.78 67.24
C LEU I 199 -28.20 -8.92 65.82
N ILE I 200 -28.18 -7.83 65.07
CA ILE I 200 -28.72 -7.78 63.72
C ILE I 200 -27.57 -7.58 62.74
N SER I 201 -27.54 -8.42 61.70
CA SER I 201 -26.47 -8.33 60.70
C SER I 201 -26.71 -7.12 59.79
N GLY I 202 -25.66 -6.31 59.64
CA GLY I 202 -25.70 -5.18 58.73
C GLY I 202 -24.71 -5.33 57.59
N GLU I 203 -24.39 -6.57 57.26
CA GLU I 203 -23.39 -6.88 56.22
C GLU I 203 -23.84 -8.14 55.52
N ASP I 204 -24.31 -7.98 54.27
CA ASP I 204 -25.01 -9.07 53.59
C ASP I 204 -24.08 -10.27 53.34
N ALA I 205 -22.80 -10.01 53.10
CA ALA I 205 -21.87 -11.10 52.76
C ALA I 205 -21.71 -12.09 53.91
N ILE I 206 -21.85 -11.64 55.15
CA ILE I 206 -21.61 -12.48 56.31
C ILE I 206 -22.91 -12.64 57.11
N ASN I 207 -24.05 -12.60 56.42
CA ASN I 207 -25.34 -12.74 57.08
C ASN I 207 -25.43 -14.06 57.86
N TYR I 208 -25.16 -15.17 57.19
CA TYR I 208 -25.30 -16.47 57.85
C TYR I 208 -24.36 -16.65 59.04
N PRO I 209 -23.06 -16.34 58.95
CA PRO I 209 -22.21 -16.50 60.15
C PRO I 209 -22.71 -15.73 61.36
N ILE I 210 -23.28 -14.55 61.16
CA ILE I 210 -23.78 -13.77 62.28
C ILE I 210 -25.04 -14.41 62.86
N LEU I 211 -25.95 -14.87 62.01
CA LEU I 211 -27.15 -15.54 62.49
C LEU I 211 -26.82 -16.88 63.13
N SER I 212 -25.86 -17.61 62.56
CA SER I 212 -25.49 -18.92 63.08
C SER I 212 -24.90 -18.85 64.49
N ASN I 213 -24.42 -17.68 64.91
CA ASN I 213 -23.84 -17.50 66.23
C ASN I 213 -24.85 -16.93 67.23
N GLY I 214 -26.12 -16.89 66.85
CA GLY I 214 -27.17 -16.40 67.73
C GLY I 214 -27.80 -15.10 67.29
N GLY I 215 -27.36 -14.53 66.18
CA GLY I 215 -28.03 -13.37 65.63
C GLY I 215 -29.49 -13.66 65.31
N LYS I 216 -30.33 -12.65 65.46
CA LYS I 216 -31.78 -12.82 65.34
C LYS I 216 -32.38 -12.00 64.21
N GLY I 217 -31.58 -11.52 63.27
CA GLY I 217 -32.13 -10.81 62.15
C GLY I 217 -31.05 -10.13 61.33
N VAL I 218 -31.49 -9.57 60.20
CA VAL I 218 -30.62 -8.84 59.29
C VAL I 218 -31.31 -7.54 58.88
N ILE I 219 -30.52 -6.49 58.68
CA ILE I 219 -30.95 -5.26 58.04
C ILE I 219 -30.16 -5.16 56.75
N SER I 220 -30.81 -5.46 55.63
CA SER I 220 -30.13 -5.83 54.40
C SER I 220 -30.15 -4.73 53.35
N VAL I 221 -29.13 -4.74 52.50
CA VAL I 221 -29.10 -3.97 51.28
C VAL I 221 -29.55 -4.81 50.08
N THR I 222 -29.07 -6.06 50.00
CA THR I 222 -29.43 -6.94 48.89
C THR I 222 -30.93 -7.20 48.83
N SER I 223 -31.61 -7.18 49.97
CA SER I 223 -33.04 -7.46 49.99
C SER I 223 -33.86 -6.47 49.17
N ASN I 224 -33.30 -5.30 48.87
CA ASN I 224 -33.96 -4.39 47.94
C ASN I 224 -34.18 -5.04 46.59
N LEU I 225 -33.19 -5.82 46.13
CA LEU I 225 -33.27 -6.47 44.83
C LEU I 225 -33.82 -7.89 44.92
N LEU I 226 -33.35 -8.68 45.89
CA LEU I 226 -33.76 -10.07 46.07
C LEU I 226 -34.32 -10.26 47.47
N PRO I 227 -35.51 -9.72 47.76
CA PRO I 227 -36.06 -9.85 49.12
C PRO I 227 -36.43 -11.27 49.49
N ASP I 228 -36.86 -12.09 48.53
CA ASP I 228 -37.28 -13.45 48.84
C ASP I 228 -36.10 -14.31 49.31
N MET I 229 -34.93 -14.16 48.69
CA MET I 229 -33.80 -14.99 49.06
C MET I 229 -33.30 -14.65 50.46
N ILE I 230 -33.21 -13.36 50.79
CA ILE I 230 -32.73 -12.95 52.11
C ILE I 230 -33.73 -13.33 53.20
N SER I 231 -35.03 -13.20 52.92
CA SER I 231 -36.02 -13.60 53.91
C SER I 231 -35.95 -15.10 54.17
N ALA I 232 -35.73 -15.89 53.11
CA ALA I 232 -35.53 -17.32 53.28
C ALA I 232 -34.27 -17.59 54.08
N LEU I 233 -33.20 -16.83 53.81
CA LEU I 233 -31.94 -17.02 54.54
C LEU I 233 -32.13 -16.83 56.03
N THR I 234 -32.76 -15.72 56.42
CA THR I 234 -32.98 -15.45 57.84
C THR I 234 -33.87 -16.50 58.48
N HIS I 235 -34.96 -16.87 57.79
CA HIS I 235 -35.91 -17.81 58.37
C HIS I 235 -35.32 -19.21 58.43
N PHE I 236 -34.54 -19.60 57.41
CA PHE I 236 -33.77 -20.84 57.49
C PHE I 236 -32.87 -20.85 58.72
N ALA I 237 -32.15 -19.74 58.95
CA ALA I 237 -31.23 -19.66 60.07
C ALA I 237 -31.98 -19.62 61.40
N LEU I 238 -33.08 -18.87 61.48
CA LEU I 238 -33.82 -18.77 62.74
C LEU I 238 -34.49 -20.09 63.09
N ASP I 239 -34.86 -20.89 62.09
CA ASP I 239 -35.35 -22.24 62.32
C ASP I 239 -34.24 -23.26 62.47
N GLU I 240 -33.01 -22.81 62.67
CA GLU I 240 -31.85 -23.67 62.90
C GLU I 240 -31.60 -24.64 61.75
N ASN I 241 -32.00 -24.25 60.54
CA ASN I 241 -31.65 -24.98 59.32
C ASN I 241 -30.45 -24.27 58.70
N TYR I 242 -29.26 -24.61 59.22
CA TYR I 242 -28.06 -23.88 58.87
C TYR I 242 -27.52 -24.27 57.50
N LYS I 243 -27.96 -25.39 56.95
CA LYS I 243 -27.45 -25.83 55.65
C LYS I 243 -28.13 -25.10 54.51
N GLU I 244 -29.41 -24.74 54.68
CA GLU I 244 -30.08 -23.92 53.68
C GLU I 244 -29.77 -22.44 53.85
N ALA I 245 -29.58 -22.00 55.10
CA ALA I 245 -29.15 -20.61 55.32
C ALA I 245 -27.76 -20.39 54.73
N LYS I 246 -26.83 -21.32 54.97
CA LYS I 246 -25.50 -21.21 54.39
C LYS I 246 -25.52 -21.36 52.88
N LYS I 247 -26.42 -22.20 52.35
CA LYS I 247 -26.47 -22.42 50.91
C LYS I 247 -26.91 -21.15 50.19
N ILE I 248 -27.88 -20.42 50.74
CA ILE I 248 -28.30 -19.17 50.12
C ILE I 248 -27.24 -18.09 50.30
N ASN I 249 -26.61 -18.05 51.47
CA ASN I 249 -25.56 -17.06 51.70
C ASN I 249 -24.36 -17.31 50.79
N ASP I 250 -24.05 -18.57 50.52
CA ASP I 250 -22.96 -18.89 49.61
C ASP I 250 -23.31 -18.54 48.17
N GLU I 251 -24.55 -18.80 47.76
CA GLU I 251 -24.99 -18.43 46.42
C GLU I 251 -25.06 -16.91 46.26
N LEU I 252 -25.37 -16.19 47.33
CA LEU I 252 -25.55 -14.74 47.29
C LEU I 252 -24.24 -13.96 47.44
N TYR I 253 -23.11 -14.64 47.63
CA TYR I 253 -21.87 -13.93 47.92
C TYR I 253 -21.48 -13.00 46.78
N ASN I 254 -21.60 -13.46 45.54
CA ASN I 254 -21.15 -12.65 44.40
C ASN I 254 -21.97 -11.37 44.29
N ILE I 255 -23.28 -11.46 44.44
CA ILE I 255 -24.11 -10.26 44.39
C ILE I 255 -23.93 -9.43 45.66
N ASN I 256 -23.71 -10.08 46.80
CA ASN I 256 -23.54 -9.36 48.06
C ASN I 256 -22.29 -8.48 48.02
N LYS I 257 -21.25 -8.96 47.34
CA LYS I 257 -20.00 -8.22 47.24
C LYS I 257 -20.02 -7.23 46.09
N ILE I 258 -20.73 -7.56 45.00
CA ILE I 258 -20.82 -6.65 43.87
C ILE I 258 -21.71 -5.47 44.17
N LEU I 259 -22.58 -5.58 45.18
CA LEU I 259 -23.39 -4.45 45.61
C LEU I 259 -22.58 -3.46 46.45
N PHE I 260 -21.27 -3.68 46.58
CA PHE I 260 -20.37 -2.77 47.27
C PHE I 260 -19.12 -2.50 46.45
N CYS I 261 -19.13 -2.82 45.15
CA CYS I 261 -18.03 -2.44 44.28
C CYS I 261 -17.80 -0.93 44.32
N GLU I 262 -18.86 -0.16 44.51
CA GLU I 262 -18.78 1.25 44.87
C GLU I 262 -19.58 1.45 46.16
N SER I 263 -19.58 2.67 46.68
CA SER I 263 -20.17 2.91 47.99
C SER I 263 -21.69 2.74 47.94
N ASN I 264 -22.19 1.94 48.87
CA ASN I 264 -23.64 1.81 49.05
C ASN I 264 -24.25 3.18 49.32
N PRO I 265 -25.41 3.50 48.73
CA PRO I 265 -26.27 2.66 47.90
C PRO I 265 -26.18 2.89 46.40
N ILE I 266 -25.00 3.23 45.90
CA ILE I 266 -24.82 3.46 44.46
C ILE I 266 -24.98 2.15 43.69
N PRO I 267 -24.33 1.04 44.08
CA PRO I 267 -24.52 -0.20 43.31
C PRO I 267 -25.93 -0.75 43.37
N ILE I 268 -26.59 -0.69 44.52
CA ILE I 268 -27.91 -1.29 44.63
C ILE I 268 -28.93 -0.50 43.81
N LYS I 269 -28.79 0.81 43.77
CA LYS I 269 -29.71 1.65 42.96
C LYS I 269 -29.51 1.36 41.48
N THR I 270 -28.29 1.02 41.13
CA THR I 270 -27.98 0.65 39.78
C THR I 270 -28.68 -0.65 39.44
N ALA I 271 -28.59 -1.64 40.30
CA ALA I 271 -29.28 -2.91 40.08
C ALA I 271 -30.78 -2.73 40.01
N MET I 272 -31.35 -1.92 40.90
CA MET I 272 -32.79 -1.68 40.89
C MET I 272 -33.23 -1.01 39.60
N TYR I 273 -32.40 -0.10 39.08
CA TYR I 273 -32.71 0.54 37.81
C TYR I 273 -32.61 -0.46 36.65
N LEU I 274 -31.57 -1.30 36.67
CA LEU I 274 -31.40 -2.30 35.62
C LEU I 274 -32.52 -3.32 35.63
N ALA I 275 -33.08 -3.63 36.80
CA ALA I 275 -34.18 -4.57 36.92
C ALA I 275 -35.54 -3.94 36.61
N GLY I 276 -35.58 -2.66 36.27
CA GLY I 276 -36.85 -2.02 35.99
C GLY I 276 -37.72 -1.76 37.19
N LEU I 277 -37.13 -1.75 38.39
CA LEU I 277 -37.89 -1.51 39.62
C LEU I 277 -37.98 -0.04 40.01
N ILE I 278 -37.16 0.84 39.44
CA ILE I 278 -37.24 2.28 39.63
C ILE I 278 -37.18 2.98 38.29
N GLU I 279 -37.61 4.26 38.28
CA GLU I 279 -37.79 4.96 37.02
C GLU I 279 -36.46 5.38 36.41
N SER I 280 -35.62 5.98 37.23
CA SER I 280 -34.38 6.63 36.82
C SER I 280 -33.26 6.32 37.79
N LEU I 281 -32.05 6.10 37.24
CA LEU I 281 -30.86 5.91 38.07
C LEU I 281 -30.39 7.28 38.56
N GLU I 282 -31.14 7.81 39.52
CA GLU I 282 -30.93 9.15 40.06
C GLU I 282 -30.46 9.08 41.51
N PHE I 283 -29.42 9.84 41.83
CA PHE I 283 -28.97 10.09 43.18
C PHE I 283 -29.03 11.59 43.44
N ARG I 284 -28.74 11.98 44.68
CA ARG I 284 -28.48 13.37 45.01
C ARG I 284 -27.00 13.50 45.40
N LEU I 285 -26.32 14.48 44.79
CA LEU I 285 -24.89 14.71 45.01
C LEU I 285 -24.60 14.86 46.50
N PRO I 286 -23.43 14.40 46.99
CA PRO I 286 -22.29 13.90 46.22
C PRO I 286 -22.39 12.46 45.71
N LEU I 287 -23.56 11.84 45.83
CA LEU I 287 -23.74 10.51 45.24
C LEU I 287 -24.07 10.63 43.77
N CYS I 288 -23.47 9.77 42.96
CA CYS I 288 -23.58 9.84 41.51
C CYS I 288 -23.69 8.43 40.95
N SER I 289 -23.93 8.36 39.64
CA SER I 289 -23.97 7.07 38.98
C SER I 289 -22.59 6.42 39.00
N PRO I 290 -22.53 5.09 38.98
CA PRO I 290 -21.23 4.41 39.12
C PRO I 290 -20.39 4.58 37.87
N SER I 291 -19.14 4.12 37.97
CA SER I 291 -18.29 4.08 36.79
C SER I 291 -18.94 3.21 35.72
N LYS I 292 -18.54 3.46 34.47
CA LYS I 292 -19.15 2.72 33.37
C LYS I 292 -18.69 1.27 33.35
N GLU I 293 -17.49 0.99 33.88
CA GLU I 293 -17.05 -0.39 34.04
C GLU I 293 -17.87 -1.11 35.10
N ASN I 294 -17.95 -0.52 36.30
CA ASN I 294 -18.71 -1.14 37.39
C ASN I 294 -20.18 -1.27 37.04
N PHE I 295 -20.73 -0.31 36.27
CA PHE I 295 -22.08 -0.44 35.74
C PHE I 295 -22.23 -1.73 34.95
N ALA I 296 -21.28 -2.02 34.06
CA ALA I 296 -21.33 -3.24 33.28
C ALA I 296 -21.08 -4.47 34.15
N LYS I 297 -20.25 -4.33 35.18
CA LYS I 297 -19.92 -5.47 36.03
C LYS I 297 -21.05 -5.80 36.99
N ILE I 298 -21.85 -4.80 37.37
CA ILE I 298 -23.06 -5.06 38.15
C ILE I 298 -24.08 -5.81 37.31
N GLU I 299 -24.27 -5.39 36.06
CA GLU I 299 -25.22 -6.03 35.16
C GLU I 299 -24.91 -7.51 34.98
N GLU I 300 -23.63 -7.88 35.04
CA GLU I 300 -23.23 -9.26 34.78
C GLU I 300 -23.55 -10.18 35.96
N VAL I 301 -23.45 -9.69 37.17
CA VAL I 301 -23.75 -10.52 38.31
C VAL I 301 -25.26 -10.73 38.48
N MET I 302 -26.03 -9.68 38.31
CA MET I 302 -27.44 -9.78 38.44
C MET I 302 -27.93 -10.91 37.59
N LYS I 303 -27.52 -10.91 36.35
CA LYS I 303 -27.92 -11.90 35.39
C LYS I 303 -27.96 -13.29 35.90
N LYS I 304 -27.23 -13.57 36.95
CA LYS I 304 -27.21 -14.92 37.49
C LYS I 304 -28.19 -15.20 38.62
N TYR I 305 -29.10 -14.27 38.89
CA TYR I 305 -30.08 -14.42 39.93
C TYR I 305 -31.49 -14.20 39.38
N LYS I 306 -32.50 -14.74 40.04
CA LYS I 306 -33.87 -14.58 39.57
C LYS I 306 -34.51 -13.43 40.34
N ILE I 307 -34.76 -12.32 39.66
CA ILE I 307 -35.19 -11.08 40.29
C ILE I 307 -36.71 -11.00 40.23
N LYS I 308 -37.33 -10.81 41.39
CA LYS I 308 -38.78 -10.70 41.47
C LYS I 308 -39.25 -9.34 40.98
N GLY I 309 -40.37 -9.33 40.27
CA GLY I 309 -40.97 -8.10 39.78
C GLY I 309 -41.92 -7.53 40.82
N PHE I 310 -42.92 -6.79 40.35
CA PHE I 310 -43.92 -6.23 41.23
C PHE I 310 -45.11 -7.18 41.39
N LYS J 15 -7.67 -36.68 47.42
CA LYS J 15 -7.16 -35.59 48.25
C LYS J 15 -7.08 -35.97 49.72
N ASN J 16 -5.88 -36.36 50.16
CA ASN J 16 -5.66 -36.80 51.52
C ASN J 16 -5.68 -35.57 52.44
N ILE J 17 -6.37 -35.69 53.57
CA ILE J 17 -6.67 -34.52 54.39
C ILE J 17 -6.28 -34.80 55.84
N ILE J 18 -6.04 -33.72 56.57
CA ILE J 18 -5.80 -33.74 58.01
C ILE J 18 -6.71 -32.68 58.60
N ILE J 19 -7.76 -33.10 59.30
CA ILE J 19 -8.72 -32.15 59.84
C ILE J 19 -9.02 -32.49 61.29
N GLY J 20 -10.00 -31.82 61.88
CA GLY J 20 -10.35 -32.04 63.26
C GLY J 20 -9.68 -31.06 64.20
N ALA J 21 -9.69 -31.41 65.48
CA ALA J 21 -9.10 -30.57 66.52
C ALA J 21 -7.59 -30.77 66.56
N MET J 22 -6.85 -29.71 66.27
CA MET J 22 -5.38 -29.77 66.23
C MET J 22 -4.80 -28.70 67.14
N THR J 23 -3.57 -28.95 67.60
CA THR J 23 -2.91 -28.11 68.59
C THR J 23 -1.59 -27.58 68.04
N ALA J 24 -1.41 -26.26 68.09
CA ALA J 24 -0.12 -25.64 67.83
C ALA J 24 0.71 -25.73 69.10
N LEU J 25 1.58 -26.72 69.17
CA LEU J 25 2.27 -27.04 70.41
C LEU J 25 3.29 -25.96 70.77
N ILE J 26 3.31 -25.58 72.05
CA ILE J 26 4.40 -24.74 72.54
C ILE J 26 5.65 -25.59 72.63
N THR J 27 6.82 -24.95 72.51
CA THR J 27 8.08 -25.64 72.62
C THR J 27 8.75 -25.27 73.93
N PRO J 28 8.69 -26.13 74.95
CA PRO J 28 9.29 -25.77 76.24
C PRO J 28 10.80 -25.77 76.18
N PHE J 29 11.40 -24.79 76.87
CA PHE J 29 12.84 -24.69 76.98
C PHE J 29 13.25 -24.91 78.43
N LYS J 30 14.42 -25.52 78.62
CA LYS J 30 15.02 -25.65 79.95
C LYS J 30 16.52 -25.44 79.80
N ASN J 31 17.04 -24.42 80.49
CA ASN J 31 18.46 -24.07 80.45
C ASN J 31 18.96 -23.78 79.03
N GLY J 32 18.15 -23.07 78.24
CA GLY J 32 18.53 -22.68 76.89
C GLY J 32 18.49 -23.80 75.86
N LYS J 33 17.93 -24.94 76.24
CA LYS J 33 17.69 -26.12 75.40
C LYS J 33 16.23 -26.48 75.32
N VAL J 34 15.91 -27.25 74.28
CA VAL J 34 14.56 -27.76 74.08
C VAL J 34 14.41 -28.93 75.04
N ASP J 35 13.48 -28.81 75.99
CA ASP J 35 13.22 -29.90 76.92
C ASP J 35 12.52 -31.04 76.19
N GLU J 36 13.29 -32.04 75.74
CA GLU J 36 12.72 -33.07 74.90
C GLU J 36 11.76 -34.00 75.62
N GLN J 37 11.90 -34.23 76.94
CA GLN J 37 10.87 -35.08 77.55
C GLN J 37 9.67 -34.26 78.02
N SER J 38 9.83 -32.96 78.27
CA SER J 38 8.63 -32.16 78.51
C SER J 38 7.83 -31.96 77.22
N TYR J 39 8.51 -31.94 76.08
CA TYR J 39 7.82 -31.91 74.79
C TYR J 39 7.00 -33.17 74.59
N ALA J 40 7.61 -34.33 74.82
CA ALA J 40 6.90 -35.60 74.63
C ALA J 40 5.81 -35.81 75.65
N ARG J 41 5.99 -35.30 76.88
CA ARG J 41 4.98 -35.45 77.92
C ARG J 41 3.81 -34.49 77.74
N LEU J 42 4.00 -33.41 76.99
CA LEU J 42 2.87 -32.53 76.66
C LEU J 42 2.08 -33.04 75.47
N ILE J 43 2.72 -33.79 74.57
CA ILE J 43 2.00 -34.38 73.45
C ILE J 43 1.11 -35.52 73.91
N LYS J 44 1.50 -36.21 74.98
CA LYS J 44 0.66 -37.28 75.51
C LYS J 44 -0.51 -36.74 76.29
N ARG J 45 -0.43 -35.49 76.75
CA ARG J 45 -1.59 -34.84 77.34
C ARG J 45 -2.61 -34.47 76.27
N GLN J 46 -2.14 -34.08 75.08
CA GLN J 46 -3.06 -33.76 73.99
C GLN J 46 -3.73 -35.02 73.44
N ILE J 47 -2.94 -36.09 73.25
CA ILE J 47 -3.49 -37.33 72.72
C ILE J 47 -4.59 -37.87 73.61
N GLU J 48 -4.36 -37.84 74.92
CA GLU J 48 -5.30 -38.43 75.89
C GLU J 48 -6.48 -37.53 76.19
N ASN J 49 -6.63 -36.42 75.46
CA ASN J 49 -7.74 -35.50 75.68
C ASN J 49 -8.52 -35.26 74.38
N GLY J 50 -8.52 -36.23 73.48
CA GLY J 50 -9.36 -36.18 72.30
C GLY J 50 -8.81 -35.43 71.11
N ILE J 51 -7.55 -34.99 71.16
CA ILE J 51 -6.97 -34.23 70.06
C ILE J 51 -6.75 -35.16 68.86
N ASP J 52 -7.05 -34.65 67.67
CA ASP J 52 -6.97 -35.45 66.45
C ASP J 52 -5.62 -35.33 65.74
N ALA J 53 -4.91 -34.22 65.93
CA ALA J 53 -3.61 -34.03 65.30
C ALA J 53 -2.85 -32.96 66.08
N VAL J 54 -1.52 -33.02 65.97
CA VAL J 54 -0.64 -32.06 66.62
C VAL J 54 0.21 -31.38 65.56
N VAL J 55 0.46 -30.08 65.76
CA VAL J 55 1.27 -29.30 64.83
C VAL J 55 2.56 -28.89 65.53
N PRO J 56 3.67 -29.59 65.34
CA PRO J 56 4.93 -29.18 65.96
C PRO J 56 5.56 -28.00 65.23
N VAL J 57 6.12 -27.08 66.01
CA VAL J 57 6.86 -25.94 65.51
C VAL J 57 6.00 -25.14 64.54
N GLY J 58 4.88 -24.63 65.04
CA GLY J 58 4.13 -23.60 64.36
C GLY J 58 4.58 -22.24 64.83
N THR J 59 3.70 -21.24 64.65
CA THR J 59 3.97 -19.94 65.25
C THR J 59 4.00 -20.02 66.76
N THR J 60 3.07 -20.79 67.34
CA THR J 60 3.05 -21.00 68.79
C THR J 60 4.25 -21.79 69.28
N GLY J 61 4.87 -22.60 68.41
CA GLY J 61 6.05 -23.35 68.77
C GLY J 61 7.36 -22.59 68.65
N GLU J 62 7.31 -21.27 68.42
CA GLU J 62 8.50 -20.44 68.29
C GLU J 62 9.40 -20.93 67.15
N SER J 63 8.79 -21.12 65.98
CA SER J 63 9.52 -21.53 64.79
C SER J 63 10.67 -20.59 64.42
N ALA J 64 10.68 -19.37 64.95
CA ALA J 64 11.64 -18.38 64.48
C ALA J 64 12.98 -18.49 65.20
N THR J 65 12.98 -18.95 66.44
CA THR J 65 14.17 -18.98 67.28
C THR J 65 14.79 -20.37 67.38
N LEU J 66 14.16 -21.37 66.79
CA LEU J 66 14.72 -22.72 66.77
C LEU J 66 15.72 -22.86 65.64
N THR J 67 16.81 -23.59 65.92
CA THR J 67 17.74 -23.93 64.86
C THR J 67 17.08 -24.90 63.87
N HIS J 68 17.70 -25.06 62.70
CA HIS J 68 17.10 -25.92 61.68
C HIS J 68 17.04 -27.37 62.12
N GLU J 69 18.04 -27.85 62.86
CA GLU J 69 17.98 -29.20 63.38
C GLU J 69 17.20 -29.30 64.68
N GLU J 70 17.05 -28.21 65.43
CA GLU J 70 16.13 -28.22 66.58
C GLU J 70 14.70 -28.31 66.09
N HIS J 71 14.38 -27.57 65.02
CA HIS J 71 13.11 -27.71 64.31
C HIS J 71 12.83 -29.16 63.98
N ARG J 72 13.84 -29.89 63.49
CA ARG J 72 13.65 -31.26 63.06
C ARG J 72 13.49 -32.23 64.23
N THR J 73 14.16 -31.98 65.36
CA THR J 73 14.04 -32.91 66.49
C THR J 73 12.62 -32.90 67.07
N CYS J 74 11.91 -31.77 66.98
CA CYS J 74 10.58 -31.72 67.55
C CYS J 74 9.50 -32.18 66.57
N ILE J 75 9.84 -32.31 65.29
CA ILE J 75 8.98 -33.07 64.38
C ILE J 75 9.14 -34.56 64.66
N GLU J 76 10.37 -35.01 64.93
CA GLU J 76 10.61 -36.42 65.20
C GLU J 76 9.97 -36.85 66.51
N ILE J 77 10.10 -36.04 67.56
CA ILE J 77 9.46 -36.36 68.84
C ILE J 77 7.95 -36.45 68.67
N ALA J 78 7.38 -35.55 67.87
CA ALA J 78 5.94 -35.59 67.63
C ALA J 78 5.55 -36.88 66.94
N VAL J 79 6.33 -37.32 65.95
CA VAL J 79 5.99 -38.52 65.23
C VAL J 79 5.98 -39.73 66.14
N GLU J 80 7.00 -39.86 67.02
CA GLU J 80 6.97 -41.06 67.85
C GLU J 80 5.95 -40.96 68.99
N THR J 81 5.69 -39.77 69.50
CA THR J 81 4.73 -39.72 70.60
C THR J 81 3.32 -40.10 70.14
N CYS J 82 3.04 -40.03 68.84
CA CYS J 82 1.75 -40.42 68.30
C CYS J 82 1.79 -41.75 67.56
N LYS J 83 2.83 -42.55 67.76
CA LYS J 83 2.86 -43.90 67.19
C LYS J 83 2.00 -44.84 68.02
N GLY J 84 1.13 -45.59 67.35
CA GLY J 84 0.17 -46.45 68.01
C GLY J 84 -1.13 -45.77 68.37
N THR J 85 -1.35 -44.53 67.93
CA THR J 85 -2.60 -43.80 68.15
C THR J 85 -3.16 -43.36 66.81
N LYS J 86 -4.38 -42.83 66.86
CA LYS J 86 -4.99 -42.21 65.69
C LYS J 86 -4.48 -40.80 65.42
N VAL J 87 -3.76 -40.20 66.37
CA VAL J 87 -3.38 -38.80 66.25
C VAL J 87 -2.32 -38.64 65.17
N LYS J 88 -2.58 -37.76 64.22
CA LYS J 88 -1.65 -37.49 63.13
C LYS J 88 -0.70 -36.36 63.52
N VAL J 89 0.38 -36.24 62.77
CA VAL J 89 1.37 -35.19 62.98
C VAL J 89 1.38 -34.32 61.73
N LEU J 90 0.91 -33.08 61.86
CA LEU J 90 0.95 -32.09 60.80
C LEU J 90 2.10 -31.14 61.13
N ALA J 91 3.27 -31.43 60.58
CA ALA J 91 4.49 -30.75 60.98
C ALA J 91 4.57 -29.35 60.39
N GLY J 92 4.97 -28.39 61.22
CA GLY J 92 5.22 -27.04 60.73
C GLY J 92 6.46 -27.02 59.87
N ALA J 93 6.31 -26.60 58.60
CA ALA J 93 7.45 -26.61 57.68
C ALA J 93 7.54 -25.33 56.86
N GLY J 94 6.98 -24.23 57.34
CA GLY J 94 7.00 -22.99 56.58
C GLY J 94 8.28 -22.20 56.77
N SER J 95 8.58 -21.37 55.78
CA SER J 95 9.71 -20.45 55.83
C SER J 95 9.53 -19.41 54.74
N ASN J 96 10.20 -18.27 54.92
CA ASN J 96 10.16 -17.20 53.93
C ASN J 96 11.09 -17.44 52.76
N ALA J 97 11.89 -18.51 52.79
CA ALA J 97 12.73 -18.91 51.68
C ALA J 97 12.23 -20.25 51.16
N THR J 98 11.92 -20.31 49.87
CA THR J 98 11.31 -21.51 49.30
C THR J 98 12.25 -22.71 49.41
N HIS J 99 13.55 -22.50 49.18
CA HIS J 99 14.50 -23.59 49.32
C HIS J 99 14.59 -24.05 50.77
N GLU J 100 14.34 -23.15 51.73
CA GLU J 100 14.29 -23.55 53.13
C GLU J 100 12.98 -24.28 53.44
N ALA J 101 11.88 -23.84 52.84
CA ALA J 101 10.60 -24.50 53.05
C ALA J 101 10.57 -25.86 52.38
N VAL J 102 11.23 -25.99 51.23
CA VAL J 102 11.32 -27.28 50.56
C VAL J 102 12.13 -28.26 51.40
N GLY J 103 13.18 -27.78 52.06
CA GLY J 103 13.97 -28.66 52.91
C GLY J 103 13.18 -29.24 54.07
N LEU J 104 12.43 -28.40 54.77
CA LEU J 104 11.63 -28.87 55.91
C LEU J 104 10.51 -29.80 55.45
N ALA J 105 9.93 -29.52 54.29
CA ALA J 105 8.87 -30.40 53.77
C ALA J 105 9.42 -31.78 53.44
N LYS J 106 10.62 -31.84 52.85
CA LYS J 106 11.24 -33.11 52.51
C LYS J 106 11.67 -33.87 53.76
N PHE J 107 12.06 -33.16 54.81
CA PHE J 107 12.37 -33.83 56.08
C PHE J 107 11.12 -34.44 56.70
N ALA J 108 9.98 -33.75 56.61
CA ALA J 108 8.77 -34.23 57.27
C ALA J 108 8.26 -35.53 56.65
N LYS J 109 8.26 -35.62 55.32
CA LYS J 109 7.84 -36.86 54.67
C LYS J 109 8.78 -38.00 55.01
N GLU J 110 10.09 -37.77 54.88
CA GLU J 110 11.09 -38.81 55.08
C GLU J 110 11.17 -39.30 56.52
N HIS J 111 10.52 -38.62 57.47
CA HIS J 111 10.61 -39.01 58.87
C HIS J 111 9.25 -39.35 59.47
N GLY J 112 8.25 -39.60 58.64
CA GLY J 112 7.00 -40.20 59.09
C GLY J 112 5.88 -39.23 59.41
N ALA J 113 5.98 -37.96 59.03
CA ALA J 113 4.90 -37.03 59.28
C ALA J 113 3.73 -37.30 58.33
N ASP J 114 2.51 -37.07 58.83
CA ASP J 114 1.31 -37.28 58.03
C ASP J 114 1.00 -36.10 57.11
N GLY J 115 1.59 -34.95 57.36
CA GLY J 115 1.37 -33.78 56.51
C GLY J 115 2.22 -32.63 57.01
N ILE J 116 2.09 -31.50 56.33
CA ILE J 116 2.87 -30.31 56.68
C ILE J 116 1.96 -29.10 56.72
N LEU J 117 2.22 -28.22 57.69
CA LEU J 117 1.71 -26.86 57.69
C LEU J 117 2.80 -25.94 57.15
N SER J 118 2.41 -25.00 56.29
CA SER J 118 3.37 -24.11 55.63
C SER J 118 2.87 -22.69 55.70
N VAL J 119 3.56 -21.85 56.48
CA VAL J 119 3.17 -20.46 56.65
C VAL J 119 3.55 -19.68 55.39
N ALA J 120 2.74 -18.66 55.08
CA ALA J 120 3.08 -17.78 53.98
C ALA J 120 4.42 -17.09 54.27
N PRO J 121 5.29 -16.94 53.27
CA PRO J 121 6.57 -16.27 53.51
C PRO J 121 6.40 -14.91 54.15
N TYR J 122 7.11 -14.70 55.26
CA TYR J 122 7.05 -13.49 56.05
C TYR J 122 8.18 -12.54 55.67
N TYR J 123 7.98 -11.27 55.99
CA TYR J 123 9.00 -10.22 55.89
C TYR J 123 9.28 -9.85 54.43
N ASN J 124 9.55 -10.83 53.57
CA ASN J 124 9.95 -10.51 52.20
C ASN J 124 8.76 -10.22 51.28
N LYS J 125 7.53 -10.36 51.76
CA LYS J 125 6.31 -9.94 51.07
C LYS J 125 6.28 -10.36 49.62
N PRO J 126 6.09 -11.65 49.31
CA PRO J 126 6.02 -12.07 47.90
C PRO J 126 4.69 -11.70 47.27
N THR J 127 4.72 -11.58 45.94
CA THR J 127 3.50 -11.34 45.19
C THR J 127 2.63 -12.60 45.12
N GLN J 128 1.41 -12.44 44.62
CA GLN J 128 0.51 -13.58 44.47
C GLN J 128 1.11 -14.63 43.54
N GLN J 129 1.77 -14.18 42.46
CA GLN J 129 2.45 -15.12 41.58
C GLN J 129 3.61 -15.81 42.32
N GLY J 130 4.32 -15.08 43.16
CA GLY J 130 5.39 -15.69 43.92
C GLY J 130 4.89 -16.68 44.96
N LEU J 131 3.79 -16.34 45.64
CA LEU J 131 3.21 -17.26 46.62
C LEU J 131 2.76 -18.55 45.94
N TYR J 132 2.19 -18.43 44.74
CA TYR J 132 1.79 -19.61 43.98
C TYR J 132 3.00 -20.51 43.69
N GLU J 133 4.05 -19.94 43.17
CA GLU J 133 5.24 -20.69 42.86
C GLU J 133 5.93 -21.26 44.04
N HIS J 134 5.81 -20.60 45.17
CA HIS J 134 6.45 -21.04 46.38
C HIS J 134 5.77 -22.27 46.92
N TYR J 135 4.49 -22.23 46.97
CA TYR J 135 3.74 -23.33 47.46
C TYR J 135 3.68 -24.44 46.45
N LYS J 136 3.87 -24.14 45.19
CA LYS J 136 3.81 -25.20 44.17
C LYS J 136 5.11 -25.93 44.22
N ALA J 137 6.15 -25.21 44.57
CA ALA J 137 7.46 -25.86 44.59
C ALA J 137 7.55 -26.81 45.79
N ILE J 138 6.96 -26.42 46.92
CA ILE J 138 6.90 -27.28 48.09
C ILE J 138 5.99 -28.47 47.84
N ALA J 139 4.84 -28.26 47.19
CA ALA J 139 3.87 -29.34 47.04
C ALA J 139 4.43 -30.47 46.16
N GLN J 140 5.23 -30.12 45.15
CA GLN J 140 5.82 -31.14 44.29
C GLN J 140 7.02 -31.84 44.89
N SER J 141 7.56 -31.34 46.01
CA SER J 141 8.69 -32.02 46.61
C SER J 141 8.27 -33.29 47.34
N VAL J 142 7.03 -33.33 47.80
CA VAL J 142 6.55 -34.43 48.64
C VAL J 142 5.21 -34.91 48.09
N ASP J 143 4.75 -36.04 48.65
CA ASP J 143 3.46 -36.61 48.30
C ASP J 143 2.52 -36.70 49.49
N ILE J 144 2.74 -35.86 50.51
CA ILE J 144 1.89 -35.82 51.69
C ILE J 144 1.05 -34.56 51.65
N PRO J 145 -0.08 -34.50 52.36
CA PRO J 145 -0.95 -33.31 52.30
C PRO J 145 -0.23 -32.04 52.73
N VAL J 146 -0.62 -30.93 52.08
CA VAL J 146 -0.05 -29.61 52.36
C VAL J 146 -1.20 -28.68 52.70
N LEU J 147 -1.13 -28.06 53.88
CA LEU J 147 -2.13 -27.11 54.34
C LEU J 147 -1.51 -25.72 54.36
N LEU J 148 -2.07 -24.80 53.59
CA LEU J 148 -1.58 -23.43 53.60
C LEU J 148 -1.88 -22.78 54.94
N TYR J 149 -1.16 -21.68 55.21
CA TYR J 149 -1.27 -20.99 56.49
C TYR J 149 -1.11 -19.50 56.22
N ASN J 150 -2.19 -18.74 56.37
CA ASN J 150 -2.21 -17.32 56.08
C ASN J 150 -2.49 -16.53 57.35
N VAL J 151 -1.51 -15.75 57.79
CA VAL J 151 -1.68 -14.88 58.95
C VAL J 151 -1.01 -13.55 58.62
N PRO J 152 -1.72 -12.63 57.95
CA PRO J 152 -1.06 -11.40 57.49
C PRO J 152 -0.60 -10.50 58.62
N GLY J 153 -1.22 -10.58 59.80
CA GLY J 153 -0.78 -9.78 60.93
C GLY J 153 0.65 -10.08 61.36
N ARG J 154 1.17 -11.25 61.01
CA ARG J 154 2.53 -11.65 61.35
C ARG J 154 3.48 -11.65 60.16
N THR J 155 2.97 -11.92 58.96
CA THR J 155 3.82 -12.05 57.78
C THR J 155 3.96 -10.77 56.96
N GLY J 156 2.96 -9.89 56.99
CA GLY J 156 3.01 -8.75 56.10
C GLY J 156 2.52 -9.05 54.70
N CYS J 157 2.00 -10.26 54.48
CA CYS J 157 1.51 -10.70 53.18
C CYS J 157 0.16 -11.40 53.35
N GLU J 158 -0.61 -11.41 52.29
CA GLU J 158 -1.90 -12.09 52.27
C GLU J 158 -1.98 -13.02 51.08
N ILE J 159 -2.36 -14.27 51.31
CA ILE J 159 -2.67 -15.20 50.23
C ILE J 159 -4.11 -14.95 49.81
N SER J 160 -4.31 -14.32 48.65
CA SER J 160 -5.64 -14.02 48.15
C SER J 160 -6.47 -15.30 48.01
N THR J 161 -7.79 -15.12 48.06
CA THR J 161 -8.70 -16.24 47.83
C THR J 161 -8.43 -16.92 46.49
N ASP J 162 -8.14 -16.12 45.46
CA ASP J 162 -7.87 -16.70 44.14
C ASP J 162 -6.63 -17.57 44.16
N THR J 163 -5.59 -17.14 44.88
CA THR J 163 -4.35 -17.93 44.95
C THR J 163 -4.56 -19.23 45.72
N ILE J 164 -5.33 -19.18 46.81
CA ILE J 164 -5.62 -20.39 47.57
C ILE J 164 -6.36 -21.41 46.72
N ILE J 165 -7.41 -20.97 46.02
CA ILE J 165 -8.23 -21.88 45.22
C ILE J 165 -7.44 -22.47 44.06
N LYS J 166 -6.59 -21.66 43.40
CA LYS J 166 -5.74 -22.19 42.33
C LYS J 166 -4.78 -23.26 42.84
N LEU J 167 -4.16 -23.02 43.99
CA LEU J 167 -3.24 -24.02 44.53
C LEU J 167 -3.98 -25.29 44.90
N PHE J 168 -5.23 -25.15 45.37
CA PHE J 168 -6.05 -26.32 45.68
C PHE J 168 -6.33 -27.13 44.43
N ARG J 169 -6.58 -26.46 43.30
CA ARG J 169 -6.95 -27.14 42.06
C ARG J 169 -5.76 -27.59 41.22
N ASP J 170 -4.58 -26.97 41.39
CA ASP J 170 -3.45 -27.25 40.53
C ASP J 170 -2.43 -28.22 41.12
N CYS J 171 -2.41 -28.38 42.45
CA CYS J 171 -1.49 -29.28 43.12
C CYS J 171 -2.30 -30.24 43.98
N GLU J 172 -2.00 -31.53 43.87
CA GLU J 172 -2.92 -32.55 44.36
C GLU J 172 -2.87 -32.74 45.88
N ASN J 173 -1.77 -32.38 46.53
CA ASN J 173 -1.68 -32.53 47.98
C ASN J 173 -2.04 -31.26 48.75
N ILE J 174 -2.29 -30.14 48.06
CA ILE J 174 -2.77 -28.94 48.73
C ILE J 174 -4.28 -29.07 48.91
N TYR J 175 -4.73 -29.16 50.16
CA TYR J 175 -6.12 -29.51 50.45
C TYR J 175 -6.88 -28.47 51.25
N GLY J 176 -6.24 -27.38 51.67
CA GLY J 176 -6.95 -26.36 52.41
C GLY J 176 -6.00 -25.27 52.89
N VAL J 177 -6.47 -24.51 53.87
CA VAL J 177 -5.69 -23.40 54.41
C VAL J 177 -6.01 -23.16 55.88
N KPI J 178 -4.96 -23.01 56.68
CA KPI J 178 -5.09 -22.55 58.04
CB KPI J 178 -3.97 -23.00 58.99
CG KPI J 178 -3.86 -22.12 60.21
CD KPI J 178 -2.97 -22.74 61.28
CE KPI J 178 -2.54 -21.66 62.26
NZ KPI J 178 -1.93 -22.09 63.50
CX1 KPI J 178 -1.35 -21.29 64.32
C1 KPI J 178 -1.94 -20.47 65.42
CX2 KPI J 178 0.09 -21.59 64.65
O1 KPI J 178 0.79 -22.19 63.66
O2 KPI J 178 0.68 -21.34 65.71
C KPI J 178 -5.11 -21.04 57.97
O KPI J 178 -4.17 -20.37 57.56
N GLU J 179 -6.24 -20.47 58.38
CA GLU J 179 -6.40 -19.03 58.25
C GLU J 179 -5.64 -18.31 59.36
N ALA J 180 -6.38 -17.42 60.05
CA ALA J 180 -6.01 -16.60 61.20
C ALA J 180 -5.91 -15.15 60.76
N SER J 181 -6.96 -14.67 60.10
CA SER J 181 -7.03 -13.32 59.57
C SER J 181 -8.07 -12.47 60.29
N GLY J 182 -8.97 -13.10 61.05
CA GLY J 182 -10.11 -12.41 61.62
C GLY J 182 -11.03 -11.81 60.57
N ASN J 183 -11.22 -12.52 59.45
CA ASN J 183 -12.01 -12.03 58.32
C ASN J 183 -12.99 -13.15 57.92
N ILE J 184 -14.16 -13.16 58.56
CA ILE J 184 -15.15 -14.17 58.23
C ILE J 184 -15.66 -13.98 56.82
N ASP J 185 -15.57 -12.77 56.27
CA ASP J 185 -15.91 -12.54 54.88
C ASP J 185 -15.02 -13.37 53.96
N LYS J 186 -13.71 -13.41 54.23
CA LYS J 186 -12.82 -14.23 53.40
C LYS J 186 -13.13 -15.70 53.53
N CYS J 187 -13.69 -16.12 54.67
CA CYS J 187 -14.00 -17.53 54.86
C CYS J 187 -15.33 -17.91 54.23
N VAL J 188 -16.23 -16.94 54.02
CA VAL J 188 -17.38 -17.16 53.16
C VAL J 188 -16.94 -17.20 51.70
N ASP J 189 -16.05 -16.30 51.31
CA ASP J 189 -15.51 -16.29 49.95
C ASP J 189 -14.87 -17.63 49.61
N LEU J 190 -14.05 -18.16 50.52
CA LEU J 190 -13.30 -19.38 50.24
C LEU J 190 -14.23 -20.57 49.99
N LEU J 191 -15.16 -20.82 50.92
CA LEU J 191 -15.99 -22.02 50.85
C LEU J 191 -17.20 -21.86 49.93
N ALA J 192 -17.56 -20.64 49.55
CA ALA J 192 -18.64 -20.48 48.57
C ALA J 192 -18.16 -20.74 47.15
N HIS J 193 -16.90 -20.42 46.86
CA HIS J 193 -16.34 -20.62 45.53
C HIS J 193 -15.57 -21.92 45.39
N GLU J 194 -15.09 -22.50 46.49
CA GLU J 194 -14.39 -23.78 46.46
C GLU J 194 -14.80 -24.59 47.68
N PRO J 195 -15.97 -25.25 47.61
CA PRO J 195 -16.48 -25.97 48.79
C PRO J 195 -15.76 -27.28 49.08
N ARG J 196 -14.87 -27.74 48.20
CA ARG J 196 -14.13 -28.96 48.45
C ARG J 196 -12.87 -28.73 49.27
N MET J 197 -12.64 -27.49 49.68
CA MET J 197 -11.45 -27.11 50.44
C MET J 197 -11.70 -27.28 51.94
N MET J 198 -10.64 -27.60 52.67
CA MET J 198 -10.70 -27.78 54.12
C MET J 198 -10.24 -26.48 54.79
N LEU J 199 -11.21 -25.70 55.26
CA LEU J 199 -10.92 -24.46 55.95
C LEU J 199 -10.65 -24.76 57.42
N ILE J 200 -9.47 -24.39 57.90
CA ILE J 200 -9.03 -24.69 59.26
C ILE J 200 -8.89 -23.39 60.03
N SER J 201 -9.46 -23.36 61.23
CA SER J 201 -9.38 -22.17 62.08
C SER J 201 -7.99 -22.06 62.69
N GLY J 202 -7.40 -20.89 62.56
CA GLY J 202 -6.14 -20.59 63.22
C GLY J 202 -6.29 -19.46 64.23
N GLU J 203 -7.51 -19.26 64.72
CA GLU J 203 -7.81 -18.14 65.60
C GLU J 203 -8.90 -18.60 66.56
N ASP J 204 -8.52 -18.82 67.83
CA ASP J 204 -9.36 -19.55 68.77
C ASP J 204 -10.66 -18.84 69.08
N ALA J 205 -10.67 -17.51 69.09
CA ALA J 205 -11.88 -16.78 69.49
C ALA J 205 -13.04 -17.02 68.55
N ILE J 206 -12.75 -17.31 67.27
CA ILE J 206 -13.79 -17.45 66.26
C ILE J 206 -13.80 -18.89 65.74
N ASN J 207 -13.45 -19.84 66.60
CA ASN J 207 -13.43 -21.24 66.20
C ASN J 207 -14.80 -21.69 65.70
N TYR J 208 -15.84 -21.49 66.50
CA TYR J 208 -17.17 -21.95 66.12
C TYR J 208 -17.72 -21.25 64.88
N PRO J 209 -17.65 -19.92 64.74
CA PRO J 209 -18.17 -19.30 63.51
C PRO J 209 -17.52 -19.83 62.24
N ILE J 210 -16.22 -20.15 62.29
CA ILE J 210 -15.54 -20.69 61.12
C ILE J 210 -16.02 -22.11 60.85
N LEU J 211 -16.20 -22.91 61.91
CA LEU J 211 -16.73 -24.26 61.74
C LEU J 211 -18.17 -24.23 61.25
N SER J 212 -18.96 -23.26 61.70
CA SER J 212 -20.36 -23.16 61.31
C SER J 212 -20.53 -22.88 59.82
N ASN J 213 -19.51 -22.35 59.15
CA ASN J 213 -19.60 -22.05 57.72
C ASN J 213 -18.99 -23.14 56.85
N GLY J 214 -18.65 -24.29 57.43
CA GLY J 214 -18.09 -25.39 56.68
C GLY J 214 -16.64 -25.71 57.00
N GLY J 215 -16.01 -24.98 57.91
CA GLY J 215 -14.69 -25.37 58.36
C GLY J 215 -14.71 -26.76 58.98
N LYS J 216 -13.59 -27.47 58.81
CA LYS J 216 -13.53 -28.87 59.21
C LYS J 216 -12.47 -29.12 60.28
N GLY J 217 -12.03 -28.08 60.97
CA GLY J 217 -11.10 -28.28 62.06
C GLY J 217 -10.52 -26.95 62.52
N VAL J 218 -9.75 -27.04 63.60
CA VAL J 218 -9.07 -25.90 64.19
C VAL J 218 -7.62 -26.27 64.47
N ILE J 219 -6.74 -25.29 64.36
CA ILE J 219 -5.37 -25.39 64.85
C ILE J 219 -5.26 -24.38 66.00
N SER J 220 -5.29 -24.87 67.22
CA SER J 220 -5.63 -24.08 68.40
C SER J 220 -4.40 -23.75 69.23
N VAL J 221 -4.48 -22.60 69.90
CA VAL J 221 -3.55 -22.24 70.95
C VAL J 221 -4.08 -22.62 72.32
N THR J 222 -5.39 -22.39 72.53
CA THR J 222 -6.03 -22.72 73.80
C THR J 222 -5.93 -24.22 74.11
N SER J 223 -5.89 -25.07 73.07
CA SER J 223 -5.83 -26.50 73.29
C SER J 223 -4.58 -26.94 74.02
N ASN J 224 -3.53 -26.11 74.02
CA ASN J 224 -2.36 -26.40 74.85
C ASN J 224 -2.74 -26.50 76.32
N LEU J 225 -3.61 -25.60 76.78
CA LEU J 225 -4.02 -25.56 78.19
C LEU J 225 -5.31 -26.33 78.43
N LEU J 226 -6.30 -26.19 77.54
CA LEU J 226 -7.60 -26.83 77.69
C LEU J 226 -7.85 -27.70 76.45
N PRO J 227 -7.13 -28.82 76.32
CA PRO J 227 -7.32 -29.66 75.13
C PRO J 227 -8.67 -30.34 75.07
N ASP J 228 -9.23 -30.73 76.23
CA ASP J 228 -10.51 -31.42 76.24
C ASP J 228 -11.63 -30.52 75.75
N MET J 229 -11.61 -29.25 76.15
CA MET J 229 -12.67 -28.32 75.75
C MET J 229 -12.60 -28.01 74.26
N ILE J 230 -11.40 -27.77 73.73
CA ILE J 230 -11.26 -27.45 72.31
C ILE J 230 -11.64 -28.64 71.45
N SER J 231 -11.26 -29.85 71.87
CA SER J 231 -11.64 -31.04 71.12
C SER J 231 -13.14 -31.28 71.16
N ALA J 232 -13.76 -31.03 72.32
CA ALA J 232 -15.22 -31.16 72.42
C ALA J 232 -15.93 -30.15 71.52
N LEU J 233 -15.43 -28.93 71.46
CA LEU J 233 -16.04 -27.90 70.62
C LEU J 233 -16.06 -28.33 69.15
N THR J 234 -14.90 -28.75 68.64
CA THR J 234 -14.81 -29.12 67.23
C THR J 234 -15.69 -30.32 66.89
N HIS J 235 -15.71 -31.33 67.76
CA HIS J 235 -16.44 -32.56 67.46
C HIS J 235 -17.94 -32.33 67.50
N PHE J 236 -18.41 -31.49 68.44
CA PHE J 236 -19.81 -31.07 68.41
C PHE J 236 -20.15 -30.42 67.08
N ALA J 237 -19.28 -29.53 66.59
CA ALA J 237 -19.54 -28.83 65.33
C ALA J 237 -19.50 -29.77 64.13
N LEU J 238 -18.55 -30.71 64.11
CA LEU J 238 -18.45 -31.61 62.97
C LEU J 238 -19.64 -32.55 62.88
N ASP J 239 -20.26 -32.89 64.00
CA ASP J 239 -21.51 -33.64 64.02
C ASP J 239 -22.72 -32.74 63.90
N GLU J 240 -22.52 -31.48 63.51
CA GLU J 240 -23.61 -30.51 63.29
C GLU J 240 -24.42 -30.28 64.56
N ASN J 241 -23.79 -30.42 65.72
CA ASN J 241 -24.40 -30.04 66.99
C ASN J 241 -23.90 -28.65 67.33
N TYR J 242 -24.56 -27.65 66.72
CA TYR J 242 -24.09 -26.28 66.78
C TYR J 242 -24.42 -25.58 68.09
N LYS J 243 -25.36 -26.12 68.87
CA LYS J 243 -25.73 -25.47 70.12
C LYS J 243 -24.76 -25.78 71.24
N GLU J 244 -24.16 -26.97 71.22
CA GLU J 244 -23.10 -27.29 72.19
C GLU J 244 -21.76 -26.74 71.74
N ALA J 245 -21.51 -26.67 70.44
CA ALA J 245 -20.29 -26.06 69.95
C ALA J 245 -20.23 -24.57 70.30
N LYS J 246 -21.34 -23.88 70.15
CA LYS J 246 -21.43 -22.45 70.44
C LYS J 246 -21.25 -22.18 71.91
N LYS J 247 -21.78 -23.07 72.71
CA LYS J 247 -21.71 -23.01 74.16
C LYS J 247 -20.29 -23.00 74.63
N ILE J 248 -19.49 -23.91 74.11
CA ILE J 248 -18.09 -24.02 74.51
C ILE J 248 -17.30 -22.80 74.02
N ASN J 249 -17.58 -22.32 72.81
CA ASN J 249 -16.89 -21.13 72.33
C ASN J 249 -17.27 -19.90 73.14
N ASP J 250 -18.52 -19.82 73.60
CA ASP J 250 -18.91 -18.73 74.48
C ASP J 250 -18.26 -18.89 75.85
N GLU J 251 -18.12 -20.14 76.31
CA GLU J 251 -17.45 -20.41 77.57
C GLU J 251 -15.98 -20.03 77.51
N LEU J 252 -15.35 -20.24 76.35
CA LEU J 252 -13.91 -20.07 76.18
C LEU J 252 -13.49 -18.68 75.74
N TYR J 253 -14.42 -17.75 75.52
CA TYR J 253 -14.05 -16.47 74.93
C TYR J 253 -13.05 -15.71 75.80
N ASN J 254 -13.26 -15.69 77.11
CA ASN J 254 -12.42 -14.88 77.99
C ASN J 254 -10.96 -15.34 77.95
N ILE J 255 -10.74 -16.66 78.02
CA ILE J 255 -9.37 -17.17 77.93
C ILE J 255 -8.83 -17.04 76.51
N ASN J 256 -9.71 -17.17 75.51
CA ASN J 256 -9.25 -17.10 74.12
C ASN J 256 -8.66 -15.74 73.81
N LYS J 257 -9.20 -14.67 74.41
CA LYS J 257 -8.70 -13.33 74.15
C LYS J 257 -7.55 -12.95 75.07
N ILE J 258 -7.55 -13.42 76.31
CA ILE J 258 -6.45 -13.12 77.22
C ILE J 258 -5.18 -13.88 76.84
N LEU J 259 -5.32 -14.95 76.04
CA LEU J 259 -4.15 -15.63 75.50
C LEU J 259 -3.51 -14.84 74.37
N PHE J 260 -4.03 -13.65 74.08
CA PHE J 260 -3.44 -12.74 73.10
C PHE J 260 -3.33 -11.32 73.65
N CYS J 261 -3.48 -11.13 74.97
CA CYS J 261 -3.18 -9.83 75.57
C CYS J 261 -1.77 -9.38 75.25
N GLU J 262 -0.84 -10.32 75.12
CA GLU J 262 0.47 -10.11 74.54
C GLU J 262 0.63 -11.08 73.38
N SER J 263 1.76 -10.98 72.67
CA SER J 263 1.95 -11.75 71.46
C SER J 263 2.07 -13.24 71.76
N ASN J 264 1.28 -14.04 71.06
CA ASN J 264 1.43 -15.48 71.13
C ASN J 264 2.84 -15.87 70.69
N PRO J 265 3.49 -16.83 71.39
CA PRO J 265 2.98 -17.66 72.48
C PRO J 265 3.40 -17.23 73.88
N ILE J 266 3.53 -15.93 74.13
CA ILE J 266 3.93 -15.45 75.46
C ILE J 266 2.81 -15.72 76.47
N PRO J 267 1.54 -15.39 76.20
CA PRO J 267 0.51 -15.68 77.22
C PRO J 267 0.26 -17.16 77.43
N ILE J 268 0.27 -17.98 76.38
CA ILE J 268 -0.07 -19.39 76.55
C ILE J 268 1.02 -20.11 77.34
N LYS J 269 2.29 -19.76 77.10
CA LYS J 269 3.36 -20.35 77.89
C LYS J 269 3.29 -19.88 79.34
N THR J 270 2.83 -18.66 79.57
CA THR J 270 2.59 -18.20 80.94
C THR J 270 1.52 -19.04 81.61
N ALA J 271 0.42 -19.32 80.89
CA ALA J 271 -0.64 -20.14 81.45
C ALA J 271 -0.17 -21.55 81.75
N MET J 272 0.63 -22.15 80.85
CA MET J 272 1.15 -23.49 81.10
C MET J 272 2.07 -23.51 82.31
N TYR J 273 2.86 -22.45 82.50
CA TYR J 273 3.72 -22.36 83.68
C TYR J 273 2.89 -22.17 84.94
N LEU J 274 1.86 -21.31 84.87
CA LEU J 274 1.00 -21.10 86.03
C LEU J 274 0.24 -22.38 86.39
N ALA J 275 -0.10 -23.20 85.40
CA ALA J 275 -0.77 -24.45 85.63
C ALA J 275 0.18 -25.58 86.02
N GLY J 276 1.48 -25.30 86.10
CA GLY J 276 2.45 -26.32 86.45
C GLY J 276 2.68 -27.37 85.40
N LEU J 277 2.33 -27.09 84.14
CA LEU J 277 2.53 -28.05 83.07
C LEU J 277 3.90 -27.93 82.43
N ILE J 278 4.57 -26.81 82.66
CA ILE J 278 5.97 -26.67 82.29
C ILE J 278 6.73 -26.10 83.49
N GLU J 279 8.02 -26.40 83.54
CA GLU J 279 8.91 -26.02 84.63
C GLU J 279 9.36 -24.57 84.61
N SER J 280 9.63 -24.00 83.46
CA SER J 280 10.23 -22.68 83.46
C SER J 280 9.49 -21.81 82.46
N LEU J 281 9.23 -20.57 82.87
CA LEU J 281 8.67 -19.57 81.96
C LEU J 281 9.83 -19.05 81.11
N GLU J 282 10.29 -19.91 80.23
CA GLU J 282 11.47 -19.67 79.40
C GLU J 282 11.04 -19.45 77.97
N PHE J 283 11.53 -18.39 77.37
CA PHE J 283 11.41 -18.12 75.95
C PHE J 283 12.80 -17.98 75.36
N ARG J 284 12.86 -17.82 74.05
CA ARG J 284 14.08 -17.42 73.37
C ARG J 284 13.87 -16.02 72.83
N LEU J 285 14.83 -15.12 73.10
CA LEU J 285 14.74 -13.74 72.66
C LEU J 285 14.52 -13.71 71.15
N PRO J 286 13.79 -12.72 70.62
CA PRO J 286 13.25 -11.53 71.30
C PRO J 286 11.97 -11.77 72.11
N LEU J 287 11.59 -13.02 72.32
CA LEU J 287 10.44 -13.32 73.17
C LEU J 287 10.87 -13.35 74.64
N CYS J 288 10.01 -12.78 75.49
CA CYS J 288 10.31 -12.65 76.91
C CYS J 288 9.04 -12.89 77.71
N SER J 289 9.20 -12.97 79.03
CA SER J 289 8.05 -13.10 79.90
C SER J 289 7.23 -11.81 79.91
N PRO J 290 5.93 -11.90 80.14
CA PRO J 290 5.09 -10.71 80.03
C PRO J 290 5.28 -9.76 81.22
N SER J 291 4.70 -8.58 81.07
CA SER J 291 4.59 -7.67 82.20
C SER J 291 3.77 -8.32 83.32
N LYS J 292 3.94 -7.78 84.54
CA LYS J 292 3.23 -8.36 85.68
C LYS J 292 1.74 -8.04 85.66
N GLU J 293 1.33 -6.97 85.00
CA GLU J 293 -0.10 -6.75 84.87
C GLU J 293 -0.73 -7.85 84.04
N ASN J 294 -0.22 -8.09 82.84
CA ASN J 294 -0.74 -9.17 82.01
C ASN J 294 -0.52 -10.54 82.65
N PHE J 295 0.59 -10.72 83.37
CA PHE J 295 0.80 -11.94 84.14
C PHE J 295 -0.34 -12.14 85.14
N ALA J 296 -0.72 -11.09 85.86
CA ALA J 296 -1.80 -11.20 86.83
C ALA J 296 -3.13 -11.42 86.14
N LYS J 297 -3.33 -10.85 84.95
CA LYS J 297 -4.61 -11.00 84.27
C LYS J 297 -4.77 -12.38 83.65
N ILE J 298 -3.66 -13.01 83.24
CA ILE J 298 -3.73 -14.39 82.77
C ILE J 298 -4.09 -15.32 83.93
N GLU J 299 -3.43 -15.15 85.07
CA GLU J 299 -3.71 -15.97 86.24
C GLU J 299 -5.16 -15.84 86.68
N GLU J 300 -5.75 -14.65 86.50
CA GLU J 300 -7.11 -14.41 86.96
C GLU J 300 -8.15 -15.04 86.02
N VAL J 301 -7.89 -15.04 84.72
CA VAL J 301 -8.84 -15.63 83.78
C VAL J 301 -8.83 -17.15 83.88
N MET J 302 -7.69 -17.73 84.26
CA MET J 302 -7.59 -19.19 84.37
C MET J 302 -8.52 -19.75 85.44
N LYS J 303 -8.84 -18.96 86.47
CA LYS J 303 -9.59 -19.46 87.61
C LYS J 303 -10.99 -19.94 87.22
N LYS J 304 -11.49 -19.53 86.05
CA LYS J 304 -12.80 -19.94 85.57
C LYS J 304 -12.81 -21.31 84.90
N TYR J 305 -11.65 -21.80 84.48
CA TYR J 305 -11.60 -23.03 83.70
C TYR J 305 -10.85 -24.11 84.47
N LYS J 306 -11.21 -25.35 84.16
CA LYS J 306 -10.64 -26.52 84.81
C LYS J 306 -9.60 -27.13 83.90
N ILE J 307 -8.34 -27.02 84.29
CA ILE J 307 -7.21 -27.40 83.47
C ILE J 307 -6.83 -28.83 83.81
N LYS J 308 -6.84 -29.71 82.81
CA LYS J 308 -6.49 -31.10 83.05
C LYS J 308 -4.98 -31.24 83.20
N GLY J 309 -4.58 -32.10 84.12
CA GLY J 309 -3.18 -32.39 84.37
C GLY J 309 -2.67 -33.50 83.47
N PHE J 310 -1.66 -34.22 83.97
CA PHE J 310 -1.12 -35.35 83.22
C PHE J 310 -1.82 -36.65 83.60
N LYS K 15 -17.53 6.82 19.33
CA LYS K 15 -16.89 7.54 18.23
C LYS K 15 -15.92 8.55 18.81
N ASN K 16 -14.65 8.14 18.87
CA ASN K 16 -13.64 8.89 19.60
C ASN K 16 -13.20 10.14 18.85
N ILE K 17 -13.13 11.24 19.59
CA ILE K 17 -12.89 12.57 19.05
C ILE K 17 -11.83 13.26 19.90
N ILE K 18 -11.20 14.26 19.33
CA ILE K 18 -10.30 15.17 20.06
C ILE K 18 -10.73 16.58 19.68
N ILE K 19 -11.33 17.29 20.62
CA ILE K 19 -11.89 18.62 20.33
C ILE K 19 -11.46 19.62 21.40
N GLY K 20 -12.06 20.80 21.37
CA GLY K 20 -11.74 21.86 22.29
C GLY K 20 -10.73 22.84 21.74
N ALA K 21 -10.15 23.61 22.66
CA ALA K 21 -9.16 24.62 22.30
C ALA K 21 -7.81 23.94 22.12
N MET K 22 -7.27 24.03 20.91
CA MET K 22 -6.00 23.39 20.58
C MET K 22 -5.03 24.41 20.01
N THR K 23 -3.74 24.13 20.15
CA THR K 23 -2.68 25.04 19.77
C THR K 23 -1.75 24.37 18.77
N ALA K 24 -1.53 25.04 17.64
CA ALA K 24 -0.51 24.64 16.67
C ALA K 24 0.83 25.17 17.18
N LEU K 25 1.62 24.31 17.80
CA LEU K 25 2.81 24.76 18.51
C LEU K 25 3.90 25.22 17.55
N ILE K 26 4.52 26.35 17.89
CA ILE K 26 5.72 26.78 17.19
C ILE K 26 6.88 25.87 17.59
N THR K 27 7.85 25.73 16.69
CA THR K 27 9.03 24.91 16.96
C THR K 27 10.23 25.82 17.17
N PRO K 28 10.64 26.08 18.42
CA PRO K 28 11.77 27.00 18.64
C PRO K 28 13.08 26.37 18.21
N PHE K 29 13.94 27.19 17.62
CA PHE K 29 15.25 26.70 17.21
C PHE K 29 16.30 27.36 18.09
N LYS K 30 17.37 26.65 18.41
CA LYS K 30 18.46 27.33 19.13
C LYS K 30 19.75 26.88 18.48
N ASN K 31 20.50 27.85 17.95
CA ASN K 31 21.76 27.61 17.23
C ASN K 31 21.52 26.64 16.08
N GLY K 32 20.38 26.81 15.43
CA GLY K 32 20.04 25.97 14.30
C GLY K 32 19.60 24.56 14.63
N LYS K 33 19.34 24.23 15.89
CA LYS K 33 18.80 22.94 16.27
C LYS K 33 17.50 23.14 17.05
N VAL K 34 16.80 22.03 17.29
CA VAL K 34 15.51 22.09 17.98
C VAL K 34 15.77 22.31 19.46
N ASP K 35 15.27 23.41 19.99
CA ASP K 35 15.39 23.64 21.42
C ASP K 35 14.42 22.72 22.15
N GLU K 36 14.89 21.55 22.57
CA GLU K 36 14.01 20.56 23.19
C GLU K 36 13.52 21.02 24.55
N GLN K 37 14.26 21.89 25.23
CA GLN K 37 13.85 22.35 26.55
C GLN K 37 12.98 23.61 26.47
N SER K 38 13.18 24.46 25.47
CA SER K 38 12.21 25.53 25.24
C SER K 38 10.96 25.02 24.56
N TYR K 39 11.08 23.98 23.73
CA TYR K 39 9.88 23.37 23.15
C TYR K 39 9.00 22.78 24.24
N ALA K 40 9.58 21.99 25.14
CA ALA K 40 8.78 21.37 26.18
C ALA K 40 8.25 22.40 27.16
N ARG K 41 9.04 23.42 27.47
CA ARG K 41 8.60 24.44 28.39
C ARG K 41 7.77 25.53 27.71
N LEU K 42 7.66 25.51 26.39
CA LEU K 42 6.63 26.31 25.74
C LEU K 42 5.29 25.58 25.70
N ILE K 43 5.31 24.24 25.66
CA ILE K 43 4.10 23.43 25.73
C ILE K 43 3.56 23.49 27.15
N LYS K 44 4.44 23.73 28.10
CA LYS K 44 4.16 23.69 29.52
C LYS K 44 3.42 24.96 29.94
N ARG K 45 3.55 26.02 29.14
CA ARG K 45 2.80 27.26 29.32
C ARG K 45 1.36 27.16 28.82
N GLN K 46 1.14 26.44 27.72
CA GLN K 46 -0.22 26.31 27.17
C GLN K 46 -1.10 25.45 28.06
N ILE K 47 -0.55 24.37 28.62
CA ILE K 47 -1.33 23.47 29.47
C ILE K 47 -1.97 24.23 30.63
N GLU K 48 -1.20 25.12 31.24
CA GLU K 48 -1.65 25.86 32.43
C GLU K 48 -2.58 27.02 32.11
N ASN K 49 -3.02 27.15 30.85
CA ASN K 49 -3.90 28.23 30.45
C ASN K 49 -5.18 27.71 29.79
N GLY K 50 -5.59 26.49 30.16
CA GLY K 50 -6.89 25.97 29.78
C GLY K 50 -6.97 25.33 28.41
N ILE K 51 -5.84 25.19 27.70
CA ILE K 51 -5.87 24.57 26.38
C ILE K 51 -6.11 23.07 26.52
N ASP K 52 -6.93 22.52 25.62
CA ASP K 52 -7.36 21.13 25.71
C ASP K 52 -6.46 20.16 24.95
N ALA K 53 -5.72 20.63 23.95
CA ALA K 53 -4.84 19.76 23.19
C ALA K 53 -3.78 20.62 22.51
N VAL K 54 -2.64 20.00 22.21
CA VAL K 54 -1.54 20.67 21.53
C VAL K 54 -1.25 19.92 20.25
N VAL K 55 -0.89 20.66 19.20
CA VAL K 55 -0.59 20.06 17.90
C VAL K 55 0.90 20.25 17.63
N PRO K 56 1.72 19.24 17.89
CA PRO K 56 3.15 19.36 17.59
C PRO K 56 3.41 19.20 16.10
N VAL K 57 4.37 20.00 15.60
CA VAL K 57 4.91 19.94 14.24
C VAL K 57 3.78 19.92 13.23
N GLY K 58 2.97 20.98 13.25
CA GLY K 58 2.05 21.29 12.17
C GLY K 58 2.70 22.21 11.17
N THR K 59 1.86 22.93 10.43
CA THR K 59 2.40 23.98 9.55
C THR K 59 3.07 25.07 10.36
N THR K 60 2.49 25.43 11.51
CA THR K 60 3.11 26.42 12.39
C THR K 60 4.40 25.88 13.01
N GLY K 61 4.50 24.57 13.16
CA GLY K 61 5.72 23.96 13.67
C GLY K 61 6.79 23.74 12.65
N GLU K 62 6.63 24.30 11.45
CA GLU K 62 7.59 24.14 10.36
C GLU K 62 7.78 22.67 10.02
N SER K 63 6.65 21.99 9.77
CA SER K 63 6.66 20.59 9.37
C SER K 63 7.50 20.31 8.14
N ALA K 64 7.80 21.34 7.34
CA ALA K 64 8.46 21.12 6.06
C ALA K 64 9.97 21.08 6.16
N THR K 65 10.54 21.82 7.13
CA THR K 65 11.98 21.97 7.23
C THR K 65 12.59 21.12 8.34
N LEU K 66 11.76 20.43 9.12
CA LEU K 66 12.27 19.51 10.11
C LEU K 66 12.54 18.16 9.47
N THR K 67 13.63 17.52 9.89
CA THR K 67 13.91 16.17 9.43
C THR K 67 12.87 15.19 9.98
N HIS K 68 12.85 14.00 9.39
CA HIS K 68 11.89 12.98 9.84
C HIS K 68 12.15 12.55 11.28
N GLU K 69 13.41 12.59 11.71
CA GLU K 69 13.84 12.32 13.08
C GLU K 69 13.62 13.47 14.06
N GLU K 70 13.73 14.73 13.63
CA GLU K 70 13.34 15.82 14.53
C GLU K 70 11.83 15.86 14.69
N HIS K 71 11.10 15.66 13.59
CA HIS K 71 9.64 15.51 13.65
C HIS K 71 9.21 14.50 14.70
N ARG K 72 9.92 13.37 14.80
CA ARG K 72 9.49 12.33 15.72
C ARG K 72 9.78 12.67 17.19
N THR K 73 10.93 13.29 17.47
CA THR K 73 11.25 13.60 18.87
C THR K 73 10.35 14.70 19.44
N CYS K 74 9.83 15.60 18.60
CA CYS K 74 8.97 16.64 19.15
C CYS K 74 7.54 16.17 19.30
N ILE K 75 7.19 15.03 18.72
CA ILE K 75 5.98 14.32 19.12
C ILE K 75 6.20 13.66 20.47
N GLU K 76 7.40 13.13 20.69
CA GLU K 76 7.72 12.53 21.98
C GLU K 76 7.74 13.58 23.08
N ILE K 77 8.36 14.74 22.81
CA ILE K 77 8.38 15.81 23.80
C ILE K 77 6.96 16.29 24.09
N ALA K 78 6.14 16.41 23.05
CA ALA K 78 4.75 16.82 23.25
C ALA K 78 3.97 15.80 24.07
N VAL K 79 4.19 14.51 23.78
CA VAL K 79 3.49 13.46 24.50
C VAL K 79 3.91 13.43 25.97
N GLU K 80 5.22 13.56 26.25
CA GLU K 80 5.70 13.50 27.62
C GLU K 80 5.23 14.71 28.42
N THR K 81 5.25 15.91 27.81
CA THR K 81 4.92 17.12 28.57
C THR K 81 3.46 17.16 28.98
N CYS K 82 2.59 16.41 28.29
CA CYS K 82 1.19 16.32 28.63
C CYS K 82 0.84 14.99 29.30
N LYS K 83 1.84 14.26 29.80
CA LYS K 83 1.57 13.05 30.56
C LYS K 83 1.17 13.38 31.98
N GLY K 84 0.08 12.77 32.44
CA GLY K 84 -0.47 13.10 33.74
C GLY K 84 -1.41 14.28 33.76
N THR K 85 -1.79 14.80 32.60
CA THR K 85 -2.71 15.92 32.48
C THR K 85 -3.92 15.50 31.65
N LYS K 86 -4.93 16.37 31.61
CA LYS K 86 -6.07 16.13 30.73
C LYS K 86 -5.82 16.50 29.28
N VAL K 87 -4.78 17.29 28.99
CA VAL K 87 -4.59 17.80 27.65
C VAL K 87 -4.08 16.69 26.73
N LYS K 88 -4.73 16.52 25.59
CA LYS K 88 -4.41 15.48 24.62
C LYS K 88 -3.36 15.96 23.63
N VAL K 89 -2.78 15.01 22.90
CA VAL K 89 -1.78 15.30 21.88
C VAL K 89 -2.32 14.85 20.53
N LEU K 90 -2.60 15.83 19.65
CA LEU K 90 -2.99 15.56 18.27
C LEU K 90 -1.76 15.84 17.42
N ALA K 91 -0.98 14.78 17.16
CA ALA K 91 0.33 14.94 16.54
C ALA K 91 0.21 15.22 15.06
N GLY K 92 1.02 16.16 14.57
CA GLY K 92 1.09 16.42 13.15
C GLY K 92 1.77 15.28 12.43
N ALA K 93 1.06 14.65 11.49
CA ALA K 93 1.59 13.50 10.78
C ALA K 93 1.31 13.58 9.28
N GLY K 94 1.10 14.78 8.74
CA GLY K 94 0.76 14.90 7.34
C GLY K 94 1.97 14.87 6.43
N SER K 95 1.71 14.50 5.18
CA SER K 95 2.73 14.49 4.15
C SER K 95 2.05 14.41 2.79
N ASN K 96 2.78 14.89 1.76
CA ASN K 96 2.28 14.79 0.40
C ASN K 96 2.52 13.42 -0.21
N ALA K 97 3.22 12.54 0.50
CA ALA K 97 3.42 11.16 0.10
C ALA K 97 2.73 10.26 1.11
N THR K 98 1.86 9.38 0.61
CA THR K 98 1.04 8.56 1.50
C THR K 98 1.89 7.63 2.36
N HIS K 99 2.95 7.05 1.78
CA HIS K 99 3.82 6.18 2.57
C HIS K 99 4.52 6.95 3.68
N GLU K 100 4.75 8.25 3.48
CA GLU K 100 5.33 9.07 4.54
C GLU K 100 4.29 9.39 5.61
N ALA K 101 3.04 9.61 5.20
CA ALA K 101 1.99 9.91 6.17
C ALA K 101 1.64 8.69 7.00
N VAL K 102 1.65 7.50 6.38
CA VAL K 102 1.40 6.28 7.13
C VAL K 102 2.53 6.02 8.12
N GLY K 103 3.76 6.31 7.73
CA GLY K 103 4.88 6.14 8.65
C GLY K 103 4.78 7.03 9.86
N LEU K 104 4.48 8.31 9.66
CA LEU K 104 4.34 9.24 10.78
C LEU K 104 3.16 8.90 11.65
N ALA K 105 2.07 8.41 11.04
CA ALA K 105 0.89 8.04 11.82
C ALA K 105 1.18 6.86 12.74
N LYS K 106 1.90 5.85 12.24
CA LYS K 106 2.20 4.68 13.06
C LYS K 106 3.17 5.02 14.18
N PHE K 107 4.08 5.98 13.95
CA PHE K 107 4.96 6.42 15.02
C PHE K 107 4.17 7.07 16.14
N ALA K 108 3.14 7.86 15.79
CA ALA K 108 2.37 8.58 16.80
C ALA K 108 1.57 7.61 17.67
N LYS K 109 0.97 6.59 17.07
CA LYS K 109 0.21 5.61 17.84
C LYS K 109 1.13 4.85 18.80
N GLU K 110 2.25 4.34 18.28
CA GLU K 110 3.15 3.51 19.07
C GLU K 110 3.86 4.30 20.18
N HIS K 111 3.76 5.63 20.19
CA HIS K 111 4.47 6.45 21.16
C HIS K 111 3.53 7.26 22.05
N GLY K 112 2.25 6.91 22.09
CA GLY K 112 1.35 7.43 23.10
C GLY K 112 0.52 8.64 22.69
N ALA K 113 0.48 8.99 21.42
CA ALA K 113 -0.33 10.11 20.98
C ALA K 113 -1.81 9.74 21.00
N ASP K 114 -2.65 10.72 21.30
CA ASP K 114 -4.09 10.51 21.33
C ASP K 114 -4.73 10.58 19.95
N GLY K 115 -4.05 11.16 18.98
CA GLY K 115 -4.57 11.25 17.62
C GLY K 115 -3.56 11.92 16.73
N ILE K 116 -3.92 12.06 15.46
CA ILE K 116 -3.05 12.67 14.46
C ILE K 116 -3.81 13.69 13.64
N LEU K 117 -3.13 14.78 13.30
CA LEU K 117 -3.56 15.70 12.26
C LEU K 117 -2.82 15.37 10.97
N SER K 118 -3.53 15.41 9.86
CA SER K 118 -2.97 15.03 8.56
C SER K 118 -3.35 16.07 7.52
N VAL K 119 -2.35 16.83 7.05
CA VAL K 119 -2.60 17.89 6.08
C VAL K 119 -2.85 17.27 4.71
N ALA K 120 -3.68 17.95 3.91
CA ALA K 120 -3.90 17.50 2.55
C ALA K 120 -2.58 17.50 1.79
N PRO K 121 -2.33 16.48 0.97
CA PRO K 121 -1.08 16.43 0.21
C PRO K 121 -0.86 17.69 -0.61
N TYR K 122 0.30 18.30 -0.43
CA TYR K 122 0.66 19.55 -1.08
C TYR K 122 1.48 19.27 -2.34
N TYR K 123 1.50 20.29 -3.22
CA TYR K 123 2.36 20.32 -4.40
C TYR K 123 1.90 19.35 -5.49
N ASN K 124 1.67 18.08 -5.14
CA ASN K 124 1.39 17.07 -6.16
C ASN K 124 -0.09 16.98 -6.57
N LYS K 125 -1.01 17.73 -5.94
CA LYS K 125 -2.41 17.67 -6.40
C LYS K 125 -3.01 16.32 -6.70
N PRO K 126 -3.41 15.59 -5.68
CA PRO K 126 -4.17 14.38 -5.91
C PRO K 126 -5.59 14.76 -6.28
N THR K 127 -6.25 13.88 -7.03
CA THR K 127 -7.66 14.07 -7.32
C THR K 127 -8.49 13.71 -6.09
N GLN K 128 -9.80 13.96 -6.16
CA GLN K 128 -10.67 13.59 -5.05
C GLN K 128 -10.57 12.10 -4.76
N GLN K 129 -10.45 11.28 -5.80
CA GLN K 129 -10.21 9.86 -5.61
C GLN K 129 -8.85 9.62 -4.96
N GLY K 130 -7.84 10.39 -5.37
CA GLY K 130 -6.53 10.25 -4.75
C GLY K 130 -6.53 10.67 -3.29
N LEU K 131 -7.23 11.77 -2.97
CA LEU K 131 -7.33 12.20 -1.60
C LEU K 131 -8.05 11.17 -0.74
N TYR K 132 -9.10 10.55 -1.30
CA TYR K 132 -9.82 9.50 -0.58
C TYR K 132 -8.92 8.34 -0.22
N GLU K 133 -8.21 7.78 -1.20
CA GLU K 133 -7.33 6.65 -0.94
C GLU K 133 -6.15 7.05 -0.06
N HIS K 134 -5.66 8.28 -0.20
CA HIS K 134 -4.58 8.75 0.67
C HIS K 134 -5.00 8.71 2.14
N TYR K 135 -6.17 9.26 2.45
CA TYR K 135 -6.60 9.31 3.84
C TYR K 135 -7.08 7.95 4.34
N LYS K 136 -7.64 7.12 3.46
CA LYS K 136 -8.03 5.78 3.86
C LYS K 136 -6.82 4.94 4.23
N ALA K 137 -5.71 5.12 3.52
CA ALA K 137 -4.49 4.40 3.87
C ALA K 137 -3.95 4.86 5.22
N ILE K 138 -4.06 6.15 5.52
CA ILE K 138 -3.62 6.67 6.82
C ILE K 138 -4.50 6.10 7.93
N ALA K 139 -5.81 6.07 7.70
CA ALA K 139 -6.73 5.61 8.74
C ALA K 139 -6.53 4.15 9.07
N GLN K 140 -6.18 3.34 8.06
CA GLN K 140 -5.97 1.91 8.26
C GLN K 140 -4.64 1.59 8.92
N SER K 141 -3.73 2.56 9.01
CA SER K 141 -2.45 2.34 9.65
C SER K 141 -2.54 2.37 11.19
N VAL K 142 -3.49 3.12 11.74
CA VAL K 142 -3.57 3.35 13.17
C VAL K 142 -4.99 3.09 13.66
N ASP K 143 -5.13 3.08 14.99
CA ASP K 143 -6.43 2.94 15.65
C ASP K 143 -6.75 4.13 16.54
N ILE K 144 -6.11 5.28 16.29
CA ILE K 144 -6.37 6.50 17.05
C ILE K 144 -7.13 7.48 16.16
N PRO K 145 -7.84 8.46 16.72
CA PRO K 145 -8.61 9.39 15.87
C PRO K 145 -7.73 10.13 14.87
N VAL K 146 -8.30 10.40 13.70
CA VAL K 146 -7.63 11.08 12.62
C VAL K 146 -8.45 12.30 12.23
N LEU K 147 -7.83 13.47 12.26
CA LEU K 147 -8.49 14.72 11.89
C LEU K 147 -7.94 15.20 10.57
N LEU K 148 -8.81 15.32 9.57
CA LEU K 148 -8.38 15.84 8.28
C LEU K 148 -7.99 17.31 8.41
N TYR K 149 -7.26 17.80 7.42
CA TYR K 149 -6.71 19.15 7.46
C TYR K 149 -6.72 19.69 6.04
N ASN K 150 -7.56 20.70 5.80
CA ASN K 150 -7.76 21.30 4.48
C ASN K 150 -7.27 22.73 4.51
N VAL K 151 -6.20 23.02 3.78
CA VAL K 151 -5.68 24.37 3.64
C VAL K 151 -5.25 24.57 2.19
N PRO K 152 -6.18 24.92 1.30
CA PRO K 152 -5.83 24.97 -0.14
C PRO K 152 -4.87 26.07 -0.50
N GLY K 153 -4.81 27.16 0.27
CA GLY K 153 -3.87 28.24 -0.04
C GLY K 153 -2.41 27.84 0.02
N ARG K 154 -2.09 26.78 0.75
CA ARG K 154 -0.72 26.29 0.84
C ARG K 154 -0.49 24.97 0.12
N THR K 155 -1.51 24.13 -0.02
CA THR K 155 -1.33 22.82 -0.63
C THR K 155 -1.62 22.82 -2.13
N GLY K 156 -2.48 23.73 -2.60
CA GLY K 156 -2.90 23.70 -3.99
C GLY K 156 -4.02 22.73 -4.29
N CYS K 157 -4.57 22.06 -3.28
CA CYS K 157 -5.67 21.13 -3.46
C CYS K 157 -6.68 21.34 -2.34
N GLU K 158 -7.91 20.92 -2.59
CA GLU K 158 -8.98 21.03 -1.61
C GLU K 158 -9.65 19.67 -1.42
N ILE K 159 -9.85 19.28 -0.16
CA ILE K 159 -10.65 18.12 0.17
C ILE K 159 -12.13 18.54 0.10
N SER K 160 -12.81 18.11 -0.95
CA SER K 160 -14.22 18.47 -1.16
C SER K 160 -15.08 18.04 0.03
N THR K 161 -16.22 18.74 0.18
CA THR K 161 -17.18 18.37 1.21
C THR K 161 -17.61 16.91 1.07
N ASP K 162 -17.84 16.45 -0.17
CA ASP K 162 -18.27 15.08 -0.38
C ASP K 162 -17.20 14.08 0.07
N THR K 163 -15.94 14.39 -0.23
CA THR K 163 -14.85 13.49 0.15
C THR K 163 -14.69 13.41 1.65
N ILE K 164 -14.82 14.55 2.35
CA ILE K 164 -14.76 14.55 3.80
C ILE K 164 -15.84 13.65 4.37
N ILE K 165 -17.06 13.79 3.87
CA ILE K 165 -18.19 13.02 4.40
C ILE K 165 -18.00 11.52 4.09
N LYS K 166 -17.47 11.19 2.92
CA LYS K 166 -17.23 9.79 2.55
C LYS K 166 -16.27 9.15 3.52
N LEU K 167 -15.19 9.86 3.80
CA LEU K 167 -14.14 9.37 4.68
C LEU K 167 -14.64 9.27 6.11
N PHE K 168 -15.51 10.18 6.52
CA PHE K 168 -16.10 10.11 7.85
C PHE K 168 -16.92 8.84 8.01
N ARG K 169 -17.63 8.44 6.94
CA ARG K 169 -18.51 7.28 6.98
C ARG K 169 -17.81 5.96 6.70
N ASP K 170 -16.65 5.98 6.02
CA ASP K 170 -16.01 4.74 5.59
C ASP K 170 -14.88 4.28 6.49
N CYS K 171 -14.26 5.18 7.25
CA CYS K 171 -13.18 4.86 8.16
C CYS K 171 -13.53 5.38 9.55
N GLU K 172 -13.39 4.53 10.56
CA GLU K 172 -13.98 4.84 11.86
C GLU K 172 -13.17 5.84 12.68
N ASN K 173 -11.88 5.98 12.41
CA ASN K 173 -11.09 6.93 13.17
C ASN K 173 -11.00 8.30 12.53
N ILE K 174 -11.53 8.49 11.32
CA ILE K 174 -11.63 9.82 10.73
C ILE K 174 -12.90 10.45 11.28
N TYR K 175 -12.75 11.51 12.08
CA TYR K 175 -13.86 12.05 12.86
C TYR K 175 -14.18 13.52 12.56
N GLY K 176 -13.41 14.19 11.73
CA GLY K 176 -13.69 15.59 11.43
C GLY K 176 -12.63 16.19 10.54
N VAL K 177 -12.60 17.52 10.51
CA VAL K 177 -11.67 18.26 9.65
C VAL K 177 -11.30 19.61 10.24
N KPI K 178 -10.00 19.93 10.16
CA KPI K 178 -9.49 21.24 10.50
CB KPI K 178 -8.03 21.24 10.97
CG KPI K 178 -7.36 22.60 10.84
CD KPI K 178 -6.04 22.65 11.58
CE KPI K 178 -5.21 23.83 11.09
NZ KPI K 178 -4.05 24.19 11.88
CX1 KPI K 178 -3.09 24.93 11.45
C1 KPI K 178 -3.00 26.42 11.47
CX2 KPI K 178 -1.69 24.39 11.58
O1 KPI K 178 -0.65 25.03 11.72
O2 KPI K 178 -1.60 23.04 11.53
C KPI K 178 -9.56 22.19 9.31
O KPI K 178 -8.88 21.76 8.21
N GLU K 179 -10.58 23.04 9.25
CA GLU K 179 -10.77 23.89 8.07
C GLU K 179 -9.98 25.18 8.19
N ALA K 180 -9.21 25.47 7.14
CA ALA K 180 -8.46 26.72 7.05
C ALA K 180 -8.58 27.29 5.64
N SER K 181 -9.83 27.43 5.17
CA SER K 181 -10.11 27.85 3.81
C SER K 181 -10.67 29.27 3.70
N GLY K 182 -11.13 29.84 4.81
CA GLY K 182 -11.87 31.09 4.75
C GLY K 182 -13.15 30.97 3.95
N ASN K 183 -13.84 29.83 4.07
CA ASN K 183 -15.04 29.53 3.29
C ASN K 183 -16.09 29.02 4.27
N ILE K 184 -16.85 29.95 4.87
CA ILE K 184 -17.88 29.56 5.81
C ILE K 184 -19.00 28.79 5.12
N ASP K 185 -19.18 29.00 3.81
CA ASP K 185 -20.15 28.19 3.06
C ASP K 185 -19.80 26.71 3.12
N LYS K 186 -18.51 26.38 2.98
CA LYS K 186 -18.10 24.99 3.05
C LYS K 186 -18.36 24.40 4.44
N CYS K 187 -18.35 25.24 5.47
CA CYS K 187 -18.58 24.76 6.83
C CYS K 187 -20.06 24.61 7.15
N VAL K 188 -20.92 25.35 6.43
CA VAL K 188 -22.35 25.06 6.48
C VAL K 188 -22.63 23.78 5.69
N ASP K 189 -22.00 23.63 4.54
CA ASP K 189 -22.15 22.41 3.73
C ASP K 189 -21.80 21.16 4.53
N LEU K 190 -20.69 21.19 5.25
CA LEU K 190 -20.21 20.00 5.95
C LEU K 190 -21.21 19.54 7.01
N LEU K 191 -21.58 20.42 7.94
CA LEU K 191 -22.40 20.01 9.07
C LEU K 191 -23.90 19.99 8.76
N ALA K 192 -24.33 20.57 7.65
CA ALA K 192 -25.72 20.41 7.27
C ALA K 192 -25.98 19.03 6.68
N HIS K 193 -24.99 18.46 5.99
CA HIS K 193 -25.11 17.13 5.43
C HIS K 193 -24.51 16.05 6.33
N GLU K 194 -23.61 16.43 7.23
CA GLU K 194 -22.98 15.50 8.17
C GLU K 194 -22.86 16.18 9.51
N PRO K 195 -23.92 16.18 10.30
CA PRO K 195 -23.92 16.86 11.57
C PRO K 195 -23.04 16.28 12.65
N ARG K 196 -22.77 15.00 12.56
CA ARG K 196 -21.97 14.31 13.53
C ARG K 196 -20.51 14.56 13.44
N MET K 197 -20.07 15.25 12.44
CA MET K 197 -18.67 15.50 12.26
C MET K 197 -18.15 16.61 13.14
N MET K 198 -16.87 16.56 13.45
CA MET K 198 -16.22 17.55 14.30
C MET K 198 -15.49 18.56 13.42
N LEU K 199 -16.10 19.73 13.23
CA LEU K 199 -15.50 20.81 12.47
C LEU K 199 -14.59 21.63 13.37
N ILE K 200 -13.32 21.73 13.00
CA ILE K 200 -12.32 22.44 13.79
C ILE K 200 -11.85 23.65 13.00
N SER K 201 -11.88 24.82 13.63
CA SER K 201 -11.43 26.05 12.97
C SER K 201 -9.90 26.09 12.93
N GLY K 202 -9.35 26.33 11.75
CA GLY K 202 -7.92 26.48 11.60
C GLY K 202 -7.54 27.86 11.12
N GLU K 203 -8.39 28.85 11.41
CA GLU K 203 -8.18 30.22 10.95
C GLU K 203 -8.68 31.14 12.06
N ASP K 204 -7.74 31.79 12.74
CA ASP K 204 -8.03 32.43 14.01
C ASP K 204 -9.03 33.58 13.91
N ALA K 205 -9.04 34.30 12.79
CA ALA K 205 -9.91 35.47 12.67
C ALA K 205 -11.38 35.08 12.73
N ILE K 206 -11.71 33.85 12.30
CA ILE K 206 -13.11 33.42 12.21
C ILE K 206 -13.38 32.25 13.15
N ASN K 207 -12.68 32.23 14.29
CA ASN K 207 -12.88 31.16 15.27
C ASN K 207 -14.33 31.08 15.70
N TYR K 208 -14.91 32.20 16.15
CA TYR K 208 -16.29 32.17 16.64
C TYR K 208 -17.30 31.80 15.57
N PRO K 209 -17.28 32.36 14.35
CA PRO K 209 -18.27 31.94 13.35
C PRO K 209 -18.27 30.45 13.07
N ILE K 210 -17.11 29.80 13.08
CA ILE K 210 -17.07 28.37 12.84
C ILE K 210 -17.67 27.62 14.03
N LEU K 211 -17.38 28.07 15.24
CA LEU K 211 -17.98 27.47 16.43
C LEU K 211 -19.49 27.75 16.48
N SER K 212 -19.89 28.94 16.02
CA SER K 212 -21.30 29.33 16.05
C SER K 212 -22.19 28.46 15.17
N ASN K 213 -21.64 27.77 14.18
CA ASN K 213 -22.42 26.91 13.31
C ASN K 213 -22.32 25.44 13.70
N GLY K 214 -21.74 25.13 14.86
CA GLY K 214 -21.62 23.76 15.30
C GLY K 214 -20.20 23.23 15.36
N GLY K 215 -19.19 24.04 15.01
CA GLY K 215 -17.82 23.63 15.22
C GLY K 215 -17.55 23.33 16.68
N LYS K 216 -16.64 22.38 16.91
CA LYS K 216 -16.39 21.87 18.26
C LYS K 216 -14.94 22.10 18.70
N GLY K 217 -14.21 22.98 18.05
CA GLY K 217 -12.87 23.29 18.50
C GLY K 217 -12.11 24.12 17.50
N VAL K 218 -10.92 24.54 17.91
CA VAL K 218 -10.02 25.32 17.07
C VAL K 218 -8.61 24.74 17.18
N ILE K 219 -7.85 24.85 16.09
CA ILE K 219 -6.40 24.64 16.11
C ILE K 219 -5.79 25.98 15.76
N SER K 220 -5.28 26.67 16.77
CA SER K 220 -5.06 28.11 16.70
C SER K 220 -3.57 28.43 16.55
N VAL K 221 -3.30 29.56 15.89
CA VAL K 221 -1.97 30.14 15.87
C VAL K 221 -1.82 31.19 16.96
N THR K 222 -2.86 32.00 17.16
CA THR K 222 -2.84 33.03 18.20
C THR K 222 -2.65 32.43 19.58
N SER K 223 -3.14 31.20 19.80
CA SER K 223 -3.04 30.58 21.12
C SER K 223 -1.60 30.37 21.55
N ASN K 224 -0.65 30.37 20.62
CA ASN K 224 0.76 30.35 20.98
C ASN K 224 1.11 31.53 21.88
N LEU K 225 0.55 32.71 21.58
CA LEU K 225 0.84 33.93 22.32
C LEU K 225 -0.16 34.15 23.46
N LEU K 226 -1.45 33.98 23.19
CA LEU K 226 -2.52 34.23 24.14
C LEU K 226 -3.36 32.98 24.33
N PRO K 227 -2.83 31.94 24.99
CA PRO K 227 -3.59 30.70 25.14
C PRO K 227 -4.83 30.84 26.01
N ASP K 228 -4.79 31.69 27.03
CA ASP K 228 -5.94 31.84 27.91
C ASP K 228 -7.12 32.47 27.16
N MET K 229 -6.85 33.45 26.31
CA MET K 229 -7.93 34.09 25.56
C MET K 229 -8.55 33.14 24.55
N ILE K 230 -7.72 32.37 23.84
CA ILE K 230 -8.24 31.42 22.85
C ILE K 230 -9.02 30.31 23.54
N SER K 231 -8.52 29.83 24.68
CA SER K 231 -9.25 28.80 25.42
C SER K 231 -10.56 29.33 25.97
N ALA K 232 -10.56 30.58 26.46
CA ALA K 232 -11.80 31.19 26.94
C ALA K 232 -12.81 31.32 25.81
N LEU K 233 -12.34 31.69 24.61
CA LEU K 233 -13.24 31.80 23.47
C LEU K 233 -13.90 30.46 23.18
N THR K 234 -13.10 29.40 23.10
CA THR K 234 -13.64 28.09 22.76
C THR K 234 -14.63 27.60 23.82
N HIS K 235 -14.29 27.76 25.09
CA HIS K 235 -15.15 27.21 26.15
C HIS K 235 -16.46 27.96 26.26
N PHE K 236 -16.44 29.29 26.09
CA PHE K 236 -17.67 30.07 26.02
C PHE K 236 -18.56 29.58 24.87
N ALA K 237 -17.97 29.35 23.70
CA ALA K 237 -18.76 28.96 22.54
C ALA K 237 -19.37 27.58 22.73
N LEU K 238 -18.61 26.61 23.25
CA LEU K 238 -19.15 25.26 23.43
C LEU K 238 -20.19 25.22 24.54
N ASP K 239 -20.09 26.12 25.51
CA ASP K 239 -21.14 26.30 26.50
C ASP K 239 -22.27 27.22 26.01
N GLU K 240 -22.29 27.50 24.70
CA GLU K 240 -23.35 28.26 24.03
C GLU K 240 -23.52 29.68 24.59
N ASN K 241 -22.44 30.27 25.10
CA ASN K 241 -22.43 31.69 25.47
C ASN K 241 -21.78 32.45 24.30
N TYR K 242 -22.59 32.78 23.30
CA TYR K 242 -22.06 33.29 22.04
C TYR K 242 -21.64 34.75 22.10
N LYS K 243 -22.14 35.51 23.09
CA LYS K 243 -21.82 36.93 23.20
C LYS K 243 -20.45 37.16 23.85
N GLU K 244 -20.05 36.30 24.79
CA GLU K 244 -18.70 36.42 25.33
C GLU K 244 -17.68 35.77 24.40
N ALA K 245 -18.08 34.71 23.71
CA ALA K 245 -17.21 34.13 22.68
C ALA K 245 -16.99 35.13 21.55
N LYS K 246 -18.06 35.79 21.10
CA LYS K 246 -17.92 36.80 20.04
C LYS K 246 -17.13 38.01 20.52
N LYS K 247 -17.29 38.38 21.80
CA LYS K 247 -16.55 39.54 22.31
C LYS K 247 -15.06 39.27 22.34
N ILE K 248 -14.65 38.06 22.70
CA ILE K 248 -13.23 37.72 22.68
C ILE K 248 -12.76 37.59 21.24
N ASN K 249 -13.58 37.02 20.37
CA ASN K 249 -13.23 36.91 18.96
C ASN K 249 -13.11 38.28 18.31
N ASP K 250 -13.96 39.22 18.72
CA ASP K 250 -13.88 40.58 18.19
C ASP K 250 -12.63 41.30 18.71
N GLU K 251 -12.31 41.11 19.99
CA GLU K 251 -11.11 41.73 20.56
C GLU K 251 -9.83 41.17 19.94
N LEU K 252 -9.83 39.90 19.58
CA LEU K 252 -8.65 39.22 19.09
C LEU K 252 -8.43 39.43 17.60
N TYR K 253 -9.31 40.19 16.95
CA TYR K 253 -9.27 40.33 15.51
C TYR K 253 -7.95 40.94 15.04
N ASN K 254 -7.50 42.00 15.69
CA ASN K 254 -6.31 42.71 15.23
C ASN K 254 -5.06 41.82 15.29
N ILE K 255 -4.88 41.06 16.39
CA ILE K 255 -3.73 40.17 16.49
C ILE K 255 -3.89 38.93 15.59
N ASN K 256 -5.11 38.42 15.45
CA ASN K 256 -5.33 37.31 14.53
C ASN K 256 -4.94 37.74 13.12
N LYS K 257 -5.05 39.04 12.81
CA LYS K 257 -4.84 39.57 11.47
C LYS K 257 -3.40 39.93 11.18
N ILE K 258 -2.72 40.46 12.21
CA ILE K 258 -1.36 40.90 12.03
C ILE K 258 -0.44 39.72 12.10
N LEU K 259 -0.92 38.59 12.64
CA LEU K 259 -0.15 37.37 12.66
C LEU K 259 -0.08 36.68 11.31
N PHE K 260 -0.62 37.29 10.27
CA PHE K 260 -0.53 36.77 8.91
C PHE K 260 -0.12 37.86 7.93
N CYS K 261 0.38 38.99 8.43
CA CYS K 261 0.97 39.99 7.55
C CYS K 261 2.09 39.40 6.70
N GLU K 262 2.81 38.42 7.24
CA GLU K 262 3.70 37.56 6.49
C GLU K 262 3.27 36.11 6.71
N SER K 263 3.95 35.20 6.02
CA SER K 263 3.52 33.80 6.03
C SER K 263 3.72 33.17 7.41
N ASN K 264 2.67 32.56 7.92
CA ASN K 264 2.77 31.79 9.14
C ASN K 264 3.80 30.68 8.96
N PRO K 265 4.66 30.41 9.96
CA PRO K 265 4.68 30.98 11.31
C PRO K 265 5.71 32.09 11.55
N ILE K 266 6.00 32.90 10.55
CA ILE K 266 6.97 33.99 10.71
C ILE K 266 6.43 35.06 11.65
N PRO K 267 5.19 35.55 11.47
CA PRO K 267 4.69 36.58 12.41
C PRO K 267 4.50 36.07 13.83
N ILE K 268 4.02 34.85 14.01
CA ILE K 268 3.75 34.36 15.36
C ILE K 268 5.06 34.14 16.13
N LYS K 269 6.10 33.66 15.45
CA LYS K 269 7.39 33.51 16.11
C LYS K 269 8.02 34.86 16.44
N THR K 270 7.74 35.88 15.63
CA THR K 270 8.18 37.23 15.97
C THR K 270 7.51 37.71 17.25
N ALA K 271 6.20 37.47 17.39
CA ALA K 271 5.50 37.87 18.60
C ALA K 271 6.03 37.15 19.83
N MET K 272 6.31 35.86 19.71
CA MET K 272 6.87 35.11 20.84
C MET K 272 8.24 35.65 21.23
N TYR K 273 9.04 36.06 20.24
CA TYR K 273 10.35 36.63 20.52
C TYR K 273 10.23 38.00 21.20
N LEU K 274 9.33 38.85 20.69
CA LEU K 274 9.15 40.17 21.29
C LEU K 274 8.60 40.07 22.72
N ALA K 275 7.79 39.05 22.99
CA ALA K 275 7.24 38.84 24.33
C ALA K 275 8.21 38.14 25.26
N GLY K 276 9.42 37.80 24.79
CA GLY K 276 10.38 37.14 25.64
C GLY K 276 10.07 35.70 25.95
N LEU K 277 9.24 35.04 25.16
CA LEU K 277 8.89 33.65 25.38
C LEU K 277 9.88 32.70 24.72
N ILE K 278 10.69 33.17 23.78
CA ILE K 278 11.69 32.34 23.14
C ILE K 278 12.91 33.20 23.01
N GLU K 279 14.09 32.61 23.18
CA GLU K 279 15.29 33.41 23.11
C GLU K 279 15.95 33.51 21.78
N SER K 280 15.21 33.45 20.69
CA SER K 280 15.91 33.65 19.43
C SER K 280 14.87 33.66 18.34
N LEU K 281 14.99 34.64 17.44
CA LEU K 281 14.15 34.66 16.25
C LEU K 281 14.80 33.81 15.17
N GLU K 282 14.75 32.50 15.37
CA GLU K 282 15.40 31.56 14.48
C GLU K 282 14.35 30.74 13.73
N PHE K 283 14.49 30.67 12.41
CA PHE K 283 13.73 29.80 11.54
C PHE K 283 14.69 28.88 10.80
N ARG K 284 14.13 27.96 10.02
CA ARG K 284 14.90 27.19 9.06
C ARG K 284 14.47 27.60 7.66
N LEU K 285 15.46 27.92 6.81
CA LEU K 285 15.22 28.37 5.44
C LEU K 285 14.34 27.36 4.70
N PRO K 286 13.48 27.81 3.77
CA PRO K 286 13.37 29.16 3.21
C PRO K 286 12.62 30.16 4.08
N LEU K 287 12.33 29.80 5.33
CA LEU K 287 11.75 30.75 6.26
C LEU K 287 12.86 31.61 6.84
N CYS K 288 12.59 32.90 7.00
CA CYS K 288 13.60 33.86 7.41
C CYS K 288 12.98 34.85 8.39
N SER K 289 13.84 35.70 8.97
CA SER K 289 13.34 36.72 9.87
C SER K 289 12.51 37.74 9.09
N PRO K 290 11.53 38.38 9.74
CA PRO K 290 10.59 39.24 9.01
C PRO K 290 11.21 40.57 8.60
N SER K 291 10.46 41.26 7.74
CA SER K 291 10.77 42.62 7.31
C SER K 291 10.75 43.60 8.49
N LYS K 292 11.38 44.76 8.28
CA LYS K 292 11.48 45.74 9.36
C LYS K 292 10.17 46.45 9.63
N GLU K 293 9.29 46.63 8.62
CA GLU K 293 7.97 47.18 8.89
C GLU K 293 7.09 46.21 9.69
N ASN K 294 6.95 45.00 9.17
CA ASN K 294 6.11 44.01 9.82
C ASN K 294 6.61 43.67 11.21
N PHE K 295 7.92 43.68 11.41
CA PHE K 295 8.45 43.57 12.77
C PHE K 295 7.91 44.68 13.65
N ALA K 296 7.93 45.92 13.16
CA ALA K 296 7.41 47.05 13.93
C ALA K 296 5.89 47.00 14.05
N LYS K 297 5.20 46.54 13.00
CA LYS K 297 3.75 46.51 13.04
C LYS K 297 3.21 45.37 13.89
N ILE K 298 3.96 44.28 14.00
CA ILE K 298 3.60 43.23 14.95
C ILE K 298 3.70 43.77 16.38
N GLU K 299 4.77 44.52 16.67
CA GLU K 299 4.98 45.05 18.01
C GLU K 299 3.85 45.97 18.47
N GLU K 300 3.22 46.72 17.55
CA GLU K 300 2.19 47.65 18.00
C GLU K 300 0.89 46.94 18.34
N VAL K 301 0.53 45.88 17.61
CA VAL K 301 -0.70 45.18 17.93
C VAL K 301 -0.56 44.42 19.23
N MET K 302 0.66 43.98 19.55
CA MET K 302 0.89 43.26 20.80
C MET K 302 0.61 44.15 22.01
N LYS K 303 0.91 45.44 21.91
CA LYS K 303 0.78 46.40 23.01
C LYS K 303 -0.67 46.62 23.42
N LYS K 304 -1.61 45.92 22.79
CA LYS K 304 -3.03 46.01 23.11
C LYS K 304 -3.58 44.75 23.76
N TYR K 305 -2.81 43.67 23.82
CA TYR K 305 -3.23 42.43 24.45
C TYR K 305 -2.26 42.13 25.59
N LYS K 306 -2.77 41.41 26.60
CA LYS K 306 -1.98 41.11 27.78
C LYS K 306 -1.48 39.67 27.68
N ILE K 307 -0.18 39.52 27.50
CA ILE K 307 0.45 38.24 27.19
C ILE K 307 0.93 37.60 28.48
N LYS K 308 0.48 36.37 28.72
CA LYS K 308 0.91 35.64 29.91
C LYS K 308 2.32 35.10 29.73
N GLY K 309 3.11 35.18 30.81
CA GLY K 309 4.45 34.66 30.83
C GLY K 309 4.48 33.21 31.27
N PHE K 310 5.59 32.81 31.87
CA PHE K 310 5.71 31.46 32.40
C PHE K 310 5.28 31.41 33.87
N LYS L 15 -15.27 37.38 -45.43
CA LYS L 15 -15.34 37.97 -44.10
C LYS L 15 -14.60 39.32 -44.03
N ASN L 16 -15.39 40.39 -44.10
CA ASN L 16 -14.82 41.73 -44.11
C ASN L 16 -14.35 42.08 -42.70
N ILE L 17 -13.14 42.63 -42.59
CA ILE L 17 -12.45 42.74 -41.32
C ILE L 17 -11.93 44.15 -41.12
N ILE L 18 -11.65 44.47 -39.86
CA ILE L 18 -10.99 45.71 -39.46
C ILE L 18 -9.85 45.31 -38.53
N ILE L 19 -8.61 45.47 -39.01
CA ILE L 19 -7.45 45.02 -38.25
C ILE L 19 -6.40 46.13 -38.21
N GLY L 20 -5.21 45.80 -37.71
CA GLY L 20 -4.13 46.75 -37.60
C GLY L 20 -4.04 47.38 -36.22
N ALA L 21 -3.29 48.47 -36.16
CA ALA L 21 -3.07 49.19 -34.91
C ALA L 21 -4.26 50.11 -34.63
N MET L 22 -4.96 49.84 -33.52
CA MET L 22 -6.15 50.61 -33.16
C MET L 22 -6.01 51.16 -31.75
N THR L 23 -6.71 52.26 -31.50
CA THR L 23 -6.61 52.99 -30.23
C THR L 23 -7.98 53.10 -29.58
N ALA L 24 -8.07 52.68 -28.32
CA ALA L 24 -9.24 52.93 -27.50
C ALA L 24 -9.12 54.35 -26.96
N LEU L 25 -9.80 55.30 -27.62
CA LEU L 25 -9.60 56.71 -27.34
C LEU L 25 -10.16 57.11 -25.99
N ILE L 26 -9.40 57.92 -25.26
CA ILE L 26 -9.93 58.56 -24.06
C ILE L 26 -10.95 59.63 -24.45
N THR L 27 -11.88 59.89 -23.55
CA THR L 27 -12.90 60.92 -23.77
C THR L 27 -12.61 62.11 -22.86
N PRO L 28 -12.02 63.19 -23.38
CA PRO L 28 -11.69 64.34 -22.53
C PRO L 28 -12.93 65.07 -22.07
N PHE L 29 -12.91 65.52 -20.81
CA PHE L 29 -13.98 66.29 -20.22
C PHE L 29 -13.52 67.71 -19.92
N LYS L 30 -14.45 68.66 -20.04
CA LYS L 30 -14.21 70.04 -19.64
C LYS L 30 -15.46 70.58 -18.99
N ASN L 31 -15.35 70.94 -17.70
CA ASN L 31 -16.48 71.43 -16.92
C ASN L 31 -17.65 70.44 -16.92
N GLY L 32 -17.32 69.15 -16.81
CA GLY L 32 -18.34 68.13 -16.74
C GLY L 32 -19.06 67.81 -18.02
N LYS L 33 -18.58 68.31 -19.16
CA LYS L 33 -19.13 67.96 -20.46
C LYS L 33 -18.04 67.43 -21.37
N VAL L 34 -18.47 66.84 -22.49
CA VAL L 34 -17.54 66.25 -23.44
C VAL L 34 -16.91 67.36 -24.27
N ASP L 35 -15.59 67.48 -24.20
CA ASP L 35 -14.87 68.43 -25.05
C ASP L 35 -14.84 67.85 -26.47
N GLU L 36 -15.75 68.24 -27.32
CA GLU L 36 -15.73 67.69 -28.65
C GLU L 36 -14.79 68.32 -29.66
N GLN L 37 -13.96 69.26 -29.27
CA GLN L 37 -13.04 69.86 -30.22
C GLN L 37 -11.75 69.27 -29.82
N SER L 38 -11.68 68.99 -28.56
CA SER L 38 -10.45 68.36 -28.04
C SER L 38 -10.46 66.88 -28.35
N TYR L 39 -11.66 66.31 -28.42
CA TYR L 39 -11.81 64.95 -28.93
C TYR L 39 -11.34 64.90 -30.39
N ALA L 40 -11.76 65.87 -31.21
CA ALA L 40 -11.40 65.87 -32.63
C ALA L 40 -9.92 66.17 -32.86
N ARG L 41 -9.30 67.01 -32.03
CA ARG L 41 -7.86 67.25 -32.08
C ARG L 41 -7.07 66.07 -31.53
N LEU L 42 -7.69 65.22 -30.73
CA LEU L 42 -7.00 64.01 -30.30
C LEU L 42 -7.13 62.86 -31.29
N ILE L 43 -8.23 62.78 -32.04
CA ILE L 43 -8.38 61.72 -33.03
C ILE L 43 -7.51 61.97 -34.24
N LYS L 44 -7.26 63.24 -34.58
CA LYS L 44 -6.39 63.56 -35.71
C LYS L 44 -4.92 63.41 -35.38
N ARG L 45 -4.57 63.40 -34.09
CA ARG L 45 -3.20 63.09 -33.70
C ARG L 45 -2.89 61.61 -33.93
N GLN L 46 -3.88 60.75 -33.74
CA GLN L 46 -3.67 59.32 -34.01
C GLN L 46 -3.54 59.07 -35.50
N ILE L 47 -4.37 59.74 -36.30
CA ILE L 47 -4.34 59.57 -37.76
C ILE L 47 -2.95 59.89 -38.31
N GLU L 48 -2.34 60.97 -37.84
CA GLU L 48 -1.06 61.42 -38.37
C GLU L 48 0.12 60.62 -37.83
N ASN L 49 -0.12 59.55 -37.07
CA ASN L 49 0.95 58.75 -36.51
C ASN L 49 0.81 57.27 -36.88
N GLY L 50 0.19 56.97 -38.01
CA GLY L 50 0.16 55.62 -38.52
C GLY L 50 -0.91 54.72 -37.96
N ILE L 51 -1.84 55.25 -37.16
CA ILE L 51 -2.90 54.42 -36.60
C ILE L 51 -3.87 54.03 -37.70
N ASP L 52 -4.31 52.77 -37.67
CA ASP L 52 -5.17 52.24 -38.72
C ASP L 52 -6.66 52.37 -38.39
N ALA L 53 -7.04 52.44 -37.12
CA ALA L 53 -8.43 52.57 -36.75
C ALA L 53 -8.51 53.13 -35.33
N VAL L 54 -9.64 53.78 -35.04
CA VAL L 54 -9.89 54.35 -33.72
C VAL L 54 -11.17 53.75 -33.15
N VAL L 55 -11.17 53.53 -31.84
CA VAL L 55 -12.32 52.95 -31.16
C VAL L 55 -12.95 53.98 -30.24
N PRO L 56 -14.01 54.66 -30.65
CA PRO L 56 -14.67 55.61 -29.76
C PRO L 56 -15.52 54.90 -28.72
N VAL L 57 -15.51 55.46 -27.50
CA VAL L 57 -16.35 55.01 -26.39
C VAL L 57 -16.13 53.53 -26.11
N GLY L 58 -14.90 53.15 -25.78
CA GLY L 58 -14.62 51.87 -25.18
C GLY L 58 -14.60 51.97 -23.68
N THR L 59 -13.94 50.97 -23.05
CA THR L 59 -13.70 51.07 -21.61
C THR L 59 -12.78 52.24 -21.30
N THR L 60 -11.76 52.45 -22.14
CA THR L 60 -10.86 53.59 -21.96
C THR L 60 -11.59 54.90 -22.21
N GLY L 61 -12.65 54.88 -23.00
CA GLY L 61 -13.45 56.07 -23.24
C GLY L 61 -14.51 56.33 -22.19
N GLU L 62 -14.50 55.58 -21.09
CA GLU L 62 -15.48 55.74 -20.02
C GLU L 62 -16.91 55.58 -20.53
N SER L 63 -17.13 54.47 -21.26
CA SER L 63 -18.45 54.14 -21.77
C SER L 63 -19.53 54.06 -20.69
N ALA L 64 -19.15 53.94 -19.42
CA ALA L 64 -20.12 53.69 -18.38
C ALA L 64 -20.77 54.98 -17.87
N THR L 65 -20.05 56.10 -17.92
CA THR L 65 -20.51 57.35 -17.37
C THR L 65 -21.02 58.30 -18.44
N LEU L 66 -20.90 57.93 -19.72
CA LEU L 66 -21.45 58.72 -20.80
C LEU L 66 -22.91 58.37 -21.01
N THR L 67 -23.73 59.39 -21.25
CA THR L 67 -25.12 59.18 -21.65
C THR L 67 -25.16 58.63 -23.08
N HIS L 68 -26.31 58.08 -23.43
CA HIS L 68 -26.49 57.48 -24.72
C HIS L 68 -26.37 58.50 -25.79
N GLU L 69 -26.50 59.75 -25.42
CA GLU L 69 -26.41 60.81 -26.35
C GLU L 69 -24.98 61.20 -26.44
N GLU L 70 -24.22 61.09 -25.37
CA GLU L 70 -22.81 61.43 -25.43
C GLU L 70 -22.14 60.36 -26.22
N HIS L 71 -22.42 59.11 -25.89
CA HIS L 71 -21.96 57.94 -26.61
C HIS L 71 -22.13 58.11 -28.11
N ARG L 72 -23.30 58.58 -28.51
CA ARG L 72 -23.60 58.78 -29.90
C ARG L 72 -22.86 59.96 -30.50
N THR L 73 -22.75 61.02 -29.74
CA THR L 73 -22.06 62.19 -30.20
C THR L 73 -20.61 61.92 -30.48
N CYS L 74 -20.00 61.03 -29.74
CA CYS L 74 -18.60 60.73 -29.92
C CYS L 74 -18.35 59.89 -31.16
N ILE L 75 -19.29 59.05 -31.46
CA ILE L 75 -19.22 58.21 -32.65
C ILE L 75 -19.32 59.07 -33.89
N GLU L 76 -20.17 60.09 -33.86
CA GLU L 76 -20.28 61.01 -34.98
C GLU L 76 -18.99 61.80 -35.18
N ILE L 77 -18.42 62.31 -34.09
CA ILE L 77 -17.15 63.05 -34.18
C ILE L 77 -16.05 62.14 -34.72
N ALA L 78 -16.02 60.88 -34.26
CA ALA L 78 -15.00 59.95 -34.75
C ALA L 78 -15.19 59.68 -36.24
N VAL L 79 -16.43 59.51 -36.68
CA VAL L 79 -16.69 59.25 -38.10
C VAL L 79 -16.31 60.46 -38.95
N GLU L 80 -16.67 61.67 -38.51
CA GLU L 80 -16.34 62.86 -39.29
C GLU L 80 -14.84 63.11 -39.35
N THR L 81 -14.13 62.84 -38.24
CA THR L 81 -12.69 63.13 -38.19
C THR L 81 -11.84 62.15 -38.97
N CYS L 82 -12.32 60.93 -39.21
CA CYS L 82 -11.62 59.93 -40.01
C CYS L 82 -12.23 59.86 -41.40
N LYS L 83 -13.00 60.90 -41.74
CA LYS L 83 -13.55 61.16 -43.06
C LYS L 83 -12.47 61.66 -44.00
N GLY L 84 -12.34 60.97 -45.13
CA GLY L 84 -11.28 61.32 -46.06
C GLY L 84 -9.94 60.71 -45.79
N THR L 85 -9.85 59.76 -44.86
CA THR L 85 -8.62 59.06 -44.53
C THR L 85 -8.79 57.55 -44.72
N LYS L 86 -7.67 56.84 -44.61
CA LYS L 86 -7.71 55.38 -44.57
C LYS L 86 -8.12 54.83 -43.21
N VAL L 87 -8.10 55.67 -42.17
CA VAL L 87 -8.34 55.19 -40.81
C VAL L 87 -9.81 54.85 -40.63
N LYS L 88 -10.09 53.65 -40.16
CA LYS L 88 -11.45 53.20 -39.94
C LYS L 88 -11.91 53.53 -38.52
N VAL L 89 -13.22 53.48 -38.31
CA VAL L 89 -13.83 53.73 -37.01
C VAL L 89 -14.52 52.46 -36.57
N LEU L 90 -14.00 51.83 -35.51
CA LEU L 90 -14.61 50.66 -34.88
C LEU L 90 -15.32 51.16 -33.63
N ALA L 91 -16.61 51.47 -33.77
CA ALA L 91 -17.34 52.17 -32.73
C ALA L 91 -17.67 51.24 -31.56
N GLY L 92 -17.47 51.74 -30.34
CA GLY L 92 -17.87 51.01 -29.16
C GLY L 92 -19.38 50.98 -29.04
N ALA L 93 -19.97 49.79 -29.02
CA ALA L 93 -21.42 49.68 -28.95
C ALA L 93 -21.85 48.59 -27.96
N GLY L 94 -21.01 48.25 -27.00
CA GLY L 94 -21.34 47.19 -26.06
C GLY L 94 -22.19 47.68 -24.90
N SER L 95 -22.91 46.74 -24.30
CA SER L 95 -23.70 46.99 -23.11
C SER L 95 -24.07 45.66 -22.49
N ASN L 96 -24.40 45.70 -21.19
CA ASN L 96 -24.83 44.49 -20.49
C ASN L 96 -26.29 44.15 -20.76
N ALA L 97 -27.01 44.99 -21.49
CA ALA L 97 -28.38 44.70 -21.92
C ALA L 97 -28.39 44.56 -23.44
N THR L 98 -28.91 43.45 -23.93
CA THR L 98 -28.85 43.16 -25.36
C THR L 98 -29.65 44.17 -26.17
N HIS L 99 -30.81 44.59 -25.67
CA HIS L 99 -31.59 45.61 -26.38
C HIS L 99 -30.84 46.92 -26.46
N GLU L 100 -29.98 47.19 -25.47
CA GLU L 100 -29.14 48.38 -25.50
C GLU L 100 -27.97 48.22 -26.47
N ALA L 101 -27.39 47.01 -26.55
CA ALA L 101 -26.22 46.81 -27.40
C ALA L 101 -26.59 46.84 -28.89
N VAL L 102 -27.71 46.21 -29.28
CA VAL L 102 -28.12 46.28 -30.67
C VAL L 102 -28.55 47.70 -31.03
N GLY L 103 -29.14 48.42 -30.08
CA GLY L 103 -29.52 49.80 -30.34
C GLY L 103 -28.31 50.65 -30.68
N LEU L 104 -27.23 50.50 -29.91
CA LEU L 104 -26.01 51.23 -30.21
C LEU L 104 -25.41 50.74 -31.53
N ALA L 105 -25.54 49.46 -31.83
CA ALA L 105 -25.02 48.92 -33.09
C ALA L 105 -25.74 49.50 -34.29
N LYS L 106 -27.07 49.64 -34.21
CA LYS L 106 -27.80 50.18 -35.34
C LYS L 106 -27.51 51.67 -35.55
N PHE L 107 -27.25 52.41 -34.48
CA PHE L 107 -26.84 53.80 -34.62
C PHE L 107 -25.49 53.89 -35.32
N ALA L 108 -24.57 52.98 -34.98
CA ALA L 108 -23.25 53.03 -35.59
C ALA L 108 -23.33 52.74 -37.08
N LYS L 109 -24.18 51.80 -37.49
CA LYS L 109 -24.28 51.54 -38.93
C LYS L 109 -24.84 52.74 -39.66
N GLU L 110 -25.96 53.27 -39.17
CA GLU L 110 -26.67 54.35 -39.85
C GLU L 110 -25.88 55.66 -39.87
N HIS L 111 -24.77 55.75 -39.14
CA HIS L 111 -24.03 57.00 -39.04
C HIS L 111 -22.59 56.87 -39.55
N GLY L 112 -22.29 55.83 -40.32
CA GLY L 112 -21.05 55.77 -41.06
C GLY L 112 -19.90 55.02 -40.42
N ALA L 113 -20.15 54.26 -39.36
CA ALA L 113 -19.07 53.49 -38.77
C ALA L 113 -18.71 52.30 -39.64
N ASP L 114 -17.42 51.94 -39.63
CA ASP L 114 -16.94 50.81 -40.41
C ASP L 114 -17.16 49.49 -39.69
N GLY L 115 -17.37 49.53 -38.38
CA GLY L 115 -17.63 48.32 -37.60
C GLY L 115 -17.89 48.71 -36.17
N ILE L 116 -18.14 47.70 -35.34
CA ILE L 116 -18.45 47.92 -33.93
C ILE L 116 -17.64 46.97 -33.06
N LEU L 117 -17.18 47.48 -31.92
CA LEU L 117 -16.69 46.68 -30.82
C LEU L 117 -17.81 46.54 -29.78
N SER L 118 -17.98 45.34 -29.25
CA SER L 118 -19.07 45.06 -28.30
C SER L 118 -18.49 44.28 -27.13
N VAL L 119 -18.47 44.91 -25.96
CA VAL L 119 -17.90 44.28 -24.77
C VAL L 119 -18.82 43.20 -24.25
N ALA L 120 -18.23 42.17 -23.64
CA ALA L 120 -19.03 41.13 -23.02
C ALA L 120 -19.92 41.73 -21.93
N PRO L 121 -21.16 41.29 -21.80
CA PRO L 121 -22.05 41.82 -20.77
C PRO L 121 -21.43 41.72 -19.38
N TYR L 122 -21.43 42.85 -18.68
CA TYR L 122 -20.86 42.94 -17.34
C TYR L 122 -21.97 42.82 -16.30
N TYR L 123 -21.55 42.46 -15.07
CA TYR L 123 -22.39 42.45 -13.89
C TYR L 123 -23.42 41.33 -13.85
N ASN L 124 -24.23 41.17 -14.89
CA ASN L 124 -25.31 40.19 -14.82
C ASN L 124 -24.87 38.76 -15.15
N LYS L 125 -23.60 38.55 -15.54
CA LYS L 125 -23.00 37.24 -15.72
C LYS L 125 -23.86 36.27 -16.52
N PRO L 126 -23.99 36.44 -17.83
CA PRO L 126 -24.77 35.49 -18.62
C PRO L 126 -24.01 34.19 -18.85
N THR L 127 -24.77 33.12 -19.11
CA THR L 127 -24.20 31.83 -19.46
C THR L 127 -23.66 31.85 -20.89
N GLN L 128 -22.99 30.77 -21.27
CA GLN L 128 -22.45 30.67 -22.62
C GLN L 128 -23.57 30.75 -23.66
N GLN L 129 -24.72 30.14 -23.37
CA GLN L 129 -25.87 30.27 -24.25
C GLN L 129 -26.35 31.71 -24.33
N GLY L 130 -26.33 32.42 -23.20
CA GLY L 130 -26.73 33.82 -23.21
C GLY L 130 -25.80 34.71 -24.00
N LEU L 131 -24.48 34.48 -23.87
CA LEU L 131 -23.52 35.25 -24.64
C LEU L 131 -23.69 35.02 -26.14
N TYR L 132 -23.96 33.76 -26.52
CA TYR L 132 -24.20 33.43 -27.91
C TYR L 132 -25.42 34.18 -28.45
N GLU L 133 -26.55 34.09 -27.75
CA GLU L 133 -27.76 34.77 -28.21
C GLU L 133 -27.60 36.29 -28.14
N HIS L 134 -26.87 36.79 -27.14
CA HIS L 134 -26.61 38.22 -27.04
C HIS L 134 -25.89 38.75 -28.27
N TYR L 135 -24.78 38.09 -28.64
CA TYR L 135 -23.98 38.56 -29.77
C TYR L 135 -24.64 38.24 -31.11
N LYS L 136 -25.38 37.14 -31.19
CA LYS L 136 -26.10 36.84 -32.43
C LYS L 136 -27.18 37.89 -32.71
N ALA L 137 -27.83 38.40 -31.66
CA ALA L 137 -28.81 39.46 -31.83
C ALA L 137 -28.14 40.75 -32.31
N ILE L 138 -26.93 41.03 -31.81
CA ILE L 138 -26.20 42.21 -32.26
C ILE L 138 -25.81 42.06 -33.72
N ALA L 139 -25.34 40.87 -34.11
CA ALA L 139 -24.88 40.66 -35.47
C ALA L 139 -26.02 40.79 -36.48
N GLN L 140 -27.23 40.37 -36.09
CA GLN L 140 -28.38 40.42 -36.98
C GLN L 140 -28.95 41.83 -37.11
N SER L 141 -28.55 42.77 -36.24
CA SER L 141 -29.02 44.14 -36.34
C SER L 141 -28.31 44.94 -37.42
N VAL L 142 -27.07 44.60 -37.76
CA VAL L 142 -26.24 45.40 -38.64
C VAL L 142 -25.65 44.53 -39.74
N ASP L 143 -25.06 45.20 -40.73
CA ASP L 143 -24.36 44.55 -41.83
C ASP L 143 -22.90 44.98 -41.92
N ILE L 144 -22.34 45.49 -40.83
CA ILE L 144 -20.93 45.90 -40.77
C ILE L 144 -20.20 44.92 -39.86
N PRO L 145 -18.87 44.80 -39.95
CA PRO L 145 -18.16 43.83 -39.10
C PRO L 145 -18.37 44.10 -37.62
N VAL L 146 -18.40 43.02 -36.84
CA VAL L 146 -18.60 43.06 -35.40
C VAL L 146 -17.43 42.34 -34.73
N LEU L 147 -16.75 43.02 -33.82
CA LEU L 147 -15.62 42.47 -33.09
C LEU L 147 -16.02 42.23 -31.64
N LEU L 148 -15.95 40.97 -31.20
CA LEU L 148 -16.22 40.66 -29.81
C LEU L 148 -15.13 41.23 -28.90
N TYR L 149 -15.45 41.32 -27.62
CA TYR L 149 -14.56 41.96 -26.64
C TYR L 149 -14.71 41.21 -25.32
N ASN L 150 -13.66 40.51 -24.91
CA ASN L 150 -13.66 39.67 -23.72
C ASN L 150 -12.68 40.24 -22.70
N VAL L 151 -13.19 40.70 -21.56
CA VAL L 151 -12.35 41.18 -20.46
C VAL L 151 -12.99 40.71 -19.15
N PRO L 152 -12.72 39.47 -18.73
CA PRO L 152 -13.43 38.93 -17.55
C PRO L 152 -13.08 39.61 -16.24
N GLY L 153 -11.87 40.16 -16.12
CA GLY L 153 -11.51 40.89 -14.91
C GLY L 153 -12.40 42.08 -14.66
N ARG L 154 -13.05 42.59 -15.70
CA ARG L 154 -13.95 43.72 -15.60
C ARG L 154 -15.42 43.38 -15.76
N THR L 155 -15.73 42.33 -16.51
CA THR L 155 -17.13 41.98 -16.77
C THR L 155 -17.65 40.93 -15.79
N GLY L 156 -16.79 40.10 -15.23
CA GLY L 156 -17.22 39.00 -14.42
C GLY L 156 -17.65 37.77 -15.21
N CYS L 157 -17.50 37.81 -16.52
CA CYS L 157 -17.86 36.70 -17.39
C CYS L 157 -16.77 36.53 -18.44
N GLU L 158 -16.69 35.33 -19.01
CA GLU L 158 -15.71 35.01 -20.04
C GLU L 158 -16.42 34.44 -21.25
N ILE L 159 -16.07 34.94 -22.43
CA ILE L 159 -16.52 34.35 -23.68
C ILE L 159 -15.61 33.17 -23.99
N SER L 160 -16.11 31.95 -23.79
CA SER L 160 -15.34 30.75 -24.03
C SER L 160 -14.88 30.68 -25.48
N THR L 161 -13.79 29.93 -25.69
CA THR L 161 -13.29 29.69 -27.04
C THR L 161 -14.36 29.08 -27.95
N ASP L 162 -15.14 28.14 -27.41
CA ASP L 162 -16.17 27.49 -28.22
C ASP L 162 -17.25 28.47 -28.66
N THR L 163 -17.64 29.39 -27.78
CA THR L 163 -18.68 30.35 -28.13
C THR L 163 -18.20 31.34 -29.18
N ILE L 164 -16.94 31.79 -29.07
CA ILE L 164 -16.38 32.68 -30.08
C ILE L 164 -16.37 32.00 -31.45
N ILE L 165 -15.88 30.76 -31.51
CA ILE L 165 -15.80 30.05 -32.77
C ILE L 165 -17.20 29.79 -33.32
N LYS L 166 -18.16 29.46 -32.46
CA LYS L 166 -19.53 29.24 -32.91
C LYS L 166 -20.12 30.53 -33.48
N LEU L 167 -19.87 31.66 -32.83
CA LEU L 167 -20.35 32.94 -33.33
C LEU L 167 -19.64 33.32 -34.63
N PHE L 168 -18.37 32.95 -34.77
CA PHE L 168 -17.64 33.23 -36.00
C PHE L 168 -18.25 32.47 -37.18
N ARG L 169 -18.70 31.24 -36.95
CA ARG L 169 -19.24 30.42 -38.02
C ARG L 169 -20.72 30.67 -38.28
N ASP L 170 -21.46 31.20 -37.30
CA ASP L 170 -22.90 31.34 -37.44
C ASP L 170 -23.32 32.75 -37.85
N CYS L 171 -22.48 33.76 -37.62
CA CYS L 171 -22.77 35.13 -37.99
C CYS L 171 -21.63 35.70 -38.80
N GLU L 172 -21.94 36.31 -39.93
CA GLU L 172 -20.92 36.69 -40.90
C GLU L 172 -20.19 37.97 -40.52
N ASN L 173 -20.78 38.80 -39.66
CA ASN L 173 -20.13 40.03 -39.25
C ASN L 173 -19.28 39.87 -38.01
N ILE L 174 -19.34 38.72 -37.34
CA ILE L 174 -18.43 38.42 -36.25
C ILE L 174 -17.18 37.82 -36.86
N TYR L 175 -16.06 38.55 -36.78
CA TYR L 175 -14.86 38.20 -37.50
C TYR L 175 -13.65 38.01 -36.60
N GLY L 176 -13.79 38.21 -35.30
CA GLY L 176 -12.66 38.05 -34.41
C GLY L 176 -13.00 38.44 -32.99
N VAL L 177 -11.96 38.66 -32.19
CA VAL L 177 -12.13 38.97 -30.78
C VAL L 177 -11.00 39.86 -30.28
N KPI L 178 -11.38 40.88 -29.51
CA KPI L 178 -10.42 41.68 -28.79
CB KPI L 178 -10.85 43.15 -28.57
CG KPI L 178 -10.08 43.80 -27.44
CD KPI L 178 -10.26 45.31 -27.43
CE KPI L 178 -9.84 45.84 -26.06
NZ KPI L 178 -9.63 47.26 -25.91
CX1 KPI L 178 -9.54 47.83 -24.75
C1 KPI L 178 -8.32 48.00 -23.89
CX2 KPI L 178 -10.45 49.00 -24.48
O1 KPI L 178 -11.72 48.84 -24.95
O2 KPI L 178 -10.18 50.03 -23.88
C KPI L 178 -10.23 41.04 -27.42
O KPI L 178 -11.10 41.01 -26.54
N GLU L 179 -9.03 40.49 -27.23
CA GLU L 179 -8.77 39.77 -26.00
C GLU L 179 -8.00 40.65 -25.03
N ALA L 180 -8.51 40.73 -23.81
CA ALA L 180 -7.87 41.46 -22.71
C ALA L 180 -7.90 40.61 -21.45
N SER L 181 -7.42 39.38 -21.57
CA SER L 181 -7.48 38.41 -20.49
C SER L 181 -6.11 38.11 -19.87
N GLY L 182 -5.02 38.46 -20.55
CA GLY L 182 -3.70 38.03 -20.12
C GLY L 182 -3.53 36.54 -20.10
N ASN L 183 -4.12 35.84 -21.06
CA ASN L 183 -4.11 34.38 -21.12
C ASN L 183 -3.74 33.98 -22.55
N ILE L 184 -2.44 33.84 -22.81
CA ILE L 184 -1.96 33.47 -24.13
C ILE L 184 -2.39 32.06 -24.51
N ASP L 185 -2.69 31.21 -23.53
CA ASP L 185 -3.21 29.87 -23.83
C ASP L 185 -4.53 29.95 -24.60
N LYS L 186 -5.43 30.85 -24.20
CA LYS L 186 -6.70 30.97 -24.88
C LYS L 186 -6.54 31.42 -26.33
N CYS L 187 -5.48 32.17 -26.64
CA CYS L 187 -5.28 32.64 -28.01
C CYS L 187 -4.61 31.61 -28.89
N VAL L 188 -3.89 30.65 -28.30
CA VAL L 188 -3.48 29.47 -29.05
C VAL L 188 -4.69 28.58 -29.32
N ASP L 189 -5.53 28.41 -28.31
CA ASP L 189 -6.77 27.64 -28.49
C ASP L 189 -7.61 28.22 -29.61
N LEU L 190 -7.80 29.54 -29.61
CA LEU L 190 -8.66 30.19 -30.59
C LEU L 190 -8.13 30.01 -32.00
N LEU L 191 -6.86 30.34 -32.22
CA LEU L 191 -6.30 30.35 -33.57
C LEU L 191 -5.86 28.97 -34.05
N ALA L 192 -5.73 27.99 -33.15
CA ALA L 192 -5.47 26.63 -33.60
C ALA L 192 -6.72 25.94 -34.11
N HIS L 193 -7.88 26.28 -33.53
CA HIS L 193 -9.15 25.68 -33.95
C HIS L 193 -9.90 26.54 -34.97
N GLU L 194 -9.62 27.83 -35.03
CA GLU L 194 -10.26 28.73 -36.00
C GLU L 194 -9.23 29.73 -36.50
N PRO L 195 -8.38 29.33 -37.45
CA PRO L 195 -7.27 30.20 -37.88
C PRO L 195 -7.70 31.36 -38.76
N ARG L 196 -8.93 31.38 -39.23
CA ARG L 196 -9.52 32.48 -39.99
C ARG L 196 -10.12 33.59 -39.12
N MET L 197 -10.01 33.51 -37.80
CA MET L 197 -10.53 34.56 -36.94
C MET L 197 -9.45 35.61 -36.72
N MET L 198 -9.88 36.87 -36.51
CA MET L 198 -8.96 38.00 -36.30
C MET L 198 -8.83 38.24 -34.80
N LEU L 199 -7.74 37.73 -34.21
CA LEU L 199 -7.49 37.91 -32.79
C LEU L 199 -6.78 39.25 -32.54
N ILE L 200 -7.39 40.10 -31.73
CA ILE L 200 -6.87 41.44 -31.45
C ILE L 200 -6.48 41.52 -29.98
N SER L 201 -5.26 41.99 -29.72
CA SER L 201 -4.78 42.14 -28.35
C SER L 201 -5.40 43.36 -27.70
N GLY L 202 -5.93 43.19 -26.49
CA GLY L 202 -6.46 44.31 -25.74
C GLY L 202 -5.66 44.56 -24.48
N GLU L 203 -4.39 44.18 -24.52
CA GLU L 203 -3.51 44.30 -23.34
C GLU L 203 -2.11 44.63 -23.86
N ASP L 204 -1.69 45.88 -23.62
CA ASP L 204 -0.52 46.42 -24.30
C ASP L 204 0.77 45.69 -23.96
N ALA L 205 0.88 45.17 -22.74
CA ALA L 205 2.13 44.54 -22.33
C ALA L 205 2.43 43.29 -23.17
N ILE L 206 1.39 42.63 -23.68
CA ILE L 206 1.56 41.38 -24.41
C ILE L 206 1.10 41.56 -25.86
N ASN L 207 1.24 42.78 -26.38
CA ASN L 207 0.86 43.03 -27.77
C ASN L 207 1.62 42.12 -28.73
N TYR L 208 2.95 42.11 -28.63
CA TYR L 208 3.75 41.31 -29.56
C TYR L 208 3.50 39.81 -29.41
N PRO L 209 3.47 39.22 -28.21
CA PRO L 209 3.19 37.77 -28.13
C PRO L 209 1.89 37.38 -28.78
N ILE L 210 0.86 38.22 -28.69
CA ILE L 210 -0.42 37.90 -29.33
C ILE L 210 -0.29 38.01 -30.84
N LEU L 211 0.43 39.02 -31.33
CA LEU L 211 0.63 39.17 -32.77
C LEU L 211 1.48 38.04 -33.33
N SER L 212 2.50 37.61 -32.59
CA SER L 212 3.41 36.57 -33.07
C SER L 212 2.73 35.22 -33.26
N ASN L 213 1.58 34.98 -32.63
CA ASN L 213 0.87 33.72 -32.76
C ASN L 213 -0.26 33.79 -33.79
N GLY L 214 -0.32 34.85 -34.58
CA GLY L 214 -1.34 35.01 -35.61
C GLY L 214 -2.31 36.14 -35.35
N GLY L 215 -2.19 36.86 -34.25
CA GLY L 215 -2.99 38.06 -34.07
C GLY L 215 -2.72 39.08 -35.16
N LYS L 216 -3.75 39.84 -35.51
CA LYS L 216 -3.70 40.75 -36.65
C LYS L 216 -3.91 42.21 -36.25
N GLY L 217 -3.78 42.54 -34.97
CA GLY L 217 -3.89 43.92 -34.57
C GLY L 217 -4.01 44.06 -33.07
N VAL L 218 -4.01 45.31 -32.62
CA VAL L 218 -4.18 45.65 -31.22
C VAL L 218 -5.20 46.78 -31.09
N ILE L 219 -5.96 46.74 -30.00
CA ILE L 219 -6.77 47.87 -29.58
C ILE L 219 -6.18 48.33 -28.25
N SER L 220 -5.40 49.40 -28.30
CA SER L 220 -4.42 49.72 -27.28
C SER L 220 -4.84 50.90 -26.41
N VAL L 221 -4.33 50.91 -25.19
CA VAL L 221 -4.43 52.07 -24.31
C VAL L 221 -3.19 52.94 -24.44
N THR L 222 -2.01 52.32 -24.52
CA THR L 222 -0.76 53.07 -24.65
C THR L 222 -0.75 53.93 -25.92
N SER L 223 -1.42 53.49 -26.98
CA SER L 223 -1.40 54.22 -28.24
C SER L 223 -2.00 55.61 -28.12
N ASN L 224 -2.81 55.86 -27.09
CA ASN L 224 -3.26 57.22 -26.83
C ASN L 224 -2.08 58.16 -26.63
N LEU L 225 -1.04 57.68 -25.95
CA LEU L 225 0.13 58.49 -25.63
C LEU L 225 1.23 58.37 -26.68
N LEU L 226 1.52 57.14 -27.13
CA LEU L 226 2.59 56.87 -28.09
C LEU L 226 2.01 56.13 -29.30
N PRO L 227 1.24 56.82 -30.13
CA PRO L 227 0.66 56.15 -31.31
C PRO L 227 1.70 55.72 -32.31
N ASP L 228 2.79 56.49 -32.45
CA ASP L 228 3.83 56.16 -33.42
C ASP L 228 4.54 54.85 -33.08
N MET L 229 4.83 54.62 -31.80
CA MET L 229 5.52 53.41 -31.42
C MET L 229 4.64 52.18 -31.60
N ILE L 230 3.37 52.27 -31.20
CA ILE L 230 2.47 51.13 -31.33
C ILE L 230 2.16 50.85 -32.80
N SER L 231 2.03 51.91 -33.63
CA SER L 231 1.78 51.70 -35.04
C SER L 231 2.97 50.99 -35.70
N ALA L 232 4.19 51.38 -35.31
CA ALA L 232 5.37 50.69 -35.83
C ALA L 232 5.40 49.25 -35.35
N LEU L 233 5.05 49.02 -34.09
CA LEU L 233 5.05 47.66 -33.54
C LEU L 233 4.11 46.75 -34.32
N THR L 234 2.87 47.20 -34.51
CA THR L 234 1.88 46.38 -35.21
C THR L 234 2.30 46.12 -36.65
N HIS L 235 2.80 47.14 -37.34
CA HIS L 235 3.13 46.98 -38.75
C HIS L 235 4.38 46.10 -38.93
N PHE L 236 5.35 46.23 -38.03
CA PHE L 236 6.48 45.31 -38.03
C PHE L 236 6.02 43.87 -37.89
N ALA L 237 5.10 43.62 -36.95
CA ALA L 237 4.62 42.26 -36.74
C ALA L 237 3.81 41.78 -37.95
N LEU L 238 2.97 42.64 -38.51
CA LEU L 238 2.18 42.25 -39.68
C LEU L 238 3.07 42.07 -40.91
N ASP L 239 4.19 42.79 -40.99
CA ASP L 239 5.17 42.59 -42.04
C ASP L 239 6.15 41.47 -41.74
N GLU L 240 5.86 40.63 -40.75
CA GLU L 240 6.67 39.46 -40.41
C GLU L 240 8.09 39.85 -40.01
N ASN L 241 8.27 41.04 -39.46
CA ASN L 241 9.54 41.45 -38.87
C ASN L 241 9.44 41.20 -37.37
N TYR L 242 9.69 39.95 -36.98
CA TYR L 242 9.44 39.46 -35.63
C TYR L 242 10.49 39.91 -34.64
N LYS L 243 11.67 40.29 -35.13
CA LYS L 243 12.76 40.73 -34.27
C LYS L 243 12.70 42.21 -33.93
N GLU L 244 12.22 43.06 -34.83
CA GLU L 244 12.05 44.47 -34.53
C GLU L 244 10.75 44.79 -33.81
N ALA L 245 9.68 44.04 -34.09
CA ALA L 245 8.42 44.24 -33.38
C ALA L 245 8.58 43.97 -31.89
N LYS L 246 9.27 42.88 -31.54
CA LYS L 246 9.47 42.57 -30.12
C LYS L 246 10.33 43.61 -29.43
N LYS L 247 11.26 44.24 -30.15
CA LYS L 247 12.12 45.24 -29.51
C LYS L 247 11.30 46.43 -29.02
N ILE L 248 10.28 46.83 -29.78
CA ILE L 248 9.42 47.91 -29.33
C ILE L 248 8.54 47.45 -28.18
N ASN L 249 8.08 46.19 -28.22
CA ASN L 249 7.26 45.67 -27.13
C ASN L 249 8.06 45.58 -25.83
N ASP L 250 9.35 45.24 -25.92
CA ASP L 250 10.19 45.21 -24.74
C ASP L 250 10.48 46.61 -24.23
N GLU L 251 10.70 47.56 -25.14
CA GLU L 251 10.95 48.94 -24.76
C GLU L 251 9.73 49.57 -24.09
N LEU L 252 8.53 49.16 -24.49
CA LEU L 252 7.28 49.75 -24.02
C LEU L 252 6.75 49.10 -22.74
N TYR L 253 7.42 48.10 -22.19
CA TYR L 253 6.84 47.37 -21.07
C TYR L 253 6.59 48.27 -19.86
N ASN L 254 7.54 49.15 -19.54
CA ASN L 254 7.41 49.97 -18.33
C ASN L 254 6.20 50.88 -18.40
N ILE L 255 5.97 51.54 -19.53
CA ILE L 255 4.79 52.38 -19.67
C ILE L 255 3.52 51.54 -19.77
N ASN L 256 3.61 50.36 -20.39
CA ASN L 256 2.43 49.52 -20.53
C ASN L 256 1.90 49.07 -19.18
N LYS L 257 2.80 48.85 -18.22
CA LYS L 257 2.40 48.39 -16.89
C LYS L 257 2.07 49.54 -15.95
N ILE L 258 2.75 50.68 -16.08
CA ILE L 258 2.45 51.82 -15.24
C ILE L 258 1.14 52.49 -15.64
N LEU L 259 0.65 52.26 -16.85
CA LEU L 259 -0.65 52.77 -17.24
C LEU L 259 -1.80 51.98 -16.63
N PHE L 260 -1.50 51.00 -15.79
CA PHE L 260 -2.51 50.26 -15.06
C PHE L 260 -2.16 50.12 -13.58
N CYS L 261 -1.20 50.91 -13.09
CA CYS L 261 -0.97 50.99 -11.65
C CYS L 261 -2.23 51.38 -10.91
N GLU L 262 -3.09 52.18 -11.54
CA GLU L 262 -4.45 52.42 -11.11
C GLU L 262 -5.38 52.01 -12.25
N SER L 263 -6.68 52.07 -12.00
CA SER L 263 -7.63 51.53 -12.97
C SER L 263 -7.67 52.37 -14.23
N ASN L 264 -7.50 51.71 -15.37
CA ASN L 264 -7.67 52.37 -16.65
C ASN L 264 -9.10 52.90 -16.75
N PRO L 265 -9.30 54.12 -17.29
CA PRO L 265 -8.30 55.00 -17.89
C PRO L 265 -7.78 56.13 -17.00
N ILE L 266 -7.66 55.89 -15.70
CA ILE L 266 -7.16 56.91 -14.78
C ILE L 266 -5.67 57.17 -15.05
N PRO L 267 -4.81 56.14 -15.16
CA PRO L 267 -3.40 56.44 -15.44
C PRO L 267 -3.14 57.03 -16.82
N ILE L 268 -3.84 56.57 -17.85
CA ILE L 268 -3.54 57.05 -19.20
C ILE L 268 -3.96 58.51 -19.35
N LYS L 269 -5.10 58.89 -18.75
CA LYS L 269 -5.53 60.29 -18.82
C LYS L 269 -4.57 61.21 -18.08
N THR L 270 -3.95 60.72 -17.00
CA THR L 270 -2.91 61.50 -16.32
C THR L 270 -1.72 61.75 -17.25
N ALA L 271 -1.31 60.72 -18.00
CA ALA L 271 -0.18 60.89 -18.91
C ALA L 271 -0.49 61.93 -19.98
N MET L 272 -1.70 61.90 -20.54
CA MET L 272 -2.08 62.89 -21.52
C MET L 272 -2.10 64.29 -20.91
N TYR L 273 -2.52 64.40 -19.65
CA TYR L 273 -2.53 65.70 -18.99
C TYR L 273 -1.12 66.19 -18.73
N LEU L 274 -0.23 65.30 -18.27
CA LEU L 274 1.15 65.70 -18.04
C LEU L 274 1.86 66.08 -19.33
N ALA L 275 1.47 65.45 -20.45
CA ALA L 275 2.06 65.77 -21.74
C ALA L 275 1.43 67.00 -22.39
N GLY L 276 0.46 67.62 -21.74
CA GLY L 276 -0.17 68.82 -22.28
C GLY L 276 -1.05 68.58 -23.48
N LEU L 277 -1.46 67.33 -23.73
CA LEU L 277 -2.37 67.05 -24.83
C LEU L 277 -3.82 67.15 -24.42
N ILE L 278 -4.10 67.21 -23.12
CA ILE L 278 -5.45 67.49 -22.65
C ILE L 278 -5.28 68.64 -21.69
N GLU L 279 -6.34 69.42 -21.46
CA GLU L 279 -6.24 70.60 -20.63
C GLU L 279 -6.52 70.46 -19.18
N SER L 280 -7.40 69.55 -18.83
CA SER L 280 -7.69 69.30 -17.45
C SER L 280 -7.75 67.86 -17.23
N LEU L 281 -7.30 67.46 -16.09
CA LEU L 281 -7.35 66.06 -15.63
C LEU L 281 -8.71 65.78 -15.00
N GLU L 282 -9.71 65.64 -15.86
CA GLU L 282 -11.09 65.48 -15.44
C GLU L 282 -11.60 64.07 -15.75
N PHE L 283 -12.26 63.45 -14.78
CA PHE L 283 -13.01 62.21 -14.96
C PHE L 283 -14.46 62.46 -14.59
N ARG L 284 -15.28 61.43 -14.79
CA ARG L 284 -16.64 61.39 -14.27
C ARG L 284 -16.72 60.31 -13.21
N LEU L 285 -17.26 60.65 -12.05
CA LEU L 285 -17.39 59.74 -10.93
C LEU L 285 -18.13 58.48 -11.36
N PRO L 286 -17.80 57.31 -10.79
CA PRO L 286 -16.90 57.06 -9.66
C PRO L 286 -15.40 57.04 -10.02
N LEU L 287 -15.07 57.48 -11.24
CA LEU L 287 -13.67 57.60 -11.62
C LEU L 287 -13.10 58.89 -11.06
N CYS L 288 -11.86 58.83 -10.59
CA CYS L 288 -11.26 59.94 -9.86
C CYS L 288 -9.81 60.12 -10.28
N SER L 289 -9.22 61.21 -9.80
CA SER L 289 -7.80 61.42 -10.01
C SER L 289 -7.01 60.41 -9.18
N PRO L 290 -5.82 60.02 -9.64
CA PRO L 290 -5.06 58.99 -8.94
C PRO L 290 -4.43 59.53 -7.66
N SER L 291 -3.87 58.60 -6.89
CA SER L 291 -3.06 58.98 -5.74
C SER L 291 -1.85 59.80 -6.19
N LYS L 292 -1.28 60.55 -5.24
CA LYS L 292 -0.17 61.45 -5.59
C LYS L 292 1.14 60.69 -5.84
N GLU L 293 1.34 59.50 -5.23
CA GLU L 293 2.29 58.53 -5.79
C GLU L 293 2.03 58.21 -7.24
N ASN L 294 0.88 57.59 -7.49
CA ASN L 294 0.61 57.07 -8.80
C ASN L 294 0.64 58.18 -9.81
N PHE L 295 0.21 59.38 -9.41
CA PHE L 295 0.47 60.56 -10.21
C PHE L 295 1.97 60.78 -10.41
N ALA L 296 2.74 60.60 -9.35
CA ALA L 296 4.16 60.77 -9.47
C ALA L 296 4.84 59.72 -10.25
N LYS L 297 4.50 58.48 -10.01
CA LYS L 297 5.16 57.39 -10.73
C LYS L 297 4.92 57.56 -12.19
N ILE L 298 3.70 57.88 -12.54
CA ILE L 298 3.37 57.99 -13.96
C ILE L 298 4.26 59.04 -14.62
N GLU L 299 4.40 60.20 -13.99
CA GLU L 299 5.23 61.27 -14.55
C GLU L 299 6.69 60.86 -14.72
N GLU L 300 7.21 60.03 -13.83
CA GLU L 300 8.64 59.70 -13.89
C GLU L 300 8.95 58.72 -15.01
N VAL L 301 8.06 57.76 -15.25
CA VAL L 301 8.29 56.78 -16.31
C VAL L 301 8.08 57.41 -17.68
N MET L 302 7.23 58.43 -17.78
CA MET L 302 6.90 59.02 -19.08
C MET L 302 8.11 59.63 -19.76
N LYS L 303 9.04 60.23 -19.00
CA LYS L 303 10.15 60.92 -19.62
C LYS L 303 11.08 59.96 -20.36
N LYS L 304 10.99 58.67 -20.09
CA LYS L 304 11.80 57.68 -20.79
C LYS L 304 11.39 57.48 -22.27
N TYR L 305 10.22 57.97 -22.63
CA TYR L 305 9.70 57.88 -23.97
C TYR L 305 9.45 59.28 -24.58
N LYS L 306 9.56 59.39 -25.89
CA LYS L 306 9.33 60.66 -26.56
C LYS L 306 7.88 60.71 -27.03
N ILE L 307 7.10 61.64 -26.51
CA ILE L 307 5.68 61.79 -26.85
C ILE L 307 5.45 62.75 -27.99
N LYS L 308 4.68 62.39 -29.02
CA LYS L 308 4.51 63.34 -30.11
C LYS L 308 3.40 64.30 -29.73
N GLY L 309 3.54 65.55 -30.13
CA GLY L 309 2.53 66.56 -29.90
C GLY L 309 1.50 66.55 -31.01
N PHE L 310 0.86 67.70 -31.21
CA PHE L 310 -0.11 67.83 -32.30
C PHE L 310 0.56 68.33 -33.57
N LYS M . -1.98 -13.77 -59.79
CA LYS M . -3.27 -14.43 -59.85
C LYS M . -3.14 -15.90 -59.46
O LYS M . -4.10 -16.53 -59.00
CB LYS M . -3.88 -14.30 -61.25
CG LYS M . -5.29 -14.85 -61.37
CD LYS M . -5.90 -14.53 -62.72
CE LYS M . -5.59 -15.61 -63.75
NZ LYS M . -5.46 -16.96 -63.14
OXT LYS M . -2.08 -16.50 -59.59
N LYS N . 34.07 -50.39 -45.53
CA LYS N . 33.83 -50.80 -44.15
C LYS N . 32.60 -50.12 -43.58
O LYS N . 31.96 -50.62 -42.65
CB LYS N . 35.05 -50.49 -43.27
CG LYS N . 35.04 -51.19 -41.92
CD LYS N . 36.41 -51.19 -41.26
CE LYS N . 36.75 -49.84 -40.67
NZ LYS N . 35.56 -49.06 -40.28
OXT LYS N . 32.20 -49.04 -44.03
N LYS O . -27.99 48.23 -18.53
CA LYS O . -27.45 49.48 -18.01
C LYS O . -26.59 49.23 -16.77
O LYS O . -26.23 48.09 -16.47
CB LYS O . -28.58 50.46 -17.69
CG LYS O . -29.43 50.06 -16.49
CD LYS O . -30.62 50.99 -16.33
CE LYS O . -31.36 50.74 -15.03
NZ LYS O . -30.47 50.90 -13.84
OXT LYS O . -26.24 50.17 -16.05
N LYS P . -26.11 16.44 56.04
CA LYS P . -26.93 16.45 57.28
C LYS P . -26.47 15.36 58.25
O LYS P . -26.90 15.31 59.40
CB LYS P . -28.41 16.27 56.95
CG LYS P . -29.31 16.20 58.17
CD LYS P . -30.75 15.90 57.78
CE LYS P . -31.16 14.49 58.22
NZ LYS P . -30.78 13.46 57.21
OXT LYS P . -25.67 14.49 57.89
N LYS Q . 7.68 13.95 0.11
CA LYS Q . 8.63 15.00 0.45
C LYS Q . 8.46 16.21 -0.47
O LYS Q . 9.16 17.21 -0.34
CB LYS Q . 10.06 14.47 0.36
CG LYS Q . 10.59 14.28 -1.05
CD LYS Q . 11.97 13.65 -1.05
CE LYS Q . 12.53 13.54 -2.46
NZ LYS Q . 11.74 12.61 -3.31
OXT LYS Q . 7.61 16.22 -1.36
N LYS R . 29.66 -53.46 -42.40
CA LYS R . 30.52 -53.65 -43.55
C LYS R . 30.00 -52.85 -44.75
O LYS R . 28.81 -52.84 -45.04
CB LYS R . 30.60 -55.14 -43.92
CG LYS R . 31.25 -55.43 -45.26
CD LYS R . 31.52 -56.92 -45.43
CE LYS R . 30.98 -57.44 -46.76
NZ LYS R . 29.52 -57.66 -46.74
OXT LYS R . 30.77 -52.19 -45.45
N LYS S . -5.22 -15.46 -57.11
CA LYS S . -4.47 -14.46 -56.34
C LYS S . -3.52 -15.13 -55.37
O LYS S . -3.91 -16.02 -54.61
CB LYS S . -5.43 -13.53 -55.60
CG LYS S . -4.75 -12.58 -54.62
CD LYS S . -5.65 -11.43 -54.26
CE LYS S . -5.03 -10.56 -53.19
NZ LYS S . -4.85 -11.29 -51.92
OXT LYS S . -2.33 -14.80 -55.31
N LYS T . 15.01 -16.93 55.84
CA LYS T . 15.17 -16.71 57.27
C LYS T . 15.03 -15.23 57.61
O LYS T . 14.84 -14.86 58.77
CB LYS T . 16.52 -17.24 57.75
CG LYS T . 17.72 -16.73 56.94
CD LYS T . 18.31 -15.48 57.56
CE LYS T . 19.60 -15.08 56.87
NZ LYS T . 19.90 -13.65 57.16
OXT LYS T . 15.10 -14.36 56.74
MG MG U . 29.02 21.73 50.81
N LYS V . -26.12 17.16 62.39
CA LYS V . -26.01 17.77 61.04
C LYS V . -24.81 17.22 60.29
O LYS V . -23.91 16.61 60.87
CB LYS V . -25.89 19.30 61.16
CG LYS V . -26.17 20.04 59.87
CD LYS V . -26.24 21.54 60.10
CE LYS V . -25.11 22.27 59.40
NZ LYS V . -23.83 22.15 60.14
OXT LYS V . -24.71 17.37 59.06
N LYS W . 14.47 -17.30 62.06
CA LYS W . 14.56 -17.94 60.75
C LYS W . 13.20 -17.99 60.06
O LYS W . 12.24 -17.37 60.52
CB LYS W . 15.14 -19.35 60.87
CG LYS W . 14.26 -20.33 61.59
CD LYS W . 14.20 -21.66 60.85
CE LYS W . 13.85 -22.82 61.77
NZ LYS W . 12.57 -22.60 62.50
OXT LYS W . 13.02 -18.65 59.04
N LYS X . 10.36 18.34 3.27
CA LYS X . 9.33 17.37 3.61
C LYS X . 7.96 17.85 3.15
O LYS X . 7.58 19.00 3.38
CB LYS X . 9.32 17.09 5.11
CG LYS X . 8.29 16.07 5.56
CD LYS X . 8.89 15.07 6.53
CE LYS X . 9.26 15.71 7.84
NZ LYS X . 8.27 16.74 8.26
OXT LYS X . 7.19 17.11 2.54
N LYS Y . -24.85 53.04 -17.41
CA LYS Y . -24.66 52.17 -18.57
C LYS Y . -23.54 51.18 -18.34
O LYS Y . -22.54 51.49 -17.69
CB LYS Y . -24.38 53.00 -19.82
CG LYS Y . -25.63 53.48 -20.54
CD LYS Y . -25.31 54.59 -21.55
CE LYS Y . -24.41 54.09 -22.66
NZ LYS Y . -22.96 54.39 -22.41
OXT LYS Y . -23.60 50.04 -18.80
#